data_8H89
#
_entry.id   8H89
#
loop_
_entity.id
_entity.type
_entity.pdbx_description
1 polymer 'Major capsid protein'
2 polymer 'Virion associated protein'
#
loop_
_entity_poly.entity_id
_entity_poly.type
_entity_poly.pdbx_seq_one_letter_code
_entity_poly.pdbx_strand_id
1 'polypeptide(L)'
;MSSTVIAFGDPKAQKKWSSELAVDIRKKSYFESRFIGTSENAVIQRKTEVESDAGDRVSFDLSVRLRGQPTFGDDRVEGK
EENLKFYTDEVIIDQVRHSVSAGGRMSRKRTAHDLRKTGRDRLGDYFYQLTDELFFMYLSGARGINKDFILPTSFTGYAK
NPFNTPDAAHLLYGGVATSKASLANTDTMSRVVIERANVQATMMQAQDPETANMVPVSVEGEDRYVCVMSPFQEHSLRTS
DAAGWLEIQKAAAAAEGRNNPIFKGGLGMIGNTVLHSHRNVVRFSDYGAGSDQPAARALFMGRQAAVVAYGTKGGLRYDW
QEETKDYGNEPTVASGFIAGIKKTRFNDRDFGVISIDTYAKDPNPNNPA
;
A,B,C,D,E,F,G,H,I
2 'polypeptide(L)'
;MALIQSDFAQGIRMTPVPDCAGDVTACRFDITLKNAPAAGDIIELGVLPGNAVPVEAILDVDDLDTGGAPTITLDVGIMS
GPVGKNDPARTCGNELFAASTVGQAGGVVRATASSAFRIQKAEDHRSVGVKVAAGPATGAAGKTIALILFYVQGTSQ
;
J,K,L,M,N,O,P,Q,R
#
# COMPACT_ATOMS: atom_id res chain seq x y z
N SER A 2 8.53 -154.63 -7.23
CA SER A 2 7.32 -154.25 -7.95
C SER A 2 6.38 -153.45 -7.07
N SER A 3 6.74 -152.20 -6.83
CA SER A 3 5.88 -151.25 -6.14
C SER A 3 6.37 -149.85 -6.50
N THR A 4 5.44 -148.93 -6.69
CA THR A 4 5.81 -147.58 -7.10
C THR A 4 6.73 -146.94 -6.08
N VAL A 5 7.83 -146.37 -6.56
CA VAL A 5 8.81 -145.70 -5.71
C VAL A 5 9.25 -144.42 -6.41
N ILE A 6 8.90 -143.27 -5.85
CA ILE A 6 9.42 -141.99 -6.33
C ILE A 6 10.64 -141.70 -5.46
N ALA A 7 11.79 -142.20 -5.88
CA ALA A 7 12.98 -142.15 -5.06
C ALA A 7 13.53 -140.73 -5.01
N PHE A 8 14.53 -140.54 -4.16
CA PHE A 8 15.17 -139.24 -4.01
C PHE A 8 15.94 -138.87 -5.27
N GLY A 9 16.13 -137.57 -5.46
CA GLY A 9 16.85 -137.07 -6.62
C GLY A 9 16.19 -137.43 -7.94
N ASP A 10 14.86 -137.36 -7.98
CA ASP A 10 14.11 -137.73 -9.16
C ASP A 10 13.07 -136.66 -9.46
N PRO A 11 12.77 -136.43 -10.74
CA PRO A 11 11.67 -135.52 -11.09
C PRO A 11 10.37 -135.92 -10.43
N LYS A 12 9.37 -135.03 -10.48
CA LYS A 12 8.04 -135.23 -9.90
C LYS A 12 8.09 -135.47 -8.39
N ALA A 13 9.26 -135.28 -7.77
CA ALA A 13 9.41 -135.26 -6.32
C ALA A 13 9.56 -133.81 -5.92
N GLN A 14 8.43 -133.13 -5.76
CA GLN A 14 8.45 -131.67 -5.74
C GLN A 14 9.10 -131.12 -4.47
N LYS A 15 9.67 -129.93 -4.59
CA LYS A 15 10.36 -129.23 -3.54
C LYS A 15 9.58 -127.97 -3.19
N LYS A 16 9.34 -127.75 -1.92
CA LYS A 16 8.53 -126.63 -1.45
C LYS A 16 9.42 -125.58 -0.83
N TRP A 17 9.45 -124.39 -1.42
CA TRP A 17 10.23 -123.30 -0.86
C TRP A 17 9.47 -122.60 0.25
N SER A 18 10.22 -122.05 1.20
CA SER A 18 9.64 -121.43 2.39
C SER A 18 9.84 -119.92 2.33
N SER A 19 8.82 -119.19 2.77
CA SER A 19 8.80 -117.73 2.71
C SER A 19 9.01 -117.09 4.07
N GLU A 20 9.76 -117.74 4.96
CA GLU A 20 10.10 -117.17 6.26
C GLU A 20 11.60 -116.89 6.28
N LEU A 21 11.96 -115.61 6.31
CA LEU A 21 13.37 -115.23 6.38
C LEU A 21 13.98 -115.71 7.68
N ALA A 22 15.29 -115.96 7.65
CA ALA A 22 16.00 -116.37 8.85
C ALA A 22 15.88 -115.29 9.92
N VAL A 23 15.82 -115.72 11.17
CA VAL A 23 15.52 -114.79 12.27
C VAL A 23 16.73 -113.90 12.50
N ASP A 24 16.67 -112.69 11.93
CA ASP A 24 17.70 -111.68 12.17
C ASP A 24 17.15 -110.28 12.37
N ILE A 25 15.88 -110.02 12.04
CA ILE A 25 15.36 -108.66 12.07
C ILE A 25 15.26 -108.15 13.50
N ARG A 26 15.23 -106.83 13.64
CA ARG A 26 15.09 -106.16 14.94
C ARG A 26 14.17 -104.97 14.74
N LYS A 27 12.97 -105.06 15.27
CA LYS A 27 11.95 -104.06 14.98
C LYS A 27 12.12 -102.77 15.78
N LYS A 28 12.94 -102.77 16.82
CA LYS A 28 13.21 -101.57 17.59
C LYS A 28 14.71 -101.44 17.81
N SER A 29 15.24 -100.25 17.54
CA SER A 29 16.67 -100.02 17.74
C SER A 29 17.02 -100.13 19.22
N TYR A 30 18.33 -100.16 19.50
CA TYR A 30 18.77 -100.22 20.88
C TYR A 30 18.36 -98.97 21.65
N PHE A 31 18.68 -97.80 21.12
CA PHE A 31 18.51 -96.58 21.89
C PHE A 31 17.08 -96.07 21.91
N GLU A 32 16.31 -96.29 20.84
CA GLU A 32 14.94 -95.81 20.83
C GLU A 32 14.06 -96.54 21.84
N SER A 33 14.47 -97.73 22.28
CA SER A 33 13.71 -98.49 23.27
C SER A 33 14.25 -98.30 24.68
N ARG A 34 15.54 -98.52 24.90
CA ARG A 34 16.09 -98.45 26.24
C ARG A 34 16.04 -97.02 26.78
N PHE A 35 16.46 -96.05 25.98
CA PHE A 35 16.86 -94.75 26.51
C PHE A 35 16.02 -93.59 26.03
N ILE A 36 15.88 -93.42 24.71
CA ILE A 36 15.36 -92.16 24.16
C ILE A 36 13.99 -91.85 24.74
N GLY A 37 13.82 -90.62 25.19
CA GLY A 37 12.54 -90.17 25.70
C GLY A 37 12.44 -88.67 25.65
N THR A 38 11.25 -88.17 25.37
CA THR A 38 11.07 -86.72 25.26
C THR A 38 11.21 -86.03 26.61
N SER A 39 10.84 -86.72 27.69
CA SER A 39 10.95 -86.13 29.02
C SER A 39 12.42 -85.98 29.40
N GLU A 40 12.65 -85.44 30.60
CA GLU A 40 14.02 -85.26 31.06
C GLU A 40 14.63 -86.57 31.53
N ASN A 41 13.83 -87.46 32.11
CA ASN A 41 14.35 -88.70 32.70
C ASN A 41 14.70 -89.71 31.60
N ALA A 42 15.63 -89.32 30.75
CA ALA A 42 16.11 -90.17 29.67
C ALA A 42 17.56 -89.83 29.38
N VAL A 43 18.40 -90.86 29.26
CA VAL A 43 19.82 -90.58 29.08
C VAL A 43 20.11 -90.00 27.71
N ILE A 44 19.16 -90.09 26.79
CA ILE A 44 19.25 -89.38 25.51
C ILE A 44 17.90 -88.75 25.24
N GLN A 45 17.88 -87.42 25.15
CA GLN A 45 16.63 -86.68 25.10
C GLN A 45 16.33 -86.25 23.68
N ARG A 46 15.16 -86.65 23.18
CA ARG A 46 14.73 -86.20 21.86
C ARG A 46 14.22 -84.77 21.94
N LYS A 47 14.73 -83.93 21.05
CA LYS A 47 14.38 -82.51 21.04
C LYS A 47 13.38 -82.24 19.93
N THR A 48 12.25 -81.62 20.29
CA THR A 48 11.13 -81.43 19.38
C THR A 48 10.93 -79.97 19.00
N GLU A 49 12.01 -79.17 18.98
CA GLU A 49 11.90 -77.79 18.55
C GLU A 49 12.03 -77.62 17.05
N VAL A 50 12.37 -78.69 16.31
CA VAL A 50 12.33 -78.69 14.86
C VAL A 50 11.50 -79.86 14.33
N GLU A 51 10.54 -80.32 15.12
CA GLU A 51 9.78 -81.51 14.77
C GLU A 51 8.93 -81.29 13.52
N SER A 52 8.30 -80.13 13.37
CA SER A 52 7.31 -79.93 12.33
C SER A 52 7.46 -78.65 11.53
N ASP A 53 8.43 -77.79 11.84
CA ASP A 53 8.58 -76.54 11.10
C ASP A 53 10.03 -76.07 11.16
N ALA A 54 10.46 -75.39 10.10
CA ALA A 54 11.82 -74.87 10.01
C ALA A 54 12.84 -75.99 10.18
N GLY A 55 14.07 -75.65 10.55
CA GLY A 55 15.04 -76.71 10.80
C GLY A 55 16.46 -76.18 10.67
N ASP A 56 17.37 -77.11 10.36
CA ASP A 56 18.80 -76.91 10.20
C ASP A 56 19.56 -76.72 11.51
N ARG A 57 18.87 -76.56 12.63
CA ARG A 57 19.59 -76.23 13.84
C ARG A 57 18.66 -76.33 15.03
N VAL A 58 19.21 -76.74 16.17
CA VAL A 58 18.53 -76.64 17.45
C VAL A 58 19.52 -76.08 18.46
N SER A 59 19.07 -75.14 19.27
CA SER A 59 19.94 -74.51 20.27
C SER A 59 19.21 -74.54 21.60
N PHE A 60 19.61 -75.45 22.48
CA PHE A 60 19.01 -75.60 23.79
C PHE A 60 19.96 -75.09 24.86
N ASP A 61 19.40 -74.74 26.01
CA ASP A 61 20.14 -74.04 27.05
C ASP A 61 20.17 -74.86 28.34
N LEU A 62 21.27 -74.72 29.08
CA LEU A 62 21.41 -75.27 30.41
C LEU A 62 21.52 -74.14 31.42
N SER A 63 20.70 -74.21 32.47
CA SER A 63 20.66 -73.16 33.47
C SER A 63 21.51 -73.56 34.66
N VAL A 64 22.48 -72.72 35.02
CA VAL A 64 23.32 -72.99 36.17
C VAL A 64 22.50 -72.80 37.44
N ARG A 65 22.74 -73.65 38.44
CA ARG A 65 22.01 -73.57 39.69
C ARG A 65 22.36 -72.27 40.41
N LEU A 66 21.37 -71.73 41.12
CA LEU A 66 21.56 -70.46 41.84
C LEU A 66 22.27 -70.76 43.15
N ARG A 67 23.58 -70.52 43.17
CA ARG A 67 24.36 -70.56 44.40
C ARG A 67 24.57 -69.14 44.90
N GLY A 68 24.17 -68.88 46.13
CA GLY A 68 24.27 -67.55 46.69
C GLY A 68 23.90 -67.53 48.15
N GLN A 69 24.59 -66.73 48.94
CA GLN A 69 24.36 -66.73 50.37
C GLN A 69 22.98 -66.15 50.66
N PRO A 70 22.08 -66.91 51.28
CA PRO A 70 20.75 -66.39 51.57
C PRO A 70 20.80 -65.33 52.65
N THR A 71 19.75 -64.52 52.71
CA THR A 71 19.67 -63.40 53.63
C THR A 71 18.88 -63.81 54.87
N PHE A 72 19.58 -63.93 55.99
CA PHE A 72 18.94 -64.31 57.24
C PHE A 72 18.49 -63.08 58.02
N GLY A 73 17.58 -63.31 58.97
CA GLY A 73 17.30 -62.35 60.02
C GLY A 73 16.73 -61.01 59.59
N ASP A 74 15.79 -61.03 58.64
CA ASP A 74 15.00 -59.85 58.28
C ASP A 74 15.90 -58.67 57.89
N ASP A 75 16.63 -58.87 56.80
CA ASP A 75 17.28 -57.79 56.10
C ASP A 75 16.48 -57.48 54.84
N ARG A 76 17.01 -56.64 53.97
CA ARG A 76 16.33 -56.30 52.74
C ARG A 76 16.97 -57.02 51.56
N VAL A 77 16.13 -57.48 50.63
CA VAL A 77 16.60 -58.25 49.48
C VAL A 77 16.02 -57.69 48.20
N GLU A 78 15.64 -56.41 48.19
CA GLU A 78 15.16 -55.82 46.95
C GLU A 78 16.33 -55.51 46.02
N GLY A 79 17.54 -55.42 46.56
CA GLY A 79 18.71 -55.16 45.74
C GLY A 79 19.45 -56.40 45.31
N LYS A 80 19.81 -57.25 46.27
CA LYS A 80 20.60 -58.44 45.97
C LYS A 80 19.76 -59.48 45.27
N GLU A 81 19.53 -59.30 43.97
CA GLU A 81 18.70 -60.20 43.19
C GLU A 81 19.59 -61.12 42.38
N GLU A 82 19.46 -62.43 42.64
CA GLU A 82 20.30 -63.42 41.99
C GLU A 82 19.96 -63.52 40.52
N ASN A 83 20.97 -63.46 39.66
CA ASN A 83 20.76 -63.39 38.23
C ASN A 83 20.92 -64.77 37.60
N LEU A 84 20.04 -65.09 36.66
CA LEU A 84 20.11 -66.38 35.98
C LEU A 84 21.15 -66.34 34.87
N LYS A 85 21.91 -67.43 34.74
CA LYS A 85 22.89 -67.57 33.69
C LYS A 85 22.63 -68.85 32.92
N PHE A 86 22.85 -68.80 31.61
CA PHE A 86 22.56 -69.92 30.75
C PHE A 86 23.79 -70.24 29.88
N TYR A 87 23.99 -71.52 29.63
CA TYR A 87 24.96 -72.00 28.65
C TYR A 87 24.23 -72.69 27.52
N THR A 88 24.80 -72.61 26.32
CA THR A 88 24.11 -73.08 25.13
C THR A 88 25.05 -73.92 24.28
N ASP A 89 24.45 -74.69 23.38
CA ASP A 89 25.18 -75.44 22.36
C ASP A 89 24.29 -75.52 21.13
N GLU A 90 24.79 -76.20 20.10
CA GLU A 90 24.17 -76.17 18.78
C GLU A 90 24.07 -77.59 18.25
N VAL A 91 22.89 -77.96 17.76
CA VAL A 91 22.66 -79.27 17.16
C VAL A 91 22.24 -79.05 15.71
N ILE A 92 22.98 -79.65 14.79
CA ILE A 92 22.75 -79.47 13.36
C ILE A 92 22.32 -80.80 12.77
N ILE A 93 21.33 -80.76 11.88
CA ILE A 93 20.70 -81.96 11.35
C ILE A 93 20.86 -82.00 9.84
N ASP A 94 21.14 -83.19 9.31
CA ASP A 94 21.21 -83.42 7.88
C ASP A 94 20.77 -84.85 7.61
N GLN A 95 19.98 -85.05 6.57
CA GLN A 95 19.32 -86.32 6.36
C GLN A 95 20.30 -87.40 5.93
N VAL A 96 19.93 -88.65 6.22
CA VAL A 96 20.66 -89.83 5.80
C VAL A 96 19.68 -90.75 5.10
N ARG A 97 19.97 -91.12 3.85
CA ARG A 97 19.04 -91.91 3.06
C ARG A 97 19.76 -93.09 2.43
N HIS A 98 19.05 -94.20 2.28
CA HIS A 98 19.54 -95.37 1.57
C HIS A 98 18.41 -95.97 0.76
N SER A 99 18.75 -96.85 -0.17
CA SER A 99 17.79 -97.33 -1.16
C SER A 99 18.03 -98.81 -1.41
N VAL A 100 17.15 -99.64 -0.86
CA VAL A 100 17.13 -101.06 -1.24
C VAL A 100 16.37 -101.18 -2.55
N SER A 101 16.62 -102.27 -3.28
CA SER A 101 16.03 -102.42 -4.61
C SER A 101 15.59 -103.86 -4.81
N ALA A 102 14.28 -104.09 -4.79
CA ALA A 102 13.74 -105.36 -5.23
C ALA A 102 14.01 -105.54 -6.72
N GLY A 103 14.26 -106.77 -7.13
CA GLY A 103 14.71 -107.03 -8.48
C GLY A 103 13.62 -106.81 -9.51
N GLY A 104 13.96 -107.12 -10.75
CA GLY A 104 13.02 -107.00 -11.84
C GLY A 104 11.90 -108.02 -11.74
N ARG A 105 10.93 -107.89 -12.64
CA ARG A 105 9.77 -108.78 -12.60
C ARG A 105 10.18 -110.23 -12.80
N MET A 106 11.26 -110.48 -13.53
CA MET A 106 11.76 -111.84 -13.62
C MET A 106 12.52 -112.24 -12.36
N SER A 107 13.25 -111.31 -11.76
CA SER A 107 13.99 -111.59 -10.53
C SER A 107 13.10 -111.58 -9.30
N ARG A 108 11.84 -111.17 -9.43
CA ARG A 108 10.91 -111.15 -8.32
C ARG A 108 9.83 -112.21 -8.43
N LYS A 109 9.55 -112.72 -9.63
CA LYS A 109 8.67 -113.86 -9.81
C LYS A 109 9.39 -115.18 -9.61
N ARG A 110 10.72 -115.16 -9.59
CA ARG A 110 11.53 -116.36 -9.43
C ARG A 110 11.83 -116.69 -7.98
N THR A 111 11.30 -115.92 -7.03
CA THR A 111 11.53 -116.15 -5.62
C THR A 111 10.21 -116.10 -4.88
N ALA A 112 10.00 -117.06 -3.97
CA ALA A 112 8.75 -117.11 -3.24
C ALA A 112 8.55 -115.89 -2.36
N HIS A 113 9.63 -115.26 -1.90
CA HIS A 113 9.51 -114.06 -1.09
C HIS A 113 8.99 -112.91 -1.93
N ASP A 114 8.22 -112.02 -1.30
CA ASP A 114 7.82 -110.76 -1.91
C ASP A 114 8.91 -109.75 -1.56
N LEU A 115 9.85 -109.55 -2.49
CA LEU A 115 11.08 -108.83 -2.18
C LEU A 115 10.84 -107.39 -1.76
N ARG A 116 9.68 -106.81 -2.06
CA ARG A 116 9.42 -105.45 -1.56
C ARG A 116 9.28 -105.44 -0.04
N LYS A 117 8.58 -106.42 0.53
CA LYS A 117 8.42 -106.46 1.99
C LYS A 117 9.76 -106.72 2.67
N THR A 118 10.56 -107.64 2.14
CA THR A 118 11.88 -107.87 2.72
C THR A 118 12.78 -106.65 2.54
N GLY A 119 12.62 -105.93 1.43
CA GLY A 119 13.39 -104.70 1.26
C GLY A 119 13.04 -103.66 2.31
N ARG A 120 11.75 -103.48 2.58
CA ARG A 120 11.34 -102.52 3.61
C ARG A 120 11.83 -102.96 4.99
N ASP A 121 11.75 -104.25 5.29
CA ASP A 121 12.24 -104.74 6.58
C ASP A 121 13.75 -104.54 6.70
N ARG A 122 14.49 -104.82 5.64
CA ARG A 122 15.93 -104.64 5.66
C ARG A 122 16.30 -103.17 5.82
N LEU A 123 15.56 -102.27 5.17
CA LEU A 123 15.82 -100.86 5.37
C LEU A 123 15.54 -100.43 6.81
N GLY A 124 14.47 -100.96 7.41
CA GLY A 124 14.22 -100.67 8.81
C GLY A 124 15.36 -101.12 9.69
N ASP A 125 15.84 -102.35 9.49
CA ASP A 125 16.96 -102.84 10.27
C ASP A 125 18.21 -101.99 10.07
N TYR A 126 18.50 -101.66 8.81
CA TYR A 126 19.71 -100.91 8.50
C TYR A 126 19.67 -99.54 9.13
N PHE A 127 18.52 -98.88 9.12
CA PHE A 127 18.46 -97.54 9.70
C PHE A 127 18.48 -97.58 11.23
N TYR A 128 17.85 -98.58 11.83
CA TYR A 128 17.95 -98.72 13.28
C TYR A 128 19.40 -98.96 13.70
N GLN A 129 20.12 -99.79 12.96
CA GLN A 129 21.48 -100.09 13.34
C GLN A 129 22.40 -98.90 13.05
N LEU A 130 22.10 -98.11 12.02
CA LEU A 130 22.82 -96.84 11.84
C LEU A 130 22.59 -95.90 13.00
N THR A 131 21.36 -95.82 13.50
CA THR A 131 21.11 -94.95 14.64
C THR A 131 21.90 -95.41 15.86
N ASP A 132 21.95 -96.72 16.11
CA ASP A 132 22.77 -97.23 17.20
C ASP A 132 24.25 -96.89 16.97
N GLU A 133 24.73 -97.08 15.75
CA GLU A 133 26.11 -96.74 15.40
C GLU A 133 26.41 -95.28 15.67
N LEU A 134 25.54 -94.39 15.22
CA LEU A 134 25.77 -92.97 15.38
C LEU A 134 25.78 -92.58 16.85
N PHE A 135 24.86 -93.14 17.64
CA PHE A 135 24.87 -92.84 19.06
C PHE A 135 26.15 -93.31 19.72
N PHE A 136 26.61 -94.50 19.38
CA PHE A 136 27.79 -95.03 20.05
C PHE A 136 29.06 -94.31 19.62
N MET A 137 29.12 -93.79 18.40
CA MET A 137 30.29 -92.98 18.05
C MET A 137 30.23 -91.62 18.72
N TYR A 138 29.05 -90.97 18.69
CA TYR A 138 28.98 -89.59 19.18
C TYR A 138 29.15 -89.52 20.68
N LEU A 139 28.54 -90.45 21.43
CA LEU A 139 28.70 -90.45 22.88
C LEU A 139 30.13 -90.73 23.30
N SER A 140 30.92 -91.41 22.46
CA SER A 140 32.27 -91.79 22.80
C SER A 140 33.32 -90.84 22.27
N GLY A 141 32.96 -89.94 21.36
CA GLY A 141 33.85 -88.89 20.92
C GLY A 141 34.76 -89.25 19.78
N ALA A 142 34.79 -90.50 19.34
CA ALA A 142 35.63 -90.89 18.22
C ALA A 142 35.19 -92.25 17.72
N ARG A 143 35.60 -92.56 16.49
CA ARG A 143 35.39 -93.88 15.92
C ARG A 143 36.71 -94.64 15.92
N GLY A 144 36.77 -95.72 16.69
CA GLY A 144 37.96 -96.53 16.75
C GLY A 144 38.03 -97.51 15.60
N ILE A 145 38.99 -98.42 15.70
CA ILE A 145 39.16 -99.44 14.67
C ILE A 145 38.16 -100.54 14.96
N ASN A 146 36.97 -100.40 14.38
CA ASN A 146 35.86 -101.33 14.60
C ASN A 146 35.23 -101.65 13.25
N LYS A 147 35.43 -102.89 12.79
CA LYS A 147 34.88 -103.28 11.49
C LYS A 147 33.38 -103.51 11.54
N ASP A 148 32.82 -103.76 12.72
CA ASP A 148 31.39 -104.05 12.84
C ASP A 148 30.58 -102.76 12.86
N PHE A 149 30.80 -101.91 11.86
CA PHE A 149 30.06 -100.67 11.72
C PHE A 149 29.72 -100.46 10.25
N ILE A 150 28.75 -99.58 10.00
CA ILE A 150 28.41 -99.24 8.63
C ILE A 150 29.33 -98.16 8.09
N LEU A 151 29.42 -97.04 8.80
CA LEU A 151 30.19 -95.91 8.31
C LEU A 151 31.68 -96.22 8.36
N PRO A 152 32.44 -95.84 7.32
CA PRO A 152 33.84 -96.26 7.24
C PRO A 152 34.73 -95.53 8.23
N THR A 153 36.01 -95.92 8.27
CA THR A 153 36.97 -95.27 9.13
C THR A 153 37.23 -93.84 8.63
N SER A 154 37.74 -93.00 9.52
CA SER A 154 37.92 -91.57 9.29
C SER A 154 36.61 -90.84 9.12
N PHE A 155 35.52 -91.41 9.65
CA PHE A 155 34.23 -90.76 9.67
C PHE A 155 34.25 -89.70 10.76
N THR A 156 34.48 -88.45 10.37
CA THR A 156 34.57 -87.38 11.36
C THR A 156 33.19 -86.97 11.86
N GLY A 157 32.17 -87.17 11.05
CA GLY A 157 30.82 -86.85 11.48
C GLY A 157 29.98 -86.45 10.29
N TYR A 158 28.72 -86.13 10.57
CA TYR A 158 27.82 -85.66 9.55
C TYR A 158 27.04 -84.48 10.09
N ALA A 159 26.52 -83.66 9.18
CA ALA A 159 25.78 -82.44 9.53
C ALA A 159 26.64 -81.46 10.30
N LYS A 160 27.94 -81.43 10.00
CA LYS A 160 28.89 -80.49 10.61
C LYS A 160 28.98 -80.61 12.12
N ASN A 161 28.45 -81.68 12.70
CA ASN A 161 28.67 -81.94 14.12
C ASN A 161 30.02 -82.60 14.31
N PRO A 162 30.93 -82.01 15.07
CA PRO A 162 32.27 -82.60 15.20
C PRO A 162 32.29 -83.69 16.25
N PHE A 163 33.22 -84.63 16.06
CA PHE A 163 33.51 -85.61 17.09
C PHE A 163 34.33 -84.94 18.17
N ASN A 164 33.75 -84.84 19.35
CA ASN A 164 34.30 -84.09 20.46
C ASN A 164 34.76 -85.01 21.58
N THR A 165 36.07 -84.98 21.85
CA THR A 165 36.67 -85.92 22.79
C THR A 165 36.25 -85.62 24.21
N PRO A 166 36.20 -86.64 25.07
CA PRO A 166 35.82 -86.40 26.47
C PRO A 166 36.86 -85.54 27.17
N ASP A 167 36.39 -84.78 28.16
CA ASP A 167 37.21 -83.81 28.87
C ASP A 167 38.01 -84.49 29.97
N ALA A 168 38.99 -83.76 30.50
CA ALA A 168 40.00 -84.36 31.36
C ALA A 168 39.38 -84.96 32.62
N ALA A 169 38.40 -84.29 33.21
CA ALA A 169 37.77 -84.77 34.42
C ALA A 169 36.63 -85.74 34.14
N HIS A 170 36.35 -86.04 32.88
CA HIS A 170 35.20 -86.87 32.51
C HIS A 170 35.60 -88.17 31.83
N LEU A 171 36.86 -88.61 31.97
CA LEU A 171 37.21 -89.97 31.59
C LEU A 171 38.07 -90.57 32.69
N LEU A 172 37.70 -91.76 33.14
CA LEU A 172 38.42 -92.48 34.17
C LEU A 172 38.99 -93.75 33.58
N TYR A 173 40.30 -93.92 33.70
CA TYR A 173 40.93 -95.08 33.09
C TYR A 173 40.70 -96.33 33.93
N GLY A 174 40.94 -97.48 33.31
CA GLY A 174 40.47 -98.73 33.89
C GLY A 174 41.06 -99.02 35.27
N GLY A 175 42.35 -99.32 35.32
CA GLY A 175 42.96 -99.70 36.58
C GLY A 175 43.72 -98.57 37.23
N VAL A 176 45.01 -98.78 37.48
CA VAL A 176 45.86 -97.72 38.02
C VAL A 176 46.43 -96.83 36.93
N ALA A 177 46.03 -97.04 35.68
CA ALA A 177 46.48 -96.19 34.59
C ALA A 177 45.94 -94.78 34.74
N THR A 178 46.67 -93.81 34.20
CA THR A 178 46.30 -92.42 34.34
C THR A 178 46.27 -91.65 33.02
N SER A 179 46.79 -92.21 31.93
CA SER A 179 46.83 -91.49 30.67
C SER A 179 46.66 -92.49 29.53
N LYS A 180 46.80 -92.00 28.30
CA LYS A 180 46.64 -92.84 27.12
C LYS A 180 47.69 -93.94 27.09
N ALA A 181 48.93 -93.61 27.44
CA ALA A 181 50.03 -94.57 27.34
C ALA A 181 50.19 -95.40 28.61
N SER A 182 49.44 -95.11 29.67
CA SER A 182 49.62 -95.82 30.93
C SER A 182 48.85 -97.13 30.99
N LEU A 183 48.08 -97.47 29.97
CA LEU A 183 47.32 -98.71 29.99
C LEU A 183 48.23 -99.93 29.95
N ALA A 184 47.82 -100.98 30.65
CA ALA A 184 48.57 -102.23 30.69
C ALA A 184 47.59 -103.39 30.65
N ASN A 185 48.12 -104.60 30.73
CA ASN A 185 47.26 -105.79 30.67
C ASN A 185 46.37 -105.88 31.90
N THR A 186 46.86 -105.43 33.06
CA THR A 186 46.11 -105.55 34.30
C THR A 186 45.07 -104.46 34.49
N ASP A 187 44.91 -103.55 33.53
CA ASP A 187 43.95 -102.45 33.65
C ASP A 187 42.65 -102.85 32.96
N THR A 188 41.94 -103.78 33.59
CA THR A 188 40.69 -104.30 33.08
C THR A 188 39.53 -103.85 33.95
N MET A 189 38.37 -103.68 33.33
CA MET A 189 37.19 -103.28 34.09
C MET A 189 36.81 -104.34 35.10
N SER A 190 36.46 -103.89 36.31
CA SER A 190 36.07 -104.77 37.39
C SER A 190 34.98 -104.08 38.20
N ARG A 191 34.60 -104.69 39.32
CA ARG A 191 33.64 -104.05 40.22
C ARG A 191 34.19 -102.75 40.79
N VAL A 192 35.51 -102.65 40.94
CA VAL A 192 36.11 -101.49 41.58
C VAL A 192 35.99 -100.26 40.70
N VAL A 193 36.29 -100.41 39.40
CA VAL A 193 36.32 -99.24 38.53
C VAL A 193 34.93 -98.64 38.34
N ILE A 194 33.90 -99.48 38.30
CA ILE A 194 32.54 -98.94 38.22
C ILE A 194 32.20 -98.17 39.50
N GLU A 195 32.68 -98.64 40.65
CA GLU A 195 32.49 -97.88 41.89
C GLU A 195 33.20 -96.54 41.81
N ARG A 196 34.42 -96.51 41.27
CA ARG A 196 35.13 -95.25 41.13
C ARG A 196 34.38 -94.30 40.21
N ALA A 197 33.86 -94.82 39.09
CA ALA A 197 33.09 -93.99 38.18
C ALA A 197 31.83 -93.46 38.85
N ASN A 198 31.16 -94.31 39.64
CA ASN A 198 29.96 -93.87 40.34
C ASN A 198 30.28 -92.76 41.33
N VAL A 199 31.38 -92.90 42.07
CA VAL A 199 31.77 -91.86 43.03
C VAL A 199 32.10 -90.57 42.30
N GLN A 200 32.83 -90.67 41.19
CA GLN A 200 33.15 -89.48 40.41
C GLN A 200 31.88 -88.80 39.91
N ALA A 201 30.92 -89.59 39.42
CA ALA A 201 29.68 -89.00 38.93
C ALA A 201 28.90 -88.33 40.05
N THR A 202 28.81 -88.98 41.22
CA THR A 202 28.01 -88.42 42.30
C THR A 202 28.66 -87.15 42.86
N MET A 203 29.99 -87.11 42.93
CA MET A 203 30.69 -85.97 43.49
C MET A 203 31.14 -84.96 42.45
N MET A 204 30.76 -85.14 41.18
CA MET A 204 31.04 -84.12 40.18
C MET A 204 30.40 -82.80 40.55
N GLN A 205 29.21 -82.84 41.14
CA GLN A 205 28.58 -81.62 41.61
C GLN A 205 29.32 -81.01 42.79
N ALA A 206 30.07 -81.81 43.55
CA ALA A 206 30.81 -81.33 44.71
C ALA A 206 32.25 -80.95 44.38
N GLN A 207 32.72 -81.23 43.16
CA GLN A 207 34.00 -80.72 42.70
C GLN A 207 33.88 -79.40 41.96
N ASP A 208 32.84 -79.23 41.13
CA ASP A 208 32.54 -77.96 40.50
C ASP A 208 31.05 -77.68 40.70
N PRO A 209 30.69 -76.78 41.61
CA PRO A 209 29.29 -76.50 41.89
C PRO A 209 28.64 -75.47 40.98
N GLU A 210 29.38 -74.90 40.03
CA GLU A 210 28.81 -73.87 39.16
C GLU A 210 27.69 -74.43 38.30
N THR A 211 27.86 -75.63 37.76
CA THR A 211 26.89 -76.24 36.87
C THR A 211 26.55 -77.64 37.35
N ALA A 212 25.34 -78.08 37.02
CA ALA A 212 24.98 -79.47 37.27
C ALA A 212 25.71 -80.39 36.30
N ASN A 213 26.15 -81.54 36.82
CA ASN A 213 26.85 -82.53 36.02
C ASN A 213 26.49 -83.91 36.54
N MET A 214 26.55 -84.90 35.64
CA MET A 214 26.22 -86.28 35.99
C MET A 214 24.89 -86.36 36.73
N VAL A 215 23.88 -85.69 36.21
CA VAL A 215 22.60 -85.71 36.91
C VAL A 215 22.04 -87.13 36.86
N PRO A 216 21.74 -87.76 38.00
CA PRO A 216 21.26 -89.14 37.97
C PRO A 216 19.92 -89.25 37.26
N VAL A 217 19.71 -90.38 36.60
CA VAL A 217 18.42 -90.68 36.02
C VAL A 217 17.47 -91.11 37.14
N SER A 218 16.36 -90.40 37.28
CA SER A 218 15.42 -90.64 38.37
C SER A 218 14.35 -91.62 37.90
N VAL A 219 14.28 -92.77 38.55
CA VAL A 219 13.23 -93.74 38.30
C VAL A 219 12.53 -94.02 39.62
N GLU A 220 11.19 -93.99 39.61
CA GLU A 220 10.33 -94.28 40.75
C GLU A 220 10.83 -93.62 42.03
N GLY A 221 11.48 -92.47 41.90
CA GLY A 221 11.99 -91.72 43.02
C GLY A 221 13.45 -91.97 43.34
N GLU A 222 14.02 -93.07 42.86
CA GLU A 222 15.41 -93.39 43.15
C GLU A 222 16.33 -92.74 42.10
N ASP A 223 17.63 -92.96 42.28
CA ASP A 223 18.64 -92.36 41.42
C ASP A 223 19.48 -93.47 40.80
N ARG A 224 19.60 -93.46 39.48
CA ARG A 224 20.32 -94.51 38.76
C ARG A 224 21.14 -93.92 37.64
N TYR A 225 22.31 -94.50 37.41
CA TYR A 225 23.15 -94.20 36.26
C TYR A 225 23.17 -95.41 35.32
N VAL A 226 23.20 -95.14 34.03
CA VAL A 226 23.21 -96.19 33.02
C VAL A 226 24.59 -96.28 32.42
N CYS A 227 25.13 -97.49 32.35
CA CYS A 227 26.46 -97.74 31.79
C CYS A 227 26.35 -98.77 30.67
N VAL A 228 27.08 -98.53 29.59
CA VAL A 228 27.18 -99.48 28.49
C VAL A 228 28.65 -99.80 28.27
N MET A 229 28.91 -101.04 27.86
CA MET A 229 30.27 -101.54 27.78
C MET A 229 30.32 -102.71 26.81
N SER A 230 31.45 -102.85 26.13
CA SER A 230 31.59 -103.89 25.11
C SER A 230 31.49 -105.26 25.76
N PRO A 231 31.08 -106.28 25.00
CA PRO A 231 31.04 -107.63 25.58
C PRO A 231 32.39 -108.11 26.07
N PHE A 232 33.49 -107.58 25.53
CA PHE A 232 34.80 -107.91 26.05
C PHE A 232 34.94 -107.42 27.49
N GLN A 233 34.60 -106.16 27.74
CA GLN A 233 34.63 -105.66 29.11
C GLN A 233 33.60 -106.35 29.97
N GLU A 234 32.47 -106.77 29.40
CA GLU A 234 31.50 -107.55 30.16
C GLU A 234 32.12 -108.85 30.64
N HIS A 235 32.85 -109.54 29.78
CA HIS A 235 33.49 -110.78 30.19
C HIS A 235 34.59 -110.52 31.21
N SER A 236 35.36 -109.45 31.03
CA SER A 236 36.40 -109.12 32.00
C SER A 236 35.80 -108.78 33.36
N LEU A 237 34.59 -108.22 33.38
CA LEU A 237 33.91 -107.96 34.64
C LEU A 237 33.37 -109.25 35.25
N ARG A 238 32.77 -110.12 34.44
CA ARG A 238 32.20 -111.35 34.97
C ARG A 238 33.27 -112.32 35.45
N THR A 239 34.48 -112.24 34.90
CA THR A 239 35.55 -113.12 35.32
C THR A 239 36.33 -112.60 36.52
N SER A 240 36.15 -111.32 36.88
CA SER A 240 36.85 -110.79 38.05
C SER A 240 36.28 -111.37 39.34
N ASP A 241 34.96 -111.38 39.47
CA ASP A 241 34.30 -111.98 40.61
C ASP A 241 33.67 -113.31 40.18
N ALA A 242 34.06 -114.39 40.85
CA ALA A 242 33.62 -115.72 40.42
C ALA A 242 32.13 -115.92 40.68
N ALA A 243 31.61 -115.37 41.77
CA ALA A 243 30.24 -115.67 42.19
C ALA A 243 29.20 -115.20 41.19
N GLY A 244 29.48 -114.16 40.42
CA GLY A 244 28.51 -113.65 39.48
C GLY A 244 27.25 -113.13 40.13
N TRP A 245 27.40 -112.22 41.09
CA TRP A 245 26.25 -111.65 41.78
C TRP A 245 25.33 -110.88 40.85
N LEU A 246 25.82 -110.47 39.68
CA LEU A 246 25.03 -109.64 38.79
C LEU A 246 23.76 -110.35 38.35
N GLU A 247 23.87 -111.63 38.00
CA GLU A 247 22.69 -112.35 37.53
C GLU A 247 21.67 -112.56 38.64
N ILE A 248 22.14 -112.83 39.86
CA ILE A 248 21.22 -112.93 40.99
C ILE A 248 20.50 -111.61 41.21
N GLN A 249 21.24 -110.51 41.13
CA GLN A 249 20.62 -109.20 41.31
C GLN A 249 19.58 -108.92 40.23
N LYS A 250 19.90 -109.26 38.98
CA LYS A 250 18.95 -109.04 37.90
C LYS A 250 17.69 -109.88 38.10
N ALA A 251 17.86 -111.15 38.48
CA ALA A 251 16.69 -112.00 38.70
C ALA A 251 15.84 -111.48 39.84
N ALA A 252 16.48 -111.01 40.92
CA ALA A 252 15.72 -110.47 42.04
C ALA A 252 14.97 -109.19 41.66
N ALA A 253 15.59 -108.32 40.88
CA ALA A 253 14.99 -107.04 40.54
C ALA A 253 14.11 -107.09 39.30
N ALA A 254 13.99 -108.25 38.65
CA ALA A 254 13.08 -108.36 37.52
C ALA A 254 11.65 -107.99 37.90
N ALA A 255 11.23 -108.36 39.11
CA ALA A 255 9.87 -108.03 39.55
C ALA A 255 9.68 -106.51 39.63
N GLU A 256 10.65 -105.80 40.20
CA GLU A 256 10.58 -104.34 40.22
C GLU A 256 10.76 -103.76 38.82
N GLY A 257 11.54 -104.42 37.97
CA GLY A 257 11.74 -103.97 36.61
C GLY A 257 10.51 -104.16 35.74
N ARG A 258 10.71 -104.15 34.42
CA ARG A 258 9.66 -104.26 33.40
C ARG A 258 8.74 -103.06 33.37
N ASN A 259 8.90 -102.10 34.29
CA ASN A 259 8.14 -100.87 34.27
C ASN A 259 8.93 -99.71 33.71
N ASN A 260 10.25 -99.83 33.64
CA ASN A 260 11.14 -98.83 33.12
C ASN A 260 11.86 -99.36 31.88
N PRO A 261 12.23 -98.49 30.95
CA PRO A 261 12.92 -98.97 29.74
C PRO A 261 14.43 -99.05 29.91
N ILE A 262 14.99 -98.37 30.91
CA ILE A 262 16.43 -98.41 31.07
C ILE A 262 16.89 -99.73 31.69
N PHE A 263 15.99 -100.40 32.42
CA PHE A 263 16.32 -101.72 32.96
C PHE A 263 16.22 -102.81 31.89
N LYS A 264 15.59 -102.53 30.75
CA LYS A 264 15.32 -103.55 29.76
C LYS A 264 16.61 -104.11 29.20
N GLY A 265 16.86 -105.40 29.44
CA GLY A 265 18.06 -106.05 28.95
C GLY A 265 19.30 -105.78 29.76
N GLY A 266 19.18 -105.09 30.90
CA GLY A 266 20.34 -104.82 31.72
C GLY A 266 20.92 -106.09 32.32
N LEU A 267 22.23 -106.05 32.57
CA LEU A 267 22.94 -107.21 33.09
C LEU A 267 22.91 -107.28 34.61
N GLY A 268 22.44 -106.26 35.29
CA GLY A 268 22.46 -106.25 36.73
C GLY A 268 22.61 -104.83 37.25
N MET A 269 23.24 -104.73 38.43
CA MET A 269 23.44 -103.45 39.09
C MET A 269 24.74 -103.46 39.86
N ILE A 270 25.40 -102.31 39.92
CA ILE A 270 26.59 -102.10 40.73
C ILE A 270 26.39 -100.78 41.46
N GLY A 271 25.89 -100.87 42.68
CA GLY A 271 25.53 -99.66 43.41
C GLY A 271 24.29 -99.00 42.83
N ASN A 272 24.48 -97.88 42.15
CA ASN A 272 23.40 -97.18 41.47
C ASN A 272 23.52 -97.26 39.95
N THR A 273 24.36 -98.16 39.45
CA THR A 273 24.67 -98.23 38.03
C THR A 273 23.95 -99.41 37.39
N VAL A 274 23.18 -99.12 36.33
CA VAL A 274 22.46 -100.15 35.59
C VAL A 274 23.32 -100.49 34.37
N LEU A 275 24.00 -101.63 34.41
CA LEU A 275 24.92 -101.99 33.36
C LEU A 275 24.18 -102.37 32.07
N HIS A 276 24.91 -102.29 30.97
CA HIS A 276 24.42 -102.73 29.67
C HIS A 276 25.61 -103.21 28.86
N SER A 277 25.33 -104.03 27.84
CA SER A 277 26.39 -104.56 26.99
C SER A 277 25.90 -104.60 25.56
N HIS A 278 26.61 -103.92 24.66
CA HIS A 278 26.29 -103.93 23.25
C HIS A 278 27.55 -104.14 22.43
N ARG A 279 27.37 -104.72 21.24
CA ARG A 279 28.48 -105.07 20.38
C ARG A 279 29.17 -103.87 19.75
N ASN A 280 28.57 -102.68 19.80
CA ASN A 280 29.00 -101.58 18.94
C ASN A 280 29.54 -100.39 19.71
N VAL A 281 30.09 -100.58 20.90
CA VAL A 281 30.80 -99.48 21.53
C VAL A 281 32.22 -99.47 21.00
N VAL A 282 32.76 -98.28 20.78
CA VAL A 282 34.04 -98.16 20.08
C VAL A 282 35.15 -98.78 20.93
N ARG A 283 36.07 -99.46 20.27
CA ARG A 283 37.23 -100.03 20.94
C ARG A 283 38.47 -99.72 20.10
N PHE A 284 39.32 -98.84 20.60
CA PHE A 284 40.50 -98.43 19.87
C PHE A 284 41.55 -99.54 19.89
N SER A 285 42.58 -99.36 19.07
CA SER A 285 43.69 -100.31 19.00
C SER A 285 45.05 -99.63 19.08
N ASP A 286 45.13 -98.41 19.59
CA ASP A 286 46.39 -97.70 19.68
C ASP A 286 46.74 -97.26 21.10
N TYR A 287 46.03 -97.76 22.11
CA TYR A 287 46.33 -97.40 23.48
C TYR A 287 47.52 -98.22 24.00
N GLY A 288 48.02 -97.82 25.15
CA GLY A 288 49.12 -98.49 25.81
C GLY A 288 50.42 -97.74 25.64
N ALA A 289 51.47 -98.30 26.24
CA ALA A 289 52.81 -97.71 26.10
C ALA A 289 53.22 -97.68 24.64
N GLY A 290 53.00 -98.78 23.92
CA GLY A 290 53.05 -98.78 22.48
C GLY A 290 51.65 -98.60 21.89
N SER A 291 51.57 -98.78 20.58
CA SER A 291 50.29 -98.74 19.90
C SER A 291 49.73 -100.13 19.64
N ASP A 292 50.03 -101.09 20.51
CA ASP A 292 49.65 -102.48 20.30
C ASP A 292 48.50 -102.95 21.20
N GLN A 293 48.45 -102.48 22.43
CA GLN A 293 47.48 -103.01 23.38
C GLN A 293 46.07 -102.56 23.05
N PRO A 294 45.13 -103.47 22.81
CA PRO A 294 43.75 -103.05 22.53
C PRO A 294 43.08 -102.49 23.78
N ALA A 295 42.06 -101.67 23.55
CA ALA A 295 41.30 -101.07 24.62
C ALA A 295 39.94 -100.68 24.10
N ALA A 296 39.01 -100.46 25.04
CA ALA A 296 37.64 -100.11 24.71
C ALA A 296 37.20 -98.95 25.58
N ARG A 297 36.19 -98.22 25.11
CA ARG A 297 35.70 -97.02 25.77
C ARG A 297 34.27 -97.26 26.22
N ALA A 298 34.11 -97.72 27.46
CA ALA A 298 32.77 -97.84 28.02
C ALA A 298 32.21 -96.44 28.31
N LEU A 299 30.88 -96.38 28.38
CA LEU A 299 30.18 -95.13 28.64
C LEU A 299 29.46 -95.22 29.97
N PHE A 300 29.40 -94.08 30.67
CA PHE A 300 28.75 -93.99 31.98
C PHE A 300 27.91 -92.71 31.94
N MET A 301 26.61 -92.85 31.71
CA MET A 301 25.79 -91.71 31.32
C MET A 301 24.58 -91.56 32.22
N GLY A 302 24.06 -90.33 32.26
CA GLY A 302 22.85 -90.00 32.98
C GLY A 302 22.26 -88.68 32.52
N ARG A 303 20.94 -88.61 32.42
CA ARG A 303 20.22 -87.42 31.95
C ARG A 303 20.74 -87.06 30.55
N GLN A 304 20.83 -85.77 30.24
CA GLN A 304 21.02 -85.35 28.86
C GLN A 304 22.41 -85.67 28.34
N ALA A 305 22.74 -86.95 28.22
CA ALA A 305 24.04 -87.32 27.65
C ALA A 305 24.15 -86.89 26.20
N ALA A 306 23.14 -87.21 25.40
CA ALA A 306 23.12 -86.83 23.99
C ALA A 306 21.74 -86.31 23.65
N VAL A 307 21.67 -85.48 22.62
CA VAL A 307 20.43 -84.88 22.17
C VAL A 307 20.20 -85.24 20.72
N VAL A 308 18.94 -85.43 20.36
CA VAL A 308 18.54 -85.82 19.02
C VAL A 308 17.49 -84.85 18.53
N ALA A 309 17.66 -84.33 17.33
CA ALA A 309 16.66 -83.47 16.70
C ALA A 309 16.19 -84.18 15.44
N TYR A 310 14.96 -84.68 15.47
CA TYR A 310 14.41 -85.41 14.33
C TYR A 310 13.59 -84.45 13.48
N GLY A 311 13.91 -84.40 12.19
CA GLY A 311 13.24 -83.51 11.27
C GLY A 311 11.93 -83.99 10.73
N THR A 312 11.48 -85.18 11.13
CA THR A 312 10.22 -85.74 10.67
C THR A 312 9.17 -85.55 11.74
N LYS A 313 7.90 -85.49 11.33
CA LYS A 313 6.82 -85.23 12.28
C LYS A 313 6.78 -86.28 13.38
N GLY A 314 6.98 -87.55 13.03
CA GLY A 314 7.10 -88.57 14.04
C GLY A 314 8.49 -88.60 14.65
N GLY A 315 8.64 -89.42 15.69
CA GLY A 315 9.94 -89.55 16.31
C GLY A 315 10.97 -90.10 15.35
N LEU A 316 10.86 -91.38 15.01
CA LEU A 316 11.65 -91.99 13.95
C LEU A 316 10.66 -92.66 13.02
N ARG A 317 10.11 -91.88 12.09
CA ARG A 317 9.11 -92.36 11.16
C ARG A 317 9.73 -92.49 9.78
N TYR A 318 9.52 -93.64 9.14
CA TYR A 318 10.05 -93.91 7.82
C TYR A 318 8.93 -93.76 6.80
N ASP A 319 9.14 -92.90 5.81
CA ASP A 319 8.19 -92.73 4.72
C ASP A 319 8.76 -93.43 3.50
N TRP A 320 8.32 -94.67 3.29
CA TRP A 320 8.80 -95.47 2.17
C TRP A 320 8.43 -94.79 0.86
N GLN A 321 9.43 -94.28 0.15
CA GLN A 321 9.22 -93.54 -1.10
C GLN A 321 9.46 -94.51 -2.25
N GLU A 322 8.40 -95.22 -2.66
CA GLU A 322 8.52 -96.15 -3.77
C GLU A 322 8.79 -95.40 -5.07
N GLU A 323 9.45 -96.10 -5.99
CA GLU A 323 9.79 -95.56 -7.29
C GLU A 323 9.94 -96.75 -8.23
N THR A 324 9.57 -96.54 -9.48
CA THR A 324 9.56 -97.61 -10.48
C THR A 324 10.56 -97.28 -11.56
N LYS A 325 11.71 -97.95 -11.54
CA LYS A 325 12.68 -97.80 -12.60
C LYS A 325 12.18 -98.51 -13.85
N ASP A 326 12.79 -98.16 -14.99
CA ASP A 326 12.51 -98.78 -16.28
C ASP A 326 11.03 -98.53 -16.60
N TYR A 327 10.23 -99.56 -16.85
CA TYR A 327 8.79 -99.39 -17.08
C TYR A 327 8.00 -100.14 -16.02
N GLY A 328 8.37 -99.96 -14.77
CA GLY A 328 7.80 -100.74 -13.69
C GLY A 328 8.46 -102.08 -13.50
N ASN A 329 9.53 -102.36 -14.24
CA ASN A 329 10.23 -103.64 -14.11
C ASN A 329 10.86 -103.77 -12.73
N GLU A 330 11.52 -102.73 -12.24
CA GLU A 330 12.33 -102.80 -11.03
C GLU A 330 11.79 -101.85 -9.96
N PRO A 331 10.95 -102.34 -9.04
CA PRO A 331 10.54 -101.50 -7.92
C PRO A 331 11.72 -101.21 -7.00
N THR A 332 11.65 -100.05 -6.34
CA THR A 332 12.68 -99.63 -5.41
C THR A 332 12.02 -99.01 -4.19
N VAL A 333 12.70 -99.09 -3.06
CA VAL A 333 12.23 -98.53 -1.80
C VAL A 333 13.39 -97.77 -1.16
N ALA A 334 13.12 -96.58 -0.68
CA ALA A 334 14.19 -95.75 -0.13
C ALA A 334 13.62 -94.78 0.89
N SER A 335 14.11 -94.84 2.11
CA SER A 335 13.65 -93.97 3.19
C SER A 335 14.84 -93.29 3.83
N GLY A 336 14.56 -92.47 4.83
CA GLY A 336 15.62 -91.77 5.52
C GLY A 336 15.05 -90.96 6.67
N PHE A 337 15.96 -90.47 7.51
CA PHE A 337 15.60 -89.67 8.66
C PHE A 337 16.46 -88.43 8.70
N ILE A 338 15.87 -87.32 9.13
CA ILE A 338 16.58 -86.06 9.28
C ILE A 338 16.91 -85.92 10.76
N ALA A 339 18.10 -86.40 11.16
CA ALA A 339 18.48 -86.39 12.57
C ALA A 339 19.89 -85.87 12.73
N GLY A 340 20.14 -85.24 13.88
CA GLY A 340 21.46 -84.78 14.24
C GLY A 340 21.73 -85.08 15.69
N ILE A 341 22.94 -85.55 16.00
CA ILE A 341 23.27 -86.02 17.34
C ILE A 341 24.51 -85.27 17.83
N LYS A 342 24.43 -84.72 19.03
CA LYS A 342 25.57 -84.09 19.67
C LYS A 342 25.85 -84.82 20.99
N LYS A 343 26.79 -84.27 21.77
CA LYS A 343 27.15 -84.89 23.05
C LYS A 343 26.84 -83.99 24.23
N THR A 344 26.16 -82.86 24.03
CA THR A 344 25.73 -81.97 25.10
C THR A 344 26.91 -81.48 25.93
N ARG A 345 27.75 -80.66 25.30
CA ARG A 345 28.84 -80.01 26.00
C ARG A 345 28.48 -78.56 26.25
N PHE A 346 27.90 -78.30 27.43
CA PHE A 346 27.76 -76.94 27.90
C PHE A 346 29.08 -76.48 28.53
N ASN A 347 29.30 -75.16 28.49
CA ASN A 347 30.55 -74.56 28.95
C ASN A 347 31.66 -75.21 28.14
N ASP A 348 32.60 -75.93 28.76
CA ASP A 348 33.57 -76.72 28.03
C ASP A 348 33.62 -78.17 28.49
N ARG A 349 33.09 -78.49 29.67
CA ARG A 349 33.10 -79.84 30.21
C ARG A 349 31.85 -80.59 29.78
N ASP A 350 31.99 -81.90 29.61
CA ASP A 350 30.89 -82.72 29.14
C ASP A 350 29.76 -82.75 30.16
N PHE A 351 28.57 -83.01 29.67
CA PHE A 351 27.38 -83.13 30.51
C PHE A 351 26.73 -84.47 30.20
N GLY A 352 26.89 -85.44 31.10
CA GLY A 352 26.16 -86.67 31.01
C GLY A 352 26.92 -87.89 30.50
N VAL A 353 28.24 -87.85 30.39
CA VAL A 353 29.03 -89.04 30.06
C VAL A 353 30.30 -89.03 30.89
N ILE A 354 30.73 -90.23 31.29
CA ILE A 354 32.07 -90.46 31.83
C ILE A 354 32.63 -91.65 31.07
N SER A 355 33.56 -91.39 30.16
CA SER A 355 34.10 -92.43 29.31
C SER A 355 35.15 -93.23 30.08
N ILE A 356 34.78 -94.43 30.52
CA ILE A 356 35.71 -95.31 31.22
C ILE A 356 36.50 -96.08 30.17
N ASP A 357 37.80 -95.79 30.07
CA ASP A 357 38.67 -96.46 29.10
C ASP A 357 39.40 -97.59 29.80
N THR A 358 39.21 -98.81 29.30
CA THR A 358 39.78 -100.00 29.92
C THR A 358 40.40 -100.89 28.85
N TYR A 359 41.37 -101.70 29.27
CA TYR A 359 41.90 -102.74 28.40
C TYR A 359 40.85 -103.82 28.19
N ALA A 360 40.75 -104.31 26.97
CA ALA A 360 39.77 -105.35 26.64
C ALA A 360 40.20 -106.07 25.39
N LYS A 361 40.41 -107.39 25.48
CA LYS A 361 40.79 -108.21 24.35
C LYS A 361 39.88 -109.43 24.30
N ASP A 362 39.68 -109.95 23.09
CA ASP A 362 38.81 -111.10 22.91
C ASP A 362 39.36 -112.28 23.69
N PRO A 363 38.57 -112.90 24.57
CA PRO A 363 39.09 -113.99 25.41
C PRO A 363 39.47 -115.23 24.64
N ASN A 364 38.99 -115.39 23.40
CA ASN A 364 39.27 -116.57 22.60
C ASN A 364 40.23 -116.23 21.47
N PRO A 365 41.02 -117.20 21.01
CA PRO A 365 41.94 -116.91 19.90
C PRO A 365 41.21 -116.74 18.58
N ASN A 366 41.10 -115.48 18.13
CA ASN A 366 40.40 -115.13 16.90
C ASN A 366 38.97 -115.63 16.89
N SER B 2 -6.92 13.04 51.47
CA SER B 2 -6.41 12.15 50.44
C SER B 2 -7.53 11.58 49.60
N SER B 3 -7.23 10.47 48.92
CA SER B 3 -8.22 9.69 48.22
C SER B 3 -7.74 8.25 48.24
N THR B 4 -8.68 7.31 48.43
CA THR B 4 -8.30 5.91 48.52
C THR B 4 -7.66 5.44 47.23
N VAL B 5 -6.52 4.76 47.35
CA VAL B 5 -5.83 4.18 46.22
C VAL B 5 -5.41 2.76 46.59
N ILE B 6 -5.77 1.80 45.75
CA ILE B 6 -5.32 0.42 45.94
C ILE B 6 -3.91 0.22 45.39
N ALA B 7 -3.41 1.18 44.60
CA ALA B 7 -2.07 1.14 44.04
C ALA B 7 -1.89 -0.05 43.12
N PHE B 8 -0.65 -0.33 42.73
CA PHE B 8 -0.33 -1.44 41.86
C PHE B 8 0.31 -2.61 42.59
N GLY B 9 1.33 -2.35 43.40
CA GLY B 9 2.04 -3.37 44.14
C GLY B 9 1.51 -3.66 45.53
N ASP B 10 0.38 -3.09 45.91
CA ASP B 10 -0.18 -3.35 47.23
C ASP B 10 -0.69 -4.78 47.31
N PRO B 11 -0.59 -5.41 48.48
CA PRO B 11 -1.04 -6.81 48.61
C PRO B 11 -2.55 -6.97 48.49
N LYS B 12 -3.32 -5.89 48.38
CA LYS B 12 -4.76 -5.97 48.24
C LYS B 12 -5.22 -5.94 46.79
N ALA B 13 -4.30 -5.89 45.82
CA ALA B 13 -4.65 -5.82 44.42
C ALA B 13 -4.80 -7.23 43.88
N GLN B 14 -6.04 -7.65 43.65
CA GLN B 14 -6.31 -9.02 43.22
C GLN B 14 -5.73 -9.29 41.84
N LYS B 15 -5.35 -10.54 41.63
CA LYS B 15 -4.86 -11.02 40.34
C LYS B 15 -5.59 -12.31 40.01
N LYS B 16 -5.84 -12.53 38.72
CA LYS B 16 -6.58 -13.71 38.27
C LYS B 16 -5.73 -14.49 37.28
N TRP B 17 -5.78 -15.80 37.38
CA TRP B 17 -4.99 -16.68 36.53
C TRP B 17 -5.89 -17.34 35.49
N SER B 18 -5.37 -17.48 34.28
CA SER B 18 -6.13 -18.06 33.18
C SER B 18 -6.05 -19.58 33.26
N SER B 19 -7.21 -20.23 33.26
CA SER B 19 -7.25 -21.68 33.40
C SER B 19 -6.78 -22.38 32.13
N GLU B 20 -6.99 -21.76 30.97
CA GLU B 20 -6.70 -22.41 29.70
C GLU B 20 -5.22 -22.25 29.34
N LEU B 21 -4.62 -23.34 28.89
CA LEU B 21 -3.18 -23.39 28.62
C LEU B 21 -2.90 -23.20 27.14
N ALA B 22 -1.86 -22.42 26.84
CA ALA B 22 -1.30 -22.40 25.51
C ALA B 22 -0.33 -23.56 25.37
N VAL B 23 -0.37 -24.25 24.23
CA VAL B 23 0.42 -25.46 24.04
C VAL B 23 1.20 -25.35 22.74
N ASP B 24 2.32 -26.07 22.70
CA ASP B 24 3.10 -26.21 21.46
C ASP B 24 2.49 -27.35 20.66
N ILE B 25 1.83 -27.00 19.55
CA ILE B 25 1.18 -28.01 18.72
C ILE B 25 2.22 -28.98 18.20
N ARG B 26 1.89 -30.27 18.28
CA ARG B 26 2.81 -31.32 17.87
C ARG B 26 3.24 -31.13 16.42
N LYS B 27 4.51 -31.36 16.16
CA LYS B 27 5.02 -31.27 14.80
C LYS B 27 4.39 -32.37 13.95
N LYS B 28 3.73 -31.98 12.87
CA LYS B 28 3.01 -32.95 12.04
C LYS B 28 3.95 -34.01 11.51
N SER B 29 3.66 -35.27 11.82
CA SER B 29 4.52 -36.38 11.41
C SER B 29 4.15 -36.81 10.01
N TYR B 30 5.15 -36.92 9.14
CA TYR B 30 4.91 -37.30 7.75
C TYR B 30 4.43 -38.73 7.64
N PHE B 31 5.07 -39.66 8.34
CA PHE B 31 4.78 -41.08 8.19
C PHE B 31 3.63 -41.46 9.12
N GLU B 32 2.42 -41.07 8.72
CA GLU B 32 1.22 -41.34 9.47
C GLU B 32 0.75 -42.77 9.15
N SER B 33 -0.48 -43.09 9.55
CA SER B 33 -0.99 -44.45 9.37
C SER B 33 -1.19 -44.81 7.91
N ARG B 34 -1.19 -43.83 7.01
CA ARG B 34 -1.39 -44.13 5.59
C ARG B 34 -0.26 -44.99 5.05
N PHE B 35 0.97 -44.71 5.44
CA PHE B 35 2.12 -45.40 4.87
C PHE B 35 2.45 -46.71 5.59
N ILE B 36 2.56 -46.70 6.91
CA ILE B 36 2.96 -47.90 7.63
C ILE B 36 1.80 -48.89 7.65
N GLY B 37 1.84 -49.85 6.74
CA GLY B 37 0.79 -50.84 6.63
C GLY B 37 1.33 -52.22 6.34
N THR B 38 0.72 -53.24 6.94
CA THR B 38 1.23 -54.59 6.80
C THR B 38 1.07 -55.13 5.38
N SER B 39 0.24 -54.50 4.57
CA SER B 39 0.05 -54.94 3.19
C SER B 39 1.32 -54.69 2.38
N GLU B 40 1.37 -55.29 1.19
CA GLU B 40 2.53 -55.10 0.33
C GLU B 40 2.63 -53.66 -0.16
N ASN B 41 1.52 -53.09 -0.62
CA ASN B 41 1.51 -51.75 -1.18
C ASN B 41 1.46 -50.73 -0.04
N ALA B 42 2.58 -50.63 0.67
CA ALA B 42 2.72 -49.68 1.77
C ALA B 42 4.18 -49.27 1.84
N VAL B 43 4.43 -47.96 1.95
CA VAL B 43 5.80 -47.46 1.85
C VAL B 43 6.68 -48.06 2.94
N ILE B 44 6.17 -48.11 4.17
CA ILE B 44 6.91 -48.62 5.31
C ILE B 44 6.22 -49.90 5.77
N GLN B 45 6.67 -51.04 5.26
CA GLN B 45 6.05 -52.30 5.61
C GLN B 45 6.27 -52.63 7.08
N ARG B 46 5.30 -53.30 7.68
CA ARG B 46 5.41 -53.79 9.04
C ARG B 46 5.65 -55.29 9.03
N LYS B 47 6.60 -55.74 9.83
CA LYS B 47 6.86 -57.17 10.02
C LYS B 47 6.22 -57.60 11.33
N THR B 48 5.27 -58.53 11.25
CA THR B 48 4.47 -58.94 12.40
C THR B 48 4.97 -60.26 13.00
N GLU B 49 6.23 -60.60 12.78
CA GLU B 49 6.71 -61.92 13.22
C GLU B 49 6.92 -61.98 14.73
N VAL B 50 7.49 -60.93 15.32
CA VAL B 50 7.93 -61.00 16.71
C VAL B 50 6.93 -60.34 17.64
N GLU B 51 5.72 -60.06 17.15
CA GLU B 51 4.73 -59.45 18.01
C GLU B 51 4.21 -60.42 19.06
N SER B 52 3.84 -61.62 18.64
CA SER B 52 3.27 -62.62 19.54
C SER B 52 4.24 -63.75 19.85
N ASP B 53 5.49 -63.65 19.42
CA ASP B 53 6.47 -64.70 19.62
C ASP B 53 7.73 -64.09 20.22
N ALA B 54 8.46 -64.91 20.96
CA ALA B 54 9.68 -64.47 21.61
C ALA B 54 10.78 -64.37 20.57
N GLY B 55 11.14 -63.14 20.19
CA GLY B 55 12.16 -62.94 19.18
C GLY B 55 12.76 -61.57 19.32
N ASP B 56 14.02 -61.45 18.92
CA ASP B 56 14.75 -60.20 19.06
C ASP B 56 15.14 -59.61 17.71
N ARG B 57 15.00 -60.37 16.63
CA ARG B 57 15.39 -59.88 15.32
C ARG B 57 14.64 -60.65 14.24
N VAL B 58 14.21 -59.93 13.21
CA VAL B 58 13.41 -60.50 12.13
C VAL B 58 14.25 -60.52 10.87
N SER B 59 14.17 -61.63 10.13
CA SER B 59 14.96 -61.82 8.91
C SER B 59 14.04 -62.20 7.76
N PHE B 60 13.63 -61.20 6.98
CA PHE B 60 12.77 -61.42 5.82
C PHE B 60 13.63 -61.74 4.59
N ASP B 61 12.94 -62.02 3.48
CA ASP B 61 13.60 -62.52 2.29
C ASP B 61 13.07 -61.81 1.03
N LEU B 62 13.92 -61.79 0.01
CA LEU B 62 13.58 -61.27 -1.31
C LEU B 62 13.76 -62.38 -2.32
N SER B 63 12.74 -62.60 -3.15
CA SER B 63 12.82 -63.63 -4.20
C SER B 63 13.16 -62.94 -5.52
N VAL B 64 14.44 -62.98 -5.89
CA VAL B 64 14.86 -62.33 -7.12
C VAL B 64 14.32 -63.12 -8.31
N ARG B 65 14.23 -62.45 -9.45
CA ARG B 65 13.62 -63.03 -10.65
C ARG B 65 14.37 -64.27 -11.10
N LEU B 66 13.74 -64.99 -12.02
CA LEU B 66 14.35 -66.16 -12.63
C LEU B 66 15.05 -65.76 -13.93
N ARG B 67 16.27 -66.24 -14.10
CA ARG B 67 17.07 -65.91 -15.27
C ARG B 67 17.76 -67.17 -15.77
N GLY B 68 17.94 -67.26 -17.08
CA GLY B 68 18.51 -68.45 -17.69
C GLY B 68 18.23 -68.43 -19.18
N GLN B 69 18.64 -69.50 -19.85
CA GLN B 69 18.40 -69.59 -21.28
C GLN B 69 17.36 -70.68 -21.55
N PRO B 70 16.21 -70.33 -22.10
CA PRO B 70 15.22 -71.36 -22.43
C PRO B 70 15.75 -72.27 -23.52
N THR B 71 15.21 -73.49 -23.56
CA THR B 71 15.66 -74.51 -24.50
C THR B 71 14.67 -74.58 -25.66
N PHE B 72 15.05 -73.99 -26.79
CA PHE B 72 14.18 -74.01 -27.97
C PHE B 72 14.25 -75.37 -28.66
N GLY B 73 13.16 -75.72 -29.33
CA GLY B 73 13.11 -76.97 -30.08
C GLY B 73 12.65 -78.14 -29.25
N ASP B 74 13.09 -79.35 -29.62
CA ASP B 74 12.73 -80.57 -28.92
C ASP B 74 13.87 -81.13 -28.09
N ASP B 75 14.86 -80.30 -27.78
CA ASP B 75 15.97 -80.75 -26.94
C ASP B 75 15.46 -81.12 -25.55
N ARG B 76 15.96 -82.22 -25.02
CA ARG B 76 15.51 -82.71 -23.72
C ARG B 76 15.89 -81.72 -22.62
N VAL B 77 15.05 -81.66 -21.58
CA VAL B 77 15.23 -80.74 -20.46
C VAL B 77 15.00 -81.52 -19.17
N GLU B 78 16.07 -81.99 -18.54
CA GLU B 78 15.96 -82.59 -17.22
C GLU B 78 17.04 -82.15 -16.25
N GLY B 79 18.12 -81.53 -16.70
CA GLY B 79 19.16 -81.10 -15.80
C GLY B 79 19.37 -79.60 -15.88
N LYS B 80 19.01 -79.01 -17.01
CA LYS B 80 19.15 -77.57 -17.20
C LYS B 80 18.00 -76.87 -16.48
N GLU B 81 18.06 -76.93 -15.16
CA GLU B 81 17.04 -76.39 -14.28
C GLU B 81 17.63 -75.25 -13.46
N GLU B 82 16.99 -74.09 -13.50
CA GLU B 82 17.48 -72.97 -12.73
C GLU B 82 17.22 -73.17 -11.25
N ASN B 83 17.96 -72.43 -10.43
CA ASN B 83 17.85 -72.50 -8.99
C ASN B 83 17.25 -71.22 -8.45
N LEU B 84 16.40 -71.33 -7.45
CA LEU B 84 15.77 -70.18 -6.83
C LEU B 84 16.75 -69.57 -5.83
N LYS B 85 17.25 -68.38 -6.15
CA LYS B 85 18.17 -67.67 -5.26
C LYS B 85 17.43 -66.57 -4.52
N PHE B 86 17.64 -66.50 -3.21
CA PHE B 86 17.01 -65.50 -2.36
C PHE B 86 18.06 -64.56 -1.77
N TYR B 87 17.59 -63.44 -1.24
CA TYR B 87 18.41 -62.50 -0.51
C TYR B 87 17.77 -62.25 0.84
N THR B 88 18.60 -61.92 1.84
CA THR B 88 18.11 -61.77 3.21
C THR B 88 18.55 -60.44 3.79
N ASP B 89 17.70 -59.90 4.66
CA ASP B 89 18.02 -58.72 5.44
C ASP B 89 17.38 -58.87 6.81
N GLU B 90 18.03 -58.30 7.82
CA GLU B 90 17.61 -58.45 9.20
C GLU B 90 17.31 -57.09 9.82
N VAL B 91 16.35 -57.06 10.74
CA VAL B 91 16.01 -55.88 11.52
C VAL B 91 16.03 -56.26 12.99
N ILE B 92 16.69 -55.44 13.81
CA ILE B 92 16.86 -55.73 15.22
C ILE B 92 15.98 -54.79 16.02
N ILE B 93 15.16 -55.36 16.90
CA ILE B 93 14.26 -54.56 17.71
C ILE B 93 14.96 -54.21 19.02
N ASP B 94 14.43 -53.20 19.70
CA ASP B 94 14.93 -52.78 21.00
C ASP B 94 13.85 -51.96 21.68
N GLN B 95 14.13 -51.54 22.91
CA GLN B 95 13.14 -50.86 23.74
C GLN B 95 13.54 -49.41 23.95
N VAL B 96 12.57 -48.52 23.80
CA VAL B 96 12.73 -47.12 24.18
C VAL B 96 11.57 -46.75 25.08
N ARG B 97 11.83 -45.83 26.01
CA ARG B 97 10.76 -45.30 26.85
C ARG B 97 11.26 -44.03 27.52
N HIS B 98 10.31 -43.25 28.02
CA HIS B 98 10.62 -42.00 28.68
C HIS B 98 9.47 -41.66 29.61
N SER B 99 9.74 -40.85 30.62
CA SER B 99 8.78 -40.64 31.68
C SER B 99 8.71 -39.16 32.06
N VAL B 100 7.53 -38.74 32.52
CA VAL B 100 7.30 -37.38 32.95
C VAL B 100 6.67 -37.41 34.33
N SER B 101 7.08 -36.47 35.19
CA SER B 101 6.64 -36.43 36.58
C SER B 101 5.59 -35.35 36.74
N ALA B 102 4.39 -35.75 37.17
CA ALA B 102 3.30 -34.80 37.30
C ALA B 102 3.53 -33.80 38.42
N GLY B 103 4.42 -34.13 39.34
CA GLY B 103 4.77 -33.22 40.41
C GLY B 103 4.38 -33.80 41.75
N GLY B 104 4.46 -32.98 42.79
CA GLY B 104 4.10 -33.39 44.13
C GLY B 104 2.61 -33.29 44.37
N ARG B 105 2.22 -33.44 45.63
CA ARG B 105 0.87 -33.13 46.05
C ARG B 105 0.74 -31.72 46.58
N MET B 106 1.85 -31.00 46.69
CA MET B 106 1.83 -29.57 46.97
C MET B 106 2.12 -28.74 45.73
N SER B 107 2.88 -29.28 44.78
CA SER B 107 3.07 -28.57 43.52
C SER B 107 1.81 -28.60 42.67
N ARG B 108 0.99 -29.63 42.83
CA ARG B 108 -0.29 -29.67 42.13
C ARG B 108 -1.38 -28.90 42.83
N LYS B 109 -1.09 -28.34 44.01
CA LYS B 109 -2.08 -27.49 44.68
C LYS B 109 -1.94 -26.03 44.25
N ARG B 110 -0.74 -25.61 43.87
CA ARG B 110 -0.47 -24.21 43.60
C ARG B 110 -0.85 -23.78 42.20
N THR B 111 -1.36 -24.67 41.36
CA THR B 111 -1.75 -24.30 40.01
C THR B 111 -3.06 -24.99 39.64
N ALA B 112 -3.93 -24.26 38.94
CA ALA B 112 -5.23 -24.80 38.59
C ALA B 112 -5.14 -25.82 37.46
N HIS B 113 -4.12 -25.71 36.61
CA HIS B 113 -3.98 -26.63 35.50
C HIS B 113 -3.75 -28.04 36.03
N ASP B 114 -4.37 -29.02 35.38
CA ASP B 114 -4.12 -30.41 35.75
C ASP B 114 -2.80 -30.86 35.13
N LEU B 115 -1.90 -31.37 35.97
CA LEU B 115 -0.58 -31.74 35.48
C LEU B 115 -0.48 -33.20 35.05
N ARG B 116 -1.15 -34.11 35.74
CA ARG B 116 -1.08 -35.52 35.37
C ARG B 116 -1.91 -35.84 34.14
N LYS B 117 -2.64 -34.86 33.60
CA LYS B 117 -3.31 -35.02 32.32
C LYS B 117 -2.60 -34.27 31.19
N THR B 118 -1.84 -33.23 31.50
CA THR B 118 -0.95 -32.66 30.49
C THR B 118 0.28 -33.53 30.28
N GLY B 119 0.69 -34.26 31.32
CA GLY B 119 1.82 -35.15 31.16
C GLY B 119 1.59 -36.21 30.10
N ARG B 120 0.40 -36.80 30.09
CA ARG B 120 0.10 -37.82 29.10
C ARG B 120 0.10 -37.25 27.69
N ASP B 121 -0.49 -36.07 27.50
CA ASP B 121 -0.48 -35.46 26.18
C ASP B 121 0.92 -35.11 25.72
N ARG B 122 1.74 -34.57 26.64
CA ARG B 122 3.11 -34.24 26.27
C ARG B 122 3.90 -35.49 25.92
N LEU B 123 3.69 -36.59 26.64
CA LEU B 123 4.35 -37.84 26.28
C LEU B 123 3.90 -38.33 24.91
N GLY B 124 2.60 -38.22 24.63
CA GLY B 124 2.12 -38.61 23.31
C GLY B 124 2.80 -37.83 22.21
N ASP B 125 2.89 -36.51 22.37
CA ASP B 125 3.56 -35.69 21.37
C ASP B 125 5.04 -36.04 21.27
N TYR B 126 5.67 -36.31 22.41
CA TYR B 126 7.09 -36.65 22.42
C TYR B 126 7.35 -37.91 21.62
N PHE B 127 6.55 -38.95 21.83
CA PHE B 127 6.78 -40.19 21.10
C PHE B 127 6.35 -40.10 19.65
N TYR B 128 5.36 -39.26 19.35
CA TYR B 128 4.99 -39.00 17.98
C TYR B 128 6.19 -38.41 17.21
N GLN B 129 6.81 -37.38 17.79
CA GLN B 129 8.02 -36.81 17.19
C GLN B 129 9.15 -37.84 17.11
N LEU B 130 9.35 -38.62 18.18
CA LEU B 130 10.44 -39.59 18.16
C LEU B 130 10.26 -40.60 17.04
N THR B 131 9.04 -41.09 16.86
CA THR B 131 8.79 -42.10 15.83
C THR B 131 9.06 -41.53 14.44
N ASP B 132 8.51 -40.35 14.13
CA ASP B 132 8.74 -39.87 12.77
C ASP B 132 10.21 -39.49 12.55
N GLU B 133 10.89 -39.00 13.59
CA GLU B 133 12.30 -38.68 13.44
C GLU B 133 13.14 -39.92 13.21
N LEU B 134 12.86 -41.02 13.93
CA LEU B 134 13.58 -42.26 13.66
C LEU B 134 13.35 -42.72 12.24
N PHE B 135 12.10 -42.65 11.78
CA PHE B 135 11.81 -43.06 10.40
C PHE B 135 12.64 -42.25 9.41
N PHE B 136 12.67 -40.93 9.59
CA PHE B 136 13.35 -40.10 8.61
C PHE B 136 14.87 -40.26 8.68
N MET B 137 15.42 -40.41 9.87
CA MET B 137 16.87 -40.55 9.93
C MET B 137 17.32 -41.94 9.48
N TYR B 138 16.44 -42.94 9.54
CA TYR B 138 16.84 -44.23 9.02
C TYR B 138 16.67 -44.31 7.51
N LEU B 139 15.57 -43.80 6.96
CA LEU B 139 15.41 -43.80 5.51
C LEU B 139 16.46 -42.92 4.84
N SER B 140 16.72 -41.74 5.40
CA SER B 140 17.61 -40.80 4.75
C SER B 140 19.05 -41.29 4.74
N GLY B 141 19.40 -42.19 5.65
CA GLY B 141 20.73 -42.78 5.62
C GLY B 141 21.56 -42.48 6.84
N ALA B 142 21.49 -41.25 7.34
CA ALA B 142 22.29 -40.86 8.50
C ALA B 142 21.60 -39.70 9.19
N ARG B 143 22.05 -39.39 10.40
CA ARG B 143 21.48 -38.29 11.16
C ARG B 143 22.27 -37.02 10.88
N GLY B 144 21.55 -35.96 10.53
CA GLY B 144 22.20 -34.78 10.01
C GLY B 144 22.60 -33.75 11.04
N ILE B 145 22.11 -32.51 10.88
CA ILE B 145 22.53 -31.39 11.71
C ILE B 145 21.30 -30.69 12.27
N ASN B 146 20.13 -31.00 11.73
CA ASN B 146 18.90 -30.35 12.17
C ASN B 146 18.71 -30.54 13.66
N LYS B 147 18.31 -29.46 14.34
CA LYS B 147 18.35 -29.40 15.78
C LYS B 147 17.05 -29.77 16.46
N ASP B 148 15.91 -29.72 15.75
CA ASP B 148 14.66 -30.09 16.41
C ASP B 148 14.61 -31.56 16.77
N PHE B 149 15.44 -32.39 16.13
CA PHE B 149 15.53 -33.79 16.47
C PHE B 149 15.82 -33.93 17.96
N ILE B 150 14.99 -34.70 18.66
CA ILE B 150 15.18 -34.86 20.09
C ILE B 150 16.46 -35.63 20.38
N LEU B 151 16.86 -36.52 19.49
CA LEU B 151 18.07 -37.30 19.68
C LEU B 151 19.31 -36.41 19.46
N PRO B 152 20.43 -36.79 20.07
CA PRO B 152 21.63 -35.93 20.00
C PRO B 152 22.23 -35.94 18.60
N THR B 153 23.14 -34.98 18.38
CA THR B 153 23.79 -34.84 17.08
C THR B 153 24.64 -36.04 16.74
N SER B 154 25.37 -36.57 17.72
CA SER B 154 26.23 -37.73 17.50
C SER B 154 25.45 -38.99 17.87
N PHE B 155 24.53 -39.36 16.98
CA PHE B 155 23.69 -40.54 17.14
C PHE B 155 23.92 -41.43 15.94
N THR B 156 24.26 -42.69 16.18
CA THR B 156 24.66 -43.59 15.11
C THR B 156 23.69 -44.73 14.88
N GLY B 157 23.12 -45.30 15.94
CA GLY B 157 22.20 -46.41 15.75
C GLY B 157 21.29 -46.68 16.93
N TYR B 158 20.02 -46.88 16.68
CA TYR B 158 19.07 -47.26 17.71
C TYR B 158 19.24 -48.69 17.63
N ALA B 159 19.05 -49.39 18.69
CA ALA B 159 19.36 -50.83 18.72
C ALA B 159 20.72 -50.98 18.04
N LYS B 160 20.98 -52.12 17.40
CA LYS B 160 22.19 -52.28 16.61
C LYS B 160 21.93 -52.12 15.12
N ASN B 161 20.75 -51.64 14.74
CA ASN B 161 20.49 -51.32 13.35
C ASN B 161 21.38 -50.17 12.94
N PRO B 162 22.25 -50.34 11.94
CA PRO B 162 23.18 -49.27 11.59
C PRO B 162 22.64 -48.37 10.49
N PHE B 163 23.06 -47.11 10.56
CA PHE B 163 22.78 -46.16 9.48
C PHE B 163 23.58 -46.56 8.26
N ASN B 164 22.90 -47.01 7.22
CA ASN B 164 23.54 -47.44 5.98
C ASN B 164 23.41 -46.34 4.94
N THR B 165 24.55 -45.82 4.49
CA THR B 165 24.53 -44.84 3.43
C THR B 165 24.03 -45.49 2.14
N PRO B 166 23.26 -44.77 1.33
CA PRO B 166 22.77 -45.35 0.07
C PRO B 166 23.93 -45.71 -0.84
N ASP B 167 23.76 -46.83 -1.55
CA ASP B 167 24.80 -47.30 -2.45
C ASP B 167 24.89 -46.41 -3.68
N ALA B 168 25.82 -46.76 -4.58
CA ALA B 168 26.07 -45.92 -5.74
C ALA B 168 24.90 -45.90 -6.73
N ALA B 169 23.98 -46.85 -6.63
CA ALA B 169 22.86 -46.93 -7.56
C ALA B 169 21.61 -46.22 -7.08
N HIS B 170 21.67 -45.53 -5.93
CA HIS B 170 20.51 -44.83 -5.41
C HIS B 170 20.79 -43.38 -5.04
N LEU B 171 22.01 -42.90 -5.19
CA LEU B 171 22.35 -41.52 -4.87
C LEU B 171 22.36 -40.71 -6.16
N LEU B 172 21.50 -39.69 -6.22
CA LEU B 172 21.50 -38.73 -7.31
C LEU B 172 21.83 -37.37 -6.72
N TYR B 173 22.87 -36.74 -7.23
CA TYR B 173 23.46 -35.58 -6.59
C TYR B 173 22.95 -34.25 -7.15
N GLY B 174 21.81 -34.27 -7.83
CA GLY B 174 21.12 -33.04 -8.17
C GLY B 174 21.90 -32.03 -8.98
N GLY B 175 22.19 -32.33 -10.23
CA GLY B 175 22.86 -31.40 -11.10
C GLY B 175 24.07 -31.98 -11.79
N VAL B 176 25.12 -31.18 -11.96
CA VAL B 176 26.35 -31.65 -12.59
C VAL B 176 27.24 -32.28 -11.52
N ALA B 177 26.71 -32.41 -10.31
CA ALA B 177 27.46 -33.03 -9.23
C ALA B 177 27.63 -34.51 -9.47
N THR B 178 28.68 -35.08 -8.90
CA THR B 178 29.00 -36.49 -9.11
C THR B 178 29.20 -37.21 -7.78
N SER B 179 29.63 -36.49 -6.76
CA SER B 179 29.87 -37.07 -5.45
C SER B 179 29.65 -36.01 -4.39
N LYS B 180 29.87 -36.38 -3.13
CA LYS B 180 29.69 -35.44 -2.03
C LYS B 180 30.61 -34.24 -2.17
N ALA B 181 31.79 -34.42 -2.75
CA ALA B 181 32.75 -33.33 -2.86
C ALA B 181 32.39 -32.32 -3.95
N SER B 182 31.50 -32.68 -4.87
CA SER B 182 31.23 -31.84 -6.03
C SER B 182 30.01 -30.94 -5.87
N LEU B 183 29.35 -30.95 -4.72
CA LEU B 183 28.21 -30.06 -4.51
C LEU B 183 28.65 -28.60 -4.60
N ALA B 184 27.88 -27.80 -5.34
CA ALA B 184 28.24 -26.40 -5.57
C ALA B 184 27.06 -25.50 -5.25
N ASN B 185 27.18 -24.22 -5.60
CA ASN B 185 26.12 -23.26 -5.31
C ASN B 185 24.85 -23.59 -6.08
N THR B 186 24.97 -23.99 -7.33
CA THR B 186 23.83 -24.16 -8.21
C THR B 186 23.31 -25.59 -8.26
N ASP B 187 23.84 -26.50 -7.43
CA ASP B 187 23.38 -27.88 -7.43
C ASP B 187 22.09 -28.02 -6.64
N THR B 188 21.10 -27.20 -6.95
CA THR B 188 19.85 -27.22 -6.22
C THR B 188 18.87 -28.21 -6.84
N MET B 189 17.87 -28.60 -6.06
CA MET B 189 16.92 -29.60 -6.53
C MET B 189 15.97 -28.96 -7.52
N SER B 190 15.90 -29.54 -8.73
CA SER B 190 15.24 -28.91 -9.86
C SER B 190 14.18 -29.87 -10.41
N ARG B 191 13.47 -29.42 -11.44
CA ARG B 191 12.59 -30.32 -12.18
C ARG B 191 13.40 -31.36 -12.93
N VAL B 192 14.59 -30.99 -13.39
CA VAL B 192 15.44 -31.94 -14.10
C VAL B 192 15.84 -33.09 -13.18
N VAL B 193 16.15 -32.77 -11.93
CA VAL B 193 16.62 -33.80 -11.00
C VAL B 193 15.53 -34.83 -10.73
N ILE B 194 14.28 -34.37 -10.59
CA ILE B 194 13.20 -35.30 -10.29
C ILE B 194 12.89 -36.18 -11.49
N GLU B 195 12.94 -35.62 -12.70
CA GLU B 195 12.76 -36.45 -13.89
C GLU B 195 13.89 -37.48 -14.02
N ARG B 196 15.12 -37.07 -13.72
CA ARG B 196 16.22 -38.02 -13.72
C ARG B 196 16.02 -39.09 -12.66
N ALA B 197 15.43 -38.73 -11.51
CA ALA B 197 15.13 -39.72 -10.51
C ALA B 197 14.06 -40.70 -10.98
N ASN B 198 13.06 -40.20 -11.70
CA ASN B 198 12.05 -41.09 -12.27
C ASN B 198 12.68 -42.07 -13.25
N VAL B 199 13.58 -41.57 -14.10
CA VAL B 199 14.26 -42.44 -15.06
C VAL B 199 15.10 -43.48 -14.32
N GLN B 200 15.81 -43.06 -13.28
CA GLN B 200 16.56 -44.02 -12.48
C GLN B 200 15.67 -45.07 -11.85
N ALA B 201 14.51 -44.66 -11.32
CA ALA B 201 13.60 -45.58 -10.66
C ALA B 201 12.98 -46.57 -11.62
N THR B 202 12.66 -46.16 -12.84
CA THR B 202 12.03 -47.07 -13.79
C THR B 202 13.03 -47.93 -14.53
N MET B 203 14.31 -47.57 -14.54
CA MET B 203 15.30 -48.36 -15.27
C MET B 203 16.57 -48.54 -14.46
N MET B 204 16.43 -49.00 -13.21
CA MET B 204 17.59 -49.43 -12.45
C MET B 204 18.09 -50.78 -12.96
N GLN B 205 17.17 -51.70 -13.24
CA GLN B 205 17.55 -53.06 -13.58
C GLN B 205 18.28 -53.15 -14.91
N ALA B 206 17.84 -52.42 -15.92
CA ALA B 206 18.45 -52.55 -17.24
C ALA B 206 19.89 -52.07 -17.24
N GLN B 207 20.30 -51.27 -16.25
CA GLN B 207 21.70 -50.92 -16.12
C GLN B 207 22.44 -51.93 -15.26
N ASP B 208 21.86 -52.36 -14.15
CA ASP B 208 22.46 -53.36 -13.27
C ASP B 208 21.50 -54.54 -13.15
N PRO B 209 21.84 -55.72 -13.68
CA PRO B 209 20.88 -56.83 -13.71
C PRO B 209 20.70 -57.54 -12.38
N GLU B 210 21.22 -56.99 -11.28
CA GLU B 210 21.05 -57.60 -9.97
C GLU B 210 20.29 -56.73 -8.98
N THR B 211 20.08 -55.45 -9.28
CA THR B 211 19.34 -54.58 -8.39
C THR B 211 17.86 -54.95 -8.39
N ALA B 212 17.20 -54.71 -7.26
CA ALA B 212 15.78 -54.97 -7.13
C ALA B 212 14.98 -53.83 -7.74
N ASN B 213 13.95 -54.17 -8.49
CA ASN B 213 13.16 -53.17 -9.20
C ASN B 213 12.25 -52.42 -8.23
N MET B 214 12.12 -51.12 -8.45
CA MET B 214 11.20 -50.28 -7.68
C MET B 214 9.84 -50.24 -8.35
N VAL B 215 8.81 -50.06 -7.54
CA VAL B 215 7.45 -49.90 -8.07
C VAL B 215 6.74 -48.78 -7.32
N PRO B 216 5.76 -48.17 -7.95
CA PRO B 216 5.01 -47.08 -7.32
C PRO B 216 4.19 -47.56 -6.12
N VAL B 217 3.61 -46.60 -5.43
CA VAL B 217 2.82 -46.83 -4.23
C VAL B 217 1.48 -46.12 -4.40
N SER B 218 0.46 -46.63 -3.70
CA SER B 218 -0.88 -46.07 -3.79
C SER B 218 -0.97 -44.84 -2.90
N VAL B 219 -0.73 -43.66 -3.51
CA VAL B 219 -0.90 -42.38 -2.85
C VAL B 219 -1.72 -41.50 -3.78
N GLU B 220 -2.46 -40.56 -3.16
CA GLU B 220 -3.47 -39.78 -3.88
C GLU B 220 -4.36 -40.70 -4.70
N GLY B 221 -4.30 -40.60 -6.02
CA GLY B 221 -5.07 -41.48 -6.88
C GLY B 221 -4.56 -42.90 -6.88
N GLU B 222 -3.41 -43.14 -7.48
CA GLU B 222 -2.85 -44.48 -7.60
C GLU B 222 -1.47 -44.41 -8.22
N ASP B 223 -0.60 -45.34 -7.80
CA ASP B 223 0.66 -45.65 -8.48
C ASP B 223 1.50 -44.41 -8.74
N ARG B 224 1.93 -43.77 -7.66
CA ARG B 224 2.80 -42.60 -7.73
C ARG B 224 4.00 -42.80 -6.82
N TYR B 225 5.18 -42.43 -7.31
CA TYR B 225 6.32 -42.31 -6.43
C TYR B 225 6.16 -41.08 -5.56
N VAL B 226 6.66 -41.15 -4.34
CA VAL B 226 6.52 -40.08 -3.36
C VAL B 226 7.90 -39.52 -3.06
N CYS B 227 8.06 -38.22 -3.25
CA CYS B 227 9.33 -37.54 -3.01
C CYS B 227 9.18 -36.58 -1.83
N VAL B 228 10.09 -36.68 -0.87
CA VAL B 228 10.05 -35.87 0.34
C VAL B 228 11.19 -34.88 0.30
N MET B 229 10.87 -33.61 0.51
CA MET B 229 11.82 -32.51 0.37
C MET B 229 11.93 -31.75 1.68
N SER B 230 13.16 -31.42 2.08
CA SER B 230 13.34 -30.47 3.15
C SER B 230 12.85 -29.10 2.70
N PRO B 231 12.19 -28.33 3.56
CA PRO B 231 11.63 -27.04 3.12
C PRO B 231 12.66 -26.10 2.54
N PHE B 232 13.93 -26.23 2.92
CA PHE B 232 14.98 -25.43 2.31
C PHE B 232 15.15 -25.75 0.83
N GLN B 233 14.70 -26.93 0.40
CA GLN B 233 14.73 -27.30 -1.01
C GLN B 233 13.47 -26.88 -1.74
N GLU B 234 12.30 -26.98 -1.09
CA GLU B 234 11.09 -26.49 -1.71
C GLU B 234 11.14 -24.98 -1.90
N HIS B 235 11.83 -24.28 -1.01
CA HIS B 235 12.04 -22.84 -1.22
C HIS B 235 12.86 -22.59 -2.47
N SER B 236 13.88 -23.42 -2.70
CA SER B 236 14.68 -23.28 -3.91
C SER B 236 13.85 -23.57 -5.16
N LEU B 237 12.97 -24.56 -5.09
CA LEU B 237 12.08 -24.83 -6.22
C LEU B 237 11.15 -23.66 -6.47
N ARG B 238 10.57 -23.08 -5.42
CA ARG B 238 9.54 -22.07 -5.59
C ARG B 238 10.09 -20.67 -5.85
N THR B 239 11.36 -20.41 -5.60
CA THR B 239 11.90 -19.06 -5.75
C THR B 239 13.12 -19.03 -6.65
N SER B 240 13.05 -19.66 -7.82
CA SER B 240 14.15 -19.59 -8.77
C SER B 240 13.60 -19.78 -10.18
N ASP B 241 13.99 -18.88 -11.09
CA ASP B 241 13.60 -19.04 -12.48
C ASP B 241 14.35 -20.21 -13.10
N ALA B 242 15.62 -20.38 -12.75
CA ALA B 242 16.29 -21.65 -12.99
C ALA B 242 15.69 -22.72 -12.08
N ALA B 243 16.04 -23.98 -12.34
CA ALA B 243 15.40 -25.11 -11.67
C ALA B 243 13.89 -25.06 -11.90
N GLY B 244 13.54 -25.28 -13.17
CA GLY B 244 12.28 -24.82 -13.71
C GLY B 244 11.03 -25.53 -13.22
N TRP B 245 10.69 -25.31 -11.96
CA TRP B 245 9.35 -25.65 -11.48
C TRP B 245 8.40 -24.48 -11.67
N LEU B 246 8.88 -23.26 -11.48
CA LEU B 246 8.04 -22.08 -11.65
C LEU B 246 7.56 -21.95 -13.08
N GLU B 247 8.39 -22.33 -14.05
CA GLU B 247 7.98 -22.17 -15.45
C GLU B 247 6.76 -23.02 -15.76
N ILE B 248 6.83 -24.32 -15.46
CA ILE B 248 5.70 -25.18 -15.77
C ILE B 248 4.51 -24.87 -14.88
N GLN B 249 4.76 -24.41 -13.64
CA GLN B 249 3.61 -24.09 -12.79
C GLN B 249 2.92 -22.81 -13.25
N LYS B 250 3.66 -21.84 -13.77
CA LYS B 250 3.02 -20.69 -14.38
C LYS B 250 2.26 -21.09 -15.63
N ALA B 251 2.83 -22.00 -16.41
CA ALA B 251 2.10 -22.50 -17.57
C ALA B 251 0.77 -23.13 -17.16
N ALA B 252 0.77 -23.87 -16.06
CA ALA B 252 -0.49 -24.45 -15.57
C ALA B 252 -1.41 -23.38 -15.01
N ALA B 253 -0.86 -22.41 -14.28
CA ALA B 253 -1.66 -21.33 -13.72
C ALA B 253 -2.31 -20.49 -14.80
N ALA B 254 -1.78 -20.53 -16.01
CA ALA B 254 -2.46 -19.86 -17.12
C ALA B 254 -3.82 -20.49 -17.42
N ALA B 255 -4.09 -21.69 -16.92
CA ALA B 255 -5.38 -22.35 -17.10
C ALA B 255 -6.20 -22.40 -15.83
N GLU B 256 -5.56 -22.52 -14.66
CA GLU B 256 -6.23 -22.45 -13.37
C GLU B 256 -5.83 -21.15 -12.71
N GLY B 257 -6.82 -20.31 -12.41
CA GLY B 257 -6.52 -18.96 -11.99
C GLY B 257 -5.78 -18.82 -10.68
N ARG B 258 -6.45 -19.13 -9.58
CA ARG B 258 -5.86 -19.02 -8.24
C ARG B 258 -5.85 -20.35 -7.51
N ASN B 259 -6.07 -21.45 -8.21
CA ASN B 259 -5.96 -22.77 -7.61
C ASN B 259 -4.58 -23.38 -7.81
N ASN B 260 -3.68 -22.66 -8.45
CA ASN B 260 -2.37 -23.21 -8.76
C ASN B 260 -1.56 -23.39 -7.47
N PRO B 261 -0.66 -24.35 -7.43
CA PRO B 261 0.19 -24.53 -6.24
C PRO B 261 1.13 -23.36 -5.96
N ILE B 262 1.09 -22.29 -6.76
CA ILE B 262 1.85 -21.09 -6.40
C ILE B 262 1.04 -20.25 -5.43
N PHE B 263 -0.19 -19.91 -5.79
CA PHE B 263 -1.02 -19.07 -4.94
C PHE B 263 -1.53 -19.84 -3.73
N LYS B 264 -1.94 -21.09 -3.92
CA LYS B 264 -2.36 -21.94 -2.82
C LYS B 264 -1.18 -22.80 -2.40
N GLY B 265 -1.04 -23.00 -1.09
CA GLY B 265 0.11 -23.73 -0.58
C GLY B 265 0.17 -25.13 -1.15
N GLY B 266 1.39 -25.61 -1.35
CA GLY B 266 1.58 -26.95 -1.89
C GLY B 266 2.75 -26.99 -2.85
N LEU B 267 2.99 -28.16 -3.45
CA LEU B 267 4.05 -28.27 -4.43
C LEU B 267 3.65 -29.09 -5.65
N GLY B 268 2.50 -29.76 -5.63
CA GLY B 268 1.97 -30.40 -6.81
C GLY B 268 2.80 -31.61 -7.25
N MET B 269 2.77 -31.86 -8.55
CA MET B 269 3.48 -32.99 -9.14
C MET B 269 4.42 -32.48 -10.22
N ILE B 270 5.48 -33.24 -10.48
CA ILE B 270 6.43 -32.86 -11.52
C ILE B 270 6.56 -33.96 -12.56
N GLY B 271 6.98 -35.15 -12.15
CA GLY B 271 7.02 -36.23 -13.11
C GLY B 271 5.66 -36.89 -13.10
N ASN B 272 5.61 -38.15 -12.71
CA ASN B 272 4.41 -38.70 -12.12
C ASN B 272 4.49 -38.65 -10.61
N THR B 273 5.55 -38.03 -10.09
CA THR B 273 5.87 -38.04 -8.67
C THR B 273 5.03 -37.03 -7.91
N VAL B 274 4.60 -37.42 -6.71
CA VAL B 274 3.82 -36.54 -5.84
C VAL B 274 4.80 -35.93 -4.84
N LEU B 275 5.19 -34.69 -5.07
CA LEU B 275 6.15 -34.05 -4.17
C LEU B 275 5.51 -33.70 -2.83
N HIS B 276 6.31 -33.76 -1.78
CA HIS B 276 5.90 -33.38 -0.45
C HIS B 276 7.05 -32.67 0.22
N SER B 277 6.74 -31.91 1.28
CA SER B 277 7.76 -31.18 2.00
C SER B 277 7.51 -31.32 3.49
N HIS B 278 8.47 -31.90 4.21
CA HIS B 278 8.38 -32.05 5.65
C HIS B 278 9.67 -31.59 6.29
N ARG B 279 9.57 -30.95 7.46
CA ARG B 279 10.74 -30.37 8.09
C ARG B 279 11.71 -31.41 8.60
N ASN B 280 11.24 -32.61 8.94
CA ASN B 280 12.13 -33.63 9.46
C ASN B 280 12.85 -34.36 8.35
N VAL B 281 13.50 -33.64 7.46
CA VAL B 281 14.36 -34.26 6.44
C VAL B 281 15.80 -34.06 6.89
N VAL B 282 16.57 -35.15 6.85
CA VAL B 282 17.95 -35.07 7.31
C VAL B 282 18.71 -34.06 6.46
N ARG B 283 19.42 -33.16 7.12
CA ARG B 283 20.15 -32.10 6.45
C ARG B 283 21.59 -32.09 6.95
N PHE B 284 22.54 -32.13 6.03
CA PHE B 284 23.95 -32.14 6.37
C PHE B 284 24.55 -30.75 6.21
N SER B 285 25.78 -30.60 6.70
CA SER B 285 26.57 -29.39 6.50
C SER B 285 28.02 -29.70 6.18
N ASP B 286 28.32 -30.92 5.75
CA ASP B 286 29.68 -31.38 5.48
C ASP B 286 30.00 -31.36 3.99
N TYR B 287 28.99 -31.18 3.14
CA TYR B 287 29.11 -31.37 1.71
C TYR B 287 29.95 -30.27 1.07
N GLY B 288 30.03 -30.30 -0.25
CA GLY B 288 30.73 -29.30 -1.02
C GLY B 288 32.21 -29.58 -1.18
N ALA B 289 32.86 -28.73 -1.98
CA ALA B 289 34.31 -28.83 -2.14
C ALA B 289 35.02 -28.64 -0.82
N GLY B 290 34.64 -27.60 -0.08
CA GLY B 290 35.07 -27.46 1.30
C GLY B 290 34.19 -28.26 2.23
N SER B 291 34.39 -28.03 3.53
CA SER B 291 33.54 -28.68 4.51
C SER B 291 32.36 -27.81 4.94
N ASP B 292 32.18 -26.64 4.34
CA ASP B 292 31.12 -25.71 4.71
C ASP B 292 30.21 -25.49 3.51
N GLN B 293 29.23 -26.38 3.34
CA GLN B 293 28.22 -26.29 2.30
C GLN B 293 26.94 -26.98 2.77
N PRO B 294 25.83 -26.27 2.91
CA PRO B 294 24.59 -26.92 3.30
C PRO B 294 24.13 -27.92 2.25
N ALA B 295 23.51 -29.00 2.72
CA ALA B 295 22.99 -30.03 1.83
C ALA B 295 21.98 -30.86 2.58
N ALA B 296 20.96 -31.32 1.85
CA ALA B 296 19.90 -32.12 2.45
C ALA B 296 19.66 -33.35 1.59
N ARG B 297 19.23 -34.43 2.23
CA ARG B 297 19.06 -35.71 1.56
C ARG B 297 17.57 -35.95 1.34
N ALA B 298 17.06 -35.41 0.24
CA ALA B 298 15.68 -35.66 -0.13
C ALA B 298 15.48 -37.12 -0.52
N LEU B 299 14.27 -37.62 -0.32
CA LEU B 299 13.97 -39.02 -0.55
C LEU B 299 13.08 -39.19 -1.76
N PHE B 300 13.13 -40.37 -2.36
CA PHE B 300 12.29 -40.75 -3.50
C PHE B 300 11.84 -42.18 -3.24
N MET B 301 10.69 -42.35 -2.59
CA MET B 301 10.33 -43.61 -1.98
C MET B 301 9.56 -44.52 -2.91
N GLY B 302 9.77 -45.82 -2.78
CA GLY B 302 9.08 -46.82 -3.56
C GLY B 302 8.24 -47.74 -2.69
N ARG B 303 8.13 -49.02 -3.07
CA ARG B 303 7.21 -49.91 -2.38
C ARG B 303 7.60 -50.13 -0.92
N GLN B 304 8.73 -50.76 -0.67
CA GLN B 304 9.12 -51.13 0.69
C GLN B 304 10.38 -50.35 1.05
N ALA B 305 10.18 -49.12 1.51
CA ALA B 305 11.32 -48.27 1.87
C ALA B 305 12.03 -48.81 3.10
N ALA B 306 11.26 -49.11 4.15
CA ALA B 306 11.85 -49.58 5.40
C ALA B 306 10.86 -50.50 6.09
N VAL B 307 11.37 -51.36 6.94
CA VAL B 307 10.56 -52.30 7.69
C VAL B 307 10.47 -51.83 9.13
N VAL B 308 9.36 -52.17 9.78
CA VAL B 308 9.17 -51.93 11.21
C VAL B 308 8.72 -53.22 11.84
N ALA B 309 9.33 -53.58 12.96
CA ALA B 309 9.01 -54.82 13.67
C ALA B 309 8.64 -54.43 15.10
N TYR B 310 7.34 -54.34 15.36
CA TYR B 310 6.90 -54.09 16.72
C TYR B 310 6.92 -55.40 17.53
N GLY B 311 6.91 -55.26 18.84
CA GLY B 311 6.94 -56.42 19.70
C GLY B 311 5.97 -56.31 20.86
N THR B 312 4.92 -55.53 20.69
CA THR B 312 3.94 -55.28 21.74
C THR B 312 2.56 -55.65 21.22
N LYS B 313 2.11 -56.86 21.54
CA LYS B 313 0.77 -57.36 21.21
C LYS B 313 0.53 -57.13 19.71
N GLY B 314 -0.64 -56.64 19.30
CA GLY B 314 -0.93 -56.41 17.91
C GLY B 314 -0.75 -54.94 17.56
N GLY B 315 0.25 -54.66 16.73
CA GLY B 315 0.48 -53.33 16.25
C GLY B 315 1.17 -52.44 17.27
N LEU B 316 1.35 -51.18 16.86
CA LEU B 316 2.01 -50.18 17.70
C LEU B 316 1.18 -49.95 18.96
N ARG B 317 1.82 -50.07 20.12
CA ARG B 317 1.15 -49.88 21.39
C ARG B 317 2.11 -49.24 22.37
N TYR B 318 1.91 -47.95 22.64
CA TYR B 318 2.63 -47.28 23.72
C TYR B 318 2.09 -47.79 25.05
N ASP B 319 2.87 -48.62 25.72
CA ASP B 319 2.43 -49.28 26.96
C ASP B 319 2.51 -48.27 28.10
N TRP B 320 1.45 -47.48 28.26
CA TRP B 320 1.39 -46.48 29.31
C TRP B 320 1.48 -47.16 30.67
N GLN B 321 2.59 -46.93 31.36
CA GLN B 321 2.80 -47.46 32.70
C GLN B 321 2.83 -46.30 33.69
N GLU B 322 2.00 -46.38 34.72
CA GLU B 322 1.90 -45.34 35.73
C GLU B 322 2.36 -45.91 37.07
N GLU B 323 3.31 -45.23 37.70
CA GLU B 323 3.76 -45.62 39.03
C GLU B 323 3.93 -44.36 39.87
N THR B 324 3.46 -44.42 41.12
CA THR B 324 3.48 -43.28 42.03
C THR B 324 4.64 -43.44 43.01
N LYS B 325 5.39 -42.35 43.19
CA LYS B 325 6.56 -42.37 44.05
C LYS B 325 6.27 -41.64 45.36
N ASP B 326 6.90 -42.11 46.42
CA ASP B 326 6.86 -41.46 47.74
C ASP B 326 5.41 -41.39 48.25
N TYR B 327 4.86 -42.58 48.52
CA TYR B 327 3.54 -42.70 49.14
C TYR B 327 2.46 -41.97 48.36
N GLY B 328 2.53 -42.03 47.04
CA GLY B 328 1.55 -41.35 46.21
C GLY B 328 1.73 -39.86 46.09
N ASN B 329 2.86 -39.32 46.55
CA ASN B 329 3.07 -37.87 46.48
C ASN B 329 3.32 -37.41 45.06
N GLU B 330 4.05 -38.21 44.27
CA GLU B 330 4.55 -37.78 42.96
C GLU B 330 4.08 -38.74 41.88
N PRO B 331 2.85 -38.60 41.40
CA PRO B 331 2.40 -39.45 40.28
C PRO B 331 3.23 -39.17 39.04
N THR B 332 3.64 -40.23 38.35
CA THR B 332 4.44 -40.12 37.15
C THR B 332 3.90 -41.05 36.09
N VAL B 333 4.14 -40.69 34.83
CA VAL B 333 3.68 -41.46 33.68
C VAL B 333 4.88 -41.82 32.84
N ALA B 334 5.05 -43.12 32.57
CA ALA B 334 6.16 -43.62 31.79
C ALA B 334 5.64 -44.53 30.70
N SER B 335 6.04 -44.26 29.45
CA SER B 335 5.53 -45.00 28.31
C SER B 335 6.65 -45.24 27.33
N GLY B 336 6.44 -46.20 26.44
CA GLY B 336 7.46 -46.52 25.46
C GLY B 336 6.95 -47.54 24.46
N PHE B 337 7.88 -48.06 23.67
CA PHE B 337 7.54 -49.07 22.68
C PHE B 337 8.78 -49.89 22.36
N ILE B 338 8.54 -51.11 21.86
CA ILE B 338 9.60 -52.01 21.43
C ILE B 338 9.49 -52.14 19.92
N ALA B 339 10.34 -51.43 19.19
CA ALA B 339 10.31 -51.45 17.74
C ALA B 339 11.72 -51.46 17.19
N GLY B 340 11.82 -51.64 15.88
CA GLY B 340 13.09 -51.55 15.19
C GLY B 340 12.88 -51.14 13.74
N ILE B 341 13.55 -50.10 13.30
CA ILE B 341 13.35 -49.53 11.97
C ILE B 341 14.65 -49.65 11.20
N LYS B 342 14.59 -50.22 10.01
CA LYS B 342 15.77 -50.31 9.16
C LYS B 342 15.31 -50.27 7.70
N LYS B 343 16.05 -49.51 6.88
CA LYS B 343 15.74 -49.49 5.46
C LYS B 343 16.12 -50.83 4.85
N THR B 344 15.24 -51.36 4.01
CA THR B 344 15.46 -52.68 3.42
C THR B 344 16.68 -52.63 2.51
N ARG B 345 17.65 -53.50 2.77
CA ARG B 345 18.84 -53.63 1.92
C ARG B 345 19.02 -55.10 1.57
N PHE B 346 18.34 -55.55 0.53
CA PHE B 346 18.63 -56.85 -0.03
C PHE B 346 19.85 -56.76 -0.92
N ASN B 347 20.66 -57.81 -0.91
CA ASN B 347 22.00 -57.78 -1.51
C ASN B 347 22.74 -56.65 -0.79
N ASP B 348 23.43 -55.76 -1.50
CA ASP B 348 24.05 -54.60 -0.88
C ASP B 348 23.51 -53.29 -1.46
N ARG B 349 22.34 -53.33 -2.09
CA ARG B 349 21.75 -52.16 -2.72
C ARG B 349 20.38 -51.89 -2.11
N ASP B 350 20.06 -50.61 -1.94
CA ASP B 350 18.78 -50.25 -1.35
C ASP B 350 17.62 -50.70 -2.23
N PHE B 351 16.51 -51.03 -1.58
CA PHE B 351 15.31 -51.50 -2.27
C PHE B 351 14.19 -50.51 -1.96
N GLY B 352 13.89 -49.64 -2.92
CA GLY B 352 12.73 -48.76 -2.82
C GLY B 352 13.00 -47.34 -2.37
N VAL B 353 14.26 -46.96 -2.14
CA VAL B 353 14.59 -45.60 -1.74
C VAL B 353 15.69 -45.07 -2.65
N ILE B 354 15.41 -43.98 -3.33
CA ILE B 354 16.40 -43.26 -4.13
C ILE B 354 16.64 -41.93 -3.43
N SER B 355 17.83 -41.76 -2.88
CA SER B 355 18.11 -40.60 -2.02
C SER B 355 18.62 -39.46 -2.89
N ILE B 356 17.70 -38.65 -3.39
CA ILE B 356 18.08 -37.44 -4.12
C ILE B 356 18.79 -36.50 -3.16
N ASP B 357 20.07 -36.27 -3.40
CA ASP B 357 20.91 -35.43 -2.54
C ASP B 357 21.20 -34.13 -3.25
N THR B 358 20.89 -33.01 -2.61
CA THR B 358 20.99 -31.71 -3.27
C THR B 358 21.59 -30.68 -2.32
N TYR B 359 21.58 -29.43 -2.80
CA TYR B 359 22.07 -28.28 -2.05
C TYR B 359 20.90 -27.46 -1.55
N ALA B 360 20.87 -27.18 -0.25
CA ALA B 360 19.75 -26.47 0.38
C ALA B 360 20.30 -25.45 1.35
N LYS B 361 20.54 -24.23 0.86
CA LYS B 361 21.04 -23.15 1.69
C LYS B 361 19.93 -22.60 2.56
N ASP B 362 20.25 -22.33 3.81
CA ASP B 362 19.26 -21.79 4.74
C ASP B 362 18.85 -20.40 4.26
N PRO B 363 17.57 -20.17 3.99
CA PRO B 363 17.16 -18.86 3.47
C PRO B 363 17.42 -17.71 4.44
N ASN B 364 17.32 -17.96 5.74
CA ASN B 364 17.42 -16.89 6.72
C ASN B 364 18.75 -16.97 7.45
N PRO B 365 19.71 -16.10 7.16
CA PRO B 365 21.00 -16.17 7.87
C PRO B 365 20.94 -15.66 9.29
N ASN B 366 19.90 -14.91 9.66
CA ASN B 366 19.82 -14.37 11.02
C ASN B 366 19.68 -15.49 12.05
N ASN B 367 18.87 -16.50 11.74
CA ASN B 367 18.61 -17.59 12.67
C ASN B 367 19.80 -18.52 12.79
N SER C 2 22.32 -59.17 41.26
CA SER C 2 22.40 -58.39 40.04
C SER C 2 21.03 -58.31 39.37
N SER C 3 21.03 -58.34 38.04
CA SER C 3 19.81 -58.42 37.25
C SER C 3 20.09 -59.27 36.03
N THR C 4 19.16 -60.14 35.68
CA THR C 4 19.37 -61.03 34.54
C THR C 4 19.43 -60.21 33.25
N VAL C 5 20.45 -60.48 32.44
CA VAL C 5 20.61 -59.84 31.14
C VAL C 5 20.93 -60.93 30.13
N ILE C 6 20.25 -60.88 28.97
CA ILE C 6 20.51 -61.85 27.93
C ILE C 6 21.55 -61.31 26.95
N ALA C 7 21.70 -59.98 26.86
CA ALA C 7 22.70 -59.33 26.01
C ALA C 7 22.43 -59.55 24.53
N PHE C 8 23.02 -58.69 23.69
CA PHE C 8 22.70 -58.74 22.26
C PHE C 8 23.41 -59.90 21.57
N GLY C 9 24.69 -60.10 21.87
CA GLY C 9 25.47 -61.09 21.15
C GLY C 9 25.36 -62.52 21.63
N ASP C 10 24.66 -62.74 22.73
CA ASP C 10 24.53 -64.08 23.28
C ASP C 10 23.72 -64.95 22.32
N PRO C 11 24.19 -66.15 21.97
CA PRO C 11 23.43 -66.99 21.02
C PRO C 11 22.10 -67.48 21.55
N LYS C 12 21.65 -66.98 22.69
CA LYS C 12 20.27 -67.21 23.11
C LYS C 12 19.31 -66.21 22.48
N ALA C 13 19.79 -65.22 21.74
CA ALA C 13 18.91 -64.21 21.18
C ALA C 13 18.06 -64.83 20.08
N GLN C 14 16.85 -65.27 20.43
CA GLN C 14 15.99 -65.94 19.48
C GLN C 14 15.73 -65.04 18.27
N LYS C 15 15.80 -65.63 17.08
CA LYS C 15 15.68 -64.90 15.83
C LYS C 15 14.58 -65.54 15.00
N LYS C 16 13.59 -64.74 14.61
CA LYS C 16 12.42 -65.24 13.89
C LYS C 16 12.53 -64.87 12.42
N TRP C 17 12.24 -65.84 11.56
CA TRP C 17 12.35 -65.66 10.12
C TRP C 17 10.97 -65.38 9.53
N SER C 18 10.85 -64.26 8.84
CA SER C 18 9.57 -63.87 8.25
C SER C 18 9.20 -64.82 7.11
N SER C 19 7.93 -65.17 7.05
CA SER C 19 7.43 -66.09 6.04
C SER C 19 6.95 -65.39 4.77
N GLU C 20 6.86 -64.07 4.78
CA GLU C 20 6.44 -63.33 3.59
C GLU C 20 7.63 -63.10 2.67
N LEU C 21 7.45 -63.41 1.39
CA LEU C 21 8.50 -63.24 0.39
C LEU C 21 8.24 -61.94 -0.36
N ALA C 22 9.00 -60.91 -0.03
CA ALA C 22 9.03 -59.73 -0.90
C ALA C 22 9.54 -60.15 -2.27
N VAL C 23 8.85 -59.72 -3.32
CA VAL C 23 9.09 -60.23 -4.66
C VAL C 23 9.42 -59.07 -5.58
N ASP C 24 10.42 -59.28 -6.45
CA ASP C 24 10.68 -58.33 -7.52
C ASP C 24 9.47 -58.28 -8.45
N ILE C 25 8.75 -57.16 -8.44
CA ILE C 25 7.51 -57.07 -9.20
C ILE C 25 7.81 -57.13 -10.69
N ARG C 26 7.03 -57.94 -11.41
CA ARG C 26 7.18 -58.06 -12.86
C ARG C 26 7.03 -56.72 -13.53
N LYS C 27 7.92 -56.43 -14.48
CA LYS C 27 7.76 -55.24 -15.30
C LYS C 27 6.57 -55.42 -16.23
N LYS C 28 5.71 -54.40 -16.31
CA LYS C 28 4.49 -54.52 -17.09
C LYS C 28 4.83 -54.70 -18.56
N SER C 29 4.48 -55.87 -19.10
CA SER C 29 4.73 -56.14 -20.52
C SER C 29 3.95 -55.16 -21.38
N TYR C 30 4.63 -54.59 -22.37
CA TYR C 30 3.98 -53.58 -23.18
C TYR C 30 2.99 -54.20 -24.16
N PHE C 31 3.34 -55.34 -24.76
CA PHE C 31 2.50 -55.96 -25.78
C PHE C 31 1.44 -56.82 -25.10
N GLU C 32 0.46 -56.15 -24.51
CA GLU C 32 -0.66 -56.80 -23.87
C GLU C 32 -1.73 -57.13 -24.91
N SER C 33 -2.92 -57.50 -24.45
CA SER C 33 -3.98 -57.97 -25.35
C SER C 33 -4.42 -56.89 -26.34
N ARG C 34 -4.17 -55.62 -26.05
CA ARG C 34 -4.66 -54.57 -26.96
C ARG C 34 -3.89 -54.54 -28.26
N PHE C 35 -2.69 -55.14 -28.29
CA PHE C 35 -1.93 -55.23 -29.53
C PHE C 35 -2.10 -56.59 -30.20
N ILE C 36 -1.86 -57.67 -29.48
CA ILE C 36 -1.98 -59.00 -30.05
C ILE C 36 -3.45 -59.30 -30.26
N GLY C 37 -3.93 -59.14 -31.48
CA GLY C 37 -5.33 -59.37 -31.79
C GLY C 37 -5.49 -60.02 -33.14
N THR C 38 -6.58 -60.76 -33.28
CA THR C 38 -6.94 -61.34 -34.56
C THR C 38 -7.32 -60.22 -35.53
N SER C 39 -7.28 -60.54 -36.83
CA SER C 39 -7.71 -59.65 -37.90
C SER C 39 -6.68 -58.55 -38.15
N GLU C 40 -6.93 -57.74 -39.19
CA GLU C 40 -5.91 -56.82 -39.65
C GLU C 40 -5.62 -55.72 -38.64
N ASN C 41 -6.66 -55.16 -38.02
CA ASN C 41 -6.46 -53.99 -37.17
C ASN C 41 -5.82 -54.37 -35.85
N ALA C 42 -4.56 -54.80 -35.89
CA ALA C 42 -3.81 -55.15 -34.70
C ALA C 42 -2.34 -55.14 -35.03
N VAL C 43 -1.55 -54.46 -34.20
CA VAL C 43 -0.13 -54.30 -34.49
C VAL C 43 0.57 -55.65 -34.56
N ILE C 44 0.18 -56.58 -33.70
CA ILE C 44 0.66 -57.95 -33.72
C ILE C 44 -0.51 -58.83 -34.12
N GLN C 45 -0.44 -59.43 -35.29
CA GLN C 45 -1.56 -60.21 -35.82
C GLN C 45 -1.41 -61.66 -35.40
N ARG C 46 -2.41 -62.18 -34.68
CA ARG C 46 -2.42 -63.57 -34.30
C ARG C 46 -2.96 -64.41 -35.45
N LYS C 47 -2.25 -65.48 -35.79
CA LYS C 47 -2.62 -66.34 -36.91
C LYS C 47 -3.53 -67.45 -36.38
N THR C 48 -4.80 -67.42 -36.78
CA THR C 48 -5.78 -68.38 -36.27
C THR C 48 -5.48 -69.80 -36.72
N GLU C 49 -4.60 -69.98 -37.71
CA GLU C 49 -4.22 -71.31 -38.11
C GLU C 49 -3.24 -71.91 -37.10
N VAL C 50 -2.97 -73.20 -37.26
CA VAL C 50 -1.93 -73.91 -36.52
C VAL C 50 -2.26 -73.88 -35.03
N GLU C 51 -3.54 -73.75 -34.69
CA GLU C 51 -4.02 -74.04 -33.35
C GLU C 51 -4.81 -75.34 -33.32
N SER C 52 -5.83 -75.44 -34.16
CA SER C 52 -6.41 -76.73 -34.48
C SER C 52 -5.59 -77.35 -35.60
N ASP C 53 -6.01 -78.51 -36.10
CA ASP C 53 -5.34 -79.17 -37.22
C ASP C 53 -3.88 -79.41 -36.84
N ALA C 54 -2.97 -79.42 -37.81
CA ALA C 54 -1.57 -79.66 -37.54
C ALA C 54 -0.71 -79.00 -38.60
N GLY C 55 0.42 -78.45 -38.17
CA GLY C 55 1.36 -77.83 -39.08
C GLY C 55 2.44 -77.10 -38.32
N ASP C 56 3.51 -76.80 -39.06
CA ASP C 56 4.64 -76.07 -38.51
C ASP C 56 4.83 -74.69 -39.10
N ARG C 57 4.01 -74.27 -40.05
CA ARG C 57 4.19 -72.99 -40.72
C ARG C 57 2.83 -72.43 -41.08
N VAL C 58 2.81 -71.17 -41.51
CA VAL C 58 1.58 -70.48 -41.86
C VAL C 58 1.60 -69.95 -43.28
N SER C 59 2.67 -69.27 -43.69
CA SER C 59 2.85 -68.81 -45.06
C SER C 59 1.68 -67.95 -45.54
N PHE C 60 1.51 -66.81 -44.89
CA PHE C 60 0.56 -65.82 -45.38
C PHE C 60 1.14 -65.11 -46.61
N ASP C 61 0.26 -64.46 -47.36
CA ASP C 61 0.67 -63.83 -48.61
C ASP C 61 -0.01 -62.49 -48.81
N LEU C 62 0.61 -61.65 -49.64
CA LEU C 62 0.14 -60.31 -49.91
C LEU C 62 0.12 -60.08 -51.42
N SER C 63 -0.85 -59.28 -51.87
CA SER C 63 -1.01 -58.96 -53.28
C SER C 63 -0.69 -57.49 -53.49
N VAL C 64 0.49 -57.21 -54.04
CA VAL C 64 0.89 -55.84 -54.28
C VAL C 64 0.06 -55.26 -55.42
N ARG C 65 0.08 -53.93 -55.54
CA ARG C 65 -0.75 -53.23 -56.51
C ARG C 65 -0.29 -53.53 -57.92
N LEU C 66 -1.06 -53.02 -58.89
CA LEU C 66 -0.74 -53.19 -60.30
C LEU C 66 0.18 -52.07 -60.77
N ARG C 67 1.19 -52.43 -61.57
CA ARG C 67 2.15 -51.48 -62.13
C ARG C 67 2.26 -51.75 -63.61
N GLY C 68 1.83 -50.80 -64.43
CA GLY C 68 1.91 -50.95 -65.87
C GLY C 68 1.48 -49.68 -66.55
N GLN C 69 1.88 -49.56 -67.81
CA GLN C 69 1.56 -48.38 -68.59
C GLN C 69 0.36 -48.65 -69.46
N PRO C 70 -0.75 -47.96 -69.28
CA PRO C 70 -1.94 -48.22 -70.10
C PRO C 70 -1.73 -47.79 -71.54
N THR C 71 -2.54 -48.35 -72.42
CA THR C 71 -2.45 -48.09 -73.86
C THR C 71 -3.24 -46.83 -74.18
N PHE C 72 -2.53 -45.70 -74.26
CA PHE C 72 -3.19 -44.42 -74.46
C PHE C 72 -3.88 -44.32 -75.81
N GLY C 73 -3.22 -44.82 -76.86
CA GLY C 73 -3.82 -44.78 -78.18
C GLY C 73 -4.94 -45.80 -78.29
N ASP C 74 -5.52 -45.86 -79.49
CA ASP C 74 -6.47 -46.92 -79.79
C ASP C 74 -5.70 -48.10 -80.39
N ASP C 75 -4.94 -48.75 -79.52
CA ASP C 75 -4.16 -49.93 -79.85
C ASP C 75 -4.81 -51.16 -79.24
N ARG C 76 -4.47 -52.32 -79.80
CA ARG C 76 -4.98 -53.56 -79.27
C ARG C 76 -4.40 -53.80 -77.88
N VAL C 77 -5.24 -54.22 -76.94
CA VAL C 77 -4.86 -54.38 -75.55
C VAL C 77 -5.04 -55.81 -75.05
N GLU C 78 -5.66 -56.68 -75.84
CA GLU C 78 -5.89 -58.05 -75.38
C GLU C 78 -4.58 -58.79 -75.17
N GLY C 79 -3.60 -58.56 -76.04
CA GLY C 79 -2.32 -59.26 -75.89
C GLY C 79 -1.58 -58.85 -74.63
N LYS C 80 -1.49 -57.55 -74.38
CA LYS C 80 -0.70 -57.03 -73.25
C LYS C 80 -1.55 -57.05 -72.00
N GLU C 81 -1.29 -58.01 -71.13
CA GLU C 81 -1.98 -58.12 -69.85
C GLU C 81 -0.94 -58.27 -68.76
N GLU C 82 -1.21 -57.66 -67.61
CA GLU C 82 -0.22 -57.56 -66.55
C GLU C 82 -0.45 -58.63 -65.48
N ASN C 83 0.65 -59.18 -64.98
CA ASN C 83 0.60 -60.26 -64.01
C ASN C 83 0.09 -59.76 -62.67
N LEU C 84 -0.40 -60.69 -61.85
CA LEU C 84 -0.75 -60.42 -60.47
C LEU C 84 0.42 -60.91 -59.62
N LYS C 85 1.14 -59.98 -59.00
CA LYS C 85 2.33 -60.31 -58.23
C LYS C 85 1.96 -60.54 -56.78
N PHE C 86 2.25 -61.74 -56.28
CA PHE C 86 1.99 -62.11 -54.90
C PHE C 86 3.30 -62.32 -54.17
N TYR C 87 3.36 -61.84 -52.93
CA TYR C 87 4.53 -62.02 -52.08
C TYR C 87 4.14 -62.84 -50.86
N THR C 88 5.01 -63.76 -50.45
CA THR C 88 4.73 -64.68 -49.37
C THR C 88 5.81 -64.60 -48.30
N ASP C 89 5.40 -64.83 -47.05
CA ASP C 89 6.34 -64.95 -45.95
C ASP C 89 5.80 -65.96 -44.95
N GLU C 90 6.66 -66.87 -44.52
CA GLU C 90 6.29 -68.02 -43.70
C GLU C 90 6.81 -67.86 -42.29
N VAL C 91 6.05 -68.37 -41.33
CA VAL C 91 6.37 -68.27 -39.91
C VAL C 91 6.52 -69.69 -39.37
N ILE C 92 7.73 -70.03 -38.93
CA ILE C 92 7.98 -71.36 -38.39
C ILE C 92 7.80 -71.31 -36.87
N ILE C 93 6.96 -72.19 -36.36
CA ILE C 93 6.73 -72.28 -34.92
C ILE C 93 7.61 -73.38 -34.37
N ASP C 94 7.96 -73.25 -33.09
CA ASP C 94 8.77 -74.27 -32.42
C ASP C 94 8.58 -74.11 -30.93
N GLN C 95 8.79 -75.21 -30.21
CA GLN C 95 8.55 -75.24 -28.78
C GLN C 95 9.68 -74.58 -28.02
N VAL C 96 9.33 -73.82 -26.98
CA VAL C 96 10.30 -73.23 -26.07
C VAL C 96 9.87 -73.58 -24.64
N ARG C 97 10.80 -74.08 -23.85
CA ARG C 97 10.48 -74.57 -22.51
C ARG C 97 11.55 -74.15 -21.53
N HIS C 98 11.20 -74.23 -20.25
CA HIS C 98 12.13 -73.96 -19.16
C HIS C 98 11.63 -74.67 -17.93
N SER C 99 12.48 -74.72 -16.91
CA SER C 99 12.15 -75.46 -15.71
C SER C 99 12.89 -74.88 -14.52
N VAL C 100 12.19 -74.79 -13.40
CA VAL C 100 12.75 -74.33 -12.13
C VAL C 100 12.57 -75.45 -11.13
N SER C 101 13.51 -75.57 -10.20
CA SER C 101 13.53 -76.68 -9.27
C SER C 101 13.63 -76.18 -7.84
N ALA C 102 12.83 -76.78 -6.96
CA ALA C 102 13.03 -76.56 -5.54
C ALA C 102 14.33 -77.22 -5.09
N GLY C 103 14.76 -76.89 -3.88
CA GLY C 103 16.07 -77.31 -3.44
C GLY C 103 16.22 -78.75 -2.99
N GLY C 104 15.12 -79.49 -2.87
CA GLY C 104 15.20 -80.84 -2.38
C GLY C 104 14.41 -81.02 -1.10
N ARG C 105 14.85 -81.94 -0.24
CA ARG C 105 14.22 -82.07 1.07
C ARG C 105 15.01 -81.35 2.15
N MET C 106 16.33 -81.50 2.15
CA MET C 106 17.13 -80.77 3.13
C MET C 106 17.03 -79.27 2.91
N SER C 107 17.10 -78.83 1.65
CA SER C 107 17.01 -77.40 1.38
C SER C 107 15.64 -76.84 1.74
N ARG C 108 14.57 -77.58 1.44
CA ARG C 108 13.24 -77.11 1.81
C ARG C 108 13.03 -77.14 3.32
N LYS C 109 13.73 -78.02 4.03
CA LYS C 109 13.63 -78.04 5.48
C LYS C 109 14.30 -76.82 6.09
N ARG C 110 15.39 -76.36 5.49
CA ARG C 110 16.16 -75.26 6.05
C ARG C 110 15.46 -73.91 5.88
N THR C 111 14.37 -73.86 5.15
CA THR C 111 13.67 -72.61 4.87
C THR C 111 12.21 -72.74 5.22
N ALA C 112 11.62 -71.65 5.72
CA ALA C 112 10.21 -71.65 6.07
C ALA C 112 9.30 -71.57 4.85
N HIS C 113 9.77 -70.97 3.76
CA HIS C 113 8.94 -70.78 2.59
C HIS C 113 8.65 -72.11 1.91
N ASP C 114 7.61 -72.11 1.09
CA ASP C 114 7.26 -73.26 0.24
C ASP C 114 7.87 -73.07 -1.15
N LEU C 115 9.03 -73.70 -1.38
CA LEU C 115 9.78 -73.43 -2.60
C LEU C 115 9.05 -73.88 -3.86
N ARG C 116 8.13 -74.85 -3.76
CA ARG C 116 7.42 -75.28 -4.95
C ARG C 116 6.50 -74.17 -5.48
N LYS C 117 5.73 -73.55 -4.59
CA LYS C 117 4.82 -72.48 -5.01
C LYS C 117 5.59 -71.29 -5.56
N THR C 118 6.66 -70.87 -4.88
CA THR C 118 7.42 -69.73 -5.36
C THR C 118 8.16 -70.07 -6.65
N GLY C 119 8.55 -71.34 -6.84
CA GLY C 119 9.14 -71.74 -8.11
C GLY C 119 8.14 -71.62 -9.25
N ARG C 120 6.92 -72.12 -9.02
CA ARG C 120 5.90 -71.99 -10.06
C ARG C 120 5.61 -70.53 -10.38
N ASP C 121 5.50 -69.70 -9.34
CA ASP C 121 5.21 -68.29 -9.56
C ASP C 121 6.34 -67.58 -10.32
N ARG C 122 7.58 -67.85 -9.93
CA ARG C 122 8.70 -67.25 -10.63
C ARG C 122 8.79 -67.74 -12.07
N LEU C 123 8.43 -69.00 -12.33
CA LEU C 123 8.44 -69.48 -13.70
C LEU C 123 7.39 -68.78 -14.55
N GLY C 124 6.20 -68.58 -13.99
CA GLY C 124 5.19 -67.83 -14.73
C GLY C 124 5.63 -66.41 -15.02
N ASP C 125 6.19 -65.75 -14.00
CA ASP C 125 6.80 -64.44 -14.19
C ASP C 125 7.81 -64.44 -15.32
N TYR C 126 8.70 -65.43 -15.31
CA TYR C 126 9.77 -65.49 -16.28
C TYR C 126 9.23 -65.66 -17.69
N PHE C 127 8.19 -66.48 -17.87
CA PHE C 127 7.67 -66.68 -19.21
C PHE C 127 6.94 -65.45 -19.73
N TYR C 128 6.21 -64.76 -18.85
CA TYR C 128 5.60 -63.48 -19.22
C TYR C 128 6.67 -62.51 -19.72
N GLN C 129 7.72 -62.34 -18.92
CA GLN C 129 8.81 -61.46 -19.30
C GLN C 129 9.47 -61.90 -20.60
N LEU C 130 9.62 -63.21 -20.80
CA LEU C 130 10.27 -63.72 -22.00
C LEU C 130 9.43 -63.40 -23.24
N THR C 131 8.12 -63.56 -23.16
CA THR C 131 7.29 -63.21 -24.32
C THR C 131 7.45 -61.73 -24.66
N ASP C 132 7.42 -60.86 -23.66
CA ASP C 132 7.60 -59.43 -23.94
C ASP C 132 8.95 -59.16 -24.59
N GLU C 133 10.03 -59.68 -23.98
CA GLU C 133 11.36 -59.57 -24.54
C GLU C 133 11.41 -60.02 -25.98
N LEU C 134 10.83 -61.17 -26.27
CA LEU C 134 10.95 -61.77 -27.58
C LEU C 134 10.23 -60.92 -28.62
N PHE C 135 9.09 -60.33 -28.24
CA PHE C 135 8.41 -59.42 -29.14
C PHE C 135 9.29 -58.22 -29.48
N PHE C 136 9.86 -57.56 -28.47
CA PHE C 136 10.71 -56.42 -28.79
C PHE C 136 11.94 -56.81 -29.58
N MET C 137 12.51 -57.99 -29.33
CA MET C 137 13.69 -58.36 -30.10
C MET C 137 13.36 -58.61 -31.56
N TYR C 138 12.24 -59.31 -31.84
CA TYR C 138 11.87 -59.53 -33.22
C TYR C 138 11.50 -58.23 -33.93
N LEU C 139 10.74 -57.35 -33.28
CA LEU C 139 10.37 -56.10 -33.95
C LEU C 139 11.59 -55.22 -34.21
N SER C 140 12.50 -55.13 -33.23
CA SER C 140 13.62 -54.23 -33.39
C SER C 140 14.64 -54.78 -34.38
N GLY C 141 14.71 -56.09 -34.52
CA GLY C 141 15.60 -56.71 -35.48
C GLY C 141 16.97 -57.07 -34.97
N ALA C 142 17.30 -56.74 -33.72
CA ALA C 142 18.58 -57.12 -33.16
C ALA C 142 18.43 -57.27 -31.65
N ARG C 143 19.22 -58.18 -31.08
CA ARG C 143 19.11 -58.44 -29.64
C ARG C 143 19.67 -57.27 -28.83
N GLY C 144 20.63 -56.54 -29.37
CA GLY C 144 21.13 -55.38 -28.67
C GLY C 144 22.12 -55.72 -27.58
N ILE C 145 22.11 -54.91 -26.53
CA ILE C 145 23.05 -55.04 -25.42
C ILE C 145 22.35 -55.01 -24.06
N ASN C 146 21.02 -55.03 -24.04
CA ASN C 146 20.29 -54.93 -22.77
C ASN C 146 20.73 -56.04 -21.82
N LYS C 147 21.02 -55.65 -20.58
CA LYS C 147 21.52 -56.57 -19.58
C LYS C 147 20.42 -57.20 -18.73
N ASP C 148 19.21 -56.65 -18.77
CA ASP C 148 18.09 -57.26 -18.06
C ASP C 148 17.34 -58.28 -18.89
N PHE C 149 17.65 -58.40 -20.17
CA PHE C 149 17.01 -59.38 -21.03
C PHE C 149 17.42 -60.80 -20.63
N ILE C 150 16.43 -61.70 -20.70
CA ILE C 150 16.70 -63.12 -20.43
C ILE C 150 17.59 -63.71 -21.51
N LEU C 151 17.27 -63.48 -22.77
CA LEU C 151 17.96 -64.12 -23.87
C LEU C 151 19.42 -63.67 -23.92
N PRO C 152 20.36 -64.56 -24.18
CA PRO C 152 21.78 -64.18 -24.16
C PRO C 152 22.12 -63.29 -25.35
N THR C 153 23.31 -62.70 -25.28
CA THR C 153 23.84 -62.01 -26.45
C THR C 153 24.12 -63.02 -27.56
N SER C 154 24.14 -62.54 -28.79
CA SER C 154 24.31 -63.32 -30.01
C SER C 154 23.12 -64.22 -30.30
N PHE C 155 22.08 -64.19 -29.48
CA PHE C 155 20.87 -64.94 -29.77
C PHE C 155 20.17 -64.32 -30.96
N THR C 156 20.19 -65.01 -32.10
CA THR C 156 19.54 -64.54 -33.32
C THR C 156 18.40 -65.49 -33.64
N GLY C 157 17.26 -65.25 -33.01
CA GLY C 157 16.05 -65.98 -33.31
C GLY C 157 16.04 -67.42 -32.86
N TYR C 158 14.85 -67.94 -32.60
CA TYR C 158 14.65 -69.36 -32.38
C TYR C 158 13.79 -69.91 -33.50
N ALA C 159 13.54 -71.21 -33.44
CA ALA C 159 12.91 -71.93 -34.57
C ALA C 159 13.77 -71.66 -35.80
N LYS C 160 13.19 -71.50 -36.97
CA LYS C 160 13.93 -71.09 -38.15
C LYS C 160 13.64 -69.64 -38.54
N ASN C 161 13.02 -68.87 -37.64
CA ASN C 161 12.75 -67.46 -37.90
C ASN C 161 14.00 -66.68 -37.56
N PRO C 162 14.72 -66.14 -38.54
CA PRO C 162 15.99 -65.47 -38.25
C PRO C 162 15.83 -63.99 -37.98
N PHE C 163 16.75 -63.46 -37.19
CA PHE C 163 16.84 -62.03 -36.98
C PHE C 163 17.25 -61.37 -38.28
N ASN C 164 16.60 -60.27 -38.64
CA ASN C 164 16.88 -59.57 -39.89
C ASN C 164 16.84 -58.07 -39.66
N THR C 165 17.93 -57.40 -40.03
CA THR C 165 18.01 -55.96 -39.87
C THR C 165 16.97 -55.28 -40.75
N PRO C 166 16.28 -54.26 -40.25
CA PRO C 166 15.31 -53.54 -41.08
C PRO C 166 15.99 -52.91 -42.29
N ASP C 167 15.25 -52.84 -43.39
CA ASP C 167 15.77 -52.29 -44.63
C ASP C 167 16.09 -50.81 -44.47
N ALA C 168 17.01 -50.33 -45.30
CA ALA C 168 17.44 -48.94 -45.20
C ALA C 168 16.30 -47.97 -45.45
N ALA C 169 15.26 -48.41 -46.16
CA ALA C 169 14.09 -47.55 -46.34
C ALA C 169 13.28 -47.41 -45.06
N HIS C 170 13.49 -48.30 -44.10
CA HIS C 170 12.74 -48.29 -42.85
C HIS C 170 13.58 -47.93 -41.63
N LEU C 171 14.76 -47.36 -41.83
CA LEU C 171 15.65 -47.02 -40.73
C LEU C 171 15.91 -45.53 -40.73
N LEU C 172 15.63 -44.87 -39.61
CA LEU C 172 15.87 -43.45 -39.43
C LEU C 172 16.84 -43.26 -38.28
N TYR C 173 17.82 -42.37 -38.45
CA TYR C 173 18.88 -42.23 -37.46
C TYR C 173 18.71 -41.01 -36.57
N GLY C 174 17.56 -40.36 -36.59
CA GLY C 174 17.26 -39.35 -35.60
C GLY C 174 18.18 -38.15 -35.59
N GLY C 175 18.49 -37.59 -36.75
CA GLY C 175 19.34 -36.40 -36.78
C GLY C 175 19.97 -36.23 -38.15
N VAL C 176 21.06 -35.46 -38.18
CA VAL C 176 21.82 -35.30 -39.40
C VAL C 176 22.62 -36.55 -39.75
N ALA C 177 22.75 -37.49 -38.81
CA ALA C 177 23.51 -38.70 -39.06
C ALA C 177 22.83 -39.55 -40.13
N THR C 178 23.65 -40.23 -40.93
CA THR C 178 23.15 -41.02 -42.04
C THR C 178 23.43 -42.52 -41.90
N SER C 179 24.31 -42.93 -41.00
CA SER C 179 24.64 -44.35 -40.86
C SER C 179 25.03 -44.64 -39.42
N LYS C 180 25.37 -45.90 -39.16
CA LYS C 180 25.63 -46.34 -37.81
C LYS C 180 26.80 -45.59 -37.18
N ALA C 181 27.86 -45.36 -37.94
CA ALA C 181 29.05 -44.71 -37.40
C ALA C 181 28.90 -43.20 -37.30
N SER C 182 27.80 -42.63 -37.79
CA SER C 182 27.67 -41.18 -37.89
C SER C 182 26.93 -40.55 -36.71
N LEU C 183 26.52 -41.32 -35.71
CA LEU C 183 25.81 -40.75 -34.58
C LEU C 183 26.71 -39.81 -33.78
N ALA C 184 26.10 -38.80 -33.17
CA ALA C 184 26.82 -37.82 -32.36
C ALA C 184 25.96 -37.44 -31.17
N ASN C 185 26.50 -36.58 -30.32
CA ASN C 185 25.80 -36.19 -29.10
C ASN C 185 24.55 -35.37 -29.38
N THR C 186 24.43 -34.79 -30.57
CA THR C 186 23.29 -33.93 -30.90
C THR C 186 22.17 -34.68 -31.59
N ASP C 187 22.27 -36.00 -31.72
CA ASP C 187 21.27 -36.80 -32.43
C ASP C 187 20.23 -37.39 -31.49
N THR C 188 19.94 -36.72 -30.39
CA THR C 188 18.99 -37.24 -29.42
C THR C 188 17.58 -37.23 -29.99
N MET C 189 16.70 -38.00 -29.34
CA MET C 189 15.30 -38.04 -29.75
C MET C 189 14.66 -36.69 -29.57
N SER C 190 13.85 -36.29 -30.55
CA SER C 190 13.28 -34.95 -30.57
C SER C 190 11.91 -35.01 -31.21
N ARG C 191 11.16 -33.91 -31.06
CA ARG C 191 9.91 -33.78 -31.80
C ARG C 191 10.16 -33.80 -33.30
N VAL C 192 11.33 -33.30 -33.73
CA VAL C 192 11.67 -33.37 -35.14
C VAL C 192 11.76 -34.81 -35.61
N VAL C 193 12.35 -35.68 -34.79
CA VAL C 193 12.59 -37.06 -35.21
C VAL C 193 11.29 -37.82 -35.36
N ILE C 194 10.36 -37.66 -34.42
CA ILE C 194 9.09 -38.36 -34.51
C ILE C 194 8.28 -37.84 -35.71
N GLU C 195 8.40 -36.55 -36.02
CA GLU C 195 7.73 -36.03 -37.20
C GLU C 195 8.35 -36.56 -38.48
N ARG C 196 9.68 -36.74 -38.49
CA ARG C 196 10.32 -37.38 -39.63
C ARG C 196 9.84 -38.81 -39.78
N ALA C 197 9.62 -39.50 -38.66
CA ALA C 197 9.04 -40.83 -38.73
C ALA C 197 7.65 -40.79 -39.35
N ASN C 198 6.83 -39.80 -38.98
CA ASN C 198 5.49 -39.68 -39.54
C ASN C 198 5.55 -39.47 -41.05
N VAL C 199 6.37 -38.50 -41.49
CA VAL C 199 6.42 -38.20 -42.92
C VAL C 199 7.01 -39.36 -43.70
N GLN C 200 7.97 -40.09 -43.11
CA GLN C 200 8.48 -41.29 -43.77
C GLN C 200 7.40 -42.35 -43.87
N ALA C 201 6.60 -42.53 -42.83
CA ALA C 201 5.51 -43.49 -42.90
C ALA C 201 4.54 -43.13 -44.02
N THR C 202 4.32 -41.84 -44.25
CA THR C 202 3.42 -41.44 -45.34
C THR C 202 4.07 -41.61 -46.72
N MET C 203 5.34 -41.25 -46.87
CA MET C 203 5.99 -41.14 -48.17
C MET C 203 6.87 -42.33 -48.49
N MET C 204 6.80 -43.40 -47.71
CA MET C 204 7.72 -44.53 -47.89
C MET C 204 7.56 -45.20 -49.23
N GLN C 205 6.32 -45.37 -49.70
CA GLN C 205 6.12 -45.99 -51.01
C GLN C 205 6.57 -45.05 -52.13
N ALA C 206 6.32 -43.76 -51.98
CA ALA C 206 6.71 -42.82 -53.03
C ALA C 206 8.22 -42.76 -53.18
N GLN C 207 8.94 -42.79 -52.07
CA GLN C 207 10.40 -42.75 -52.16
C GLN C 207 10.97 -44.07 -52.65
N ASP C 208 10.43 -45.19 -52.16
CA ASP C 208 10.85 -46.52 -52.62
C ASP C 208 9.65 -47.23 -53.23
N PRO C 209 9.60 -47.38 -54.56
CA PRO C 209 8.34 -47.81 -55.20
C PRO C 209 7.86 -49.18 -54.79
N GLU C 210 8.76 -50.08 -54.41
CA GLU C 210 8.39 -51.48 -54.21
C GLU C 210 8.00 -51.81 -52.78
N THR C 211 7.92 -50.83 -51.89
CA THR C 211 7.56 -51.09 -50.51
C THR C 211 6.08 -50.86 -50.26
N ALA C 212 5.45 -51.76 -49.52
CA ALA C 212 4.03 -51.64 -49.22
C ALA C 212 3.78 -50.54 -48.20
N ASN C 213 2.60 -49.94 -48.28
CA ASN C 213 2.26 -48.81 -47.41
C ASN C 213 2.08 -49.26 -45.97
N MET C 214 2.53 -48.40 -45.05
CA MET C 214 2.12 -48.52 -43.67
C MET C 214 0.65 -48.13 -43.53
N VAL C 215 -0.03 -48.72 -42.55
CA VAL C 215 -1.42 -48.38 -42.30
C VAL C 215 -1.57 -48.11 -40.81
N PRO C 216 -2.29 -47.07 -40.41
CA PRO C 216 -2.48 -46.80 -38.99
C PRO C 216 -3.32 -47.88 -38.32
N VAL C 217 -3.25 -47.92 -37.00
CA VAL C 217 -3.90 -48.95 -36.20
C VAL C 217 -4.92 -48.29 -35.28
N SER C 218 -5.78 -49.14 -34.70
CA SER C 218 -6.84 -48.67 -33.81
C SER C 218 -6.40 -48.79 -32.35
N VAL C 219 -5.40 -47.99 -31.99
CA VAL C 219 -4.93 -47.87 -30.61
C VAL C 219 -5.22 -46.45 -30.15
N GLU C 220 -5.66 -46.31 -28.90
CA GLU C 220 -6.17 -45.06 -28.37
C GLU C 220 -7.44 -44.69 -29.13
N GLY C 221 -7.49 -43.48 -29.68
CA GLY C 221 -8.70 -43.04 -30.37
C GLY C 221 -9.00 -43.78 -31.66
N GLU C 222 -8.21 -43.51 -32.71
CA GLU C 222 -8.42 -44.16 -34.00
C GLU C 222 -7.26 -43.79 -34.93
N ASP C 223 -6.84 -44.76 -35.74
CA ASP C 223 -5.91 -44.55 -36.84
C ASP C 223 -4.70 -43.71 -36.43
N ARG C 224 -4.04 -44.16 -35.37
CA ARG C 224 -2.86 -43.48 -34.84
C ARG C 224 -1.68 -44.43 -34.84
N TYR C 225 -0.57 -44.00 -35.44
CA TYR C 225 0.66 -44.78 -35.34
C TYR C 225 1.13 -44.82 -33.88
N VAL C 226 1.71 -45.95 -33.51
CA VAL C 226 2.16 -46.17 -32.13
C VAL C 226 3.68 -46.29 -32.14
N CYS C 227 4.33 -45.51 -31.28
CA CYS C 227 5.78 -45.47 -31.21
C CYS C 227 6.24 -45.74 -29.78
N VAL C 228 7.20 -46.64 -29.63
CA VAL C 228 7.79 -46.97 -28.33
C VAL C 228 9.23 -46.50 -28.32
N MET C 229 9.72 -46.09 -27.16
CA MET C 229 11.07 -45.56 -27.04
C MET C 229 11.60 -45.85 -25.65
N SER C 230 12.92 -45.88 -25.55
CA SER C 230 13.55 -46.13 -24.26
C SER C 230 13.28 -44.96 -23.31
N PRO C 231 13.14 -45.25 -22.01
CA PRO C 231 13.00 -44.15 -21.04
C PRO C 231 14.18 -43.21 -21.03
N PHE C 232 15.36 -43.63 -21.49
CA PHE C 232 16.42 -42.66 -21.74
C PHE C 232 16.00 -41.66 -22.80
N GLN C 233 15.37 -42.14 -23.88
CA GLN C 233 14.89 -41.23 -24.92
C GLN C 233 13.76 -40.34 -24.40
N GLU C 234 12.86 -40.89 -23.59
CA GLU C 234 11.80 -40.02 -23.07
C GLU C 234 12.37 -38.98 -22.13
N HIS C 235 13.42 -39.31 -21.38
CA HIS C 235 14.07 -38.30 -20.56
C HIS C 235 14.70 -37.23 -21.42
N SER C 236 15.38 -37.63 -22.50
CA SER C 236 15.96 -36.64 -23.41
C SER C 236 14.90 -35.83 -24.13
N LEU C 237 13.67 -36.32 -24.18
CA LEU C 237 12.57 -35.59 -24.79
C LEU C 237 11.85 -34.68 -23.79
N ARG C 238 11.92 -34.99 -22.51
CA ARG C 238 11.23 -34.20 -21.50
C ARG C 238 12.12 -33.12 -20.88
N THR C 239 13.32 -33.50 -20.43
CA THR C 239 14.14 -32.54 -19.69
C THR C 239 14.81 -31.53 -20.61
N SER C 240 15.16 -31.91 -21.83
CA SER C 240 15.90 -31.03 -22.71
C SER C 240 15.02 -29.87 -23.17
N ASP C 241 15.55 -28.64 -23.07
CA ASP C 241 14.84 -27.48 -23.57
C ASP C 241 14.72 -27.53 -25.09
N ALA C 242 15.67 -28.16 -25.75
CA ALA C 242 15.56 -28.44 -27.18
C ALA C 242 14.60 -29.62 -27.34
N ALA C 243 14.55 -30.18 -28.55
CA ALA C 243 13.74 -31.34 -28.91
C ALA C 243 12.25 -31.03 -28.95
N GLY C 244 11.84 -29.81 -28.62
CA GLY C 244 10.51 -29.34 -28.97
C GLY C 244 9.34 -29.79 -28.12
N TRP C 245 9.43 -30.97 -27.50
CA TRP C 245 8.27 -31.47 -26.77
C TRP C 245 7.95 -30.60 -25.57
N LEU C 246 8.98 -30.14 -24.84
CA LEU C 246 8.74 -29.41 -23.60
C LEU C 246 7.96 -28.12 -23.86
N GLU C 247 8.33 -27.38 -24.91
CA GLU C 247 7.69 -26.09 -25.14
C GLU C 247 6.22 -26.25 -25.55
N ILE C 248 5.93 -27.19 -26.44
CA ILE C 248 4.53 -27.34 -26.85
C ILE C 248 3.68 -27.89 -25.73
N GLN C 249 4.24 -28.76 -24.88
CA GLN C 249 3.44 -29.23 -23.75
C GLN C 249 3.26 -28.14 -22.70
N LYS C 250 4.26 -27.27 -22.51
CA LYS C 250 4.08 -26.13 -21.63
C LYS C 250 2.98 -25.22 -22.15
N ALA C 251 2.93 -25.02 -23.47
CA ALA C 251 1.86 -24.22 -24.04
C ALA C 251 0.50 -24.88 -23.85
N ALA C 252 0.41 -26.19 -24.09
CA ALA C 252 -0.86 -26.88 -23.91
C ALA C 252 -1.29 -26.89 -22.46
N ALA C 253 -0.34 -26.78 -21.53
CA ALA C 253 -0.69 -26.67 -20.12
C ALA C 253 -1.51 -25.42 -19.86
N ALA C 254 -1.37 -24.39 -20.69
CA ALA C 254 -2.11 -23.15 -20.48
C ALA C 254 -3.61 -23.33 -20.71
N ALA C 255 -4.04 -24.45 -21.26
CA ALA C 255 -5.45 -24.71 -21.49
C ALA C 255 -5.97 -25.90 -20.69
N GLU C 256 -5.27 -27.04 -20.73
CA GLU C 256 -5.72 -28.20 -19.98
C GLU C 256 -5.58 -27.97 -18.48
N GLY C 257 -4.42 -27.51 -18.05
CA GLY C 257 -4.18 -27.24 -16.64
C GLY C 257 -3.28 -28.30 -16.01
N ARG C 258 -3.76 -28.93 -14.94
CA ARG C 258 -2.97 -29.94 -14.26
C ARG C 258 -2.96 -31.28 -14.98
N ASN C 259 -3.92 -31.53 -15.86
CA ASN C 259 -4.00 -32.81 -16.55
C ASN C 259 -2.95 -32.98 -17.62
N ASN C 260 -2.16 -31.94 -17.90
CA ASN C 260 -1.21 -32.00 -18.99
C ASN C 260 -0.16 -33.08 -18.70
N PRO C 261 0.25 -33.86 -19.70
CA PRO C 261 1.24 -34.93 -19.45
C PRO C 261 2.55 -34.46 -18.83
N ILE C 262 2.79 -33.15 -18.81
CA ILE C 262 3.99 -32.66 -18.15
C ILE C 262 3.88 -32.82 -16.63
N PHE C 263 2.67 -32.74 -16.08
CA PHE C 263 2.46 -32.95 -14.65
C PHE C 263 1.98 -34.35 -14.30
N LYS C 264 1.17 -34.97 -15.16
CA LYS C 264 0.47 -36.17 -14.75
C LYS C 264 1.22 -37.45 -15.09
N GLY C 265 1.47 -37.69 -16.38
CA GLY C 265 2.01 -38.98 -16.76
C GLY C 265 3.17 -38.92 -17.74
N GLY C 266 3.20 -39.89 -18.66
CA GLY C 266 4.26 -39.99 -19.63
C GLY C 266 4.10 -39.02 -20.77
N LEU C 267 4.48 -39.47 -21.96
CA LEU C 267 4.46 -38.60 -23.13
C LEU C 267 3.06 -38.51 -23.72
N GLY C 268 2.79 -37.38 -24.37
CA GLY C 268 1.58 -37.20 -25.14
C GLY C 268 1.87 -37.31 -26.62
N MET C 269 0.80 -37.39 -27.41
CA MET C 269 0.95 -37.60 -28.84
C MET C 269 1.62 -36.40 -29.49
N ILE C 270 2.48 -36.66 -30.47
CA ILE C 270 3.08 -35.64 -31.31
C ILE C 270 2.73 -35.95 -32.75
N GLY C 271 2.34 -34.92 -33.50
CA GLY C 271 1.79 -35.15 -34.81
C GLY C 271 0.49 -35.91 -34.68
N ASN C 272 0.48 -37.18 -35.09
CA ASN C 272 -0.63 -38.07 -34.78
C ASN C 272 -0.13 -39.37 -34.19
N THR C 273 1.10 -39.38 -33.67
CA THR C 273 1.76 -40.59 -33.23
C THR C 273 1.67 -40.70 -31.71
N VAL C 274 0.96 -41.72 -31.24
CA VAL C 274 0.95 -42.01 -29.81
C VAL C 274 2.37 -42.38 -29.39
N LEU C 275 2.80 -41.85 -28.25
CA LEU C 275 4.17 -42.02 -27.79
C LEU C 275 4.18 -42.73 -26.44
N HIS C 276 4.26 -44.05 -26.47
CA HIS C 276 4.53 -44.80 -25.26
C HIS C 276 6.03 -44.99 -25.11
N SER C 277 6.47 -45.20 -23.87
CA SER C 277 7.87 -45.48 -23.59
C SER C 277 7.95 -46.69 -22.68
N HIS C 278 8.76 -47.67 -23.06
CA HIS C 278 8.86 -48.90 -22.30
C HIS C 278 10.32 -49.29 -22.11
N ARG C 279 10.56 -50.04 -21.04
CA ARG C 279 11.92 -50.40 -20.66
C ARG C 279 12.56 -51.35 -21.65
N ASN C 280 11.77 -52.22 -22.29
CA ASN C 280 12.29 -53.38 -23.01
C ASN C 280 12.63 -53.09 -24.46
N VAL C 281 12.78 -51.83 -24.86
CA VAL C 281 13.19 -51.58 -26.23
C VAL C 281 14.66 -51.91 -26.37
N VAL C 282 15.05 -52.33 -27.58
CA VAL C 282 16.41 -52.77 -27.79
C VAL C 282 17.35 -51.58 -27.75
N ARG C 283 18.41 -51.70 -26.97
CA ARG C 283 19.42 -50.65 -26.81
C ARG C 283 20.76 -51.19 -27.28
N PHE C 284 21.55 -50.33 -27.90
CA PHE C 284 22.85 -50.71 -28.43
C PHE C 284 23.95 -49.99 -27.69
N SER C 285 25.19 -50.40 -27.95
CA SER C 285 26.35 -49.78 -27.33
C SER C 285 27.55 -49.63 -28.26
N ASP C 286 27.35 -49.63 -29.58
CA ASP C 286 28.45 -49.45 -30.52
C ASP C 286 28.13 -48.44 -31.62
N TYR C 287 26.97 -47.80 -31.55
CA TYR C 287 26.58 -46.83 -32.56
C TYR C 287 27.37 -45.54 -32.35
N GLY C 288 28.53 -45.47 -32.99
CA GLY C 288 29.31 -44.25 -32.91
C GLY C 288 30.50 -44.30 -33.84
N ALA C 289 31.12 -43.13 -34.04
CA ALA C 289 32.35 -43.07 -34.81
C ALA C 289 33.46 -43.86 -34.14
N GLY C 290 33.59 -43.73 -32.83
CA GLY C 290 34.49 -44.53 -32.04
C GLY C 290 33.87 -45.80 -31.50
N SER C 291 32.64 -46.12 -31.89
CA SER C 291 31.92 -47.31 -31.42
C SER C 291 31.83 -47.35 -29.90
N ASP C 292 31.46 -46.21 -29.30
CA ASP C 292 31.32 -46.15 -27.86
C ASP C 292 30.01 -45.45 -27.50
N GLN C 293 29.50 -44.63 -28.40
CA GLN C 293 28.27 -43.89 -28.14
C GLN C 293 27.08 -44.84 -28.08
N PRO C 294 26.26 -44.80 -27.04
CA PRO C 294 25.08 -45.66 -26.98
C PRO C 294 23.97 -45.17 -27.89
N ALA C 295 23.01 -46.05 -28.13
CA ALA C 295 21.85 -45.75 -28.97
C ALA C 295 20.77 -46.76 -28.67
N ALA C 296 19.57 -46.51 -29.17
CA ALA C 296 18.45 -47.39 -28.92
C ALA C 296 17.42 -47.29 -30.05
N ARG C 297 16.97 -48.43 -30.54
CA ARG C 297 15.96 -48.47 -31.58
C ARG C 297 14.60 -48.15 -30.99
N ALA C 298 13.98 -47.08 -31.45
CA ALA C 298 12.63 -46.71 -31.05
C ALA C 298 11.68 -47.09 -32.18
N LEU C 299 10.85 -48.10 -31.95
CA LEU C 299 10.01 -48.62 -33.02
C LEU C 299 8.92 -47.63 -33.40
N PHE C 300 8.38 -47.82 -34.59
CA PHE C 300 7.27 -47.01 -35.11
C PHE C 300 6.32 -47.99 -35.78
N MET C 301 5.37 -48.51 -35.02
CA MET C 301 4.60 -49.67 -35.44
C MET C 301 3.44 -49.28 -36.34
N GLY C 302 3.21 -50.09 -37.36
CA GLY C 302 2.14 -49.89 -38.32
C GLY C 302 1.08 -50.97 -38.18
N ARG C 303 0.44 -51.29 -39.30
CA ARG C 303 -0.69 -52.21 -39.26
C ARG C 303 -0.27 -53.60 -38.81
N GLN C 304 0.76 -54.16 -39.43
CA GLN C 304 1.22 -55.51 -39.13
C GLN C 304 2.72 -55.47 -38.86
N ALA C 305 3.10 -55.15 -37.63
CA ALA C 305 4.51 -55.15 -37.27
C ALA C 305 5.07 -56.56 -37.32
N ALA C 306 4.39 -57.50 -36.71
CA ALA C 306 4.82 -58.89 -36.71
C ALA C 306 3.60 -59.77 -36.47
N VAL C 307 3.75 -61.04 -36.77
CA VAL C 307 2.65 -62.00 -36.66
C VAL C 307 3.05 -63.10 -35.70
N VAL C 308 2.05 -63.71 -35.08
CA VAL C 308 2.23 -64.77 -34.10
C VAL C 308 1.38 -65.96 -34.50
N ALA C 309 1.97 -67.15 -34.42
CA ALA C 309 1.27 -68.39 -34.75
C ALA C 309 1.33 -69.29 -33.51
N TYR C 310 0.38 -69.09 -32.60
CA TYR C 310 0.34 -69.89 -31.39
C TYR C 310 -0.03 -71.33 -31.70
N GLY C 311 0.63 -72.28 -31.05
CA GLY C 311 0.43 -73.68 -31.34
C GLY C 311 -0.59 -74.39 -30.50
N THR C 312 -0.99 -73.83 -29.36
CA THR C 312 -1.99 -74.45 -28.51
C THR C 312 -3.39 -74.13 -29.02
N LYS C 313 -4.39 -74.79 -28.42
CA LYS C 313 -5.76 -74.60 -28.87
C LYS C 313 -6.21 -73.15 -28.69
N GLY C 314 -6.04 -72.61 -27.49
CA GLY C 314 -6.36 -71.23 -27.21
C GLY C 314 -5.22 -70.31 -27.62
N GLY C 315 -5.26 -69.10 -27.08
CA GLY C 315 -4.20 -68.15 -27.34
C GLY C 315 -2.86 -68.62 -26.80
N LEU C 316 -2.73 -68.66 -25.48
CA LEU C 316 -1.52 -69.13 -24.82
C LEU C 316 -1.88 -70.08 -23.71
N ARG C 317 -1.23 -71.25 -23.70
CA ARG C 317 -1.48 -72.27 -22.68
C ARG C 317 -0.12 -72.78 -22.22
N TYR C 318 0.40 -72.19 -21.15
CA TYR C 318 1.64 -72.67 -20.56
C TYR C 318 1.36 -74.02 -19.90
N ASP C 319 1.71 -75.10 -20.59
CA ASP C 319 1.42 -76.45 -20.12
C ASP C 319 2.33 -76.86 -18.97
N TRP C 320 1.90 -76.50 -17.76
CA TRP C 320 2.68 -76.77 -16.57
C TRP C 320 2.86 -78.28 -16.37
N GLN C 321 4.09 -78.68 -16.06
CA GLN C 321 4.42 -80.06 -15.76
C GLN C 321 5.27 -80.09 -14.51
N GLU C 322 4.87 -80.89 -13.53
CA GLU C 322 5.61 -81.03 -12.29
C GLU C 322 6.28 -82.39 -12.26
N GLU C 323 7.56 -82.41 -11.91
CA GLU C 323 8.40 -83.58 -11.99
C GLU C 323 9.19 -83.69 -10.69
N THR C 324 9.50 -84.93 -10.29
CA THR C 324 10.23 -85.17 -9.04
C THR C 324 11.45 -86.04 -9.35
N LYS C 325 12.64 -85.52 -9.05
CA LYS C 325 13.86 -86.28 -9.21
C LYS C 325 14.12 -87.15 -7.97
N ASP C 326 15.19 -87.92 -8.03
CA ASP C 326 15.70 -88.71 -6.90
C ASP C 326 14.56 -89.58 -6.38
N TYR C 327 14.34 -89.66 -5.07
CA TYR C 327 13.27 -90.45 -4.50
C TYR C 327 12.24 -89.56 -3.82
N GLY C 328 12.19 -88.30 -4.22
CA GLY C 328 11.31 -87.33 -3.59
C GLY C 328 11.97 -85.98 -3.44
N ASN C 329 13.29 -85.97 -3.57
CA ASN C 329 14.02 -84.71 -3.51
C ASN C 329 13.92 -83.96 -4.83
N GLU C 330 14.17 -82.65 -4.75
CA GLU C 330 14.14 -81.77 -5.91
C GLU C 330 12.83 -81.86 -6.70
N PRO C 331 11.71 -81.46 -6.11
CA PRO C 331 10.48 -81.32 -6.90
C PRO C 331 10.65 -80.17 -7.88
N THR C 332 10.50 -80.47 -9.17
CA THR C 332 10.75 -79.50 -10.22
C THR C 332 9.45 -79.15 -10.91
N VAL C 333 9.41 -77.95 -11.48
CA VAL C 333 8.27 -77.46 -12.25
C VAL C 333 8.78 -77.02 -13.61
N ALA C 334 8.18 -77.53 -14.67
CA ALA C 334 8.62 -77.24 -16.02
C ALA C 334 7.43 -76.84 -16.88
N SER C 335 7.61 -75.82 -17.71
CA SER C 335 6.53 -75.32 -18.53
C SER C 335 7.09 -74.70 -19.79
N GLY C 336 6.21 -74.44 -20.74
CA GLY C 336 6.62 -73.81 -21.98
C GLY C 336 5.43 -73.65 -22.90
N PHE C 337 5.63 -72.87 -23.94
CA PHE C 337 4.60 -72.58 -24.90
C PHE C 337 5.09 -72.88 -26.31
N ILE C 338 4.17 -73.26 -27.17
CA ILE C 338 4.47 -73.52 -28.57
C ILE C 338 4.05 -72.28 -29.35
N ALA C 339 5.02 -71.46 -29.73
CA ALA C 339 4.70 -70.25 -30.47
C ALA C 339 5.86 -69.86 -31.35
N GLY C 340 5.55 -69.06 -32.37
CA GLY C 340 6.56 -68.53 -33.26
C GLY C 340 6.19 -67.12 -33.70
N ILE C 341 7.17 -66.22 -33.69
CA ILE C 341 6.96 -64.82 -34.05
C ILE C 341 7.94 -64.47 -35.15
N LYS C 342 7.52 -63.60 -36.07
CA LYS C 342 8.39 -63.15 -37.14
C LYS C 342 7.94 -61.77 -37.58
N LYS C 343 8.90 -60.89 -37.84
CA LYS C 343 8.57 -59.60 -38.42
C LYS C 343 8.15 -59.79 -39.86
N THR C 344 7.00 -59.22 -40.23
CA THR C 344 6.47 -59.42 -41.58
C THR C 344 7.44 -58.86 -42.61
N ARG C 345 8.05 -59.74 -43.40
CA ARG C 345 9.02 -59.35 -44.41
C ARG C 345 8.53 -59.81 -45.78
N PHE C 346 7.74 -58.97 -46.43
CA PHE C 346 7.27 -59.23 -47.78
C PHE C 346 8.32 -58.74 -48.76
N ASN C 347 8.52 -59.51 -49.84
CA ASN C 347 9.64 -59.32 -50.76
C ASN C 347 10.90 -59.45 -49.91
N ASP C 348 11.79 -58.46 -49.89
CA ASP C 348 12.86 -58.44 -48.92
C ASP C 348 12.91 -57.13 -48.14
N ARG C 349 11.96 -56.24 -48.35
CA ARG C 349 11.89 -54.99 -47.61
C ARG C 349 10.97 -55.18 -46.41
N ASP C 350 11.16 -54.35 -45.39
CA ASP C 350 10.34 -54.45 -44.20
C ASP C 350 8.91 -53.99 -44.48
N PHE C 351 7.99 -54.42 -43.64
CA PHE C 351 6.58 -54.07 -43.77
C PHE C 351 5.98 -53.91 -42.39
N GLY C 352 5.47 -52.71 -42.12
CA GLY C 352 4.68 -52.48 -40.92
C GLY C 352 5.42 -51.91 -39.74
N VAL C 353 6.74 -51.76 -39.80
CA VAL C 353 7.50 -51.20 -38.68
C VAL C 353 8.60 -50.31 -39.20
N ILE C 354 8.84 -49.21 -38.51
CA ILE C 354 9.93 -48.27 -38.81
C ILE C 354 10.78 -48.14 -37.56
N SER C 355 12.09 -48.30 -37.70
CA SER C 355 13.00 -48.28 -36.57
C SER C 355 13.79 -46.98 -36.57
N ILE C 356 13.93 -46.37 -35.40
CA ILE C 356 14.59 -45.08 -35.25
C ILE C 356 15.81 -45.27 -34.35
N ASP C 357 16.99 -44.92 -34.86
CA ASP C 357 18.23 -45.05 -34.09
C ASP C 357 18.65 -43.69 -33.53
N THR C 358 17.97 -43.29 -32.46
CA THR C 358 18.35 -42.07 -31.78
C THR C 358 19.60 -42.31 -30.94
N TYR C 359 19.96 -41.32 -30.13
CA TYR C 359 21.11 -41.39 -29.24
C TYR C 359 20.61 -41.27 -27.81
N ALA C 360 20.68 -42.36 -27.05
CA ALA C 360 20.18 -42.41 -25.69
C ALA C 360 21.32 -42.76 -24.75
N LYS C 361 21.60 -41.87 -23.81
CA LYS C 361 22.58 -42.10 -22.76
C LYS C 361 21.90 -41.92 -21.41
N ASP C 362 22.22 -42.79 -20.47
CA ASP C 362 21.65 -42.69 -19.14
C ASP C 362 21.99 -41.35 -18.50
N PRO C 363 21.00 -40.58 -18.05
CA PRO C 363 21.29 -39.22 -17.59
C PRO C 363 22.18 -39.17 -16.36
N ASN C 364 22.04 -40.12 -15.44
CA ASN C 364 22.77 -40.09 -14.19
C ASN C 364 24.07 -40.87 -14.31
N PRO C 365 25.23 -40.26 -14.06
CA PRO C 365 26.50 -40.98 -14.21
C PRO C 365 26.69 -42.11 -13.22
N ASN C 366 25.86 -42.18 -12.17
CA ASN C 366 26.07 -43.17 -11.12
C ASN C 366 25.91 -44.59 -11.64
N ASN C 367 24.94 -44.81 -12.53
CA ASN C 367 24.69 -46.15 -13.05
C ASN C 367 25.90 -46.62 -13.86
N PRO C 368 26.47 -47.79 -13.53
CA PRO C 368 27.65 -48.33 -14.22
C PRO C 368 27.27 -49.27 -15.36
N SER D 2 13.75 -95.18 -29.44
CA SER D 2 14.72 -94.27 -30.02
C SER D 2 14.19 -92.84 -30.07
N SER D 3 14.10 -92.28 -31.27
CA SER D 3 13.77 -90.87 -31.44
C SER D 3 12.35 -90.65 -31.95
N THR D 4 11.93 -91.39 -32.97
CA THR D 4 10.66 -91.18 -33.70
C THR D 4 10.36 -89.70 -33.86
N VAL D 5 11.35 -88.97 -34.35
CA VAL D 5 11.26 -87.51 -34.49
C VAL D 5 11.05 -87.17 -35.95
N ILE D 6 10.13 -86.26 -36.21
CA ILE D 6 9.83 -85.78 -37.55
C ILE D 6 10.63 -84.51 -37.76
N ALA D 7 11.63 -84.57 -38.64
CA ALA D 7 12.50 -83.45 -38.88
C ALA D 7 11.73 -82.29 -39.51
N PHE D 8 12.35 -81.12 -39.48
CA PHE D 8 11.69 -79.92 -40.00
C PHE D 8 11.41 -80.04 -41.49
N GLY D 9 12.36 -80.60 -42.24
CA GLY D 9 12.23 -80.71 -43.68
C GLY D 9 11.56 -81.96 -44.20
N ASP D 10 11.03 -82.82 -43.33
CA ASP D 10 10.42 -84.05 -43.79
C ASP D 10 9.14 -83.77 -44.57
N PRO D 11 8.82 -84.59 -45.57
CA PRO D 11 7.55 -84.43 -46.28
C PRO D 11 6.34 -84.56 -45.39
N LYS D 12 6.43 -85.33 -44.31
CA LYS D 12 5.29 -85.48 -43.41
C LYS D 12 4.99 -84.21 -42.64
N ALA D 13 5.92 -83.26 -42.60
CA ALA D 13 5.73 -82.03 -41.85
C ALA D 13 4.75 -81.14 -42.58
N GLN D 14 3.46 -81.36 -42.37
CA GLN D 14 2.46 -80.59 -43.09
C GLN D 14 2.56 -79.10 -42.72
N LYS D 15 1.88 -78.28 -43.51
CA LYS D 15 2.09 -76.85 -43.50
C LYS D 15 0.82 -76.16 -43.97
N LYS D 16 0.24 -75.35 -43.11
CA LYS D 16 -1.02 -74.68 -43.40
C LYS D 16 -0.76 -73.39 -44.16
N TRP D 17 -1.75 -72.98 -44.97
CA TRP D 17 -1.69 -71.74 -45.72
C TRP D 17 -2.82 -70.83 -45.27
N SER D 18 -2.51 -69.57 -45.02
CA SER D 18 -3.50 -68.65 -44.47
C SER D 18 -4.52 -68.30 -45.55
N SER D 19 -5.81 -68.39 -45.19
CA SER D 19 -6.87 -68.05 -46.14
C SER D 19 -6.98 -66.55 -46.32
N GLU D 20 -6.85 -65.78 -45.24
CA GLU D 20 -6.92 -64.33 -45.34
C GLU D 20 -5.75 -63.80 -46.15
N LEU D 21 -6.05 -62.88 -47.07
CA LEU D 21 -5.06 -62.33 -47.98
C LEU D 21 -4.90 -60.84 -47.68
N ALA D 22 -3.79 -60.49 -47.03
CA ALA D 22 -3.51 -59.09 -46.76
C ALA D 22 -3.25 -58.33 -48.06
N VAL D 23 -3.87 -57.17 -48.20
CA VAL D 23 -3.79 -56.38 -49.42
C VAL D 23 -2.99 -55.12 -49.12
N ASP D 24 -2.45 -54.54 -50.19
CA ASP D 24 -1.72 -53.28 -50.09
C ASP D 24 -2.72 -52.13 -50.28
N ILE D 25 -2.87 -51.30 -49.25
CA ILE D 25 -3.89 -50.26 -49.28
C ILE D 25 -3.52 -49.20 -50.30
N ARG D 26 -4.48 -48.84 -51.16
CA ARG D 26 -4.26 -47.81 -52.16
C ARG D 26 -4.21 -46.44 -51.51
N LYS D 27 -3.44 -45.54 -52.11
CA LYS D 27 -3.39 -44.17 -51.63
C LYS D 27 -4.73 -43.48 -51.88
N LYS D 28 -5.24 -42.80 -50.85
CA LYS D 28 -6.50 -42.10 -50.98
C LYS D 28 -6.36 -40.96 -52.00
N SER D 29 -7.35 -40.82 -52.86
CA SER D 29 -7.32 -39.78 -53.88
C SER D 29 -7.74 -38.44 -53.28
N TYR D 30 -6.96 -37.40 -53.54
CA TYR D 30 -7.33 -36.08 -53.06
C TYR D 30 -8.53 -35.54 -53.83
N PHE D 31 -8.50 -35.65 -55.16
CA PHE D 31 -9.52 -35.03 -56.01
C PHE D 31 -10.73 -35.94 -56.08
N GLU D 32 -11.50 -35.93 -55.00
CA GLU D 32 -12.73 -36.70 -54.91
C GLU D 32 -13.85 -35.97 -55.64
N SER D 33 -15.09 -36.39 -55.40
CA SER D 33 -16.24 -35.72 -56.00
C SER D 33 -16.40 -34.29 -55.48
N ARG D 34 -15.73 -33.92 -54.38
CA ARG D 34 -15.87 -32.58 -53.84
C ARG D 34 -15.29 -31.54 -54.80
N PHE D 35 -14.06 -31.76 -55.25
CA PHE D 35 -13.40 -30.76 -56.08
C PHE D 35 -13.90 -30.75 -57.52
N ILE D 36 -14.26 -31.91 -58.06
CA ILE D 36 -14.73 -32.01 -59.44
C ILE D 36 -16.21 -31.64 -59.46
N GLY D 37 -16.56 -30.65 -60.28
CA GLY D 37 -17.93 -30.19 -60.30
C GLY D 37 -18.42 -29.82 -61.69
N THR D 38 -19.69 -30.15 -61.98
CA THR D 38 -20.24 -29.87 -63.30
C THR D 38 -20.54 -28.39 -63.49
N SER D 39 -20.73 -27.65 -62.41
CA SER D 39 -21.05 -26.24 -62.51
C SER D 39 -19.81 -25.39 -62.27
N GLU D 40 -19.99 -24.07 -62.36
CA GLU D 40 -18.94 -23.14 -62.01
C GLU D 40 -18.73 -23.14 -60.49
N ASN D 41 -17.76 -22.33 -60.04
CA ASN D 41 -17.36 -22.32 -58.63
C ASN D 41 -16.96 -23.71 -58.15
N ALA D 42 -16.27 -24.46 -59.01
CA ALA D 42 -15.70 -25.74 -58.66
C ALA D 42 -14.26 -25.77 -59.14
N VAL D 43 -13.41 -26.50 -58.41
CA VAL D 43 -11.98 -26.48 -58.70
C VAL D 43 -11.71 -27.03 -60.10
N ILE D 44 -12.32 -28.17 -60.42
CA ILE D 44 -12.14 -28.82 -61.71
C ILE D 44 -13.52 -28.99 -62.33
N GLN D 45 -13.72 -28.34 -63.48
CA GLN D 45 -15.04 -28.31 -64.11
C GLN D 45 -15.21 -29.51 -65.03
N ARG D 46 -16.39 -30.10 -65.00
CA ARG D 46 -16.73 -31.22 -65.86
C ARG D 46 -17.45 -30.67 -67.09
N LYS D 47 -16.77 -30.67 -68.23
CA LYS D 47 -17.38 -30.23 -69.47
C LYS D 47 -18.23 -31.36 -70.03
N THR D 48 -19.55 -31.16 -70.05
CA THR D 48 -20.48 -32.18 -70.52
C THR D 48 -20.79 -32.04 -72.01
N GLU D 49 -19.91 -31.42 -72.78
CA GLU D 49 -20.20 -31.21 -74.19
C GLU D 49 -20.06 -32.50 -75.00
N VAL D 50 -19.04 -33.30 -74.70
CA VAL D 50 -18.79 -34.52 -75.46
C VAL D 50 -19.53 -35.72 -74.88
N GLU D 51 -20.05 -35.61 -73.65
CA GLU D 51 -20.69 -36.76 -73.01
C GLU D 51 -21.82 -37.33 -73.85
N SER D 52 -22.72 -36.47 -74.34
CA SER D 52 -23.87 -36.95 -75.09
C SER D 52 -23.61 -37.03 -76.58
N ASP D 53 -23.31 -35.90 -77.20
CA ASP D 53 -23.12 -35.81 -78.64
C ASP D 53 -21.71 -36.24 -79.02
N ALA D 54 -21.56 -36.71 -80.25
CA ALA D 54 -20.26 -37.13 -80.74
C ALA D 54 -19.32 -35.93 -80.86
N GLY D 55 -18.07 -36.15 -80.47
CA GLY D 55 -17.07 -35.09 -80.55
C GLY D 55 -15.72 -35.62 -80.17
N ASP D 56 -14.71 -34.77 -80.33
CA ASP D 56 -13.34 -35.09 -79.98
C ASP D 56 -12.69 -34.05 -79.10
N ARG D 57 -13.12 -32.79 -79.16
CA ARG D 57 -12.56 -31.74 -78.34
C ARG D 57 -13.67 -30.86 -77.81
N VAL D 58 -13.35 -30.11 -76.75
CA VAL D 58 -14.22 -29.08 -76.21
C VAL D 58 -13.44 -27.78 -76.16
N SER D 59 -14.06 -26.70 -76.64
CA SER D 59 -13.46 -25.38 -76.58
C SER D 59 -14.37 -24.46 -75.78
N PHE D 60 -13.77 -23.74 -74.84
CA PHE D 60 -14.48 -22.77 -74.00
C PHE D 60 -13.73 -21.46 -74.04
N ASP D 61 -14.45 -20.37 -73.80
CA ASP D 61 -13.91 -19.04 -74.00
C ASP D 61 -13.95 -18.22 -72.72
N LEU D 62 -12.94 -17.37 -72.54
CA LEU D 62 -12.84 -16.44 -71.43
C LEU D 62 -13.05 -15.03 -71.95
N SER D 63 -13.93 -14.27 -71.29
CA SER D 63 -14.24 -12.90 -71.67
C SER D 63 -13.57 -11.97 -70.66
N VAL D 64 -12.42 -11.43 -71.02
CA VAL D 64 -11.66 -10.58 -70.11
C VAL D 64 -12.39 -9.26 -69.91
N ARG D 65 -11.98 -8.51 -68.89
CA ARG D 65 -12.58 -7.22 -68.58
C ARG D 65 -12.22 -6.19 -69.65
N LEU D 66 -12.81 -5.00 -69.52
CA LEU D 66 -12.48 -3.87 -70.37
C LEU D 66 -11.48 -2.98 -69.65
N ARG D 67 -10.25 -2.97 -70.14
CA ARG D 67 -9.23 -2.06 -69.65
C ARG D 67 -9.04 -1.02 -70.75
N GLY D 68 -9.91 -0.01 -70.73
CA GLY D 68 -9.88 1.00 -71.77
C GLY D 68 -9.98 2.41 -71.22
N GLN D 69 -9.16 3.29 -71.73
CA GLN D 69 -9.14 4.68 -71.28
C GLN D 69 -10.50 5.32 -71.49
N PRO D 70 -11.11 5.90 -70.46
CA PRO D 70 -12.34 6.65 -70.66
C PRO D 70 -12.03 8.05 -71.15
N THR D 71 -13.10 8.74 -71.60
CA THR D 71 -12.99 10.08 -72.13
C THR D 71 -13.71 11.05 -71.21
N PHE D 72 -13.02 12.13 -70.84
CA PHE D 72 -13.56 13.14 -69.94
C PHE D 72 -14.02 14.35 -70.74
N GLY D 73 -15.12 14.96 -70.30
CA GLY D 73 -15.61 16.16 -70.93
C GLY D 73 -16.41 15.87 -72.19
N ASP D 74 -16.65 16.94 -72.94
CA ASP D 74 -17.42 16.86 -74.18
C ASP D 74 -16.46 16.62 -75.35
N ASP D 75 -15.85 15.45 -75.35
CA ASP D 75 -15.05 14.96 -76.47
C ASP D 75 -15.73 13.74 -77.05
N ARG D 76 -15.99 13.75 -78.35
CA ARG D 76 -16.77 12.68 -78.96
C ARG D 76 -16.06 11.35 -78.82
N VAL D 77 -16.85 10.30 -78.58
CA VAL D 77 -16.32 8.99 -78.28
C VAL D 77 -16.58 7.99 -79.40
N GLU D 78 -17.74 8.05 -80.05
CA GLU D 78 -18.17 6.97 -80.92
C GLU D 78 -17.19 6.69 -82.04
N GLY D 79 -16.19 7.54 -82.24
CA GLY D 79 -15.14 7.23 -83.19
C GLY D 79 -14.32 6.02 -82.76
N LYS D 80 -13.90 5.98 -81.51
CA LYS D 80 -13.08 4.89 -80.99
C LYS D 80 -13.88 4.10 -79.96
N GLU D 81 -13.81 2.78 -80.06
CA GLU D 81 -14.54 1.90 -79.16
C GLU D 81 -13.66 0.72 -78.82
N GLU D 82 -13.49 0.46 -77.53
CA GLU D 82 -12.69 -0.68 -77.11
C GLU D 82 -13.40 -1.97 -77.48
N ASN D 83 -12.60 -2.97 -77.86
CA ASN D 83 -13.11 -4.20 -78.44
C ASN D 83 -13.24 -5.30 -77.40
N LEU D 84 -14.32 -6.07 -77.49
CA LEU D 84 -14.47 -7.26 -76.66
C LEU D 84 -13.39 -8.27 -77.01
N LYS D 85 -12.49 -8.54 -76.09
CA LYS D 85 -11.38 -9.46 -76.34
C LYS D 85 -11.70 -10.81 -75.72
N PHE D 86 -11.60 -11.87 -76.52
CA PHE D 86 -11.90 -13.22 -76.09
C PHE D 86 -10.66 -14.09 -76.20
N TYR D 87 -10.57 -15.08 -75.32
CA TYR D 87 -9.51 -16.08 -75.36
C TYR D 87 -10.13 -17.47 -75.34
N THR D 88 -9.45 -18.42 -75.96
CA THR D 88 -9.98 -19.76 -76.14
C THR D 88 -8.96 -20.80 -75.70
N ASP D 89 -9.48 -21.97 -75.35
CA ASP D 89 -8.65 -23.10 -74.94
C ASP D 89 -9.42 -24.39 -75.16
N GLU D 90 -8.73 -25.42 -75.61
CA GLU D 90 -9.36 -26.66 -76.04
C GLU D 90 -8.82 -27.85 -75.27
N VAL D 91 -9.69 -28.80 -74.97
CA VAL D 91 -9.35 -30.03 -74.26
C VAL D 91 -9.70 -31.20 -75.15
N ILE D 92 -8.79 -32.18 -75.25
CA ILE D 92 -8.95 -33.31 -76.16
C ILE D 92 -9.16 -34.57 -75.33
N ILE D 93 -10.20 -35.32 -75.65
CA ILE D 93 -10.50 -36.55 -74.95
C ILE D 93 -9.82 -37.71 -75.67
N ASP D 94 -9.56 -38.79 -74.93
CA ASP D 94 -8.91 -39.96 -75.48
C ASP D 94 -9.23 -41.15 -74.59
N GLN D 95 -8.98 -42.34 -75.11
CA GLN D 95 -9.32 -43.57 -74.42
C GLN D 95 -8.10 -44.14 -73.71
N VAL D 96 -8.28 -44.51 -72.44
CA VAL D 96 -7.24 -45.15 -71.64
C VAL D 96 -7.83 -46.42 -71.04
N ARG D 97 -7.22 -47.56 -71.31
CA ARG D 97 -7.71 -48.81 -70.76
C ARG D 97 -6.55 -49.76 -70.50
N HIS D 98 -6.73 -50.63 -69.52
CA HIS D 98 -5.71 -51.58 -69.12
C HIS D 98 -6.38 -52.92 -68.83
N SER D 99 -5.59 -53.98 -68.88
CA SER D 99 -6.11 -55.33 -68.76
C SER D 99 -5.31 -56.12 -67.73
N VAL D 100 -6.01 -56.91 -66.93
CA VAL D 100 -5.38 -57.78 -65.95
C VAL D 100 -5.81 -59.22 -66.25
N SER D 101 -4.92 -60.16 -65.96
CA SER D 101 -5.13 -61.57 -66.26
C SER D 101 -5.24 -62.35 -64.97
N ALA D 102 -6.27 -63.18 -64.85
CA ALA D 102 -6.50 -63.95 -63.64
C ALA D 102 -5.84 -65.32 -63.67
N GLY D 103 -5.11 -65.65 -64.73
CA GLY D 103 -4.38 -66.90 -64.79
C GLY D 103 -5.22 -68.05 -65.29
N GLY D 104 -4.54 -69.09 -65.74
CA GLY D 104 -5.18 -70.25 -66.32
C GLY D 104 -6.02 -71.02 -65.31
N ARG D 105 -6.56 -72.15 -65.79
CA ARG D 105 -7.36 -73.00 -64.90
C ARG D 105 -6.49 -73.78 -63.94
N MET D 106 -5.29 -74.16 -64.36
CA MET D 106 -4.40 -74.87 -63.46
C MET D 106 -3.86 -73.96 -62.37
N SER D 107 -3.46 -72.74 -62.73
CA SER D 107 -2.89 -71.82 -61.76
C SER D 107 -3.92 -71.40 -60.72
N ARG D 108 -5.16 -71.17 -61.13
CA ARG D 108 -6.21 -70.83 -60.16
C ARG D 108 -6.53 -71.99 -59.25
N LYS D 109 -6.16 -73.21 -59.63
CA LYS D 109 -6.38 -74.36 -58.75
C LYS D 109 -5.38 -74.39 -57.61
N ARG D 110 -4.13 -74.05 -57.87
CA ARG D 110 -3.09 -74.17 -56.86
C ARG D 110 -3.23 -73.09 -55.79
N THR D 111 -3.47 -71.85 -56.19
CA THR D 111 -3.38 -70.74 -55.26
C THR D 111 -4.51 -70.76 -54.22
N ALA D 112 -5.70 -71.23 -54.60
CA ALA D 112 -6.87 -71.30 -53.75
C ALA D 112 -7.37 -69.94 -53.30
N HIS D 113 -6.85 -68.86 -53.88
CA HIS D 113 -7.40 -67.53 -53.70
C HIS D 113 -8.32 -67.20 -54.86
N ASP D 114 -9.29 -66.32 -54.61
CA ASP D 114 -10.16 -65.88 -55.68
C ASP D 114 -9.38 -64.90 -56.56
N LEU D 115 -8.61 -65.43 -57.52
CA LEU D 115 -7.74 -64.58 -58.31
C LEU D 115 -8.53 -63.62 -59.20
N ARG D 116 -9.69 -64.04 -59.69
CA ARG D 116 -10.48 -63.16 -60.54
C ARG D 116 -10.98 -61.94 -59.76
N LYS D 117 -11.45 -62.15 -58.53
CA LYS D 117 -11.91 -61.03 -57.72
C LYS D 117 -10.77 -60.06 -57.41
N THR D 118 -9.60 -60.60 -57.08
CA THR D 118 -8.45 -59.73 -56.82
C THR D 118 -8.03 -58.99 -58.08
N GLY D 119 -8.15 -59.64 -59.24
CA GLY D 119 -7.86 -58.95 -60.48
C GLY D 119 -8.77 -57.76 -60.71
N ARG D 120 -10.07 -57.96 -60.51
CA ARG D 120 -11.01 -56.86 -60.65
C ARG D 120 -10.72 -55.74 -59.65
N ASP D 121 -10.47 -56.12 -58.39
CA ASP D 121 -10.21 -55.11 -57.37
C ASP D 121 -8.94 -54.33 -57.67
N ARG D 122 -7.89 -55.03 -58.14
CA ARG D 122 -6.65 -54.34 -58.45
C ARG D 122 -6.81 -53.43 -59.66
N LEU D 123 -7.64 -53.83 -60.63
CA LEU D 123 -7.92 -52.91 -61.73
C LEU D 123 -8.63 -51.65 -61.24
N GLY D 124 -9.60 -51.81 -60.34
CA GLY D 124 -10.27 -50.65 -59.79
C GLY D 124 -9.29 -49.72 -59.08
N ASP D 125 -8.43 -50.29 -58.23
CA ASP D 125 -7.46 -49.48 -57.51
C ASP D 125 -6.48 -48.82 -58.47
N TYR D 126 -6.06 -49.55 -59.51
CA TYR D 126 -5.14 -49.00 -60.49
C TYR D 126 -5.73 -47.81 -61.21
N PHE D 127 -7.01 -47.88 -61.57
CA PHE D 127 -7.61 -46.75 -62.26
C PHE D 127 -7.85 -45.58 -61.31
N TYR D 128 -8.15 -45.85 -60.04
CA TYR D 128 -8.23 -44.77 -59.05
C TYR D 128 -6.92 -44.01 -58.95
N GLN D 129 -5.81 -44.75 -58.79
CA GLN D 129 -4.49 -44.13 -58.74
C GLN D 129 -4.20 -43.38 -60.02
N LEU D 130 -4.53 -43.98 -61.17
CA LEU D 130 -4.26 -43.30 -62.43
C LEU D 130 -5.00 -41.98 -62.52
N THR D 131 -6.26 -41.95 -62.09
CA THR D 131 -7.04 -40.72 -62.19
C THR D 131 -6.44 -39.61 -61.33
N ASP D 132 -6.22 -39.88 -60.03
CA ASP D 132 -5.78 -38.75 -59.19
C ASP D 132 -4.32 -38.38 -59.51
N GLU D 133 -3.50 -39.37 -59.85
CA GLU D 133 -2.17 -39.13 -60.38
C GLU D 133 -2.19 -38.20 -61.56
N LEU D 134 -3.06 -38.48 -62.53
CA LEU D 134 -3.09 -37.70 -63.77
C LEU D 134 -3.54 -36.27 -63.49
N PHE D 135 -4.52 -36.12 -62.60
CA PHE D 135 -4.95 -34.78 -62.22
C PHE D 135 -3.81 -34.00 -61.60
N PHE D 136 -3.07 -34.62 -60.68
CA PHE D 136 -1.99 -33.91 -60.01
C PHE D 136 -0.85 -33.58 -60.97
N MET D 137 -0.56 -34.46 -61.92
CA MET D 137 0.54 -34.16 -62.84
C MET D 137 0.14 -33.18 -63.92
N TYR D 138 -1.15 -32.98 -64.16
CA TYR D 138 -1.56 -31.86 -65.01
C TYR D 138 -1.57 -30.54 -64.26
N LEU D 139 -2.20 -30.49 -63.08
CA LEU D 139 -2.35 -29.22 -62.38
C LEU D 139 -0.99 -28.63 -62.02
N SER D 140 -0.06 -29.46 -61.58
CA SER D 140 1.28 -28.96 -61.28
C SER D 140 2.01 -28.54 -62.55
N GLY D 141 1.54 -28.95 -63.71
CA GLY D 141 2.11 -28.49 -64.96
C GLY D 141 3.37 -29.21 -65.41
N ALA D 142 3.80 -30.24 -64.70
CA ALA D 142 4.97 -30.99 -65.13
C ALA D 142 4.95 -32.36 -64.47
N ARG D 143 5.74 -33.27 -65.05
CA ARG D 143 5.95 -34.59 -64.49
C ARG D 143 7.34 -34.62 -63.85
N GLY D 144 7.39 -34.85 -62.56
CA GLY D 144 8.62 -34.73 -61.79
C GLY D 144 9.39 -36.03 -61.74
N ILE D 145 9.96 -36.30 -60.57
CA ILE D 145 10.77 -37.49 -60.37
C ILE D 145 10.04 -38.37 -59.35
N ASN D 146 8.71 -38.29 -59.36
CA ASN D 146 7.92 -39.13 -58.48
C ASN D 146 8.05 -40.59 -58.90
N LYS D 147 8.56 -41.43 -57.99
CA LYS D 147 8.74 -42.83 -58.33
C LYS D 147 7.44 -43.62 -58.27
N ASP D 148 6.54 -43.29 -57.34
CA ASP D 148 5.30 -44.05 -57.25
C ASP D 148 4.28 -43.54 -58.25
N PHE D 149 4.69 -43.37 -59.49
CA PHE D 149 3.79 -43.01 -60.58
C PHE D 149 3.76 -44.16 -61.58
N ILE D 150 2.57 -44.67 -61.85
CA ILE D 150 2.42 -45.75 -62.81
C ILE D 150 2.85 -45.29 -64.20
N LEU D 151 2.58 -44.03 -64.53
CA LEU D 151 3.07 -43.48 -65.78
C LEU D 151 4.60 -43.36 -65.71
N PRO D 152 5.30 -43.63 -66.81
CA PRO D 152 6.77 -43.63 -66.75
C PRO D 152 7.31 -42.22 -66.72
N THR D 153 8.59 -42.11 -66.36
CA THR D 153 9.27 -40.83 -66.44
C THR D 153 9.43 -40.41 -67.89
N SER D 154 9.58 -39.11 -68.10
CA SER D 154 9.60 -38.53 -69.45
C SER D 154 8.28 -38.80 -70.16
N PHE D 155 7.19 -38.38 -69.51
CA PHE D 155 5.84 -38.55 -70.03
C PHE D 155 5.24 -37.18 -70.33
N THR D 156 4.75 -37.01 -71.55
CA THR D 156 4.03 -35.82 -71.95
C THR D 156 2.54 -36.17 -72.09
N GLY D 157 1.70 -35.15 -72.06
CA GLY D 157 0.25 -35.33 -72.08
C GLY D 157 -0.24 -36.42 -73.01
N TYR D 158 -1.06 -37.26 -72.45
CA TYR D 158 -1.51 -38.31 -73.25
C TYR D 158 -2.30 -37.96 -74.41
N ALA D 159 -3.37 -37.31 -74.20
CA ALA D 159 -4.39 -37.05 -75.20
C ALA D 159 -4.02 -35.89 -76.12
N LYS D 160 -2.73 -35.70 -76.38
CA LYS D 160 -2.20 -34.55 -77.11
C LYS D 160 -2.44 -33.23 -76.39
N ASN D 161 -2.72 -33.29 -75.09
CA ASN D 161 -2.80 -32.10 -74.26
C ASN D 161 -1.42 -31.82 -73.67
N PRO D 162 -0.69 -30.86 -74.21
CA PRO D 162 0.69 -30.65 -73.75
C PRO D 162 0.74 -30.17 -72.32
N PHE D 163 1.85 -30.49 -71.66
CA PHE D 163 2.11 -29.96 -70.33
C PHE D 163 2.36 -28.47 -70.41
N ASN D 164 1.76 -27.71 -69.50
CA ASN D 164 1.85 -26.26 -69.51
C ASN D 164 2.57 -25.79 -68.25
N THR D 165 3.80 -25.31 -68.41
CA THR D 165 4.52 -24.73 -67.29
C THR D 165 3.90 -23.38 -66.93
N PRO D 166 3.63 -23.13 -65.65
CA PRO D 166 2.99 -21.86 -65.28
C PRO D 166 3.88 -20.67 -65.61
N ASP D 167 3.24 -19.56 -65.94
CA ASP D 167 3.94 -18.35 -66.35
C ASP D 167 4.61 -17.70 -65.14
N ALA D 168 5.27 -16.57 -65.40
CA ALA D 168 6.01 -15.89 -64.33
C ALA D 168 5.09 -15.36 -63.25
N ALA D 169 3.95 -14.78 -63.64
CA ALA D 169 3.09 -14.13 -62.66
C ALA D 169 2.36 -15.11 -61.76
N HIS D 170 2.31 -16.39 -62.13
CA HIS D 170 1.59 -17.40 -61.36
C HIS D 170 2.51 -18.40 -60.68
N LEU D 171 3.82 -18.16 -60.70
CA LEU D 171 4.79 -19.11 -60.15
C LEU D 171 5.60 -18.42 -59.07
N LEU D 172 5.18 -18.57 -57.82
CA LEU D 172 5.94 -18.04 -56.69
C LEU D 172 7.01 -19.02 -56.26
N TYR D 173 8.09 -18.49 -55.71
CA TYR D 173 9.16 -19.30 -55.17
C TYR D 173 9.28 -19.01 -53.68
N GLY D 174 9.38 -20.06 -52.88
CA GLY D 174 9.51 -19.87 -51.45
C GLY D 174 10.78 -19.14 -51.09
N GLY D 175 10.72 -18.39 -49.99
CA GLY D 175 11.89 -17.65 -49.57
C GLY D 175 12.18 -16.46 -50.47
N VAL D 176 13.47 -16.19 -50.66
CA VAL D 176 13.91 -15.02 -51.42
C VAL D 176 14.16 -15.33 -52.89
N ALA D 177 14.30 -16.60 -53.26
CA ALA D 177 14.65 -16.95 -54.62
C ALA D 177 13.58 -16.48 -55.61
N THR D 178 14.02 -16.10 -56.81
CA THR D 178 13.14 -15.59 -57.83
C THR D 178 13.10 -16.44 -59.09
N SER D 179 14.04 -17.37 -59.27
CA SER D 179 14.10 -18.17 -60.47
C SER D 179 14.30 -19.63 -60.09
N LYS D 180 14.20 -20.50 -61.09
CA LYS D 180 14.39 -21.93 -60.84
C LYS D 180 15.80 -22.22 -60.34
N ALA D 181 16.80 -21.55 -60.93
CA ALA D 181 18.19 -21.84 -60.61
C ALA D 181 18.67 -21.17 -59.33
N SER D 182 17.83 -20.35 -58.69
CA SER D 182 18.27 -19.58 -57.53
C SER D 182 17.77 -20.13 -56.20
N LEU D 183 17.15 -21.31 -56.18
CA LEU D 183 16.73 -21.89 -54.90
C LEU D 183 17.93 -22.27 -54.05
N ALA D 184 17.71 -22.27 -52.74
CA ALA D 184 18.75 -22.64 -51.78
C ALA D 184 18.10 -23.34 -50.60
N ASN D 185 18.92 -23.62 -49.58
CA ASN D 185 18.43 -24.34 -48.41
C ASN D 185 17.42 -23.51 -47.62
N THR D 186 17.61 -22.18 -47.61
CA THR D 186 16.77 -21.32 -46.79
C THR D 186 15.38 -21.10 -47.38
N ASP D 187 15.14 -21.53 -48.62
CA ASP D 187 13.87 -21.30 -49.29
C ASP D 187 12.94 -22.47 -49.03
N THR D 188 12.52 -22.61 -47.79
CA THR D 188 11.66 -23.71 -47.38
C THR D 188 10.26 -23.20 -47.08
N MET D 189 9.28 -24.05 -47.36
CA MET D 189 7.89 -23.63 -47.28
C MET D 189 7.52 -23.33 -45.83
N SER D 190 7.07 -22.11 -45.57
CA SER D 190 6.85 -21.63 -44.21
C SER D 190 5.49 -20.97 -44.12
N ARG D 191 5.21 -20.34 -42.99
CA ARG D 191 4.01 -19.53 -42.88
C ARG D 191 4.08 -18.30 -43.76
N VAL D 192 5.28 -17.75 -43.95
CA VAL D 192 5.43 -16.56 -44.78
C VAL D 192 4.98 -16.85 -46.20
N VAL D 193 5.24 -18.07 -46.69
CA VAL D 193 4.93 -18.40 -48.07
C VAL D 193 3.42 -18.46 -48.30
N ILE D 194 2.66 -18.95 -47.33
CA ILE D 194 1.21 -18.97 -47.50
C ILE D 194 0.65 -17.55 -47.59
N GLU D 195 1.13 -16.65 -46.73
CA GLU D 195 0.66 -15.27 -46.80
C GLU D 195 1.10 -14.60 -48.09
N ARG D 196 2.31 -14.92 -48.57
CA ARG D 196 2.72 -14.41 -49.87
C ARG D 196 1.81 -14.92 -50.97
N ALA D 197 1.38 -16.19 -50.87
CA ALA D 197 0.46 -16.73 -51.84
C ALA D 197 -0.88 -16.00 -51.80
N ASN D 198 -1.36 -15.68 -50.60
CA ASN D 198 -2.60 -14.91 -50.51
C ASN D 198 -2.45 -13.53 -51.12
N VAL D 199 -1.33 -12.86 -50.86
CA VAL D 199 -1.09 -11.55 -51.43
C VAL D 199 -1.06 -11.63 -52.95
N GLN D 200 -0.39 -12.66 -53.48
CA GLN D 200 -0.34 -12.82 -54.93
C GLN D 200 -1.73 -13.11 -55.48
N ALA D 201 -2.50 -13.96 -54.80
CA ALA D 201 -3.85 -14.26 -55.28
C ALA D 201 -4.72 -13.02 -55.30
N THR D 202 -4.46 -12.07 -54.39
CA THR D 202 -5.19 -10.82 -54.42
C THR D 202 -4.70 -9.90 -55.53
N MET D 203 -3.38 -9.84 -55.77
CA MET D 203 -2.85 -8.74 -56.57
C MET D 203 -2.06 -9.19 -57.79
N MET D 204 -2.33 -10.36 -58.36
CA MET D 204 -1.76 -10.63 -59.68
C MET D 204 -2.24 -9.60 -60.68
N GLN D 205 -3.53 -9.31 -60.67
CA GLN D 205 -4.09 -8.33 -61.58
C GLN D 205 -3.48 -6.95 -61.33
N ALA D 206 -3.29 -6.58 -60.06
CA ALA D 206 -2.72 -5.28 -59.74
C ALA D 206 -1.27 -5.19 -60.20
N GLN D 207 -0.50 -6.28 -60.08
CA GLN D 207 0.89 -6.22 -60.50
C GLN D 207 1.08 -6.65 -61.96
N ASP D 208 0.26 -7.57 -62.45
CA ASP D 208 0.25 -7.93 -63.87
C ASP D 208 -1.15 -7.65 -64.41
N PRO D 209 -1.33 -6.54 -65.13
CA PRO D 209 -2.71 -6.08 -65.42
C PRO D 209 -3.52 -7.02 -66.28
N GLU D 210 -2.90 -7.91 -67.06
CA GLU D 210 -3.61 -8.69 -68.05
C GLU D 210 -3.89 -10.12 -67.63
N THR D 211 -3.70 -10.46 -66.35
CA THR D 211 -4.03 -11.79 -65.86
C THR D 211 -5.52 -11.86 -65.57
N ALA D 212 -5.95 -12.90 -64.86
CA ALA D 212 -7.33 -13.05 -64.44
C ALA D 212 -7.38 -13.48 -62.98
N ASN D 213 -8.33 -12.93 -62.24
CA ASN D 213 -8.49 -13.26 -60.82
C ASN D 213 -9.18 -14.60 -60.68
N MET D 214 -8.78 -15.36 -59.67
CA MET D 214 -9.59 -16.49 -59.23
C MET D 214 -10.35 -16.12 -57.98
N VAL D 215 -11.37 -16.90 -57.67
CA VAL D 215 -12.18 -16.69 -56.49
C VAL D 215 -12.00 -17.88 -55.57
N PRO D 216 -12.44 -17.81 -54.32
CA PRO D 216 -12.42 -19.00 -53.47
C PRO D 216 -13.32 -20.10 -54.04
N VAL D 217 -12.95 -21.35 -53.74
CA VAL D 217 -13.60 -22.47 -54.39
C VAL D 217 -14.82 -22.95 -53.62
N SER D 218 -14.89 -22.65 -52.33
CA SER D 218 -15.97 -23.08 -51.44
C SER D 218 -16.13 -24.59 -51.40
N VAL D 219 -15.03 -25.34 -51.40
CA VAL D 219 -15.13 -26.79 -51.27
C VAL D 219 -15.02 -27.22 -49.82
N GLU D 220 -14.40 -26.39 -48.97
CA GLU D 220 -14.24 -26.73 -47.56
C GLU D 220 -15.35 -26.15 -46.71
N GLY D 221 -15.87 -24.98 -47.09
CA GLY D 221 -16.88 -24.29 -46.32
C GLY D 221 -16.69 -22.79 -46.44
N GLU D 222 -17.79 -22.05 -46.65
CA GLU D 222 -17.69 -20.65 -47.04
C GLU D 222 -16.67 -20.46 -48.16
N ASP D 223 -16.09 -19.27 -48.26
CA ASP D 223 -15.19 -18.95 -49.37
C ASP D 223 -13.74 -19.05 -48.91
N ARG D 224 -13.07 -20.14 -49.29
CA ARG D 224 -11.70 -20.39 -48.87
C ARG D 224 -10.88 -20.87 -50.06
N TYR D 225 -9.56 -20.64 -49.97
CA TYR D 225 -8.62 -21.17 -50.95
C TYR D 225 -8.02 -22.47 -50.43
N VAL D 226 -7.83 -23.42 -51.34
CA VAL D 226 -7.27 -24.72 -51.01
C VAL D 226 -5.85 -24.79 -51.51
N CYS D 227 -4.93 -25.19 -50.64
CA CYS D 227 -3.52 -25.31 -50.97
C CYS D 227 -3.09 -26.76 -50.77
N VAL D 228 -2.34 -27.29 -51.72
CA VAL D 228 -1.86 -28.67 -51.69
C VAL D 228 -0.35 -28.64 -51.60
N MET D 229 0.21 -29.38 -50.65
CA MET D 229 1.64 -29.36 -50.42
C MET D 229 2.17 -30.77 -50.35
N SER D 230 3.33 -31.00 -50.94
CA SER D 230 3.99 -32.29 -50.78
C SER D 230 4.32 -32.50 -49.31
N PRO D 231 4.14 -33.72 -48.78
CA PRO D 231 4.38 -33.92 -47.35
C PRO D 231 5.78 -33.58 -46.88
N PHE D 232 6.75 -33.53 -47.79
CA PHE D 232 8.04 -32.96 -47.41
C PHE D 232 7.92 -31.48 -47.09
N GLN D 233 7.12 -30.75 -47.89
CA GLN D 233 6.83 -29.36 -47.57
C GLN D 233 6.03 -29.26 -46.28
N GLU D 234 5.12 -30.20 -46.04
CA GLU D 234 4.38 -30.21 -44.78
C GLU D 234 5.31 -30.37 -43.59
N HIS D 235 6.27 -31.29 -43.70
CA HIS D 235 7.22 -31.47 -42.61
C HIS D 235 8.09 -30.24 -42.42
N SER D 236 8.53 -29.62 -43.52
CA SER D 236 9.34 -28.42 -43.41
C SER D 236 8.57 -27.28 -42.77
N LEU D 237 7.29 -27.14 -43.11
CA LEU D 237 6.45 -26.12 -42.48
C LEU D 237 6.23 -26.42 -41.00
N ARG D 238 6.06 -27.69 -40.66
CA ARG D 238 5.71 -28.05 -39.29
C ARG D 238 6.90 -27.95 -38.35
N THR D 239 8.10 -28.28 -38.81
CA THR D 239 9.27 -28.31 -37.94
C THR D 239 10.23 -27.15 -38.18
N SER D 240 10.69 -26.96 -39.42
CA SER D 240 11.73 -25.97 -39.69
C SER D 240 11.26 -24.56 -39.38
N ASP D 241 9.99 -24.26 -39.65
CA ASP D 241 9.44 -22.93 -39.47
C ASP D 241 9.27 -22.67 -37.98
N ALA D 242 10.34 -22.16 -37.36
CA ALA D 242 10.32 -21.95 -35.91
C ALA D 242 9.50 -20.72 -35.54
N ALA D 243 9.65 -19.62 -36.28
CA ALA D 243 9.01 -18.36 -35.93
C ALA D 243 7.66 -18.14 -36.59
N GLY D 244 7.21 -19.08 -37.43
CA GLY D 244 5.96 -18.89 -38.15
C GLY D 244 4.83 -19.79 -37.67
N TRP D 245 4.59 -20.87 -38.41
CA TRP D 245 3.43 -21.71 -38.16
C TRP D 245 3.45 -22.29 -36.75
N LEU D 246 4.62 -22.74 -36.30
CA LEU D 246 4.71 -23.35 -34.98
C LEU D 246 4.30 -22.37 -33.88
N GLU D 247 4.70 -21.10 -34.01
CA GLU D 247 4.41 -20.13 -32.97
C GLU D 247 2.90 -19.88 -32.86
N ILE D 248 2.23 -19.66 -34.00
CA ILE D 248 0.81 -19.36 -33.96
C ILE D 248 0.02 -20.60 -33.53
N GLN D 249 0.45 -21.79 -33.93
CA GLN D 249 -0.24 -22.99 -33.47
C GLN D 249 0.00 -23.25 -32.00
N LYS D 250 1.16 -22.87 -31.48
CA LYS D 250 1.40 -22.91 -30.04
C LYS D 250 0.43 -21.98 -29.31
N ALA D 251 0.26 -20.77 -29.84
CA ALA D 251 -0.67 -19.82 -29.23
C ALA D 251 -2.09 -20.36 -29.28
N ALA D 252 -2.47 -21.01 -30.39
CA ALA D 252 -3.79 -21.62 -30.47
C ALA D 252 -3.94 -22.75 -29.47
N ALA D 253 -2.92 -23.60 -29.35
CA ALA D 253 -2.96 -24.69 -28.38
C ALA D 253 -3.13 -24.15 -26.96
N ALA D 254 -2.65 -22.94 -26.70
CA ALA D 254 -2.86 -22.34 -25.40
C ALA D 254 -4.34 -22.24 -25.02
N ALA D 255 -5.26 -22.47 -25.97
CA ALA D 255 -6.68 -22.45 -25.69
C ALA D 255 -7.41 -23.75 -26.01
N GLU D 256 -6.80 -24.65 -26.79
CA GLU D 256 -7.43 -25.93 -27.12
C GLU D 256 -6.42 -27.06 -26.97
N GLY D 257 -5.70 -27.07 -25.84
CA GLY D 257 -4.48 -27.86 -25.66
C GLY D 257 -4.36 -29.20 -26.35
N ARG D 258 -5.35 -30.07 -26.22
CA ARG D 258 -5.23 -31.42 -26.75
C ARG D 258 -5.73 -31.54 -28.19
N ASN D 259 -6.52 -30.59 -28.68
CA ASN D 259 -7.12 -30.67 -30.00
C ASN D 259 -6.35 -29.87 -31.04
N ASN D 260 -5.16 -29.39 -30.71
CA ASN D 260 -4.43 -28.52 -31.62
C ASN D 260 -3.91 -29.31 -32.82
N PRO D 261 -3.65 -28.62 -33.93
CA PRO D 261 -3.00 -29.30 -35.06
C PRO D 261 -1.61 -29.82 -34.76
N ILE D 262 -0.94 -29.31 -33.74
CA ILE D 262 0.36 -29.88 -33.36
C ILE D 262 0.18 -31.32 -32.88
N PHE D 263 -0.84 -31.55 -32.06
CA PHE D 263 -1.11 -32.87 -31.51
C PHE D 263 -2.06 -33.69 -32.35
N LYS D 264 -2.49 -33.20 -33.50
CA LYS D 264 -3.31 -33.94 -34.44
C LYS D 264 -2.67 -33.90 -35.82
N GLY D 265 -3.38 -34.40 -36.82
CA GLY D 265 -2.81 -34.54 -38.13
C GLY D 265 -2.75 -33.29 -38.98
N GLY D 266 -3.87 -32.58 -39.08
CA GLY D 266 -3.98 -31.50 -40.02
C GLY D 266 -3.04 -30.36 -39.70
N LEU D 267 -2.90 -29.45 -40.68
CA LEU D 267 -2.06 -28.28 -40.55
C LEU D 267 -2.85 -27.02 -40.21
N GLY D 268 -4.12 -27.17 -39.86
CA GLY D 268 -4.91 -25.98 -39.60
C GLY D 268 -5.15 -25.23 -40.89
N MET D 269 -5.28 -23.92 -40.76
CA MET D 269 -5.45 -23.05 -41.92
C MET D 269 -4.75 -21.73 -41.65
N ILE D 270 -3.95 -21.29 -42.62
CA ILE D 270 -3.12 -20.09 -42.48
C ILE D 270 -3.72 -18.98 -43.33
N GLY D 271 -3.78 -17.77 -42.78
CA GLY D 271 -4.54 -16.81 -43.52
C GLY D 271 -5.99 -17.25 -43.51
N ASN D 272 -6.55 -17.38 -44.70
CA ASN D 272 -7.83 -18.07 -44.86
C ASN D 272 -7.71 -19.32 -45.72
N THR D 273 -6.51 -19.71 -46.10
CA THR D 273 -6.32 -20.86 -46.97
C THR D 273 -6.35 -22.16 -46.18
N VAL D 274 -7.06 -23.13 -46.71
CA VAL D 274 -7.05 -24.48 -46.16
C VAL D 274 -5.84 -25.21 -46.72
N LEU D 275 -5.02 -25.76 -45.83
CA LEU D 275 -3.83 -26.48 -46.23
C LEU D 275 -4.09 -27.98 -46.16
N HIS D 276 -3.89 -28.66 -47.28
CA HIS D 276 -3.96 -30.11 -47.35
C HIS D 276 -2.62 -30.63 -47.86
N SER D 277 -2.20 -31.76 -47.33
CA SER D 277 -0.98 -32.42 -47.79
C SER D 277 -1.36 -33.77 -48.39
N HIS D 278 -0.89 -34.02 -49.61
CA HIS D 278 -1.18 -35.26 -50.31
C HIS D 278 0.11 -35.82 -50.88
N ARG D 279 0.20 -37.14 -50.91
CA ARG D 279 1.46 -37.81 -51.21
C ARG D 279 1.94 -37.50 -52.62
N ASN D 280 1.06 -37.69 -53.61
CA ASN D 280 1.47 -37.61 -55.01
C ASN D 280 1.32 -36.16 -55.49
N VAL D 281 2.25 -35.32 -55.04
CA VAL D 281 2.40 -33.97 -55.55
C VAL D 281 3.73 -33.92 -56.30
N VAL D 282 3.70 -33.36 -57.51
CA VAL D 282 4.88 -33.37 -58.37
C VAL D 282 6.06 -32.77 -57.63
N ARG D 283 7.20 -33.46 -57.66
CA ARG D 283 8.38 -33.07 -56.90
C ARG D 283 9.60 -33.30 -57.77
N PHE D 284 10.26 -32.21 -58.15
CA PHE D 284 11.41 -32.27 -59.04
C PHE D 284 12.70 -32.49 -58.26
N SER D 285 13.76 -32.85 -58.99
CA SER D 285 15.09 -32.95 -58.44
C SER D 285 16.14 -32.31 -59.36
N ASP D 286 15.75 -31.28 -60.11
CA ASP D 286 16.64 -30.62 -61.04
C ASP D 286 16.87 -29.15 -60.71
N TYR D 287 16.21 -28.62 -59.68
CA TYR D 287 16.32 -27.21 -59.34
C TYR D 287 17.68 -26.91 -58.69
N GLY D 288 17.87 -25.64 -58.38
CA GLY D 288 19.08 -25.19 -57.70
C GLY D 288 20.13 -24.68 -58.67
N ALA D 289 21.20 -24.15 -58.09
CA ALA D 289 22.31 -23.64 -58.90
C ALA D 289 23.02 -24.78 -59.62
N GLY D 290 23.29 -25.87 -58.91
CA GLY D 290 23.97 -27.01 -59.48
C GLY D 290 23.07 -28.08 -60.05
N SER D 291 21.77 -27.79 -60.21
CA SER D 291 20.80 -28.74 -60.74
C SER D 291 20.73 -30.01 -59.89
N ASP D 292 20.83 -29.85 -58.57
CA ASP D 292 20.77 -31.01 -57.68
C ASP D 292 19.96 -30.77 -56.41
N GLN D 293 19.26 -29.63 -56.30
CA GLN D 293 18.49 -29.35 -55.11
C GLN D 293 17.05 -29.82 -55.29
N PRO D 294 16.58 -30.77 -54.50
CA PRO D 294 15.20 -31.23 -54.65
C PRO D 294 14.21 -30.14 -54.31
N ALA D 295 13.06 -30.16 -54.99
CA ALA D 295 12.01 -29.20 -54.73
C ALA D 295 10.70 -29.75 -55.24
N ALA D 296 9.60 -29.17 -54.76
CA ALA D 296 8.27 -29.64 -55.07
C ALA D 296 7.37 -28.47 -55.39
N ARG D 297 6.35 -28.70 -56.22
CA ARG D 297 5.42 -27.65 -56.61
C ARG D 297 4.14 -27.80 -55.81
N ALA D 298 3.92 -26.90 -54.87
CA ALA D 298 2.62 -26.83 -54.23
C ALA D 298 1.59 -26.28 -55.20
N LEU D 299 0.32 -26.42 -54.85
CA LEU D 299 -0.78 -25.93 -55.67
C LEU D 299 -1.63 -24.98 -54.85
N PHE D 300 -1.96 -23.84 -55.42
CA PHE D 300 -2.88 -22.88 -54.81
C PHE D 300 -4.07 -22.78 -55.77
N MET D 301 -5.15 -23.48 -55.44
CA MET D 301 -6.21 -23.77 -56.39
C MET D 301 -7.40 -22.85 -56.21
N GLY D 302 -7.92 -22.33 -57.31
CA GLY D 302 -9.07 -21.45 -57.28
C GLY D 302 -9.89 -21.45 -58.56
N ARG D 303 -11.21 -21.59 -58.42
CA ARG D 303 -12.16 -21.58 -59.55
C ARG D 303 -11.71 -22.60 -60.58
N GLN D 304 -11.56 -22.25 -61.85
CA GLN D 304 -11.32 -23.22 -62.91
C GLN D 304 -9.84 -23.60 -62.96
N ALA D 305 -9.44 -24.39 -61.96
CA ALA D 305 -8.06 -24.85 -61.92
C ALA D 305 -7.72 -25.68 -63.16
N ALA D 306 -8.62 -26.59 -63.53
CA ALA D 306 -8.45 -27.40 -64.73
C ALA D 306 -9.82 -27.91 -65.15
N VAL D 307 -9.95 -28.22 -66.43
CA VAL D 307 -11.19 -28.73 -66.98
C VAL D 307 -10.98 -30.18 -67.37
N VAL D 308 -11.97 -31.02 -67.08
CA VAL D 308 -11.97 -32.41 -67.48
C VAL D 308 -13.21 -32.66 -68.32
N ALA D 309 -13.04 -33.33 -69.45
CA ALA D 309 -14.14 -33.63 -70.37
C ALA D 309 -14.29 -35.13 -70.42
N TYR D 310 -15.15 -35.67 -69.56
CA TYR D 310 -15.44 -37.10 -69.61
C TYR D 310 -16.12 -37.47 -70.92
N GLY D 311 -15.72 -38.60 -71.48
CA GLY D 311 -16.48 -39.24 -72.53
C GLY D 311 -17.59 -40.08 -71.92
N THR D 312 -18.22 -40.87 -72.78
CA THR D 312 -19.37 -41.71 -72.39
C THR D 312 -20.45 -40.85 -71.75
N LYS D 313 -21.33 -41.46 -70.96
CA LYS D 313 -22.41 -40.72 -70.34
C LYS D 313 -21.86 -39.94 -69.15
N GLY D 314 -22.69 -39.15 -68.49
CA GLY D 314 -22.28 -38.30 -67.39
C GLY D 314 -21.57 -39.04 -66.28
N GLY D 315 -20.46 -38.48 -65.82
CA GLY D 315 -19.59 -39.16 -64.88
C GLY D 315 -18.78 -40.25 -65.56
N LEU D 316 -17.56 -40.43 -65.07
CA LEU D 316 -16.68 -41.43 -65.64
C LEU D 316 -17.25 -42.81 -65.39
N ARG D 317 -17.26 -43.66 -66.43
CA ARG D 317 -17.89 -44.96 -66.38
C ARG D 317 -16.88 -45.99 -66.86
N TYR D 318 -16.28 -46.72 -65.92
CA TYR D 318 -15.39 -47.82 -66.27
C TYR D 318 -16.22 -48.94 -66.89
N ASP D 319 -16.08 -49.12 -68.21
CA ASP D 319 -16.82 -50.16 -68.93
C ASP D 319 -16.06 -51.48 -68.83
N TRP D 320 -16.29 -52.22 -67.76
CA TRP D 320 -15.62 -53.50 -67.55
C TRP D 320 -15.95 -54.45 -68.69
N GLN D 321 -14.93 -55.09 -69.24
CA GLN D 321 -15.09 -56.06 -70.30
C GLN D 321 -14.37 -57.35 -69.92
N GLU D 322 -15.07 -58.46 -69.96
CA GLU D 322 -14.53 -59.76 -69.57
C GLU D 322 -14.54 -60.69 -70.76
N GLU D 323 -13.34 -61.02 -71.27
CA GLU D 323 -13.20 -62.01 -72.33
C GLU D 323 -12.11 -62.98 -71.95
N THR D 324 -12.36 -64.27 -72.20
CA THR D 324 -11.49 -65.34 -71.76
C THR D 324 -10.73 -65.89 -72.94
N LYS D 325 -9.40 -65.96 -72.81
CA LYS D 325 -8.60 -66.57 -73.86
C LYS D 325 -8.81 -68.09 -73.86
N ASP D 326 -8.21 -68.73 -74.86
CA ASP D 326 -8.26 -70.18 -74.98
C ASP D 326 -9.70 -70.67 -75.00
N TYR D 327 -9.92 -71.91 -74.56
CA TYR D 327 -11.30 -72.41 -74.49
C TYR D 327 -11.94 -72.05 -73.16
N GLY D 328 -11.23 -72.27 -72.06
CA GLY D 328 -11.74 -71.88 -70.76
C GLY D 328 -10.67 -71.35 -69.84
N ASN D 329 -9.44 -71.29 -70.33
CA ASN D 329 -8.31 -70.87 -69.51
C ASN D 329 -8.17 -69.34 -69.52
N GLU D 330 -7.46 -68.84 -68.52
CA GLU D 330 -7.06 -67.44 -68.45
C GLU D 330 -8.22 -66.47 -68.60
N PRO D 331 -9.22 -66.50 -67.71
CA PRO D 331 -10.24 -65.45 -67.72
C PRO D 331 -9.59 -64.10 -67.48
N THR D 332 -10.03 -63.10 -68.23
CA THR D 332 -9.38 -61.81 -68.26
C THR D 332 -10.38 -60.69 -68.02
N VAL D 333 -9.97 -59.70 -67.23
CA VAL D 333 -10.77 -58.51 -66.95
C VAL D 333 -10.02 -57.31 -67.49
N ALA D 334 -10.72 -56.47 -68.26
CA ALA D 334 -10.15 -55.26 -68.80
C ALA D 334 -11.21 -54.17 -68.80
N SER D 335 -10.81 -52.95 -68.49
CA SER D 335 -11.72 -51.82 -68.41
C SER D 335 -10.98 -50.54 -68.77
N GLY D 336 -11.75 -49.50 -69.02
CA GLY D 336 -11.15 -48.23 -69.42
C GLY D 336 -12.11 -47.08 -69.28
N PHE D 337 -11.56 -45.89 -69.42
CA PHE D 337 -12.32 -44.65 -69.33
C PHE D 337 -11.90 -43.73 -70.46
N ILE D 338 -12.82 -42.88 -70.90
CA ILE D 338 -12.57 -41.91 -71.96
C ILE D 338 -12.65 -40.53 -71.33
N ALA D 339 -11.50 -39.90 -71.12
CA ALA D 339 -11.49 -38.59 -70.49
C ALA D 339 -10.23 -37.85 -70.88
N GLY D 340 -10.32 -36.52 -70.86
CA GLY D 340 -9.18 -35.67 -71.13
C GLY D 340 -9.11 -34.52 -70.15
N ILE D 341 -7.92 -34.20 -69.68
CA ILE D 341 -7.74 -33.18 -68.66
C ILE D 341 -6.68 -32.19 -69.14
N LYS D 342 -6.84 -30.93 -68.74
CA LYS D 342 -5.79 -29.94 -68.92
C LYS D 342 -6.08 -28.76 -68.00
N LYS D 343 -5.02 -28.08 -67.58
CA LYS D 343 -5.20 -26.87 -66.79
C LYS D 343 -5.68 -25.75 -67.70
N THR D 344 -6.64 -24.98 -67.20
CA THR D 344 -7.18 -23.85 -67.97
C THR D 344 -6.06 -22.85 -68.20
N ARG D 345 -5.65 -22.68 -69.46
CA ARG D 345 -4.65 -21.70 -69.84
C ARG D 345 -5.24 -20.89 -70.99
N PHE D 346 -6.00 -19.86 -70.64
CA PHE D 346 -6.67 -19.07 -71.66
C PHE D 346 -5.67 -18.26 -72.49
N ASN D 347 -4.69 -17.66 -71.84
CA ASN D 347 -3.62 -16.95 -72.50
C ASN D 347 -2.31 -17.67 -72.17
N ASP D 348 -1.19 -17.05 -72.52
CA ASP D 348 0.10 -17.62 -72.16
C ASP D 348 0.31 -17.68 -70.65
N ARG D 349 -0.69 -17.29 -69.86
CA ARG D 349 -0.62 -17.24 -68.41
C ARG D 349 -1.79 -18.02 -67.81
N ASP D 350 -1.56 -18.63 -66.66
CA ASP D 350 -2.54 -19.53 -66.07
C ASP D 350 -3.79 -18.77 -65.62
N PHE D 351 -4.74 -19.53 -65.10
CA PHE D 351 -6.03 -18.97 -64.65
C PHE D 351 -6.53 -19.81 -63.50
N GLY D 352 -6.24 -19.39 -62.27
CA GLY D 352 -6.79 -20.02 -61.09
C GLY D 352 -5.87 -20.98 -60.36
N VAL D 353 -4.61 -21.11 -60.76
CA VAL D 353 -3.66 -21.97 -60.07
C VAL D 353 -2.37 -21.19 -59.87
N ILE D 354 -1.97 -21.03 -58.61
CA ILE D 354 -0.74 -20.34 -58.26
C ILE D 354 0.23 -21.40 -57.76
N SER D 355 1.16 -21.79 -58.61
CA SER D 355 2.08 -22.89 -58.28
C SER D 355 3.13 -22.38 -57.33
N ILE D 356 2.95 -22.64 -56.04
CA ILE D 356 3.97 -22.35 -55.04
C ILE D 356 5.08 -23.37 -55.21
N ASP D 357 6.32 -22.90 -55.34
CA ASP D 357 7.46 -23.74 -55.66
C ASP D 357 8.52 -23.55 -54.59
N THR D 358 8.76 -24.58 -53.80
CA THR D 358 9.62 -24.46 -52.63
C THR D 358 10.62 -25.61 -52.59
N TYR D 359 11.78 -25.34 -51.99
CA TYR D 359 12.76 -26.37 -51.73
C TYR D 359 12.25 -27.33 -50.67
N ALA D 360 12.26 -28.62 -50.97
CA ALA D 360 11.76 -29.64 -50.03
C ALA D 360 12.69 -30.85 -50.09
N LYS D 361 13.71 -30.84 -49.25
CA LYS D 361 14.59 -31.98 -49.12
C LYS D 361 13.86 -33.11 -48.42
N ASP D 362 13.95 -34.33 -48.96
CA ASP D 362 13.31 -35.46 -48.30
C ASP D 362 13.92 -35.62 -46.92
N PRO D 363 13.11 -35.87 -45.89
CA PRO D 363 13.59 -35.67 -44.51
C PRO D 363 14.80 -36.50 -44.13
N ASN D 364 14.90 -37.74 -44.61
CA ASN D 364 16.01 -38.58 -44.18
C ASN D 364 16.90 -38.96 -45.35
N PRO D 365 18.20 -39.07 -45.14
CA PRO D 365 19.11 -39.36 -46.25
C PRO D 365 19.23 -40.85 -46.57
N ASN D 366 18.81 -41.73 -45.67
CA ASN D 366 18.90 -43.16 -45.95
C ASN D 366 17.96 -43.61 -47.05
N ASN D 367 16.99 -42.78 -47.41
CA ASN D 367 16.04 -43.15 -48.43
C ASN D 367 16.74 -43.29 -49.77
N PRO D 368 16.55 -44.39 -50.50
CA PRO D 368 17.23 -44.56 -51.78
C PRO D 368 16.92 -43.47 -52.79
N ALA D 369 15.71 -42.92 -52.77
CA ALA D 369 15.34 -41.86 -53.70
C ALA D 369 14.75 -40.66 -52.96
N SER E 2 -7.49 -53.84 -93.08
CA SER E 2 -7.13 -52.66 -92.30
C SER E 2 -8.38 -52.05 -91.66
N SER E 3 -8.40 -52.01 -90.34
CA SER E 3 -9.56 -51.48 -89.63
C SER E 3 -9.71 -49.98 -89.91
N THR E 4 -10.95 -49.53 -89.88
CA THR E 4 -11.24 -48.12 -90.11
C THR E 4 -10.61 -47.25 -89.03
N VAL E 5 -10.08 -46.10 -89.44
CA VAL E 5 -9.51 -45.14 -88.51
C VAL E 5 -9.98 -43.75 -88.91
N ILE E 6 -10.38 -42.96 -87.91
CA ILE E 6 -10.63 -41.54 -88.13
C ILE E 6 -9.42 -40.70 -87.75
N ALA E 7 -8.49 -41.27 -86.99
CA ALA E 7 -7.18 -40.67 -86.69
C ALA E 7 -7.39 -39.36 -85.93
N PHE E 8 -6.47 -38.43 -86.09
CA PHE E 8 -6.51 -37.13 -85.43
C PHE E 8 -6.25 -36.06 -86.47
N GLY E 9 -6.97 -34.95 -86.36
CA GLY E 9 -6.82 -33.87 -87.31
C GLY E 9 -7.32 -34.18 -88.71
N ASP E 10 -8.41 -34.93 -88.82
CA ASP E 10 -9.13 -35.08 -90.08
C ASP E 10 -10.46 -34.33 -90.00
N PRO E 11 -10.98 -33.85 -91.12
CA PRO E 11 -12.22 -33.06 -91.06
C PRO E 11 -13.41 -33.83 -90.49
N LYS E 12 -13.33 -35.16 -90.47
CA LYS E 12 -14.41 -35.96 -89.88
C LYS E 12 -14.46 -35.85 -88.36
N ALA E 13 -13.37 -35.43 -87.72
CA ALA E 13 -13.30 -35.40 -86.26
C ALA E 13 -13.94 -34.11 -85.76
N GLN E 14 -15.27 -34.12 -85.68
CA GLN E 14 -16.00 -32.91 -85.32
C GLN E 14 -15.74 -32.53 -83.87
N LYS E 15 -15.76 -31.23 -83.62
CA LYS E 15 -15.50 -30.64 -82.32
C LYS E 15 -16.73 -29.88 -81.85
N LYS E 16 -16.94 -29.82 -80.54
CA LYS E 16 -18.06 -29.11 -79.96
C LYS E 16 -17.55 -27.95 -79.13
N TRP E 17 -18.27 -26.82 -79.19
CA TRP E 17 -17.86 -25.60 -78.50
C TRP E 17 -18.75 -25.37 -77.28
N SER E 18 -18.12 -25.01 -76.17
CA SER E 18 -18.84 -24.86 -74.91
C SER E 18 -19.66 -23.58 -74.91
N SER E 19 -20.88 -23.67 -74.37
CA SER E 19 -21.79 -22.53 -74.38
C SER E 19 -21.41 -21.48 -73.34
N GLU E 20 -21.06 -21.89 -72.14
CA GLU E 20 -20.80 -20.94 -71.07
C GLU E 20 -19.46 -20.24 -71.27
N LEU E 21 -19.40 -18.96 -70.88
CA LEU E 21 -18.17 -18.19 -70.88
C LEU E 21 -17.68 -18.02 -69.44
N ALA E 22 -16.44 -18.41 -69.20
CA ALA E 22 -15.78 -18.07 -67.95
C ALA E 22 -15.50 -16.57 -67.94
N VAL E 23 -16.13 -15.85 -67.03
CA VAL E 23 -16.04 -14.39 -66.99
C VAL E 23 -15.04 -13.99 -65.91
N ASP E 24 -14.26 -12.96 -66.19
CA ASP E 24 -13.31 -12.44 -65.22
C ASP E 24 -14.07 -11.68 -64.14
N ILE E 25 -13.89 -12.11 -62.89
CA ILE E 25 -14.70 -11.56 -61.80
C ILE E 25 -14.27 -10.14 -61.50
N ARG E 26 -15.27 -9.25 -61.37
CA ARG E 26 -15.04 -7.86 -61.03
C ARG E 26 -14.45 -7.72 -59.63
N LYS E 27 -13.63 -6.69 -59.44
CA LYS E 27 -13.12 -6.37 -58.12
C LYS E 27 -14.27 -5.87 -57.24
N LYS E 28 -14.56 -6.58 -56.17
CA LYS E 28 -15.63 -6.14 -55.27
C LYS E 28 -15.24 -4.79 -54.68
N SER E 29 -15.96 -3.75 -55.08
CA SER E 29 -15.60 -2.40 -54.70
C SER E 29 -15.73 -2.21 -53.19
N TYR E 30 -14.77 -1.48 -52.61
CA TYR E 30 -14.83 -1.25 -51.18
C TYR E 30 -15.89 -0.22 -50.82
N PHE E 31 -16.00 0.85 -51.60
CA PHE E 31 -16.92 1.94 -51.29
C PHE E 31 -18.32 1.57 -51.78
N GLU E 32 -18.93 0.62 -51.09
CA GLU E 32 -20.27 0.17 -51.39
C GLU E 32 -21.26 1.28 -50.99
N SER E 33 -22.54 1.02 -51.24
CA SER E 33 -23.57 2.03 -50.99
C SER E 33 -23.72 2.38 -49.52
N ARG E 34 -23.18 1.59 -48.60
CA ARG E 34 -23.27 1.95 -47.19
C ARG E 34 -22.31 3.08 -46.84
N PHE E 35 -21.19 3.21 -47.55
CA PHE E 35 -20.29 4.33 -47.32
C PHE E 35 -20.83 5.60 -47.95
N ILE E 36 -21.42 5.52 -49.14
CA ILE E 36 -22.00 6.69 -49.78
C ILE E 36 -23.31 7.04 -49.10
N GLY E 37 -23.48 8.31 -48.75
CA GLY E 37 -24.71 8.73 -48.11
C GLY E 37 -24.95 10.20 -48.35
N THR E 38 -26.08 10.68 -47.83
CA THR E 38 -26.44 12.08 -47.95
C THR E 38 -26.84 12.70 -46.63
N SER E 39 -26.69 11.97 -45.52
CA SER E 39 -27.18 12.41 -44.22
C SER E 39 -26.04 12.81 -43.28
N GLU E 40 -24.99 13.41 -43.82
CA GLU E 40 -23.86 13.99 -43.07
C GLU E 40 -23.26 13.02 -42.06
N ASN E 41 -23.54 11.73 -42.21
CA ASN E 41 -23.04 10.71 -41.30
C ASN E 41 -22.48 9.54 -42.08
N ALA E 42 -21.99 9.82 -43.29
CA ALA E 42 -21.42 8.80 -44.15
C ALA E 42 -20.06 9.26 -44.63
N VAL E 43 -19.18 8.29 -44.90
CA VAL E 43 -17.77 8.61 -45.13
C VAL E 43 -17.63 9.63 -46.25
N ILE E 44 -18.30 9.41 -47.37
CA ILE E 44 -18.29 10.34 -48.49
C ILE E 44 -19.74 10.73 -48.79
N GLN E 45 -19.99 12.03 -48.83
CA GLN E 45 -21.35 12.55 -48.89
C GLN E 45 -21.78 12.76 -50.34
N ARG E 46 -23.06 12.52 -50.59
CA ARG E 46 -23.63 12.60 -51.93
C ARG E 46 -24.39 13.92 -52.05
N LYS E 47 -23.68 14.96 -52.46
CA LYS E 47 -24.31 16.27 -52.59
C LYS E 47 -25.34 16.24 -53.71
N THR E 48 -26.59 16.59 -53.36
CA THR E 48 -27.74 16.40 -54.23
C THR E 48 -28.27 17.72 -54.79
N GLU E 49 -27.43 18.75 -54.87
CA GLU E 49 -27.90 20.07 -55.22
C GLU E 49 -27.69 20.43 -56.69
N VAL E 50 -26.84 19.71 -57.41
CA VAL E 50 -26.59 19.99 -58.81
C VAL E 50 -27.44 19.13 -59.73
N GLU E 51 -28.10 18.12 -59.18
CA GLU E 51 -28.98 17.26 -59.96
C GLU E 51 -30.36 17.89 -60.04
N SER E 52 -31.02 17.72 -61.20
CA SER E 52 -32.32 18.30 -61.54
C SER E 52 -32.25 19.79 -61.75
N ASP E 53 -31.10 20.42 -61.55
CA ASP E 53 -30.91 21.84 -61.80
C ASP E 53 -29.81 22.02 -62.85
N ALA E 54 -29.42 23.27 -63.07
CA ALA E 54 -28.33 23.60 -63.98
C ALA E 54 -27.17 24.11 -63.14
N GLY E 55 -26.03 23.42 -63.24
CA GLY E 55 -24.86 23.82 -62.48
C GLY E 55 -23.59 23.09 -62.86
N ASP E 56 -22.51 23.84 -63.05
CA ASP E 56 -21.21 23.26 -63.34
C ASP E 56 -20.38 23.13 -62.07
N ARG E 57 -20.97 23.40 -60.91
CA ARG E 57 -20.25 23.41 -59.65
C ARG E 57 -21.24 23.17 -58.51
N VAL E 58 -20.69 22.83 -57.36
CA VAL E 58 -21.43 22.83 -56.10
C VAL E 58 -20.49 23.32 -55.01
N SER E 59 -20.93 24.30 -54.24
CA SER E 59 -20.14 24.87 -53.17
C SER E 59 -20.87 24.71 -51.84
N PHE E 60 -20.15 24.26 -50.82
CA PHE E 60 -20.69 24.01 -49.50
C PHE E 60 -19.81 24.66 -48.45
N ASP E 61 -20.33 24.78 -47.24
CA ASP E 61 -19.78 25.67 -46.23
C ASP E 61 -19.50 24.91 -44.93
N LEU E 62 -18.50 25.39 -44.20
CA LEU E 62 -18.18 24.87 -42.87
C LEU E 62 -18.00 26.02 -41.91
N SER E 63 -18.69 25.97 -40.77
CA SER E 63 -18.63 27.02 -39.75
C SER E 63 -17.75 26.55 -38.60
N VAL E 64 -16.64 27.25 -38.38
CA VAL E 64 -15.66 26.88 -37.37
C VAL E 64 -16.22 27.26 -36.01
N ARG E 65 -15.61 26.75 -34.94
CA ARG E 65 -16.06 27.02 -33.58
C ARG E 65 -15.79 28.47 -33.20
N LEU E 66 -16.17 28.81 -31.96
CA LEU E 66 -15.88 30.12 -31.37
C LEU E 66 -14.69 30.01 -30.45
N ARG E 67 -13.80 30.99 -30.51
CA ARG E 67 -12.66 31.08 -29.61
C ARG E 67 -12.48 32.54 -29.23
N GLY E 68 -12.84 32.89 -28.01
CA GLY E 68 -12.68 34.25 -27.53
C GLY E 68 -12.67 34.33 -26.03
N GLN E 69 -11.72 35.07 -25.47
CA GLN E 69 -11.60 35.18 -24.03
C GLN E 69 -12.84 35.85 -23.46
N PRO E 70 -13.59 35.19 -22.58
CA PRO E 70 -14.79 35.83 -22.02
C PRO E 70 -14.40 36.96 -21.07
N THR E 71 -15.37 37.84 -20.82
CA THR E 71 -15.13 39.03 -20.01
C THR E 71 -15.49 38.74 -18.56
N PHE E 72 -14.50 38.28 -17.80
CA PHE E 72 -14.71 38.07 -16.37
C PHE E 72 -14.83 39.39 -15.65
N GLY E 73 -15.64 39.40 -14.59
CA GLY E 73 -15.85 40.59 -13.81
C GLY E 73 -17.12 41.31 -14.17
N ASP E 74 -17.11 42.62 -13.95
CA ASP E 74 -18.22 43.49 -14.34
C ASP E 74 -17.80 44.51 -15.40
N ASP E 75 -16.67 44.29 -16.05
CA ASP E 75 -16.30 45.16 -17.16
C ASP E 75 -17.23 44.92 -18.35
N ARG E 76 -17.31 45.93 -19.21
CA ARG E 76 -18.29 45.91 -20.28
C ARG E 76 -17.91 44.88 -21.33
N VAL E 77 -18.93 44.25 -21.91
CA VAL E 77 -18.73 43.28 -22.98
C VAL E 77 -19.19 43.82 -24.33
N GLU E 78 -20.11 44.78 -24.36
CA GLU E 78 -20.56 45.34 -25.64
C GLU E 78 -19.39 45.95 -26.38
N GLY E 79 -19.26 45.61 -27.66
CA GLY E 79 -18.15 46.03 -28.48
C GLY E 79 -17.14 44.94 -28.74
N LYS E 80 -17.09 43.90 -27.91
CA LYS E 80 -16.23 42.75 -28.14
C LYS E 80 -17.10 41.57 -28.56
N GLU E 81 -17.37 41.51 -29.86
CA GLU E 81 -18.19 40.47 -30.45
C GLU E 81 -17.35 39.63 -31.41
N GLU E 82 -17.62 38.33 -31.45
CA GLU E 82 -16.80 37.40 -32.20
C GLU E 82 -17.21 37.39 -33.67
N ASN E 83 -16.27 36.94 -34.51
CA ASN E 83 -16.38 37.12 -35.95
C ASN E 83 -17.34 36.14 -36.61
N LEU E 84 -17.50 34.94 -36.05
CA LEU E 84 -18.18 33.83 -36.73
C LEU E 84 -17.51 33.54 -38.07
N LYS E 85 -16.26 33.11 -37.99
CA LYS E 85 -15.51 32.80 -39.20
C LYS E 85 -16.14 31.60 -39.92
N PHE E 86 -16.16 31.67 -41.25
CA PHE E 86 -16.71 30.62 -42.08
C PHE E 86 -15.65 30.08 -43.02
N TYR E 87 -15.84 28.83 -43.45
CA TYR E 87 -14.96 28.21 -44.42
C TYR E 87 -15.80 27.52 -45.49
N THR E 88 -15.29 27.50 -46.72
CA THR E 88 -16.05 26.98 -47.84
C THR E 88 -15.14 26.25 -48.81
N ASP E 89 -15.75 25.36 -49.60
CA ASP E 89 -15.05 24.65 -50.66
C ASP E 89 -16.08 24.23 -51.70
N GLU E 90 -15.60 23.95 -52.91
CA GLU E 90 -16.47 23.66 -54.03
C GLU E 90 -16.01 22.39 -54.74
N VAL E 91 -16.98 21.65 -55.29
CA VAL E 91 -16.73 20.47 -56.11
C VAL E 91 -17.19 20.78 -57.52
N ILE E 92 -16.34 20.50 -58.50
CA ILE E 92 -16.62 20.80 -59.90
C ILE E 92 -17.04 19.52 -60.59
N ILE E 93 -18.17 19.57 -61.28
CA ILE E 93 -18.81 18.38 -61.84
C ILE E 93 -18.34 18.19 -63.27
N ASP E 94 -18.33 16.93 -63.71
CA ASP E 94 -17.94 16.59 -65.07
C ASP E 94 -18.50 15.22 -65.39
N GLN E 95 -18.49 14.88 -66.69
CA GLN E 95 -19.04 13.63 -67.18
C GLN E 95 -17.96 12.72 -67.74
N VAL E 96 -18.18 11.42 -67.63
CA VAL E 96 -17.29 10.39 -68.13
C VAL E 96 -18.13 9.34 -68.83
N ARG E 97 -17.76 8.98 -70.05
CA ARG E 97 -18.49 7.98 -70.81
C ARG E 97 -17.54 7.16 -71.66
N HIS E 98 -17.98 5.96 -72.02
CA HIS E 98 -17.18 5.03 -72.78
C HIS E 98 -18.10 4.11 -73.56
N SER E 99 -17.54 3.46 -74.59
CA SER E 99 -18.33 2.65 -75.49
C SER E 99 -17.58 1.39 -75.87
N VAL E 100 -18.33 0.30 -76.05
CA VAL E 100 -17.78 -0.98 -76.46
C VAL E 100 -18.57 -1.45 -77.68
N SER E 101 -17.88 -2.08 -78.62
CA SER E 101 -18.45 -2.39 -79.93
C SER E 101 -18.51 -3.91 -80.11
N ALA E 102 -19.70 -4.47 -79.98
CA ALA E 102 -19.94 -5.87 -80.33
C ALA E 102 -20.10 -5.95 -81.84
N GLY E 103 -18.99 -5.74 -82.54
CA GLY E 103 -19.00 -5.34 -83.93
C GLY E 103 -19.06 -6.49 -84.91
N GLY E 104 -19.22 -6.11 -86.18
CA GLY E 104 -19.25 -7.05 -87.28
C GLY E 104 -20.59 -7.72 -87.47
N ARG E 105 -21.09 -7.72 -88.71
CA ARG E 105 -22.24 -8.59 -89.02
C ARG E 105 -21.78 -10.03 -89.19
N MET E 106 -20.57 -10.23 -89.69
CA MET E 106 -20.02 -11.57 -89.82
C MET E 106 -19.38 -12.05 -88.53
N SER E 107 -18.74 -11.13 -87.79
CA SER E 107 -18.04 -11.53 -86.58
C SER E 107 -18.99 -11.95 -85.47
N ARG E 108 -20.27 -11.57 -85.56
CA ARG E 108 -21.25 -12.10 -84.62
C ARG E 108 -21.93 -13.36 -85.13
N LYS E 109 -21.57 -13.82 -86.33
CA LYS E 109 -22.08 -15.09 -86.83
C LYS E 109 -21.08 -16.22 -86.69
N ARG E 110 -19.83 -15.99 -87.08
CA ARG E 110 -18.82 -17.03 -86.95
C ARG E 110 -18.48 -17.32 -85.49
N THR E 111 -18.94 -16.48 -84.57
CA THR E 111 -18.81 -16.72 -83.14
C THR E 111 -20.20 -16.88 -82.55
N ALA E 112 -20.39 -17.93 -81.75
CA ALA E 112 -21.64 -18.09 -81.04
C ALA E 112 -21.75 -17.03 -79.96
N HIS E 113 -22.84 -17.11 -79.18
CA HIS E 113 -23.15 -16.18 -78.11
C HIS E 113 -23.52 -14.81 -78.67
N ASP E 114 -24.28 -14.05 -77.91
CA ASP E 114 -24.61 -12.67 -78.29
C ASP E 114 -23.58 -11.72 -77.70
N LEU E 115 -22.74 -11.15 -78.57
CA LEU E 115 -21.69 -10.26 -78.10
C LEU E 115 -22.25 -8.96 -77.53
N ARG E 116 -23.49 -8.60 -77.90
CA ARG E 116 -24.08 -7.38 -77.37
C ARG E 116 -24.29 -7.46 -75.87
N LYS E 117 -24.82 -8.59 -75.39
CA LYS E 117 -25.04 -8.75 -73.95
C LYS E 117 -23.72 -8.72 -73.18
N THR E 118 -22.70 -9.39 -73.69
CA THR E 118 -21.41 -9.37 -73.02
C THR E 118 -20.81 -7.97 -73.02
N GLY E 119 -20.98 -7.24 -74.12
CA GLY E 119 -20.50 -5.86 -74.15
C GLY E 119 -21.18 -4.99 -73.10
N ARG E 120 -22.51 -5.12 -72.99
CA ARG E 120 -23.22 -4.32 -71.99
C ARG E 120 -22.78 -4.68 -70.58
N ASP E 121 -22.63 -5.98 -70.29
CA ASP E 121 -22.20 -6.38 -68.95
C ASP E 121 -20.78 -5.89 -68.66
N ARG E 122 -19.90 -5.96 -69.65
CA ARG E 122 -18.54 -5.47 -69.46
C ARG E 122 -18.52 -3.98 -69.20
N LEU E 123 -19.38 -3.22 -69.89
CA LEU E 123 -19.47 -1.79 -69.61
C LEU E 123 -19.95 -1.53 -68.19
N GLY E 124 -20.96 -2.28 -67.74
CA GLY E 124 -21.43 -2.10 -66.38
C GLY E 124 -20.34 -2.35 -65.35
N ASP E 125 -19.64 -3.47 -65.50
CA ASP E 125 -18.55 -3.78 -64.57
C ASP E 125 -17.44 -2.74 -64.66
N TYR E 126 -17.14 -2.29 -65.87
CA TYR E 126 -16.09 -1.30 -66.06
C TYR E 126 -16.41 0.00 -65.34
N PHE E 127 -17.65 0.45 -65.42
CA PHE E 127 -17.98 1.70 -64.75
C PHE E 127 -18.07 1.53 -63.23
N TYR E 128 -18.49 0.36 -62.76
CA TYR E 128 -18.43 0.09 -61.32
C TYR E 128 -17.00 0.21 -60.81
N GLN E 129 -16.08 -0.50 -61.48
CA GLN E 129 -14.67 -0.41 -61.13
C GLN E 129 -14.17 1.03 -61.24
N LEU E 130 -14.64 1.76 -62.25
CA LEU E 130 -14.19 3.13 -62.46
C LEU E 130 -14.55 4.03 -61.29
N THR E 131 -15.82 3.99 -60.86
CA THR E 131 -16.22 4.86 -59.76
C THR E 131 -15.49 4.49 -58.47
N ASP E 132 -15.33 3.18 -58.21
CA ASP E 132 -14.59 2.80 -57.01
C ASP E 132 -13.17 3.33 -57.04
N GLU E 133 -12.45 3.11 -58.14
CA GLU E 133 -11.06 3.52 -58.16
C GLU E 133 -10.92 5.03 -58.15
N LEU E 134 -11.87 5.76 -58.75
CA LEU E 134 -11.81 7.21 -58.67
C LEU E 134 -11.95 7.70 -57.23
N PHE E 135 -12.88 7.10 -56.48
CA PHE E 135 -13.00 7.48 -55.07
C PHE E 135 -11.68 7.24 -54.34
N PHE E 136 -11.06 6.08 -54.57
CA PHE E 136 -9.81 5.80 -53.88
C PHE E 136 -8.69 6.74 -54.30
N MET E 137 -8.61 7.10 -55.58
CA MET E 137 -7.60 8.06 -56.01
C MET E 137 -7.80 9.40 -55.33
N TYR E 138 -9.04 9.89 -55.32
CA TYR E 138 -9.27 11.23 -54.80
C TYR E 138 -9.06 11.30 -53.29
N LEU E 139 -9.41 10.25 -52.56
CA LEU E 139 -9.12 10.25 -51.12
C LEU E 139 -7.62 10.25 -50.86
N SER E 140 -6.87 9.46 -51.62
CA SER E 140 -5.45 9.30 -51.35
C SER E 140 -4.67 10.57 -51.69
N GLY E 141 -4.96 11.16 -52.84
CA GLY E 141 -4.34 12.43 -53.17
C GLY E 141 -3.31 12.40 -54.27
N ALA E 142 -3.15 11.26 -54.95
CA ALA E 142 -2.22 11.19 -56.05
C ALA E 142 -2.59 10.04 -56.97
N ARG E 143 -1.99 10.05 -58.16
CA ARG E 143 -2.23 8.97 -59.13
C ARG E 143 -1.68 7.65 -58.62
N GLY E 144 -0.37 7.60 -58.37
CA GLY E 144 0.27 6.38 -57.96
C GLY E 144 0.92 5.63 -59.10
N ILE E 145 1.25 4.38 -58.83
CA ILE E 145 1.92 3.49 -59.75
C ILE E 145 1.07 2.26 -60.06
N ASN E 146 -0.12 2.18 -59.48
CA ASN E 146 -0.99 1.01 -59.65
C ASN E 146 -1.26 0.75 -61.13
N LYS E 147 -1.13 -0.51 -61.53
CA LYS E 147 -1.31 -0.86 -62.93
C LYS E 147 -2.76 -1.15 -63.26
N ASP E 148 -3.46 -1.86 -62.39
CA ASP E 148 -4.81 -2.30 -62.71
C ASP E 148 -5.80 -1.14 -62.81
N PHE E 149 -5.44 0.05 -62.34
CA PHE E 149 -6.30 1.21 -62.51
C PHE E 149 -6.49 1.50 -63.99
N ILE E 150 -7.73 1.82 -64.36
CA ILE E 150 -8.04 2.11 -65.76
C ILE E 150 -7.26 3.33 -66.22
N LEU E 151 -7.25 4.38 -65.41
CA LEU E 151 -6.60 5.63 -65.80
C LEU E 151 -5.08 5.48 -65.74
N PRO E 152 -4.35 6.18 -66.60
CA PRO E 152 -2.91 5.94 -66.73
C PRO E 152 -2.13 6.84 -65.80
N THR E 153 -0.81 6.64 -65.80
CA THR E 153 0.09 7.51 -65.06
C THR E 153 0.05 8.91 -65.66
N SER E 154 0.45 9.90 -64.85
CA SER E 154 0.41 11.31 -65.23
C SER E 154 -1.03 11.79 -65.37
N PHE E 155 -1.89 11.34 -64.47
CA PHE E 155 -3.27 11.80 -64.39
C PHE E 155 -3.42 12.70 -63.17
N THR E 156 -4.02 13.88 -63.39
CA THR E 156 -4.15 14.88 -62.34
C THR E 156 -5.59 15.30 -62.09
N GLY E 157 -6.55 14.39 -62.24
CA GLY E 157 -7.93 14.71 -61.97
C GLY E 157 -8.69 15.08 -63.22
N TYR E 158 -10.01 14.90 -63.20
CA TYR E 158 -10.86 15.29 -64.32
C TYR E 158 -11.73 16.46 -63.86
N ALA E 159 -11.87 17.45 -64.75
CA ALA E 159 -12.35 18.79 -64.40
C ALA E 159 -11.36 19.42 -63.43
N LYS E 160 -11.59 20.66 -63.02
CA LYS E 160 -10.67 21.34 -62.11
C LYS E 160 -10.90 20.86 -60.67
N ASN E 161 -10.71 19.57 -60.48
CA ASN E 161 -10.70 18.98 -59.15
C ASN E 161 -9.30 18.47 -58.88
N PRO E 162 -8.34 19.37 -58.64
CA PRO E 162 -6.94 18.96 -58.63
C PRO E 162 -6.62 18.02 -57.48
N PHE E 163 -5.67 17.13 -57.73
CA PHE E 163 -5.14 16.29 -56.67
C PHE E 163 -4.26 17.14 -55.78
N ASN E 164 -4.68 17.32 -54.52
CA ASN E 164 -3.93 18.09 -53.55
C ASN E 164 -3.32 17.17 -52.52
N THR E 165 -1.99 17.21 -52.39
CA THR E 165 -1.32 16.38 -51.42
C THR E 165 -1.69 16.80 -50.01
N PRO E 166 -1.76 15.86 -49.08
CA PRO E 166 -2.06 16.22 -47.68
C PRO E 166 -0.97 17.12 -47.12
N ASP E 167 -1.38 17.99 -46.20
CA ASP E 167 -0.50 19.01 -45.64
C ASP E 167 0.37 18.41 -44.54
N ALA E 168 0.99 19.28 -43.73
CA ALA E 168 1.86 18.81 -42.66
C ALA E 168 1.10 17.95 -41.66
N ALA E 169 -0.09 18.39 -41.26
CA ALA E 169 -0.95 17.55 -40.47
C ALA E 169 -1.62 16.51 -41.38
N HIS E 170 -2.46 15.66 -40.78
CA HIS E 170 -3.22 14.66 -41.51
C HIS E 170 -2.35 13.72 -42.33
N LEU E 171 -1.05 13.68 -42.07
CA LEU E 171 -0.12 12.88 -42.88
C LEU E 171 0.93 12.27 -41.95
N LEU E 172 0.79 10.98 -41.68
CA LEU E 172 1.71 10.24 -40.83
C LEU E 172 2.59 9.33 -41.65
N TYR E 173 3.89 9.33 -41.36
CA TYR E 173 4.84 8.60 -42.18
C TYR E 173 5.26 7.27 -41.56
N GLY E 174 4.35 6.61 -40.86
CA GLY E 174 4.49 5.19 -40.57
C GLY E 174 5.76 4.78 -39.85
N GLY E 175 6.14 5.52 -38.81
CA GLY E 175 7.32 5.16 -38.06
C GLY E 175 8.19 6.36 -37.75
N VAL E 176 9.47 6.12 -37.46
CA VAL E 176 10.40 7.21 -37.12
C VAL E 176 10.95 7.73 -38.44
N ALA E 177 10.17 8.59 -39.08
CA ALA E 177 10.51 9.18 -40.36
C ALA E 177 9.52 10.30 -40.64
N THR E 178 10.03 11.38 -41.23
CA THR E 178 9.19 12.52 -41.59
C THR E 178 9.51 12.96 -43.02
N SER E 179 8.46 13.30 -43.76
CA SER E 179 8.58 13.79 -45.13
C SER E 179 9.17 12.73 -46.05
N LYS E 180 9.18 13.00 -47.36
CA LYS E 180 9.77 12.08 -48.30
C LYS E 180 11.28 12.01 -48.08
N ALA E 181 11.92 11.13 -48.85
CA ALA E 181 13.36 10.90 -48.77
C ALA E 181 13.79 10.46 -47.37
N SER E 182 12.90 9.81 -46.64
CA SER E 182 13.19 9.33 -45.29
C SER E 182 12.73 7.92 -45.01
N LEU E 183 11.87 7.35 -45.84
CA LEU E 183 11.36 6.01 -45.61
C LEU E 183 12.49 4.98 -45.70
N ALA E 184 12.41 3.98 -44.83
CA ALA E 184 13.41 2.92 -44.79
C ALA E 184 12.68 1.58 -44.67
N ASN E 185 13.42 0.51 -44.98
CA ASN E 185 12.83 -0.82 -44.99
C ASN E 185 12.24 -1.19 -43.64
N THR E 186 12.78 -0.65 -42.55
CA THR E 186 12.22 -0.89 -41.23
C THR E 186 11.00 -0.04 -40.94
N ASP E 187 10.69 0.92 -41.80
CA ASP E 187 9.61 1.87 -41.54
C ASP E 187 8.31 1.43 -42.20
N THR E 188 7.90 0.20 -41.87
CA THR E 188 6.66 -0.36 -42.37
C THR E 188 5.52 -0.07 -41.40
N MET E 189 4.30 -0.16 -41.91
CA MET E 189 3.15 0.14 -41.07
C MET E 189 3.04 -0.86 -39.93
N SER E 190 2.81 -0.35 -38.74
CA SER E 190 2.85 -1.16 -37.53
C SER E 190 1.59 -0.90 -36.72
N ARG E 191 1.43 -1.66 -35.63
CA ARG E 191 0.40 -1.32 -34.67
C ARG E 191 0.65 0.04 -34.06
N VAL E 192 1.93 0.43 -33.92
CA VAL E 192 2.27 1.74 -33.39
C VAL E 192 1.67 2.84 -34.28
N VAL E 193 1.71 2.64 -35.59
CA VAL E 193 1.26 3.68 -36.51
C VAL E 193 -0.24 3.89 -36.41
N ILE E 194 -1.02 2.81 -36.29
CA ILE E 194 -2.47 2.96 -36.22
C ILE E 194 -2.87 3.72 -34.95
N GLU E 195 -2.24 3.38 -33.82
CA GLU E 195 -2.61 4.06 -32.58
C GLU E 195 -2.06 5.48 -32.54
N ARG E 196 -0.94 5.74 -33.22
CA ARG E 196 -0.50 7.12 -33.41
C ARG E 196 -1.52 7.89 -34.25
N ALA E 197 -2.10 7.24 -35.25
CA ALA E 197 -3.15 7.88 -36.03
C ALA E 197 -4.36 8.19 -35.18
N ASN E 198 -4.74 7.26 -34.29
CA ASN E 198 -5.83 7.53 -33.36
C ASN E 198 -5.51 8.72 -32.46
N VAL E 199 -4.28 8.77 -31.95
CA VAL E 199 -3.89 9.88 -31.09
C VAL E 199 -4.00 11.20 -31.83
N GLN E 200 -3.52 11.25 -33.08
CA GLN E 200 -3.63 12.50 -33.82
C GLN E 200 -5.09 12.83 -34.13
N ALA E 201 -5.89 11.82 -34.47
CA ALA E 201 -7.31 12.06 -34.73
C ALA E 201 -7.99 12.65 -33.50
N THR E 202 -7.46 12.39 -32.31
CA THR E 202 -7.99 13.05 -31.13
C THR E 202 -7.32 14.39 -30.84
N MET E 203 -6.09 14.61 -31.32
CA MET E 203 -5.27 15.72 -30.85
C MET E 203 -4.98 16.80 -31.89
N MET E 204 -5.55 16.71 -33.11
CA MET E 204 -5.24 17.71 -34.12
C MET E 204 -5.63 19.11 -33.64
N GLN E 205 -6.87 19.28 -33.21
CA GLN E 205 -7.34 20.61 -32.83
C GLN E 205 -6.54 21.15 -31.65
N ALA E 206 -6.21 20.29 -30.69
CA ALA E 206 -5.43 20.73 -29.55
C ALA E 206 -4.05 21.19 -29.96
N GLN E 207 -3.39 20.46 -30.86
CA GLN E 207 -2.04 20.84 -31.22
C GLN E 207 -2.01 21.87 -32.33
N ASP E 208 -2.93 21.77 -33.28
CA ASP E 208 -3.11 22.79 -34.32
C ASP E 208 -4.43 23.49 -34.08
N PRO E 209 -4.43 24.76 -33.67
CA PRO E 209 -5.68 25.35 -33.16
C PRO E 209 -6.73 25.62 -34.22
N GLU E 210 -6.38 25.62 -35.50
CA GLU E 210 -7.29 26.03 -36.55
C GLU E 210 -7.69 24.89 -37.48
N THR E 211 -7.56 23.65 -37.02
CA THR E 211 -8.00 22.49 -37.80
C THR E 211 -9.40 22.08 -37.36
N ALA E 212 -10.05 21.28 -38.20
CA ALA E 212 -11.39 20.78 -37.92
C ALA E 212 -11.33 19.39 -37.31
N ASN E 213 -12.31 19.08 -36.47
CA ASN E 213 -12.35 17.80 -35.77
C ASN E 213 -13.02 16.73 -36.62
N MET E 214 -12.48 15.52 -36.58
CA MET E 214 -13.17 14.39 -37.17
C MET E 214 -14.00 13.67 -36.13
N VAL E 215 -14.77 12.69 -36.60
CA VAL E 215 -15.59 11.86 -35.72
C VAL E 215 -15.82 10.52 -36.39
N PRO E 216 -15.78 9.44 -35.61
CA PRO E 216 -15.95 8.11 -36.19
C PRO E 216 -17.29 7.94 -36.89
N VAL E 217 -17.26 7.12 -37.93
CA VAL E 217 -18.45 6.76 -38.70
C VAL E 217 -18.81 5.32 -38.38
N SER E 218 -20.05 4.96 -38.68
CA SER E 218 -20.58 3.65 -38.30
C SER E 218 -20.21 2.61 -39.36
N VAL E 219 -19.13 1.88 -39.08
CA VAL E 219 -18.78 0.71 -39.88
C VAL E 219 -19.25 -0.56 -39.19
N GLU E 220 -19.28 -0.56 -37.87
CA GLU E 220 -19.84 -1.63 -37.07
C GLU E 220 -20.85 -0.94 -36.16
N GLY E 221 -21.28 -1.65 -35.12
CA GLY E 221 -22.32 -1.17 -34.22
C GLY E 221 -22.34 0.33 -33.96
N GLU E 222 -21.25 0.90 -33.45
CA GLU E 222 -21.24 2.33 -33.15
C GLU E 222 -19.81 2.89 -33.16
N ASP E 223 -19.60 3.91 -33.99
CA ASP E 223 -18.54 4.91 -33.82
C ASP E 223 -17.14 4.27 -33.74
N ARG E 224 -16.74 3.69 -34.87
CA ARG E 224 -15.38 3.19 -35.02
C ARG E 224 -14.75 3.81 -36.26
N TYR E 225 -13.54 4.34 -36.11
CA TYR E 225 -12.82 4.85 -37.26
C TYR E 225 -12.51 3.74 -38.24
N VAL E 226 -12.54 4.06 -39.53
CA VAL E 226 -12.32 3.10 -40.59
C VAL E 226 -10.97 3.39 -41.22
N CYS E 227 -10.12 2.37 -41.29
CA CYS E 227 -8.79 2.49 -41.87
C CYS E 227 -8.66 1.51 -43.04
N VAL E 228 -8.09 1.99 -44.14
CA VAL E 228 -7.89 1.19 -45.34
C VAL E 228 -6.41 1.11 -45.62
N MET E 229 -5.93 -0.07 -46.00
CA MET E 229 -4.52 -0.31 -46.22
C MET E 229 -4.34 -1.20 -47.43
N SER E 230 -3.28 -0.96 -48.18
CA SER E 230 -2.97 -1.83 -49.30
C SER E 230 -2.64 -3.22 -48.78
N PRO E 231 -3.05 -4.29 -49.47
CA PRO E 231 -2.78 -5.64 -48.96
C PRO E 231 -1.30 -5.94 -48.79
N PHE E 232 -0.41 -5.23 -49.47
CA PHE E 232 1.00 -5.31 -49.11
C PHE E 232 1.22 -4.88 -47.66
N GLN E 233 0.53 -3.82 -47.23
CA GLN E 233 0.67 -3.36 -45.86
C GLN E 233 0.11 -4.37 -44.87
N GLU E 234 -1.01 -5.00 -45.18
CA GLU E 234 -1.51 -6.02 -44.25
C GLU E 234 -0.58 -7.23 -44.22
N HIS E 235 0.06 -7.54 -45.35
CA HIS E 235 1.08 -8.60 -45.32
C HIS E 235 2.22 -8.23 -44.40
N SER E 236 2.68 -6.98 -44.47
CA SER E 236 3.75 -6.54 -43.58
C SER E 236 3.30 -6.58 -42.12
N LEU E 237 2.03 -6.28 -41.87
CA LEU E 237 1.51 -6.35 -40.51
C LEU E 237 1.51 -7.79 -39.99
N ARG E 238 0.97 -8.72 -40.77
CA ARG E 238 0.71 -10.06 -40.28
C ARG E 238 1.82 -11.06 -40.59
N THR E 239 2.94 -10.61 -41.16
CA THR E 239 4.09 -11.50 -41.32
C THR E 239 5.37 -10.84 -40.84
N SER E 240 5.34 -10.23 -39.66
CA SER E 240 6.55 -9.69 -39.05
C SER E 240 6.40 -9.76 -37.54
N ASP E 241 7.38 -10.35 -36.86
CA ASP E 241 7.37 -10.36 -35.41
C ASP E 241 7.48 -8.95 -34.86
N ALA E 242 8.36 -8.14 -35.43
CA ALA E 242 8.33 -6.71 -35.19
C ALA E 242 7.13 -6.10 -35.91
N ALA E 243 7.02 -4.79 -35.85
CA ALA E 243 5.92 -4.05 -36.44
C ALA E 243 4.57 -4.43 -35.85
N GLY E 244 4.55 -5.17 -34.76
CA GLY E 244 3.35 -5.37 -33.99
C GLY E 244 2.29 -6.23 -34.67
N TRP E 245 1.16 -6.30 -33.97
CA TRP E 245 -0.07 -7.00 -34.32
C TRP E 245 0.08 -8.51 -34.19
N LEU E 246 1.31 -9.00 -34.15
CA LEU E 246 1.49 -10.43 -33.95
C LEU E 246 1.51 -10.80 -32.49
N GLU E 247 2.21 -10.02 -31.66
CA GLU E 247 2.17 -10.27 -30.23
C GLU E 247 0.74 -10.18 -29.71
N ILE E 248 0.04 -9.11 -30.05
CA ILE E 248 -1.31 -8.93 -29.53
C ILE E 248 -2.26 -9.95 -30.13
N GLN E 249 -2.09 -10.31 -31.40
CA GLN E 249 -3.04 -11.28 -31.94
C GLN E 249 -2.76 -12.70 -31.48
N LYS E 250 -1.51 -13.06 -31.19
CA LYS E 250 -1.25 -14.35 -30.58
C LYS E 250 -1.78 -14.38 -29.15
N ALA E 251 -1.64 -13.27 -28.42
CA ALA E 251 -2.24 -13.20 -27.09
C ALA E 251 -3.75 -13.38 -27.16
N ALA E 252 -4.40 -12.77 -28.15
CA ALA E 252 -5.83 -12.95 -28.31
C ALA E 252 -6.18 -14.38 -28.70
N ALA E 253 -5.43 -14.95 -29.64
CA ALA E 253 -5.67 -16.32 -30.07
C ALA E 253 -5.50 -17.31 -28.93
N ALA E 254 -4.71 -16.95 -27.92
CA ALA E 254 -4.59 -17.81 -26.75
C ALA E 254 -5.91 -17.92 -25.99
N ALA E 255 -6.88 -17.07 -26.29
CA ALA E 255 -8.19 -17.11 -25.65
C ALA E 255 -9.31 -17.55 -26.57
N GLU E 256 -9.22 -17.28 -27.87
CA GLU E 256 -10.24 -17.67 -28.81
C GLU E 256 -9.88 -18.90 -29.64
N GLY E 257 -8.63 -19.34 -29.58
CA GLY E 257 -8.25 -20.54 -30.32
C GLY E 257 -8.24 -20.30 -31.81
N ARG E 258 -8.97 -21.15 -32.55
CA ARG E 258 -8.95 -21.07 -34.00
C ARG E 258 -9.59 -19.79 -34.51
N ASN E 259 -10.66 -19.34 -33.85
CA ASN E 259 -11.41 -18.19 -34.34
C ASN E 259 -10.62 -16.89 -34.13
N ASN E 260 -9.53 -16.73 -34.87
CA ASN E 260 -8.68 -15.57 -34.74
C ASN E 260 -8.32 -15.01 -36.10
N PRO E 261 -8.00 -13.71 -36.17
CA PRO E 261 -7.53 -13.15 -37.44
C PRO E 261 -6.29 -13.82 -37.99
N ILE E 262 -5.44 -14.40 -37.14
CA ILE E 262 -4.27 -15.11 -37.63
C ILE E 262 -4.70 -16.34 -38.43
N PHE E 263 -5.66 -17.10 -37.92
CA PHE E 263 -6.05 -18.36 -38.55
C PHE E 263 -7.18 -18.21 -39.55
N LYS E 264 -7.93 -17.13 -39.51
CA LYS E 264 -9.04 -16.98 -40.44
C LYS E 264 -9.42 -15.51 -40.54
N GLY E 265 -9.92 -15.13 -41.71
CA GLY E 265 -10.39 -13.78 -41.90
C GLY E 265 -9.26 -12.76 -42.01
N GLY E 266 -9.67 -11.50 -42.08
CA GLY E 266 -8.77 -10.39 -42.19
C GLY E 266 -8.35 -9.84 -40.85
N LEU E 267 -7.80 -8.62 -40.88
CA LEU E 267 -7.26 -8.03 -39.67
C LEU E 267 -8.39 -7.67 -38.70
N GLY E 268 -8.05 -7.64 -37.42
CA GLY E 268 -9.00 -7.26 -36.40
C GLY E 268 -8.78 -5.83 -35.94
N MET E 269 -9.71 -5.29 -35.16
CA MET E 269 -9.61 -3.90 -34.75
C MET E 269 -8.41 -3.68 -33.84
N ILE E 270 -7.86 -2.47 -33.89
CA ILE E 270 -6.80 -2.04 -33.00
C ILE E 270 -7.17 -0.66 -32.47
N GLY E 271 -7.46 -0.58 -31.17
CA GLY E 271 -7.90 0.68 -30.60
C GLY E 271 -9.19 1.16 -31.24
N ASN E 272 -10.20 0.28 -31.23
CA ASN E 272 -11.50 0.45 -31.90
C ASN E 272 -11.38 1.14 -33.25
N THR E 273 -10.35 0.78 -34.01
CA THR E 273 -10.14 1.28 -35.37
C THR E 273 -10.23 0.08 -36.30
N VAL E 274 -11.41 -0.17 -36.87
CA VAL E 274 -11.60 -1.31 -37.73
C VAL E 274 -10.68 -1.21 -38.93
N LEU E 275 -9.89 -2.25 -39.17
CA LEU E 275 -8.93 -2.28 -40.27
C LEU E 275 -9.48 -3.09 -41.43
N HIS E 276 -9.52 -2.48 -42.60
CA HIS E 276 -9.85 -3.16 -43.84
C HIS E 276 -8.65 -3.10 -44.76
N SER E 277 -8.56 -4.06 -45.67
CA SER E 277 -7.54 -4.07 -46.70
C SER E 277 -8.22 -4.24 -48.05
N HIS E 278 -7.99 -3.31 -48.96
CA HIS E 278 -8.60 -3.35 -50.28
C HIS E 278 -7.52 -3.13 -51.34
N ARG E 279 -7.70 -3.77 -52.49
CA ARG E 279 -6.66 -3.76 -53.51
C ARG E 279 -6.43 -2.37 -54.08
N ASN E 280 -7.51 -1.60 -54.30
CA ASN E 280 -7.39 -0.31 -54.97
C ASN E 280 -6.88 0.78 -54.05
N VAL E 281 -5.71 0.58 -53.44
CA VAL E 281 -5.06 1.61 -52.64
C VAL E 281 -3.82 2.07 -53.38
N VAL E 282 -3.64 3.37 -53.51
CA VAL E 282 -2.52 3.89 -54.29
C VAL E 282 -1.21 3.40 -53.68
N ARG E 283 -0.17 3.38 -54.50
CA ARG E 283 1.09 2.75 -54.11
C ARG E 283 2.20 3.40 -54.92
N PHE E 284 3.05 4.17 -54.24
CA PHE E 284 4.01 5.00 -54.93
C PHE E 284 5.26 4.21 -55.26
N SER E 285 6.19 4.85 -55.97
CA SER E 285 7.46 4.21 -56.31
C SER E 285 8.63 5.17 -56.23
N ASP E 286 8.46 6.35 -55.64
CA ASP E 286 9.55 7.32 -55.53
C ASP E 286 9.79 7.78 -54.10
N TYR E 287 9.21 7.09 -53.10
CA TYR E 287 9.43 7.42 -51.71
C TYR E 287 10.75 6.80 -51.27
N GLY E 288 11.71 7.64 -50.89
CA GLY E 288 12.94 7.12 -50.33
C GLY E 288 14.13 8.02 -50.53
N ALA E 289 15.23 7.73 -49.81
CA ALA E 289 16.43 8.54 -49.97
C ALA E 289 16.99 8.43 -51.38
N GLY E 290 17.03 7.21 -51.93
CA GLY E 290 17.41 6.97 -53.30
C GLY E 290 16.28 7.12 -54.29
N SER E 291 15.09 7.53 -53.82
CA SER E 291 13.90 7.79 -54.62
C SER E 291 13.35 6.54 -55.31
N ASP E 292 13.77 5.34 -54.91
CA ASP E 292 13.17 4.10 -55.39
C ASP E 292 12.99 3.14 -54.21
N GLN E 293 11.88 3.30 -53.49
CA GLN E 293 11.44 2.35 -52.47
C GLN E 293 9.92 2.40 -52.56
N PRO E 294 9.24 1.27 -52.55
CA PRO E 294 7.77 1.28 -52.62
C PRO E 294 7.16 1.91 -51.39
N ALA E 295 5.96 2.44 -51.56
CA ALA E 295 5.23 3.04 -50.45
C ALA E 295 3.74 3.02 -50.78
N ALA E 296 2.93 3.36 -49.79
CA ALA E 296 1.49 3.34 -49.97
C ALA E 296 0.85 4.38 -49.07
N ARG E 297 -0.37 4.77 -49.42
CA ARG E 297 -1.12 5.81 -48.71
C ARG E 297 -2.32 5.15 -48.06
N ALA E 298 -2.16 4.69 -46.83
CA ALA E 298 -3.31 4.20 -46.09
C ALA E 298 -4.30 5.33 -45.85
N LEU E 299 -5.53 4.96 -45.51
CA LEU E 299 -6.58 5.93 -45.28
C LEU E 299 -7.11 5.79 -43.85
N PHE E 300 -7.55 6.90 -43.28
CA PHE E 300 -8.13 6.93 -41.95
C PHE E 300 -9.36 7.83 -42.04
N MET E 301 -10.50 7.23 -42.35
CA MET E 301 -11.65 8.00 -42.82
C MET E 301 -12.55 8.41 -41.66
N GLY E 302 -12.82 9.70 -41.56
CA GLY E 302 -13.67 10.29 -40.54
C GLY E 302 -15.10 10.44 -41.02
N ARG E 303 -15.74 11.53 -40.60
CA ARG E 303 -17.11 11.79 -41.03
C ARG E 303 -17.19 11.97 -42.53
N GLN E 304 -16.60 13.03 -43.06
CA GLN E 304 -16.79 13.42 -44.45
C GLN E 304 -15.42 13.47 -45.11
N ALA E 305 -14.94 12.31 -45.55
CA ALA E 305 -13.65 12.26 -46.23
C ALA E 305 -13.69 13.03 -47.54
N ALA E 306 -14.75 12.85 -48.30
CA ALA E 306 -14.86 13.48 -49.61
C ALA E 306 -16.31 13.70 -49.94
N VAL E 307 -16.55 14.51 -50.96
CA VAL E 307 -17.89 14.82 -51.44
C VAL E 307 -18.00 14.38 -52.88
N VAL E 308 -19.14 13.79 -53.24
CA VAL E 308 -19.43 13.41 -54.61
C VAL E 308 -20.73 14.08 -55.03
N ALA E 309 -20.71 14.72 -56.19
CA ALA E 309 -21.86 15.44 -56.72
C ALA E 309 -22.29 14.80 -58.03
N TYR E 310 -23.57 14.45 -58.12
CA TYR E 310 -24.10 13.75 -59.28
C TYR E 310 -24.97 14.68 -60.11
N GLY E 311 -24.72 14.69 -61.41
CA GLY E 311 -25.43 15.54 -62.34
C GLY E 311 -26.68 14.94 -62.95
N THR E 312 -27.13 13.79 -62.47
CA THR E 312 -28.32 13.14 -62.99
C THR E 312 -29.40 13.12 -61.92
N LYS E 313 -30.67 13.10 -62.36
CA LYS E 313 -31.77 13.26 -61.43
C LYS E 313 -31.79 12.16 -60.39
N GLY E 314 -31.48 10.92 -60.78
CA GLY E 314 -31.36 9.84 -59.84
C GLY E 314 -30.07 9.92 -59.05
N GLY E 315 -29.84 8.89 -58.24
CA GLY E 315 -28.61 8.83 -57.49
C GLY E 315 -27.39 8.80 -58.39
N LEU E 316 -27.22 7.70 -59.13
CA LEU E 316 -26.17 7.58 -60.14
C LEU E 316 -26.79 6.81 -61.30
N ARG E 317 -27.25 7.54 -62.31
CA ARG E 317 -27.98 6.97 -63.42
C ARG E 317 -27.07 6.88 -64.63
N TYR E 318 -26.81 5.65 -65.09
CA TYR E 318 -26.12 5.43 -66.35
C TYR E 318 -27.13 5.53 -67.48
N ASP E 319 -26.83 6.35 -68.48
CA ASP E 319 -27.70 6.49 -69.65
C ASP E 319 -27.08 5.70 -70.79
N TRP E 320 -27.77 4.64 -71.21
CA TRP E 320 -27.27 3.78 -72.26
C TRP E 320 -27.67 4.33 -73.63
N GLN E 321 -26.68 4.57 -74.48
CA GLN E 321 -26.90 5.05 -75.83
C GLN E 321 -26.37 4.02 -76.81
N GLU E 322 -27.10 3.83 -77.92
CA GLU E 322 -26.80 2.79 -78.88
C GLU E 322 -26.60 3.40 -80.26
N GLU E 323 -25.83 2.72 -81.10
CA GLU E 323 -25.51 3.21 -82.43
C GLU E 323 -25.18 2.05 -83.34
N THR E 324 -25.38 2.26 -84.64
CA THR E 324 -25.00 1.31 -85.67
C THR E 324 -24.08 2.03 -86.64
N LYS E 325 -22.81 1.65 -86.67
CA LYS E 325 -21.80 2.48 -87.33
C LYS E 325 -21.89 2.37 -88.85
N ASP E 326 -22.07 1.17 -89.39
CA ASP E 326 -21.91 0.92 -90.83
C ASP E 326 -23.10 0.14 -91.37
N TYR E 327 -24.14 0.87 -91.83
CA TYR E 327 -25.29 0.26 -92.49
C TYR E 327 -25.89 -0.89 -91.69
N GLY E 328 -25.75 -0.84 -90.38
CA GLY E 328 -26.24 -1.88 -89.51
C GLY E 328 -25.18 -2.82 -88.98
N ASN E 329 -23.97 -2.78 -89.54
CA ASN E 329 -22.88 -3.54 -88.97
C ASN E 329 -22.27 -2.80 -87.78
N GLU E 330 -21.45 -3.51 -87.03
CA GLU E 330 -20.76 -2.97 -85.86
C GLU E 330 -21.68 -2.21 -84.91
N PRO E 331 -22.72 -2.87 -84.37
CA PRO E 331 -23.52 -2.21 -83.34
C PRO E 331 -22.67 -1.90 -82.12
N THR E 332 -22.91 -0.73 -81.53
CA THR E 332 -22.13 -0.27 -80.39
C THR E 332 -23.08 0.19 -79.29
N VAL E 333 -22.62 0.04 -78.05
CA VAL E 333 -23.36 0.51 -76.89
C VAL E 333 -22.45 1.42 -76.08
N ALA E 334 -22.97 2.57 -75.68
CA ALA E 334 -22.20 3.55 -74.93
C ALA E 334 -23.02 4.04 -73.75
N SER E 335 -22.34 4.35 -72.66
CA SER E 335 -23.00 4.85 -71.47
C SER E 335 -22.04 5.75 -70.71
N GLY E 336 -22.59 6.59 -69.86
CA GLY E 336 -21.77 7.53 -69.11
C GLY E 336 -22.46 7.99 -67.85
N PHE E 337 -21.67 8.63 -66.99
CA PHE E 337 -22.16 9.21 -65.75
C PHE E 337 -21.57 10.60 -65.60
N ILE E 338 -22.37 11.52 -65.07
CA ILE E 338 -21.94 12.89 -64.81
C ILE E 338 -21.72 13.00 -63.31
N ALA E 339 -20.46 12.97 -62.89
CA ALA E 339 -20.17 13.03 -61.46
C ALA E 339 -18.78 13.60 -61.24
N GLY E 340 -18.63 14.28 -60.11
CA GLY E 340 -17.35 14.83 -59.72
C GLY E 340 -17.03 14.49 -58.28
N ILE E 341 -15.76 14.27 -57.98
CA ILE E 341 -15.34 13.81 -56.67
C ILE E 341 -14.19 14.68 -56.19
N LYS E 342 -14.29 15.16 -54.96
CA LYS E 342 -13.21 15.91 -54.33
C LYS E 342 -13.21 15.63 -52.84
N LYS E 343 -12.01 15.55 -52.26
CA LYS E 343 -11.89 15.42 -50.81
C LYS E 343 -12.13 16.77 -50.16
N THR E 344 -12.97 16.78 -49.13
CA THR E 344 -13.34 18.04 -48.49
C THR E 344 -12.12 18.72 -47.91
N ARG E 345 -11.80 19.91 -48.43
CA ARG E 345 -10.63 20.66 -48.01
C ARG E 345 -11.07 22.05 -47.59
N PHE E 346 -11.48 22.19 -46.34
CA PHE E 346 -11.81 23.48 -45.76
C PHE E 346 -10.53 24.11 -45.24
N ASN E 347 -10.25 25.35 -45.67
CA ASN E 347 -8.95 25.97 -45.48
C ASN E 347 -7.89 25.09 -46.14
N ASP E 348 -6.64 25.20 -45.71
CA ASP E 348 -5.62 24.32 -46.25
C ASP E 348 -5.75 22.91 -45.69
N ARG E 349 -6.31 22.78 -44.50
CA ARG E 349 -6.34 21.49 -43.81
C ARG E 349 -7.41 20.58 -44.39
N ASP E 350 -7.16 19.28 -44.30
CA ASP E 350 -8.16 18.29 -44.66
C ASP E 350 -9.26 18.25 -43.61
N PHE E 351 -10.25 17.39 -43.84
CA PHE E 351 -11.38 17.31 -42.93
C PHE E 351 -11.67 15.90 -42.43
N GLY E 352 -11.36 14.87 -43.21
CA GLY E 352 -11.79 13.54 -42.81
C GLY E 352 -10.82 12.40 -43.03
N VAL E 353 -9.66 12.67 -43.60
CA VAL E 353 -8.69 11.62 -43.90
C VAL E 353 -7.36 11.98 -43.23
N ILE E 354 -6.80 11.02 -42.50
CA ILE E 354 -5.45 11.12 -41.99
C ILE E 354 -4.63 10.11 -42.77
N SER E 355 -4.08 10.56 -43.89
CA SER E 355 -3.42 9.65 -44.80
C SER E 355 -2.07 9.19 -44.23
N ILE E 356 -1.85 7.88 -44.21
CA ILE E 356 -0.69 7.29 -43.57
C ILE E 356 0.22 6.71 -44.64
N ASP E 357 1.42 7.26 -44.76
CA ASP E 357 2.40 6.81 -45.74
C ASP E 357 3.37 5.84 -45.10
N THR E 358 3.47 4.63 -45.64
CA THR E 358 4.34 3.61 -45.08
C THR E 358 5.08 2.89 -46.18
N TYR E 359 6.26 2.39 -45.85
CA TYR E 359 6.98 1.49 -46.75
C TYR E 359 6.23 0.18 -46.87
N ALA E 360 6.03 -0.27 -48.11
CA ALA E 360 5.34 -1.54 -48.35
C ALA E 360 5.88 -2.14 -49.64
N LYS E 361 6.88 -3.01 -49.49
CA LYS E 361 7.51 -3.65 -50.63
C LYS E 361 6.65 -4.80 -51.13
N ASP E 362 6.64 -4.98 -52.45
CA ASP E 362 5.95 -6.11 -53.03
C ASP E 362 6.66 -7.39 -52.59
N PRO E 363 6.00 -8.30 -51.88
CA PRO E 363 6.71 -9.47 -51.36
C PRO E 363 7.24 -10.39 -52.43
N ASN E 364 6.53 -10.54 -53.56
CA ASN E 364 6.91 -11.49 -54.58
C ASN E 364 7.73 -10.78 -55.65
N PRO E 365 9.02 -11.04 -55.78
CA PRO E 365 9.85 -10.28 -56.74
C PRO E 365 9.61 -10.64 -58.19
N ASN E 366 8.92 -11.75 -58.47
CA ASN E 366 8.77 -12.20 -59.85
C ASN E 366 7.75 -11.41 -60.64
N ASN E 367 6.84 -10.69 -59.97
CA ASN E 367 5.73 -10.05 -60.67
C ASN E 367 6.18 -9.03 -61.71
N PRO E 368 7.08 -8.08 -61.42
CA PRO E 368 7.44 -7.14 -62.49
C PRO E 368 8.33 -7.79 -63.55
N SER F 2 -17.24 25.02 -86.19
CA SER F 2 -17.00 24.38 -84.90
C SER F 2 -18.30 23.96 -84.24
N SER F 3 -18.26 23.81 -82.92
CA SER F 3 -19.45 23.50 -82.15
C SER F 3 -19.47 24.38 -80.91
N THR F 4 -20.68 24.61 -80.39
CA THR F 4 -20.84 25.48 -79.23
C THR F 4 -20.28 24.82 -77.98
N VAL F 5 -19.45 25.54 -77.24
CA VAL F 5 -18.90 25.07 -75.98
C VAL F 5 -19.00 26.19 -74.97
N ILE F 6 -19.63 25.92 -73.84
CA ILE F 6 -19.60 26.82 -72.69
C ILE F 6 -18.45 26.33 -71.81
N ALA F 7 -17.26 26.84 -72.10
CA ALA F 7 -16.05 26.33 -71.47
C ALA F 7 -16.08 26.56 -69.97
N PHE F 8 -15.38 25.70 -69.24
CA PHE F 8 -15.28 25.85 -67.80
C PHE F 8 -14.61 27.18 -67.45
N GLY F 9 -15.16 27.86 -66.46
CA GLY F 9 -14.67 29.16 -66.08
C GLY F 9 -15.32 30.33 -66.78
N ASP F 10 -16.16 30.08 -67.78
CA ASP F 10 -16.89 31.16 -68.42
C ASP F 10 -17.92 31.74 -67.45
N PRO F 11 -18.20 33.03 -67.54
CA PRO F 11 -19.15 33.65 -66.61
C PRO F 11 -20.55 33.07 -66.69
N LYS F 12 -20.88 32.36 -67.76
CA LYS F 12 -22.22 31.79 -67.88
C LYS F 12 -22.39 30.53 -67.03
N ALA F 13 -21.29 29.93 -66.56
CA ALA F 13 -21.39 28.71 -65.77
C ALA F 13 -22.04 29.01 -64.42
N GLN F 14 -23.06 28.22 -64.07
CA GLN F 14 -23.81 28.44 -62.85
C GLN F 14 -23.21 27.63 -61.70
N LYS F 15 -23.35 28.16 -60.49
CA LYS F 15 -22.98 27.47 -59.27
C LYS F 15 -24.20 27.38 -58.37
N LYS F 16 -24.35 26.26 -57.69
CA LYS F 16 -25.44 26.06 -56.75
C LYS F 16 -24.87 25.97 -55.35
N TRP F 17 -25.15 26.97 -54.52
CA TRP F 17 -24.65 26.98 -53.16
C TRP F 17 -25.45 26.02 -52.28
N SER F 18 -24.86 25.65 -51.16
CA SER F 18 -25.41 24.61 -50.30
C SER F 18 -26.27 25.22 -49.21
N SER F 19 -27.49 24.72 -49.08
CA SER F 19 -28.35 25.13 -47.97
C SER F 19 -27.87 24.51 -46.66
N GLU F 20 -27.54 23.23 -46.68
CA GLU F 20 -27.06 22.57 -45.47
C GLU F 20 -25.67 23.07 -45.11
N LEU F 21 -25.45 23.29 -43.81
CA LEU F 21 -24.21 23.84 -43.30
C LEU F 21 -23.49 22.77 -42.49
N ALA F 22 -22.37 22.29 -43.01
CA ALA F 22 -21.54 21.37 -42.24
C ALA F 22 -20.93 22.13 -41.06
N VAL F 23 -21.04 21.56 -39.87
CA VAL F 23 -20.63 22.22 -38.65
C VAL F 23 -19.54 21.41 -37.98
N ASP F 24 -18.53 22.10 -37.45
CA ASP F 24 -17.53 21.43 -36.63
C ASP F 24 -18.18 20.81 -35.42
N ILE F 25 -17.84 19.55 -35.14
CA ILE F 25 -18.45 18.87 -34.01
C ILE F 25 -17.89 19.42 -32.70
N ARG F 26 -18.77 19.60 -31.73
CA ARG F 26 -18.35 20.12 -30.44
C ARG F 26 -17.49 19.11 -29.70
N LYS F 27 -16.51 19.62 -28.95
CA LYS F 27 -15.66 18.77 -28.13
C LYS F 27 -16.48 18.20 -26.98
N LYS F 28 -16.65 16.88 -26.97
CA LYS F 28 -17.46 16.25 -25.93
C LYS F 28 -16.86 16.51 -24.56
N SER F 29 -17.70 16.89 -23.61
CA SER F 29 -17.20 17.26 -22.30
C SER F 29 -16.91 16.02 -21.45
N TYR F 30 -16.33 16.26 -20.28
CA TYR F 30 -16.00 15.22 -19.33
C TYR F 30 -16.81 15.32 -18.04
N PHE F 31 -16.76 16.46 -17.36
CA PHE F 31 -17.53 16.67 -16.14
C PHE F 31 -18.96 17.05 -16.50
N GLU F 32 -19.68 16.09 -17.08
CA GLU F 32 -20.99 16.41 -17.65
C GLU F 32 -22.10 16.40 -16.59
N SER F 33 -22.42 15.23 -16.04
CA SER F 33 -23.48 15.17 -15.02
C SER F 33 -23.15 14.30 -13.82
N ARG F 34 -22.32 13.26 -13.96
CA ARG F 34 -22.07 12.35 -12.85
C ARG F 34 -21.08 12.94 -11.85
N PHE F 35 -20.13 13.73 -12.32
CA PHE F 35 -19.11 14.27 -11.44
C PHE F 35 -19.58 15.50 -10.68
N ILE F 36 -20.70 16.10 -11.08
CA ILE F 36 -21.23 17.30 -10.42
C ILE F 36 -22.49 16.91 -9.67
N GLY F 37 -22.44 16.98 -8.34
CA GLY F 37 -23.57 16.60 -7.53
C GLY F 37 -23.56 17.35 -6.22
N THR F 38 -24.76 17.59 -5.69
CA THR F 38 -24.88 18.34 -4.44
C THR F 38 -24.35 17.54 -3.27
N SER F 39 -24.68 16.26 -3.21
CA SER F 39 -24.23 15.43 -2.09
C SER F 39 -22.71 15.29 -2.09
N GLU F 40 -22.16 15.11 -0.89
CA GLU F 40 -20.70 15.01 -0.72
C GLU F 40 -20.22 13.62 -1.13
N ASN F 41 -20.54 13.25 -2.38
CA ASN F 41 -20.13 11.96 -2.91
C ASN F 41 -19.69 12.06 -4.37
N ALA F 42 -19.37 13.27 -4.84
CA ALA F 42 -18.90 13.47 -6.21
C ALA F 42 -17.68 14.36 -6.18
N VAL F 43 -16.87 14.28 -7.23
CA VAL F 43 -15.61 15.01 -7.26
C VAL F 43 -15.85 16.51 -7.28
N ILE F 44 -16.97 16.94 -7.86
CA ILE F 44 -17.32 18.36 -7.96
C ILE F 44 -18.64 18.57 -7.25
N GLN F 45 -18.61 19.32 -6.15
CA GLN F 45 -19.79 19.54 -5.33
C GLN F 45 -20.36 20.91 -5.63
N ARG F 46 -21.64 20.97 -5.98
CA ARG F 46 -22.29 22.24 -6.21
C ARG F 46 -22.87 22.78 -4.91
N LYS F 47 -22.34 23.90 -4.45
CA LYS F 47 -22.76 24.51 -3.19
C LYS F 47 -23.93 25.44 -3.48
N THR F 48 -25.14 24.98 -3.18
CA THR F 48 -26.36 25.74 -3.48
C THR F 48 -26.77 26.60 -2.28
N GLU F 49 -25.82 27.41 -1.81
CA GLU F 49 -26.06 28.31 -0.71
C GLU F 49 -26.31 29.75 -1.13
N VAL F 50 -26.10 30.08 -2.40
CA VAL F 50 -26.24 31.45 -2.88
C VAL F 50 -27.09 31.49 -4.14
N GLU F 51 -27.75 30.38 -4.46
CA GLU F 51 -28.58 30.35 -5.66
C GLU F 51 -29.75 31.32 -5.54
N SER F 52 -30.40 31.34 -4.39
CA SER F 52 -31.57 32.19 -4.18
C SER F 52 -31.29 33.42 -3.33
N ASP F 53 -30.50 33.29 -2.28
CA ASP F 53 -30.20 34.41 -1.41
C ASP F 53 -29.22 35.36 -2.10
N ALA F 54 -28.77 36.36 -1.37
CA ALA F 54 -27.82 37.35 -1.87
C ALA F 54 -26.49 37.14 -1.16
N GLY F 55 -25.44 36.89 -1.94
CA GLY F 55 -24.13 36.68 -1.36
C GLY F 55 -23.05 36.49 -2.40
N ASP F 56 -21.89 37.09 -2.16
CA ASP F 56 -20.78 37.03 -3.09
C ASP F 56 -19.79 35.92 -2.80
N ARG F 57 -19.92 35.24 -1.67
CA ARG F 57 -18.98 34.21 -1.28
C ARG F 57 -19.71 33.06 -0.62
N VAL F 58 -19.09 31.89 -0.66
CA VAL F 58 -19.55 30.72 0.08
C VAL F 58 -18.38 30.15 0.85
N SER F 59 -18.56 29.93 2.15
CA SER F 59 -17.52 29.36 2.99
C SER F 59 -18.02 28.08 3.62
N PHE F 60 -17.18 27.05 3.57
CA PHE F 60 -17.52 25.73 4.09
C PHE F 60 -16.34 25.17 4.87
N ASP F 61 -16.65 24.43 5.93
CA ASP F 61 -15.69 24.10 6.97
C ASP F 61 -15.29 22.64 6.90
N LEU F 62 -14.09 22.34 7.39
CA LEU F 62 -13.62 20.98 7.57
C LEU F 62 -13.17 20.79 9.00
N SER F 63 -13.68 19.74 9.64
CA SER F 63 -13.35 19.44 11.03
C SER F 63 -12.36 18.28 11.06
N VAL F 64 -11.09 18.59 11.28
CA VAL F 64 -10.06 17.56 11.31
C VAL F 64 -10.15 16.79 12.61
N ARG F 65 -9.49 15.64 12.67
CA ARG F 65 -9.50 14.82 13.86
C ARG F 65 -8.81 15.52 15.02
N LEU F 66 -9.26 15.20 16.23
CA LEU F 66 -8.58 15.63 17.45
C LEU F 66 -7.41 14.68 17.71
N ARG F 67 -6.27 15.24 18.11
CA ARG F 67 -5.01 14.49 18.12
C ARG F 67 -4.23 14.70 19.40
N GLY F 68 -4.90 14.68 20.54
CA GLY F 68 -4.21 14.83 21.80
C GLY F 68 -3.83 13.51 22.42
N GLN F 69 -2.89 13.56 23.34
CA GLN F 69 -2.45 12.38 24.07
C GLN F 69 -3.44 12.06 25.18
N PRO F 70 -3.90 10.82 25.30
CA PRO F 70 -4.83 10.46 26.35
C PRO F 70 -4.14 10.38 27.71
N THR F 71 -4.96 10.29 28.76
CA THR F 71 -4.48 10.24 30.14
C THR F 71 -4.51 8.79 30.61
N PHE F 72 -3.34 8.25 30.92
CA PHE F 72 -3.24 6.86 31.35
C PHE F 72 -3.36 6.76 32.87
N GLY F 73 -3.83 5.61 33.33
CA GLY F 73 -3.94 5.40 34.75
C GLY F 73 -5.15 6.10 35.35
N ASP F 74 -5.06 6.34 36.66
CA ASP F 74 -6.14 6.95 37.42
C ASP F 74 -5.93 8.45 37.60
N ASP F 75 -5.11 9.06 36.76
CA ASP F 75 -4.93 10.50 36.81
C ASP F 75 -6.21 11.21 36.41
N ARG F 76 -6.45 12.36 37.03
CA ARG F 76 -7.65 13.14 36.71
C ARG F 76 -7.57 13.66 35.28
N VAL F 77 -8.73 13.72 34.62
CA VAL F 77 -8.82 14.14 33.23
C VAL F 77 -9.52 15.47 33.07
N GLU F 78 -10.34 15.89 34.03
CA GLU F 78 -11.03 17.16 33.96
C GLU F 78 -10.01 18.30 33.88
N GLY F 79 -10.23 19.20 32.92
CA GLY F 79 -9.34 20.32 32.71
C GLY F 79 -8.38 20.15 31.55
N LYS F 80 -7.94 18.93 31.28
CA LYS F 80 -7.10 18.65 30.11
C LYS F 80 -8.03 18.23 28.97
N GLU F 81 -8.80 19.19 28.49
CA GLU F 81 -9.85 18.93 27.53
C GLU F 81 -9.42 19.35 26.14
N GLU F 82 -9.80 18.55 25.16
CA GLU F 82 -9.38 18.76 23.78
C GLU F 82 -10.07 19.99 23.18
N ASN F 83 -9.36 20.65 22.26
CA ASN F 83 -9.93 21.76 21.51
C ASN F 83 -10.11 21.33 20.05
N LEU F 84 -11.38 21.20 19.65
CA LEU F 84 -11.70 20.92 18.26
C LEU F 84 -11.12 21.99 17.35
N LYS F 85 -10.53 21.55 16.24
CA LYS F 85 -9.94 22.45 15.26
C LYS F 85 -10.72 22.36 13.95
N PHE F 86 -10.94 23.51 13.32
CA PHE F 86 -11.63 23.60 12.05
C PHE F 86 -10.76 24.31 11.03
N TYR F 87 -11.08 24.09 9.75
CA TYR F 87 -10.45 24.80 8.66
C TYR F 87 -11.52 25.29 7.69
N THR F 88 -11.27 26.41 7.05
CA THR F 88 -12.26 27.06 6.19
C THR F 88 -11.69 27.34 4.81
N ASP F 89 -12.57 27.31 3.82
CA ASP F 89 -12.25 27.70 2.46
C ASP F 89 -13.42 28.51 1.90
N GLU F 90 -13.11 29.42 0.97
CA GLU F 90 -14.11 30.32 0.43
C GLU F 90 -14.12 30.26 -1.09
N VAL F 91 -15.32 30.40 -1.65
CA VAL F 91 -15.54 30.38 -3.10
C VAL F 91 -16.17 31.69 -3.50
N ILE F 92 -15.59 32.36 -4.48
CA ILE F 92 -16.01 33.69 -4.87
C ILE F 92 -16.67 33.62 -6.24
N ILE F 93 -17.83 34.24 -6.36
CA ILE F 93 -18.63 34.16 -7.57
C ILE F 93 -18.39 35.39 -8.42
N ASP F 94 -18.50 35.23 -9.73
CA ASP F 94 -18.41 36.36 -10.66
C ASP F 94 -19.16 36.00 -11.93
N GLN F 95 -19.39 37.02 -12.76
CA GLN F 95 -20.06 36.86 -14.03
C GLN F 95 -19.08 36.51 -15.13
N VAL F 96 -19.51 35.66 -16.06
CA VAL F 96 -18.72 35.27 -17.21
C VAL F 96 -19.63 35.39 -18.42
N ARG F 97 -19.45 36.45 -19.20
CA ARG F 97 -20.29 36.73 -20.35
C ARG F 97 -19.49 36.69 -21.64
N HIS F 98 -20.20 36.57 -22.75
CA HIS F 98 -19.59 36.65 -24.07
C HIS F 98 -20.67 36.99 -25.07
N SER F 99 -20.24 37.41 -26.26
CA SER F 99 -21.17 37.95 -27.26
C SER F 99 -20.73 37.54 -28.66
N VAL F 100 -21.72 37.38 -29.53
CA VAL F 100 -21.52 37.03 -30.93
C VAL F 100 -22.31 37.97 -31.80
N SER F 101 -21.67 38.51 -32.84
CA SER F 101 -22.31 39.45 -33.75
C SER F 101 -22.57 38.73 -35.08
N ALA F 102 -23.80 38.28 -35.27
CA ALA F 102 -24.26 37.86 -36.60
C ALA F 102 -24.64 39.11 -37.37
N GLY F 103 -23.66 40.00 -37.51
CA GLY F 103 -23.89 41.38 -37.85
C GLY F 103 -23.90 41.68 -39.33
N GLY F 104 -24.16 42.94 -39.64
CA GLY F 104 -24.28 43.40 -41.00
C GLY F 104 -25.64 43.11 -41.60
N ARG F 105 -26.19 44.06 -42.35
CA ARG F 105 -27.34 43.78 -43.18
C ARG F 105 -26.92 43.33 -44.57
N MET F 106 -25.79 43.84 -45.06
CA MET F 106 -25.26 43.35 -46.33
C MET F 106 -24.61 41.98 -46.15
N SER F 107 -23.94 41.76 -45.01
CA SER F 107 -23.30 40.48 -44.79
C SER F 107 -24.30 39.38 -44.48
N ARG F 108 -25.53 39.75 -44.10
CA ARG F 108 -26.59 38.77 -43.97
C ARG F 108 -27.38 38.56 -45.25
N LYS F 109 -27.10 39.34 -46.29
CA LYS F 109 -27.68 39.12 -47.60
C LYS F 109 -26.77 38.29 -48.50
N ARG F 110 -25.46 38.40 -48.31
CA ARG F 110 -24.53 37.65 -49.15
C ARG F 110 -24.53 36.17 -48.82
N THR F 111 -24.97 35.79 -47.62
CA THR F 111 -24.95 34.40 -47.19
C THR F 111 -26.36 33.85 -47.12
N ALA F 112 -26.57 32.68 -47.71
CA ALA F 112 -27.88 32.05 -47.67
C ALA F 112 -28.22 31.56 -46.27
N HIS F 113 -27.23 31.11 -45.50
CA HIS F 113 -27.51 30.60 -44.16
C HIS F 113 -27.97 31.73 -43.24
N ASP F 114 -28.77 31.36 -42.26
CA ASP F 114 -29.21 32.30 -41.23
C ASP F 114 -28.08 32.44 -40.22
N LEU F 115 -27.46 33.63 -40.18
CA LEU F 115 -26.30 33.81 -39.32
C LEU F 115 -26.67 33.92 -37.84
N ARG F 116 -27.87 34.41 -37.53
CA ARG F 116 -28.25 34.58 -36.13
C ARG F 116 -28.38 33.24 -35.42
N LYS F 117 -29.04 32.28 -36.06
CA LYS F 117 -29.22 30.96 -35.44
C LYS F 117 -27.88 30.26 -35.27
N THR F 118 -27.00 30.37 -36.26
CA THR F 118 -25.68 29.76 -36.13
C THR F 118 -24.90 30.43 -35.02
N GLY F 119 -25.01 31.75 -34.88
CA GLY F 119 -24.36 32.43 -33.77
C GLY F 119 -24.86 31.94 -32.43
N ARG F 120 -26.17 31.76 -32.30
CA ARG F 120 -26.71 31.25 -31.04
C ARG F 120 -26.22 29.84 -30.73
N ASP F 121 -26.22 28.97 -31.74
CA ASP F 121 -25.75 27.60 -31.51
C ASP F 121 -24.27 27.58 -31.14
N ARG F 122 -23.46 28.40 -31.82
CA ARG F 122 -22.05 28.46 -31.48
C ARG F 122 -21.83 29.02 -30.09
N LEU F 123 -22.66 29.96 -29.65
CA LEU F 123 -22.56 30.44 -28.27
C LEU F 123 -22.84 29.31 -27.28
N GLY F 124 -23.88 28.51 -27.54
CA GLY F 124 -24.17 27.40 -26.65
C GLY F 124 -23.01 26.43 -26.55
N ASP F 125 -22.46 26.04 -27.70
CA ASP F 125 -21.31 25.14 -27.70
C ASP F 125 -20.12 25.77 -27.01
N TYR F 126 -19.93 27.07 -27.21
CA TYR F 126 -18.79 27.77 -26.62
C TYR F 126 -18.86 27.77 -25.10
N PHE F 127 -20.05 28.04 -24.55
CA PHE F 127 -20.15 28.03 -23.08
C PHE F 127 -20.02 26.62 -22.52
N TYR F 128 -20.53 25.62 -23.23
CA TYR F 128 -20.36 24.24 -22.77
C TYR F 128 -18.87 23.89 -22.68
N GLN F 129 -18.14 24.13 -23.76
CA GLN F 129 -16.70 23.89 -23.76
C GLN F 129 -15.99 24.73 -22.71
N LEU F 130 -16.44 25.97 -22.49
CA LEU F 130 -15.76 26.84 -21.51
C LEU F 130 -15.95 26.34 -20.09
N THR F 131 -17.15 25.82 -19.78
CA THR F 131 -17.35 25.25 -18.45
C THR F 131 -16.40 24.09 -18.20
N ASP F 132 -16.36 23.13 -19.14
CA ASP F 132 -15.44 22.01 -18.93
C ASP F 132 -13.98 22.47 -18.88
N GLU F 133 -13.61 23.47 -19.62
CA GLU F 133 -12.25 23.80 -19.50
C GLU F 133 -12.08 24.36 -18.19
N LEU F 134 -12.80 25.40 -17.82
CA LEU F 134 -12.50 25.99 -16.53
C LEU F 134 -12.31 24.92 -15.48
N PHE F 135 -13.12 23.86 -15.54
CA PHE F 135 -12.96 22.78 -14.57
C PHE F 135 -11.58 22.16 -14.64
N PHE F 136 -11.14 21.76 -15.84
CA PHE F 136 -9.79 21.18 -15.93
C PHE F 136 -8.70 22.18 -15.59
N MET F 137 -8.86 23.45 -15.95
CA MET F 137 -7.80 24.40 -15.65
C MET F 137 -7.66 24.61 -14.15
N TYR F 138 -8.79 24.68 -13.43
CA TYR F 138 -8.70 24.87 -11.99
C TYR F 138 -8.17 23.63 -11.29
N LEU F 139 -8.64 22.45 -11.69
CA LEU F 139 -8.22 21.23 -11.00
C LEU F 139 -6.72 21.01 -11.12
N SER F 140 -6.16 21.22 -12.31
CA SER F 140 -4.72 21.05 -12.49
C SER F 140 -3.93 22.12 -11.77
N GLY F 141 -4.53 23.28 -11.53
CA GLY F 141 -3.86 24.35 -10.82
C GLY F 141 -3.05 25.30 -11.66
N ALA F 142 -3.06 25.14 -12.98
CA ALA F 142 -2.35 26.08 -13.84
C ALA F 142 -2.93 26.00 -15.24
N ARG F 143 -2.64 27.03 -16.03
CA ARG F 143 -2.98 27.05 -17.45
C ARG F 143 -1.70 26.91 -18.24
N GLY F 144 -1.56 25.81 -18.97
CA GLY F 144 -0.32 25.51 -19.64
C GLY F 144 -0.20 26.11 -21.02
N ILE F 145 0.21 25.29 -21.98
CA ILE F 145 0.42 25.73 -23.35
C ILE F 145 -0.62 25.11 -24.28
N ASN F 146 -1.70 24.56 -23.71
CA ASN F 146 -2.73 23.91 -24.50
C ASN F 146 -3.36 24.92 -25.46
N LYS F 147 -3.10 24.77 -26.76
CA LYS F 147 -3.42 25.83 -27.71
C LYS F 147 -4.91 25.92 -28.00
N ASP F 148 -5.66 24.83 -27.83
CA ASP F 148 -7.09 24.93 -28.12
C ASP F 148 -7.89 25.51 -26.97
N PHE F 149 -7.26 25.75 -25.82
CA PHE F 149 -7.98 26.42 -24.73
C PHE F 149 -8.44 27.81 -25.14
N ILE F 150 -9.68 28.11 -24.72
CA ILE F 150 -10.29 29.40 -25.00
C ILE F 150 -10.06 30.27 -23.87
N LEU F 151 -8.85 30.68 -23.60
CA LEU F 151 -8.56 31.61 -22.58
C LEU F 151 -7.18 31.97 -22.96
N PRO F 152 -6.67 33.07 -22.55
CA PRO F 152 -5.37 33.45 -23.05
C PRO F 152 -4.34 32.75 -22.36
N THR F 153 -3.11 32.69 -22.84
CA THR F 153 -2.11 31.86 -22.17
C THR F 153 -1.73 32.36 -20.83
N SER F 154 -1.23 33.56 -20.74
CA SER F 154 -0.96 34.10 -19.42
C SER F 154 -2.30 34.36 -18.74
N PHE F 155 -2.76 33.41 -17.94
CA PHE F 155 -4.07 33.49 -17.30
C PHE F 155 -3.96 33.20 -15.81
N THR F 156 -4.70 33.96 -15.02
CA THR F 156 -4.89 33.69 -13.61
C THR F 156 -6.39 33.69 -13.33
N GLY F 157 -6.81 32.76 -12.48
CA GLY F 157 -8.22 32.50 -12.24
C GLY F 157 -9.10 33.72 -12.06
N TYR F 158 -10.34 33.63 -12.51
CA TYR F 158 -11.26 34.74 -12.41
C TYR F 158 -11.94 34.75 -11.04
N ALA F 159 -12.67 35.83 -10.77
CA ALA F 159 -13.34 36.04 -9.49
C ALA F 159 -12.37 36.01 -8.31
N LYS F 160 -11.15 36.52 -8.53
CA LYS F 160 -10.13 36.59 -7.50
C LYS F 160 -9.86 35.24 -6.84
N ASN F 161 -10.11 34.15 -7.56
CA ASN F 161 -9.73 32.81 -7.10
C ASN F 161 -8.45 32.42 -7.79
N PRO F 162 -7.29 32.64 -7.17
CA PRO F 162 -6.03 32.40 -7.87
C PRO F 162 -5.84 30.93 -8.19
N PHE F 163 -5.10 30.67 -9.26
CA PHE F 163 -4.73 29.30 -9.60
C PHE F 163 -3.74 28.82 -8.54
N ASN F 164 -4.23 28.01 -7.61
CA ASN F 164 -3.41 27.54 -6.50
C ASN F 164 -2.60 26.35 -6.98
N THR F 165 -1.29 26.51 -7.04
CA THR F 165 -0.42 25.41 -7.44
C THR F 165 -0.53 24.28 -6.43
N PRO F 166 -0.59 23.03 -6.87
CA PRO F 166 -0.73 21.92 -5.92
C PRO F 166 0.45 21.86 -4.97
N ASP F 167 0.17 21.46 -3.73
CA ASP F 167 1.19 21.43 -2.69
C ASP F 167 2.26 20.40 -3.04
N ALA F 168 3.38 20.46 -2.30
CA ALA F 168 4.45 19.52 -2.52
C ALA F 168 4.03 18.10 -2.23
N ALA F 169 3.03 17.91 -1.37
CA ALA F 169 2.59 16.58 -0.99
C ALA F 169 1.53 16.02 -1.93
N HIS F 170 1.16 16.75 -2.98
CA HIS F 170 0.09 16.32 -3.86
C HIS F 170 0.48 16.29 -5.33
N LEU F 171 1.72 16.62 -5.68
CA LEU F 171 2.17 16.54 -7.06
C LEU F 171 3.24 15.46 -7.16
N LEU F 172 3.06 14.55 -8.10
CA LEU F 172 3.96 13.42 -8.32
C LEU F 172 4.55 13.53 -9.71
N TYR F 173 5.88 13.51 -9.80
CA TYR F 173 6.55 13.76 -11.06
C TYR F 173 6.67 12.55 -11.96
N GLY F 174 6.42 11.35 -11.46
CA GLY F 174 6.50 10.17 -12.32
C GLY F 174 7.91 9.87 -12.78
N GLY F 175 8.12 8.67 -13.30
CA GLY F 175 9.47 8.28 -13.66
C GLY F 175 10.34 8.23 -12.43
N VAL F 176 11.43 8.98 -12.44
CA VAL F 176 12.31 9.09 -11.29
C VAL F 176 12.61 10.56 -11.02
N ALA F 177 11.86 11.44 -11.67
CA ALA F 177 12.09 12.87 -11.51
C ALA F 177 11.67 13.34 -10.12
N THR F 178 12.36 14.37 -9.63
CA THR F 178 12.10 14.90 -8.30
C THR F 178 11.89 16.41 -8.28
N SER F 179 12.24 17.13 -9.34
CA SER F 179 12.04 18.56 -9.40
C SER F 179 11.43 18.91 -10.75
N LYS F 180 10.83 20.11 -10.82
CA LYS F 180 10.20 20.54 -12.07
C LYS F 180 11.18 20.57 -13.21
N ALA F 181 12.44 20.86 -12.94
CA ALA F 181 13.47 20.92 -13.96
C ALA F 181 14.33 19.66 -14.00
N SER F 182 13.78 18.51 -13.63
CA SER F 182 14.53 17.26 -13.64
C SER F 182 13.89 16.19 -14.52
N LEU F 183 12.93 16.55 -15.37
CA LEU F 183 12.35 15.58 -16.28
C LEU F 183 13.29 15.28 -17.43
N ALA F 184 13.06 14.14 -18.09
CA ALA F 184 13.83 13.74 -19.25
C ALA F 184 12.93 12.90 -20.15
N ASN F 185 13.54 12.22 -21.13
CA ASN F 185 12.75 11.41 -22.05
C ASN F 185 12.24 10.14 -21.39
N THR F 186 12.97 9.61 -20.41
CA THR F 186 12.57 8.35 -19.79
C THR F 186 11.36 8.48 -18.88
N ASP F 187 11.09 9.67 -18.34
CA ASP F 187 10.10 9.82 -17.29
C ASP F 187 8.68 9.87 -17.84
N THR F 188 8.31 8.89 -18.65
CA THR F 188 6.95 8.84 -19.17
C THR F 188 5.99 8.34 -18.09
N MET F 189 4.73 8.18 -18.48
CA MET F 189 3.72 7.68 -17.55
C MET F 189 3.58 6.18 -17.72
N SER F 190 3.77 5.44 -16.64
CA SER F 190 3.78 3.99 -16.65
C SER F 190 2.75 3.49 -15.65
N ARG F 191 2.56 2.16 -15.62
CA ARG F 191 1.75 1.57 -14.56
C ARG F 191 2.39 1.82 -13.20
N VAL F 192 3.70 2.02 -13.16
CA VAL F 192 4.37 2.34 -11.91
C VAL F 192 3.83 3.64 -11.33
N VAL F 193 3.62 4.64 -12.20
CA VAL F 193 3.24 5.97 -11.73
C VAL F 193 1.83 5.97 -11.18
N ILE F 194 0.91 5.26 -11.82
CA ILE F 194 -0.47 5.25 -11.34
C ILE F 194 -0.55 4.58 -9.97
N GLU F 195 0.15 3.47 -9.78
CA GLU F 195 0.09 2.84 -8.47
C GLU F 195 0.90 3.62 -7.43
N ARG F 196 1.92 4.36 -7.86
CA ARG F 196 2.56 5.30 -6.96
C ARG F 196 1.56 6.35 -6.48
N ALA F 197 0.71 6.82 -7.39
CA ALA F 197 -0.35 7.73 -6.99
C ALA F 197 -1.33 7.06 -6.03
N ASN F 198 -1.62 5.78 -6.25
CA ASN F 198 -2.50 5.05 -5.32
C ASN F 198 -1.88 5.00 -3.93
N VAL F 199 -0.59 4.68 -3.85
CA VAL F 199 0.07 4.59 -2.56
C VAL F 199 0.14 5.95 -1.89
N GLN F 200 0.35 7.01 -2.67
CA GLN F 200 0.29 8.36 -2.11
C GLN F 200 -1.09 8.67 -1.57
N ALA F 201 -2.14 8.32 -2.33
CA ALA F 201 -3.50 8.57 -1.86
C ALA F 201 -3.82 7.80 -0.59
N THR F 202 -3.13 6.68 -0.37
CA THR F 202 -3.32 5.94 0.87
C THR F 202 -2.50 6.51 2.04
N MET F 203 -1.23 6.84 1.82
CA MET F 203 -0.32 7.21 2.90
C MET F 203 -0.15 8.71 3.06
N MET F 204 -0.96 9.51 2.38
CA MET F 204 -0.79 10.96 2.39
C MET F 204 -0.94 11.54 3.79
N GLN F 205 -1.99 11.15 4.51
CA GLN F 205 -2.15 11.65 5.88
C GLN F 205 -1.05 11.12 6.79
N ALA F 206 -0.71 9.84 6.66
CA ALA F 206 0.24 9.23 7.59
C ALA F 206 1.61 9.85 7.46
N GLN F 207 2.04 10.19 6.25
CA GLN F 207 3.34 10.82 6.11
C GLN F 207 3.28 12.34 6.25
N ASP F 208 2.14 12.94 5.93
CA ASP F 208 1.95 14.38 6.13
C ASP F 208 0.82 14.58 7.12
N PRO F 209 1.12 14.93 8.38
CA PRO F 209 0.08 14.86 9.42
C PRO F 209 -1.08 15.81 9.22
N GLU F 210 -0.93 16.86 8.42
CA GLU F 210 -1.95 17.89 8.31
C GLU F 210 -2.90 17.69 7.14
N THR F 211 -2.73 16.63 6.34
CA THR F 211 -3.52 16.51 5.13
C THR F 211 -4.88 15.89 5.47
N ALA F 212 -5.71 15.67 4.44
CA ALA F 212 -7.14 15.47 4.66
C ALA F 212 -7.67 14.15 4.10
N ASN F 213 -6.83 13.12 3.93
CA ASN F 213 -7.30 11.74 3.75
C ASN F 213 -8.25 11.59 2.56
N MET F 214 -7.67 11.71 1.36
CA MET F 214 -8.44 11.44 0.14
C MET F 214 -9.22 10.14 0.27
N VAL F 215 -10.36 10.11 -0.42
CA VAL F 215 -11.35 9.05 -0.29
C VAL F 215 -12.05 8.90 -1.64
N PRO F 216 -12.21 7.70 -2.17
CA PRO F 216 -12.67 7.58 -3.56
C PRO F 216 -14.17 7.76 -3.71
N VAL F 217 -14.58 7.89 -4.96
CA VAL F 217 -15.95 8.26 -5.30
C VAL F 217 -16.64 7.07 -5.96
N SER F 218 -17.94 7.24 -6.22
CA SER F 218 -18.75 6.20 -6.84
C SER F 218 -18.76 6.41 -8.35
N VAL F 219 -17.73 5.89 -9.00
CA VAL F 219 -17.62 5.90 -10.47
C VAL F 219 -17.40 4.47 -10.93
N GLU F 220 -18.10 4.08 -11.99
CA GLU F 220 -18.14 2.69 -12.45
C GLU F 220 -18.79 1.88 -11.33
N GLY F 221 -18.19 0.80 -10.86
CA GLY F 221 -18.84 -0.03 -9.86
C GLY F 221 -18.98 0.63 -8.49
N GLU F 222 -17.88 0.79 -7.77
CA GLU F 222 -17.93 1.36 -6.42
C GLU F 222 -16.55 1.70 -5.87
N ASP F 223 -16.41 2.91 -5.34
CA ASP F 223 -15.28 3.30 -4.51
C ASP F 223 -13.93 3.06 -5.22
N ARG F 224 -13.71 3.80 -6.29
CA ARG F 224 -12.45 3.75 -7.01
C ARG F 224 -12.08 5.14 -7.52
N TYR F 225 -10.82 5.52 -7.30
CA TYR F 225 -10.33 6.80 -7.80
C TYR F 225 -10.34 6.81 -9.32
N VAL F 226 -10.64 7.98 -9.89
CA VAL F 226 -10.61 8.19 -11.33
C VAL F 226 -9.35 8.98 -11.67
N CYS F 227 -8.78 8.69 -12.84
CA CYS F 227 -7.59 9.36 -13.30
C CYS F 227 -7.82 9.88 -14.71
N VAL F 228 -7.48 11.15 -14.93
CA VAL F 228 -7.67 11.80 -16.22
C VAL F 228 -6.29 12.07 -16.81
N MET F 229 -6.09 11.62 -18.04
CA MET F 229 -4.78 11.62 -18.68
C MET F 229 -4.86 12.39 -19.99
N SER F 230 -3.84 13.20 -20.26
CA SER F 230 -3.73 13.80 -21.58
C SER F 230 -3.43 12.72 -22.61
N PRO F 231 -4.18 12.66 -23.71
CA PRO F 231 -4.05 11.54 -24.65
C PRO F 231 -2.63 11.26 -25.11
N PHE F 232 -1.72 12.22 -24.96
CA PHE F 232 -0.31 11.92 -25.17
C PHE F 232 0.19 10.90 -24.15
N GLN F 233 -0.25 11.05 -22.90
CA GLN F 233 0.04 10.04 -21.89
C GLN F 233 -0.63 8.72 -22.24
N GLU F 234 -1.84 8.75 -22.81
CA GLU F 234 -2.44 7.53 -23.34
C GLU F 234 -1.53 6.84 -24.33
N HIS F 235 -0.98 7.60 -25.29
CA HIS F 235 -0.11 6.95 -26.27
C HIS F 235 1.13 6.39 -25.61
N SER F 236 1.75 7.16 -24.71
CA SER F 236 2.97 6.70 -24.06
C SER F 236 2.72 5.54 -23.11
N LEU F 237 1.47 5.30 -22.71
CA LEU F 237 1.14 4.14 -21.90
C LEU F 237 0.65 2.96 -22.72
N ARG F 238 0.09 3.22 -23.90
CA ARG F 238 -0.52 2.19 -24.72
C ARG F 238 0.45 1.60 -25.74
N THR F 239 1.48 2.34 -26.14
CA THR F 239 2.48 1.84 -27.09
C THR F 239 3.85 1.93 -26.42
N SER F 240 4.23 0.88 -25.70
CA SER F 240 5.55 0.86 -25.08
C SER F 240 5.92 -0.54 -24.63
N ASP F 241 7.13 -0.99 -24.96
CA ASP F 241 7.65 -2.21 -24.38
C ASP F 241 7.82 -2.06 -22.87
N ALA F 242 8.31 -0.90 -22.44
CA ALA F 242 8.30 -0.53 -21.03
C ALA F 242 6.90 -0.01 -20.69
N ALA F 243 6.78 0.65 -19.53
CA ALA F 243 5.56 1.27 -19.05
C ALA F 243 4.51 0.26 -18.61
N GLY F 244 4.75 -1.03 -18.76
CA GLY F 244 3.96 -2.03 -18.07
C GLY F 244 2.60 -2.37 -18.66
N TRP F 245 1.90 -1.38 -19.21
CA TRP F 245 0.50 -1.58 -19.57
C TRP F 245 0.33 -2.65 -20.64
N LEU F 246 1.23 -2.66 -21.63
CA LEU F 246 1.10 -3.66 -22.70
C LEU F 246 1.22 -5.07 -22.16
N GLU F 247 2.16 -5.31 -21.24
CA GLU F 247 2.32 -6.65 -20.69
C GLU F 247 1.05 -7.08 -19.95
N ILE F 248 0.53 -6.21 -19.09
CA ILE F 248 -0.66 -6.54 -18.32
C ILE F 248 -1.83 -6.84 -19.24
N GLN F 249 -2.02 -6.01 -20.26
CA GLN F 249 -3.20 -6.21 -21.09
C GLN F 249 -3.04 -7.36 -22.06
N LYS F 250 -1.83 -7.69 -22.49
CA LYS F 250 -1.64 -8.91 -23.25
C LYS F 250 -1.95 -10.13 -22.39
N ALA F 251 -1.49 -10.13 -21.14
CA ALA F 251 -1.82 -11.23 -20.25
C ALA F 251 -3.32 -11.34 -20.05
N ALA F 252 -4.00 -10.21 -19.87
CA ALA F 252 -5.45 -10.25 -19.70
C ALA F 252 -6.14 -10.74 -20.96
N ALA F 253 -5.68 -10.30 -22.14
CA ALA F 253 -6.29 -10.74 -23.38
C ALA F 253 -6.09 -12.23 -23.61
N ALA F 254 -5.04 -12.80 -23.01
CA ALA F 254 -4.84 -14.24 -23.12
C ALA F 254 -6.01 -15.03 -22.57
N ALA F 255 -6.82 -14.43 -21.70
CA ALA F 255 -8.00 -15.08 -21.13
C ALA F 255 -9.30 -14.60 -21.72
N GLU F 256 -9.34 -13.37 -22.23
CA GLU F 256 -10.50 -12.83 -22.92
C GLU F 256 -10.05 -12.32 -24.27
N GLY F 257 -10.51 -12.98 -25.34
CA GLY F 257 -10.09 -12.59 -26.67
C GLY F 257 -11.03 -11.55 -27.25
N ARG F 258 -10.45 -10.58 -27.96
CA ARG F 258 -11.16 -9.56 -28.73
C ARG F 258 -11.98 -8.62 -27.85
N ASN F 259 -11.96 -8.79 -26.53
CA ASN F 259 -12.63 -7.87 -25.61
C ASN F 259 -11.64 -7.13 -24.72
N ASN F 260 -10.36 -7.18 -25.05
CA ASN F 260 -9.34 -6.51 -24.27
C ASN F 260 -9.30 -5.02 -24.62
N PRO F 261 -8.81 -4.18 -23.71
CA PRO F 261 -8.61 -2.77 -24.06
C PRO F 261 -7.64 -2.54 -25.20
N ILE F 262 -6.80 -3.52 -25.54
CA ILE F 262 -5.91 -3.35 -26.68
C ILE F 262 -6.72 -3.19 -27.97
N PHE F 263 -7.76 -4.01 -28.12
CA PHE F 263 -8.60 -3.93 -29.32
C PHE F 263 -9.82 -3.04 -29.12
N LYS F 264 -10.62 -3.32 -28.09
CA LYS F 264 -11.94 -2.73 -27.96
C LYS F 264 -11.92 -1.23 -27.73
N GLY F 265 -10.84 -0.66 -27.22
CA GLY F 265 -10.84 0.78 -27.02
C GLY F 265 -10.06 1.30 -25.83
N GLY F 266 -10.76 2.01 -24.94
CA GLY F 266 -10.12 2.76 -23.88
C GLY F 266 -9.43 1.90 -22.84
N LEU F 267 -8.64 2.59 -22.01
CA LEU F 267 -7.81 1.92 -21.03
C LEU F 267 -8.65 1.28 -19.93
N GLY F 268 -8.23 0.09 -19.51
CA GLY F 268 -8.86 -0.55 -18.39
C GLY F 268 -8.33 -0.04 -17.07
N MET F 269 -8.98 -0.47 -16.00
CA MET F 269 -8.62 -0.03 -14.66
C MET F 269 -7.32 -0.68 -14.22
N ILE F 270 -6.45 0.13 -13.60
CA ILE F 270 -5.11 -0.29 -13.18
C ILE F 270 -4.97 0.02 -11.70
N GLY F 271 -4.70 -1.00 -10.90
CA GLY F 271 -4.55 -0.80 -9.47
C GLY F 271 -5.81 -0.25 -8.81
N ASN F 272 -6.97 -0.75 -9.23
CA ASN F 272 -8.26 -0.28 -8.73
C ASN F 272 -8.39 1.24 -8.90
N THR F 273 -7.92 1.73 -10.05
CA THR F 273 -8.00 3.15 -10.38
C THR F 273 -8.39 3.24 -11.84
N VAL F 274 -9.66 3.54 -12.12
CA VAL F 274 -10.11 3.64 -13.49
C VAL F 274 -9.33 4.75 -14.18
N LEU F 275 -8.95 4.51 -15.43
CA LEU F 275 -8.21 5.48 -16.22
C LEU F 275 -9.11 6.00 -17.33
N HIS F 276 -9.25 7.32 -17.38
CA HIS F 276 -9.94 8.00 -18.47
C HIS F 276 -8.98 8.99 -19.09
N SER F 277 -9.33 9.47 -20.27
CA SER F 277 -8.54 10.52 -20.92
C SER F 277 -9.46 11.45 -21.67
N HIS F 278 -9.42 12.72 -21.29
CA HIS F 278 -10.09 13.77 -22.04
C HIS F 278 -9.03 14.62 -22.71
N ARG F 279 -9.38 15.15 -23.88
CA ARG F 279 -8.39 15.85 -24.70
C ARG F 279 -7.84 17.06 -23.98
N ASN F 280 -8.71 17.86 -23.36
CA ASN F 280 -8.31 19.13 -22.75
C ASN F 280 -7.80 18.92 -21.33
N VAL F 281 -6.61 18.33 -21.23
CA VAL F 281 -5.87 18.23 -19.97
C VAL F 281 -4.64 19.12 -20.09
N VAL F 282 -4.37 19.88 -19.03
CA VAL F 282 -3.34 20.91 -19.09
C VAL F 282 -1.99 20.29 -19.42
N ARG F 283 -1.33 20.84 -20.43
CA ARG F 283 0.01 20.42 -20.82
C ARG F 283 0.95 21.61 -20.79
N PHE F 284 2.14 21.40 -20.24
CA PHE F 284 3.13 22.46 -20.12
C PHE F 284 4.26 22.23 -21.11
N SER F 285 5.00 23.30 -21.39
CA SER F 285 6.21 23.21 -22.18
C SER F 285 7.45 23.72 -21.47
N ASP F 286 7.29 24.38 -20.33
CA ASP F 286 8.42 24.90 -19.56
C ASP F 286 8.83 23.93 -18.45
N TYR F 287 9.14 22.70 -18.85
CA TYR F 287 9.63 21.69 -17.93
C TYR F 287 11.00 21.21 -18.39
N GLY F 288 11.66 20.45 -17.53
CA GLY F 288 12.94 19.86 -17.86
C GLY F 288 14.10 20.79 -17.56
N ALA F 289 15.31 20.23 -17.63
CA ALA F 289 16.50 21.00 -17.31
C ALA F 289 16.69 22.15 -18.29
N GLY F 290 16.44 21.91 -19.56
CA GLY F 290 16.58 22.92 -20.59
C GLY F 290 15.33 23.72 -20.90
N SER F 291 14.29 23.59 -20.08
CA SER F 291 13.00 24.27 -20.30
C SER F 291 12.40 23.95 -21.66
N ASP F 292 12.66 22.75 -22.18
CA ASP F 292 12.25 22.36 -23.52
C ASP F 292 11.29 21.19 -23.54
N GLN F 293 11.53 20.18 -22.72
CA GLN F 293 10.75 18.95 -22.77
C GLN F 293 9.28 19.21 -22.44
N PRO F 294 8.35 18.86 -23.31
CA PRO F 294 6.94 19.03 -23.00
C PRO F 294 6.49 18.04 -21.95
N ALA F 295 5.41 18.39 -21.25
CA ALA F 295 4.91 17.55 -20.19
C ALA F 295 3.45 17.90 -19.91
N ALA F 296 2.78 17.01 -19.18
CA ALA F 296 1.36 17.18 -18.90
C ALA F 296 1.12 16.97 -17.41
N ARG F 297 -0.12 17.21 -17.00
CA ARG F 297 -0.54 17.11 -15.62
C ARG F 297 -1.77 16.22 -15.53
N ALA F 298 -1.54 14.92 -15.37
CA ALA F 298 -2.62 13.99 -15.13
C ALA F 298 -3.28 14.29 -13.78
N LEU F 299 -4.54 13.90 -13.64
CA LEU F 299 -5.31 14.21 -12.46
C LEU F 299 -5.68 12.93 -11.72
N PHE F 300 -5.86 13.06 -10.41
CA PHE F 300 -6.22 11.95 -9.53
C PHE F 300 -7.24 12.47 -8.53
N MET F 301 -8.50 12.08 -8.69
CA MET F 301 -9.59 12.76 -8.02
C MET F 301 -10.32 11.85 -7.04
N GLY F 302 -10.50 12.36 -5.82
CA GLY F 302 -11.38 11.74 -4.83
C GLY F 302 -12.60 12.60 -4.63
N ARG F 303 -13.20 12.59 -3.45
CA ARG F 303 -14.34 13.47 -3.22
C ARG F 303 -13.85 14.91 -3.06
N GLN F 304 -14.79 15.83 -3.24
CA GLN F 304 -14.59 17.25 -2.95
C GLN F 304 -13.36 17.81 -3.66
N ALA F 305 -13.10 17.36 -4.89
CA ALA F 305 -11.94 17.87 -5.61
C ALA F 305 -12.04 19.37 -5.82
N ALA F 306 -13.22 19.85 -6.21
CA ALA F 306 -13.48 21.27 -6.33
C ALA F 306 -14.97 21.48 -6.10
N VAL F 307 -15.32 22.71 -5.71
CA VAL F 307 -16.72 23.04 -5.47
C VAL F 307 -17.11 24.22 -6.35
N VAL F 308 -18.38 24.26 -6.71
CA VAL F 308 -18.92 25.23 -7.65
C VAL F 308 -20.12 25.91 -7.02
N ALA F 309 -20.15 27.23 -7.08
CA ALA F 309 -21.29 28.00 -6.62
C ALA F 309 -21.95 28.64 -7.83
N TYR F 310 -23.23 28.37 -8.01
CA TYR F 310 -24.00 28.92 -9.12
C TYR F 310 -24.84 30.07 -8.60
N GLY F 311 -24.58 31.28 -9.10
CA GLY F 311 -25.31 32.44 -8.63
C GLY F 311 -26.78 32.40 -8.98
N THR F 312 -27.10 32.02 -10.21
CA THR F 312 -28.48 31.99 -10.65
C THR F 312 -29.24 30.85 -9.96
N LYS F 313 -30.54 31.03 -9.82
CA LYS F 313 -31.38 30.06 -9.13
C LYS F 313 -31.46 28.76 -9.92
N GLY F 314 -31.44 27.65 -9.20
CA GLY F 314 -31.64 26.34 -9.81
C GLY F 314 -30.46 25.78 -10.57
N GLY F 315 -29.24 26.21 -10.27
CA GLY F 315 -28.08 25.75 -11.01
C GLY F 315 -27.63 26.80 -12.00
N LEU F 316 -26.71 26.45 -12.90
CA LEU F 316 -26.27 27.40 -13.90
C LEU F 316 -27.40 27.70 -14.86
N ARG F 317 -27.60 28.97 -15.16
CA ARG F 317 -28.65 29.42 -16.07
C ARG F 317 -28.04 30.42 -17.02
N TYR F 318 -28.24 30.19 -18.32
CA TYR F 318 -27.74 31.09 -19.34
C TYR F 318 -28.78 32.18 -19.60
N ASP F 319 -28.37 33.44 -19.50
CA ASP F 319 -29.28 34.58 -19.68
C ASP F 319 -28.99 35.21 -21.03
N TRP F 320 -29.68 34.72 -22.06
CA TRP F 320 -29.50 35.26 -23.40
C TRP F 320 -30.02 36.69 -23.47
N GLN F 321 -29.23 37.58 -24.07
CA GLN F 321 -29.60 38.96 -24.25
C GLN F 321 -29.23 39.40 -25.66
N GLU F 322 -30.19 39.99 -26.37
CA GLU F 322 -29.99 40.42 -27.75
C GLU F 322 -30.02 41.94 -27.83
N GLU F 323 -29.00 42.51 -28.47
CA GLU F 323 -28.87 43.95 -28.62
C GLU F 323 -28.43 44.25 -30.04
N THR F 324 -29.02 45.30 -30.63
CA THR F 324 -28.72 45.70 -32.00
C THR F 324 -27.90 46.99 -31.99
N LYS F 325 -26.89 47.03 -32.84
CA LYS F 325 -25.99 48.17 -32.93
C LYS F 325 -26.10 48.81 -34.30
N ASP F 326 -25.84 50.13 -34.35
CA ASP F 326 -25.74 50.89 -35.58
C ASP F 326 -27.06 50.84 -36.38
N TYR F 327 -28.11 51.36 -35.75
CA TYR F 327 -29.41 51.53 -36.39
C TYR F 327 -29.96 50.20 -36.90
N GLY F 328 -29.69 49.12 -36.17
CA GLY F 328 -30.21 47.83 -36.55
C GLY F 328 -29.45 47.11 -37.63
N ASN F 329 -28.21 47.52 -37.93
CA ASN F 329 -27.43 46.83 -38.94
C ASN F 329 -26.89 45.50 -38.44
N GLU F 330 -26.39 45.46 -37.19
CA GLU F 330 -25.67 44.31 -36.67
C GLU F 330 -26.38 43.72 -35.47
N PRO F 331 -27.32 42.80 -35.68
CA PRO F 331 -27.92 42.11 -34.53
C PRO F 331 -26.89 41.24 -33.84
N THR F 332 -26.86 41.32 -32.51
CA THR F 332 -25.89 40.59 -31.71
C THR F 332 -26.60 39.80 -30.64
N VAL F 333 -25.99 38.69 -30.25
CA VAL F 333 -26.49 37.82 -29.19
C VAL F 333 -25.41 37.71 -28.14
N ALA F 334 -25.77 37.91 -26.88
CA ALA F 334 -24.83 37.81 -25.78
C ALA F 334 -25.50 37.11 -24.61
N SER F 335 -24.75 36.25 -23.94
CA SER F 335 -25.25 35.52 -22.79
C SER F 335 -24.10 35.21 -21.86
N GLY F 336 -24.43 34.74 -20.66
CA GLY F 336 -23.41 34.41 -19.70
C GLY F 336 -23.92 33.91 -18.37
N PHE F 337 -23.20 32.97 -17.77
CA PHE F 337 -23.58 32.40 -16.49
C PHE F 337 -22.95 33.19 -15.35
N ILE F 338 -23.38 32.88 -14.14
CA ILE F 338 -22.84 33.48 -12.92
C ILE F 338 -22.34 32.32 -12.05
N ALA F 339 -21.03 32.11 -12.03
CA ALA F 339 -20.48 30.96 -11.33
C ALA F 339 -19.01 31.18 -11.03
N GLY F 340 -18.54 30.49 -10.01
CA GLY F 340 -17.14 30.51 -9.65
C GLY F 340 -16.67 29.13 -9.27
N ILE F 341 -15.40 28.86 -9.57
CA ILE F 341 -14.82 27.52 -9.41
C ILE F 341 -13.52 27.63 -8.64
N LYS F 342 -13.37 26.78 -7.63
CA LYS F 342 -12.14 26.69 -6.85
C LYS F 342 -11.95 25.25 -6.42
N LYS F 343 -10.69 24.81 -6.41
CA LYS F 343 -10.37 23.51 -5.84
C LYS F 343 -10.29 23.63 -4.32
N THR F 344 -10.94 22.70 -3.62
CA THR F 344 -10.98 22.77 -2.17
C THR F 344 -9.58 22.75 -1.59
N ARG F 345 -9.19 23.85 -0.95
CA ARG F 345 -7.84 24.00 -0.40
C ARG F 345 -7.98 24.34 1.08
N PHE F 346 -8.05 23.31 1.92
CA PHE F 346 -8.03 23.49 3.36
C PHE F 346 -6.58 23.53 3.82
N ASN F 347 -6.30 24.40 4.79
CA ASN F 347 -4.93 24.65 5.25
C ASN F 347 -4.13 25.11 4.04
N ASP F 348 -3.06 24.43 3.65
CA ASP F 348 -2.39 24.69 2.38
C ASP F 348 -2.29 23.44 1.52
N ARG F 349 -3.00 22.37 1.89
CA ARG F 349 -2.91 21.10 1.21
C ARG F 349 -4.21 20.82 0.47
N ASP F 350 -4.09 20.37 -0.77
CA ASP F 350 -5.27 20.03 -1.55
C ASP F 350 -6.04 18.89 -0.91
N PHE F 351 -7.37 18.99 -0.96
CA PHE F 351 -8.23 18.03 -0.29
C PHE F 351 -8.39 16.73 -1.08
N GLY F 352 -8.51 16.81 -2.40
CA GLY F 352 -8.86 15.61 -3.15
C GLY F 352 -8.23 15.42 -4.51
N VAL F 353 -7.20 16.17 -4.85
CA VAL F 353 -6.58 16.09 -6.17
C VAL F 353 -5.10 15.82 -6.02
N ILE F 354 -4.60 14.82 -6.76
CA ILE F 354 -3.18 14.55 -6.88
C ILE F 354 -2.80 14.78 -8.34
N SER F 355 -1.91 15.74 -8.59
CA SER F 355 -1.50 16.09 -9.93
C SER F 355 -0.24 15.32 -10.27
N ILE F 356 -0.24 14.63 -11.40
CA ILE F 356 0.88 13.81 -11.83
C ILE F 356 1.54 14.47 -13.03
N ASP F 357 2.81 14.85 -12.87
CA ASP F 357 3.53 15.62 -13.89
C ASP F 357 4.43 14.69 -14.70
N THR F 358 3.80 13.93 -15.60
CA THR F 358 4.55 13.02 -16.43
C THR F 358 5.09 13.72 -17.67
N TYR F 359 5.69 12.94 -18.56
CA TYR F 359 6.29 13.44 -19.79
C TYR F 359 5.35 13.11 -20.94
N ALA F 360 4.75 14.13 -21.55
CA ALA F 360 3.79 13.96 -22.63
C ALA F 360 4.39 14.55 -23.90
N LYS F 361 5.09 13.72 -24.66
CA LYS F 361 5.66 14.11 -25.94
C LYS F 361 4.72 13.64 -27.04
N ASP F 362 4.30 14.55 -27.89
CA ASP F 362 3.42 14.18 -28.99
C ASP F 362 4.13 13.19 -29.92
N PRO F 363 3.46 12.09 -30.29
CA PRO F 363 4.18 11.05 -31.04
C PRO F 363 4.55 11.47 -32.45
N ASN F 364 3.64 12.09 -33.16
CA ASN F 364 3.90 12.46 -34.54
C ASN F 364 4.74 13.74 -34.62
N PRO F 365 5.79 13.77 -35.43
CA PRO F 365 6.63 14.98 -35.53
C PRO F 365 6.04 16.01 -36.46
N ASN F 366 5.30 15.56 -37.48
CA ASN F 366 4.79 16.46 -38.50
C ASN F 366 3.76 17.44 -37.98
N ASN F 367 3.25 17.23 -36.76
CA ASN F 367 2.23 18.10 -36.22
C ASN F 367 2.82 19.49 -35.98
N PRO F 368 2.21 20.54 -36.55
CA PRO F 368 2.79 21.89 -36.46
C PRO F 368 2.95 22.39 -35.02
N ALA F 369 4.19 22.67 -34.63
CA ALA F 369 4.51 23.16 -33.30
C ALA F 369 3.99 22.23 -32.22
N SER G 2 -20.20 58.13 -12.55
CA SER G 2 -19.46 56.89 -12.42
C SER G 2 -20.41 55.69 -12.43
N SER G 3 -20.22 54.78 -11.49
CA SER G 3 -21.08 53.62 -11.35
C SER G 3 -20.88 53.02 -9.98
N THR G 4 -21.98 52.65 -9.33
CA THR G 4 -21.89 52.04 -8.01
C THR G 4 -21.18 50.70 -8.11
N VAL G 5 -20.01 50.60 -7.49
CA VAL G 5 -19.28 49.35 -7.43
C VAL G 5 -19.24 48.91 -5.97
N ILE G 6 -19.75 47.71 -5.71
CA ILE G 6 -19.61 47.08 -4.40
C ILE G 6 -18.36 46.22 -4.49
N ALA G 7 -17.23 46.81 -4.13
CA ALA G 7 -15.93 46.19 -4.37
C ALA G 7 -15.79 44.90 -3.57
N PHE G 8 -14.68 44.21 -3.80
CA PHE G 8 -14.42 42.94 -3.13
C PHE G 8 -14.34 43.13 -1.61
N GLY G 9 -13.60 44.15 -1.18
CA GLY G 9 -13.34 44.37 0.23
C GLY G 9 -14.34 45.23 0.96
N ASP G 10 -15.42 45.65 0.31
CA ASP G 10 -16.41 46.50 0.97
C ASP G 10 -17.17 45.69 2.03
N PRO G 11 -17.53 46.30 3.15
CA PRO G 11 -18.21 45.57 4.23
C PRO G 11 -19.57 45.03 3.85
N LYS G 12 -20.21 45.56 2.80
CA LYS G 12 -21.54 45.11 2.41
C LYS G 12 -21.52 43.83 1.60
N ALA G 13 -20.35 43.31 1.25
CA ALA G 13 -20.26 42.11 0.43
C ALA G 13 -20.70 40.89 1.22
N GLN G 14 -21.98 40.54 1.13
CA GLN G 14 -22.51 39.47 1.96
C GLN G 14 -21.88 38.13 1.61
N LYS G 15 -21.54 37.36 2.64
CA LYS G 15 -21.13 35.97 2.50
C LYS G 15 -22.27 35.08 2.97
N LYS G 16 -22.17 33.79 2.64
CA LYS G 16 -23.16 32.81 3.07
C LYS G 16 -22.43 31.56 3.51
N TRP G 17 -22.43 31.30 4.81
CA TRP G 17 -21.80 30.09 5.33
C TRP G 17 -22.72 28.89 5.11
N SER G 18 -22.11 27.75 4.83
CA SER G 18 -22.83 26.54 4.45
C SER G 18 -23.08 25.68 5.68
N SER G 19 -24.27 25.07 5.74
CA SER G 19 -24.62 24.21 6.86
C SER G 19 -23.79 22.93 6.86
N GLU G 20 -23.58 22.34 5.69
CA GLU G 20 -22.86 21.07 5.61
C GLU G 20 -21.40 21.27 5.99
N LEU G 21 -20.90 20.43 6.88
CA LEU G 21 -19.55 20.51 7.39
C LEU G 21 -18.77 19.29 6.91
N ALA G 22 -17.83 19.51 6.00
CA ALA G 22 -16.99 18.43 5.53
C ALA G 22 -16.16 17.88 6.69
N VAL G 23 -15.97 16.56 6.70
CA VAL G 23 -15.30 15.89 7.81
C VAL G 23 -14.26 14.92 7.26
N ASP G 24 -13.11 14.86 7.91
CA ASP G 24 -12.12 13.85 7.60
C ASP G 24 -12.70 12.47 7.86
N ILE G 25 -12.47 11.55 6.93
CA ILE G 25 -12.89 10.16 7.15
C ILE G 25 -11.92 9.49 8.11
N ARG G 26 -12.46 8.86 9.15
CA ARG G 26 -11.64 8.20 10.15
C ARG G 26 -10.87 7.05 9.52
N LYS G 27 -9.65 6.83 10.02
CA LYS G 27 -8.83 5.73 9.53
C LYS G 27 -9.54 4.41 9.77
N LYS G 28 -9.61 3.58 8.73
CA LYS G 28 -10.17 2.24 8.91
C LYS G 28 -9.24 1.40 9.78
N SER G 29 -9.83 0.61 10.66
CA SER G 29 -9.08 -0.19 11.61
C SER G 29 -8.95 -1.60 11.07
N TYR G 30 -7.72 -2.11 11.05
CA TYR G 30 -7.51 -3.45 10.51
C TYR G 30 -8.05 -4.52 11.46
N PHE G 31 -7.80 -4.36 12.76
CA PHE G 31 -8.12 -5.41 13.73
C PHE G 31 -9.57 -5.28 14.18
N GLU G 32 -10.47 -5.68 13.29
CA GLU G 32 -11.90 -5.69 13.58
C GLU G 32 -12.24 -6.92 14.42
N SER G 33 -13.53 -7.23 14.52
CA SER G 33 -13.97 -8.41 15.27
C SER G 33 -13.55 -9.71 14.61
N ARG G 34 -13.07 -9.67 13.36
CA ARG G 34 -12.64 -10.90 12.69
C ARG G 34 -11.44 -11.52 13.39
N PHE G 35 -10.51 -10.69 13.86
CA PHE G 35 -9.33 -11.21 14.54
C PHE G 35 -9.52 -11.29 16.05
N ILE G 36 -10.01 -10.22 16.66
CA ILE G 36 -10.14 -10.16 18.11
C ILE G 36 -11.31 -11.06 18.49
N GLY G 37 -10.99 -12.27 18.95
CA GLY G 37 -12.02 -13.19 19.40
C GLY G 37 -11.45 -14.06 20.50
N THR G 38 -12.36 -14.72 21.21
CA THR G 38 -11.95 -15.61 22.29
C THR G 38 -11.43 -16.91 21.70
N SER G 39 -11.20 -17.91 22.56
CA SER G 39 -10.76 -19.24 22.16
C SER G 39 -9.33 -19.23 21.61
N GLU G 40 -8.86 -20.39 21.17
CA GLU G 40 -7.45 -20.53 20.78
C GLU G 40 -7.19 -19.99 19.38
N ASN G 41 -8.16 -20.08 18.48
CA ASN G 41 -7.93 -19.89 17.05
C ASN G 41 -8.17 -18.45 16.60
N ALA G 42 -7.89 -17.46 17.45
CA ALA G 42 -7.99 -16.07 17.08
C ALA G 42 -6.63 -15.41 17.22
N VAL G 43 -6.25 -14.61 16.22
CA VAL G 43 -4.92 -14.01 16.20
C VAL G 43 -4.67 -13.20 17.46
N ILE G 44 -5.64 -12.40 17.86
CA ILE G 44 -5.53 -11.58 19.06
C ILE G 44 -6.67 -12.01 19.98
N GLN G 45 -6.39 -12.95 20.87
CA GLN G 45 -7.41 -13.45 21.77
C GLN G 45 -7.55 -12.54 22.98
N ARG G 46 -8.74 -12.51 23.56
CA ARG G 46 -9.02 -11.69 24.71
C ARG G 46 -9.29 -12.57 25.92
N LYS G 47 -8.63 -12.27 27.03
CA LYS G 47 -8.79 -13.02 28.26
C LYS G 47 -10.02 -12.52 29.00
N THR G 48 -11.00 -13.39 29.20
CA THR G 48 -12.27 -13.02 29.80
C THR G 48 -12.30 -13.23 31.31
N GLU G 49 -11.18 -13.63 31.91
CA GLU G 49 -11.18 -13.88 33.35
C GLU G 49 -11.47 -12.60 34.13
N VAL G 50 -10.88 -11.48 33.71
CA VAL G 50 -10.93 -10.25 34.50
C VAL G 50 -12.10 -9.37 34.12
N GLU G 51 -12.96 -9.81 33.20
CA GLU G 51 -14.08 -8.97 32.76
C GLU G 51 -15.09 -8.73 33.87
N SER G 52 -15.53 -9.79 34.54
CA SER G 52 -16.55 -9.67 35.57
C SER G 52 -15.95 -9.65 36.97
N ASP G 53 -14.90 -10.42 37.23
CA ASP G 53 -14.32 -10.51 38.56
C ASP G 53 -13.47 -9.27 38.83
N ALA G 54 -12.68 -9.31 39.89
CA ALA G 54 -11.84 -8.18 40.28
C ALA G 54 -10.39 -8.52 40.02
N GLY G 55 -9.71 -7.64 39.30
CA GLY G 55 -8.30 -7.85 39.05
C GLY G 55 -7.79 -6.79 38.10
N ASP G 56 -6.48 -6.56 38.16
CA ASP G 56 -5.81 -5.67 37.22
C ASP G 56 -4.69 -6.37 36.48
N ARG G 57 -4.72 -7.70 36.45
CA ARG G 57 -3.65 -8.48 35.88
C ARG G 57 -4.14 -9.91 35.70
N VAL G 58 -3.98 -10.44 34.49
CA VAL G 58 -4.35 -11.82 34.22
C VAL G 58 -3.15 -12.53 33.61
N SER G 59 -2.83 -13.71 34.12
CA SER G 59 -1.65 -14.46 33.74
C SER G 59 -2.05 -15.77 33.10
N PHE G 60 -1.42 -16.08 31.97
CA PHE G 60 -1.72 -17.28 31.19
C PHE G 60 -0.42 -17.96 30.80
N ASP G 61 -0.43 -19.29 30.82
CA ASP G 61 0.79 -20.07 30.79
C ASP G 61 0.88 -20.92 29.53
N LEU G 62 2.11 -21.19 29.12
CA LEU G 62 2.40 -22.09 28.00
C LEU G 62 3.11 -23.33 28.51
N SER G 63 2.68 -24.49 28.03
CA SER G 63 3.30 -25.76 28.37
C SER G 63 4.20 -26.18 27.21
N VAL G 64 5.51 -25.98 27.37
CA VAL G 64 6.43 -26.30 26.29
C VAL G 64 6.53 -27.82 26.11
N ARG G 65 6.98 -28.22 24.93
CA ARG G 65 7.09 -29.63 24.58
C ARG G 65 8.07 -30.34 25.49
N LEU G 66 8.05 -31.67 25.43
CA LEU G 66 8.98 -32.52 26.16
C LEU G 66 10.24 -32.68 25.32
N ARG G 67 11.35 -32.17 25.81
CA ARG G 67 12.65 -32.37 25.18
C ARG G 67 13.51 -33.17 26.14
N GLY G 68 14.08 -34.27 25.65
CA GLY G 68 14.85 -35.12 26.51
C GLY G 68 15.46 -36.25 25.72
N GLN G 69 16.09 -37.14 26.44
CA GLN G 69 16.71 -38.29 25.79
C GLN G 69 16.01 -39.57 26.20
N PRO G 70 15.50 -40.35 25.25
CA PRO G 70 14.93 -41.65 25.60
C PRO G 70 16.01 -42.59 26.11
N THR G 71 15.59 -43.53 26.95
CA THR G 71 16.51 -44.51 27.54
C THR G 71 16.43 -45.78 26.73
N PHE G 72 17.36 -45.94 25.80
CA PHE G 72 17.39 -47.13 24.96
C PHE G 72 17.80 -48.36 25.76
N GLY G 73 17.49 -49.53 25.22
CA GLY G 73 17.88 -50.75 25.88
C GLY G 73 17.10 -50.96 27.17
N ASP G 74 17.76 -51.62 28.12
CA ASP G 74 17.18 -51.91 29.41
C ASP G 74 17.66 -50.98 30.51
N ASP G 75 18.21 -49.82 30.15
CA ASP G 75 18.61 -48.84 31.16
C ASP G 75 17.41 -48.42 31.98
N ARG G 76 17.61 -48.31 33.29
CA ARG G 76 16.53 -48.01 34.19
C ARG G 76 16.11 -46.55 34.05
N VAL G 77 14.81 -46.32 33.97
CA VAL G 77 14.29 -44.98 33.71
C VAL G 77 13.60 -44.37 34.93
N GLU G 78 13.13 -45.17 35.88
CA GLU G 78 12.51 -44.62 37.06
C GLU G 78 13.50 -43.73 37.79
N GLY G 79 13.05 -42.52 38.14
CA GLY G 79 13.92 -41.52 38.73
C GLY G 79 14.49 -40.54 37.75
N LYS G 80 14.52 -40.85 36.46
CA LYS G 80 14.92 -39.92 35.42
C LYS G 80 13.65 -39.52 34.67
N GLU G 81 12.95 -38.53 35.23
CA GLU G 81 11.65 -38.13 34.70
C GLU G 81 11.70 -36.65 34.37
N GLU G 82 11.44 -36.33 33.10
CA GLU G 82 11.46 -34.95 32.67
C GLU G 82 10.38 -34.15 33.39
N ASN G 83 10.73 -32.95 33.83
CA ASN G 83 9.79 -32.08 34.51
C ASN G 83 9.05 -31.22 33.49
N LEU G 84 7.74 -31.12 33.65
CA LEU G 84 6.96 -30.25 32.79
C LEU G 84 7.34 -28.80 33.04
N LYS G 85 7.77 -28.11 31.99
CA LYS G 85 8.16 -26.71 32.08
C LYS G 85 6.99 -25.85 31.68
N PHE G 86 6.55 -24.98 32.59
CA PHE G 86 5.49 -24.01 32.32
C PHE G 86 6.12 -22.63 32.25
N TYR G 87 5.74 -21.87 31.24
CA TYR G 87 6.22 -20.50 31.07
C TYR G 87 5.07 -19.53 31.31
N THR G 88 5.39 -18.40 31.94
CA THR G 88 4.38 -17.48 32.44
C THR G 88 4.45 -16.15 31.69
N ASP G 89 3.31 -15.46 31.65
CA ASP G 89 3.21 -14.14 31.08
C ASP G 89 2.06 -13.41 31.76
N GLU G 90 2.09 -12.09 31.72
CA GLU G 90 1.11 -11.29 32.42
C GLU G 90 0.80 -10.02 31.64
N VAL G 91 -0.47 -9.60 31.68
CA VAL G 91 -0.90 -8.34 31.07
C VAL G 91 -1.62 -7.52 32.12
N ILE G 92 -1.40 -6.22 32.10
CA ILE G 92 -1.89 -5.32 33.14
C ILE G 92 -2.87 -4.33 32.52
N ILE G 93 -3.86 -3.94 33.32
CA ILE G 93 -4.97 -3.12 32.85
C ILE G 93 -4.92 -1.77 33.55
N ASP G 94 -4.98 -0.70 32.76
CA ASP G 94 -5.18 0.66 33.28
C ASP G 94 -6.21 1.37 32.42
N GLN G 95 -6.78 2.42 32.99
CA GLN G 95 -7.76 3.24 32.28
C GLN G 95 -7.08 4.09 31.21
N VAL G 96 -7.83 4.40 30.16
CA VAL G 96 -7.40 5.32 29.12
C VAL G 96 -8.59 6.21 28.79
N ARG G 97 -8.54 7.47 29.20
CA ARG G 97 -9.66 8.38 29.01
C ARG G 97 -9.19 9.64 28.30
N HIS G 98 -10.13 10.27 27.59
CA HIS G 98 -9.88 11.55 26.95
C HIS G 98 -11.19 12.33 26.92
N SER G 99 -11.06 13.65 26.76
CA SER G 99 -12.21 14.54 26.86
C SER G 99 -12.11 15.63 25.80
N VAL G 100 -13.26 15.99 25.25
CA VAL G 100 -13.35 17.03 24.22
C VAL G 100 -14.25 18.13 24.75
N SER G 101 -13.99 19.36 24.29
CA SER G 101 -14.70 20.54 24.77
C SER G 101 -15.52 21.15 23.64
N ALA G 102 -16.69 21.68 23.99
CA ALA G 102 -17.61 22.22 23.01
C ALA G 102 -17.74 23.74 23.11
N GLY G 103 -16.79 24.42 23.71
CA GLY G 103 -16.77 25.88 23.72
C GLY G 103 -17.56 26.44 24.88
N GLY G 104 -18.33 27.49 24.63
CA GLY G 104 -19.16 28.08 25.65
C GLY G 104 -20.57 28.31 25.17
N ARG G 105 -21.24 29.31 25.72
CA ARG G 105 -22.47 29.81 25.14
C ARG G 105 -22.21 30.98 24.21
N MET G 106 -20.96 31.40 24.08
CA MET G 106 -20.58 32.45 23.14
C MET G 106 -19.75 31.91 21.99
N SER G 107 -19.13 30.73 22.14
CA SER G 107 -18.46 30.07 21.03
C SER G 107 -19.38 29.10 20.30
N ARG G 108 -20.54 28.77 20.86
CA ARG G 108 -21.53 27.98 20.17
C ARG G 108 -22.55 28.84 19.45
N LYS G 109 -22.38 30.16 19.48
CA LYS G 109 -23.24 31.06 18.74
C LYS G 109 -22.57 31.66 17.52
N ARG G 110 -21.25 31.83 17.55
CA ARG G 110 -20.54 32.33 16.38
C ARG G 110 -20.45 31.30 15.26
N THR G 111 -20.86 30.06 15.52
CA THR G 111 -20.80 29.00 14.53
C THR G 111 -22.15 28.32 14.45
N ALA G 112 -22.66 28.15 13.23
CA ALA G 112 -23.94 27.46 13.06
C ALA G 112 -23.83 26.01 13.48
N HIS G 113 -22.69 25.39 13.22
CA HIS G 113 -22.51 23.97 13.55
C HIS G 113 -22.51 23.77 15.05
N ASP G 114 -23.31 22.82 15.52
CA ASP G 114 -23.31 22.49 16.94
C ASP G 114 -22.06 21.71 17.27
N LEU G 115 -21.30 22.18 18.25
CA LEU G 115 -20.01 21.57 18.55
C LEU G 115 -20.13 20.34 19.42
N ARG G 116 -21.28 20.10 20.05
CA ARG G 116 -21.42 18.93 20.92
C ARG G 116 -21.47 17.64 20.11
N LYS G 117 -22.29 17.61 19.06
CA LYS G 117 -22.39 16.39 18.25
C LYS G 117 -21.08 16.10 17.53
N THR G 118 -20.43 17.14 17.00
CA THR G 118 -19.13 16.95 16.39
C THR G 118 -18.10 16.48 17.40
N GLY G 119 -18.17 16.99 18.63
CA GLY G 119 -17.27 16.52 19.66
C GLY G 119 -17.44 15.04 19.95
N ARG G 120 -18.70 14.60 20.05
CA ARG G 120 -18.94 13.18 20.32
C ARG G 120 -18.45 12.31 19.16
N ASP G 121 -18.72 12.73 17.91
CA ASP G 121 -18.26 11.96 16.77
C ASP G 121 -16.74 11.90 16.72
N ARG G 122 -16.08 13.02 17.00
CA ARG G 122 -14.63 13.04 17.00
C ARG G 122 -14.07 12.14 18.09
N LEU G 123 -14.69 12.12 19.26
CA LEU G 123 -14.23 11.20 20.30
C LEU G 123 -14.36 9.74 19.86
N GLY G 124 -15.48 9.40 19.22
CA GLY G 124 -15.63 8.03 18.74
C GLY G 124 -14.54 7.64 17.75
N ASP G 125 -14.32 8.49 16.75
CA ASP G 125 -13.27 8.20 15.77
C ASP G 125 -11.90 8.17 16.43
N TYR G 126 -11.68 9.04 17.41
CA TYR G 126 -10.42 9.09 18.13
C TYR G 126 -10.13 7.77 18.81
N PHE G 127 -11.12 7.21 19.51
CA PHE G 127 -10.86 5.96 20.21
C PHE G 127 -10.71 4.80 19.24
N TYR G 128 -11.44 4.82 18.13
CA TYR G 128 -11.23 3.82 17.09
C TYR G 128 -9.76 3.80 16.64
N GLN G 129 -9.25 4.98 16.26
CA GLN G 129 -7.86 5.06 15.83
C GLN G 129 -6.91 4.64 16.94
N LEU G 130 -7.17 5.09 18.16
CA LEU G 130 -6.26 4.78 19.26
C LEU G 130 -6.15 3.28 19.48
N THR G 131 -7.28 2.58 19.49
CA THR G 131 -7.20 1.14 19.76
C THR G 131 -6.49 0.40 18.64
N ASP G 132 -6.75 0.75 17.37
CA ASP G 132 -6.10 -0.05 16.33
C ASP G 132 -4.59 0.24 16.28
N GLU G 133 -4.20 1.50 16.52
CA GLU G 133 -2.77 1.78 16.50
C GLU G 133 -2.08 1.21 17.74
N LEU G 134 -2.79 1.12 18.87
CA LEU G 134 -2.25 0.40 20.01
C LEU G 134 -1.92 -1.04 19.63
N PHE G 135 -2.86 -1.71 18.97
CA PHE G 135 -2.60 -3.07 18.55
C PHE G 135 -1.38 -3.15 17.63
N PHE G 136 -1.31 -2.25 16.66
CA PHE G 136 -0.23 -2.32 15.69
C PHE G 136 1.14 -2.07 16.32
N MET G 137 1.22 -1.16 17.30
CA MET G 137 2.54 -1.01 17.91
C MET G 137 2.88 -2.20 18.79
N TYR G 138 1.93 -2.69 19.60
CA TYR G 138 2.27 -3.79 20.49
C TYR G 138 2.68 -5.05 19.74
N LEU G 139 1.96 -5.39 18.67
CA LEU G 139 2.39 -6.55 17.88
C LEU G 139 3.75 -6.32 17.25
N SER G 140 3.99 -5.10 16.73
CA SER G 140 5.24 -4.83 16.05
C SER G 140 6.39 -4.68 17.03
N GLY G 141 6.15 -4.07 18.18
CA GLY G 141 7.14 -3.96 19.21
C GLY G 141 7.83 -2.62 19.36
N ALA G 142 7.39 -1.60 18.62
CA ALA G 142 7.96 -0.27 18.79
C ALA G 142 7.00 0.75 18.19
N ARG G 143 7.01 1.96 18.74
CA ARG G 143 6.17 3.02 18.19
C ARG G 143 6.77 3.59 16.91
N GLY G 144 8.10 3.69 16.83
CA GLY G 144 8.73 4.02 15.58
C GLY G 144 8.67 5.48 15.17
N ILE G 145 8.28 5.73 13.93
CA ILE G 145 8.37 7.05 13.32
C ILE G 145 7.04 7.53 12.75
N ASN G 146 6.01 6.68 12.72
CA ASN G 146 4.71 7.10 12.21
C ASN G 146 4.25 8.38 12.87
N LYS G 147 3.82 9.34 12.06
CA LYS G 147 3.45 10.65 12.54
C LYS G 147 1.94 10.83 12.71
N ASP G 148 1.12 9.90 12.22
CA ASP G 148 -0.31 9.99 12.40
C ASP G 148 -0.81 9.25 13.63
N PHE G 149 0.04 8.49 14.30
CA PHE G 149 -0.38 7.84 15.54
C PHE G 149 -0.78 8.88 16.57
N ILE G 150 -1.82 8.53 17.33
CA ILE G 150 -2.30 9.42 18.39
C ILE G 150 -1.21 9.62 19.43
N LEU G 151 -0.64 8.52 19.91
CA LEU G 151 0.33 8.60 20.99
C LEU G 151 1.61 9.24 20.49
N PRO G 152 2.28 10.01 21.33
CA PRO G 152 3.52 10.68 20.92
C PRO G 152 4.65 9.67 20.74
N THR G 153 5.76 10.16 20.20
CA THR G 153 6.95 9.35 20.14
C THR G 153 7.53 9.16 21.55
N SER G 154 8.54 8.30 21.64
CA SER G 154 9.14 7.93 22.93
C SER G 154 8.08 7.36 23.87
N PHE G 155 7.17 6.56 23.32
CA PHE G 155 6.11 5.91 24.08
C PHE G 155 6.50 4.46 24.30
N THR G 156 6.47 4.03 25.56
CA THR G 156 7.00 2.72 25.94
C THR G 156 5.96 1.85 26.63
N GLY G 157 4.70 1.94 26.21
CA GLY G 157 3.64 1.14 26.79
C GLY G 157 2.88 2.00 27.78
N TYR G 158 1.58 1.72 27.89
CA TYR G 158 0.77 2.62 28.69
C TYR G 158 0.45 2.07 30.07
N ALA G 159 0.22 0.77 30.20
CA ALA G 159 -0.09 0.17 31.50
C ALA G 159 0.99 -0.84 31.82
N LYS G 160 2.14 -0.34 32.29
CA LYS G 160 3.21 -1.16 32.82
C LYS G 160 3.64 -2.29 31.89
N ASN G 161 3.25 -2.22 30.62
CA ASN G 161 3.59 -3.26 29.66
C ASN G 161 4.69 -2.76 28.75
N PRO G 162 5.92 -3.24 28.89
CA PRO G 162 7.00 -2.70 28.07
C PRO G 162 6.87 -3.11 26.62
N PHE G 163 7.46 -2.28 25.76
CA PHE G 163 7.54 -2.60 24.34
C PHE G 163 8.66 -3.60 24.13
N ASN G 164 8.29 -4.84 23.85
CA ASN G 164 9.25 -5.95 23.82
C ASN G 164 9.69 -6.18 22.38
N THR G 165 10.95 -5.89 22.10
CA THR G 165 11.49 -6.08 20.76
C THR G 165 11.50 -7.56 20.40
N PRO G 166 11.29 -7.92 19.14
CA PRO G 166 11.28 -9.34 18.77
C PRO G 166 12.64 -9.98 18.93
N ASP G 167 12.63 -11.28 19.21
CA ASP G 167 13.84 -12.05 19.41
C ASP G 167 14.59 -12.21 18.09
N ALA G 168 15.81 -12.74 18.17
CA ALA G 168 16.64 -12.90 16.98
C ALA G 168 16.02 -13.89 16.00
N ALA G 169 15.48 -15.00 16.50
CA ALA G 169 14.98 -16.04 15.62
C ALA G 169 13.67 -15.65 14.94
N HIS G 170 12.94 -14.68 15.49
CA HIS G 170 11.64 -14.30 14.96
C HIS G 170 11.70 -13.10 14.02
N LEU G 171 12.89 -12.64 13.66
CA LEU G 171 13.06 -11.43 12.88
C LEU G 171 13.67 -11.76 11.52
N LEU G 172 12.98 -11.40 10.46
CA LEU G 172 13.44 -11.60 9.09
C LEU G 172 13.70 -10.23 8.47
N TYR G 173 14.91 -10.03 7.96
CA TYR G 173 15.31 -8.70 7.51
C TYR G 173 15.09 -8.46 6.02
N GLY G 174 14.68 -9.47 5.26
CA GLY G 174 14.37 -9.24 3.86
C GLY G 174 15.61 -9.13 2.99
N GLY G 175 15.56 -9.71 1.81
CA GLY G 175 16.72 -9.67 0.92
C GLY G 175 17.85 -10.51 1.49
N VAL G 176 19.03 -9.90 1.58
CA VAL G 176 20.22 -10.60 2.06
C VAL G 176 20.69 -10.06 3.40
N ALA G 177 20.17 -8.93 3.87
CA ALA G 177 20.66 -8.30 5.09
C ALA G 177 20.44 -9.21 6.30
N THR G 178 21.28 -9.02 7.32
CA THR G 178 21.22 -9.80 8.53
C THR G 178 20.91 -8.98 9.78
N SER G 179 21.04 -7.65 9.73
CA SER G 179 20.87 -6.82 10.91
C SER G 179 20.43 -5.43 10.46
N LYS G 180 19.96 -4.64 11.43
CA LYS G 180 19.48 -3.30 11.12
C LYS G 180 20.57 -2.41 10.55
N ALA G 181 21.84 -2.76 10.76
CA ALA G 181 22.93 -1.96 10.20
C ALA G 181 23.32 -2.39 8.80
N SER G 182 22.76 -3.49 8.29
CA SER G 182 23.11 -4.01 6.98
C SER G 182 22.03 -3.82 5.94
N LEU G 183 20.96 -3.09 6.26
CA LEU G 183 19.91 -2.84 5.29
C LEU G 183 20.42 -1.95 4.16
N ALA G 184 19.79 -2.06 3.00
CA ALA G 184 20.17 -1.29 1.84
C ALA G 184 18.94 -1.11 0.95
N ASN G 185 19.15 -0.57 -0.25
CA ASN G 185 18.03 -0.34 -1.16
C ASN G 185 17.53 -1.64 -1.78
N THR G 186 18.39 -2.65 -1.89
CA THR G 186 18.02 -3.88 -2.57
C THR G 186 17.10 -4.77 -1.75
N ASP G 187 16.86 -4.44 -0.49
CA ASP G 187 16.14 -5.33 0.43
C ASP G 187 14.64 -5.07 0.45
N THR G 188 14.09 -4.48 -0.60
CA THR G 188 12.65 -4.24 -0.64
C THR G 188 11.91 -5.57 -0.63
N MET G 189 10.68 -5.54 -0.11
CA MET G 189 9.87 -6.74 -0.07
C MET G 189 9.58 -7.24 -1.48
N SER G 190 9.82 -8.52 -1.71
CA SER G 190 9.48 -9.17 -2.96
C SER G 190 8.81 -10.49 -2.63
N ARG G 191 8.38 -11.22 -3.67
CA ARG G 191 7.78 -12.51 -3.42
C ARG G 191 8.75 -13.45 -2.73
N VAL G 192 10.06 -13.26 -2.97
CA VAL G 192 11.06 -14.07 -2.29
C VAL G 192 10.96 -13.92 -0.78
N VAL G 193 10.72 -12.70 -0.30
CA VAL G 193 10.70 -12.46 1.14
C VAL G 193 9.53 -13.16 1.81
N ILE G 194 8.36 -13.17 1.15
CA ILE G 194 7.22 -13.87 1.73
C ILE G 194 7.47 -15.38 1.77
N GLU G 195 8.13 -15.91 0.74
CA GLU G 195 8.47 -17.33 0.76
C GLU G 195 9.46 -17.64 1.87
N ARG G 196 10.43 -16.76 2.09
CA ARG G 196 11.35 -16.93 3.22
C ARG G 196 10.58 -16.89 4.54
N ALA G 197 9.56 -16.04 4.63
CA ALA G 197 8.75 -15.98 5.83
C ALA G 197 7.99 -17.29 6.04
N ASN G 198 7.46 -17.88 4.97
CA ASN G 198 6.79 -19.18 5.09
C ASN G 198 7.77 -20.25 5.55
N VAL G 199 8.98 -20.26 4.98
CA VAL G 199 9.98 -21.24 5.39
C VAL G 199 10.35 -21.06 6.85
N GLN G 200 10.46 -19.80 7.29
CA GLN G 200 10.72 -19.54 8.70
C GLN G 200 9.58 -20.03 9.58
N ALA G 201 8.34 -19.79 9.17
CA ALA G 201 7.19 -20.26 9.94
C ALA G 201 7.22 -21.78 10.06
N THR G 202 7.66 -22.47 9.00
CA THR G 202 7.70 -23.92 9.05
C THR G 202 8.85 -24.43 9.92
N MET G 203 10.02 -23.80 9.83
CA MET G 203 11.24 -24.39 10.37
C MET G 203 11.90 -23.54 11.45
N MET G 204 11.15 -22.68 12.14
CA MET G 204 11.74 -21.93 13.23
C MET G 204 12.19 -22.84 14.36
N GLN G 205 11.37 -23.83 14.71
CA GLN G 205 11.76 -24.79 15.73
C GLN G 205 12.97 -25.59 15.29
N ALA G 206 13.02 -25.98 14.03
CA ALA G 206 14.14 -26.77 13.52
C ALA G 206 15.44 -25.99 13.60
N GLN G 207 15.46 -24.78 13.06
CA GLN G 207 16.70 -24.02 13.04
C GLN G 207 17.07 -23.48 14.41
N ASP G 208 16.07 -23.25 15.26
CA ASP G 208 16.31 -22.79 16.63
C ASP G 208 15.45 -23.59 17.59
N PRO G 209 16.04 -24.40 18.46
CA PRO G 209 15.24 -25.12 19.46
C PRO G 209 14.71 -24.17 20.52
N GLU G 210 14.05 -24.73 21.54
CA GLU G 210 13.44 -23.99 22.64
C GLU G 210 12.65 -22.78 22.14
N THR G 211 12.02 -22.92 20.98
CA THR G 211 11.16 -21.90 20.42
C THR G 211 9.82 -22.52 20.08
N ALA G 212 8.75 -21.82 20.40
CA ALA G 212 7.41 -22.36 20.25
C ALA G 212 7.04 -22.46 18.78
N ASN G 213 6.49 -23.61 18.39
CA ASN G 213 6.02 -23.79 17.03
C ASN G 213 4.80 -22.92 16.76
N MET G 214 4.63 -22.52 15.51
CA MET G 214 3.50 -21.69 15.12
C MET G 214 2.45 -22.50 14.39
N VAL G 215 1.22 -21.98 14.43
CA VAL G 215 0.09 -22.62 13.78
C VAL G 215 -0.72 -21.58 13.03
N PRO G 216 -1.09 -21.82 11.78
CA PRO G 216 -1.90 -20.84 11.05
C PRO G 216 -3.26 -20.65 11.68
N VAL G 217 -3.81 -19.46 11.49
CA VAL G 217 -5.09 -19.07 12.06
C VAL G 217 -6.16 -19.19 11.00
N SER G 218 -7.35 -19.62 11.41
CA SER G 218 -8.48 -19.76 10.49
C SER G 218 -9.35 -18.51 10.48
N VAL G 219 -8.74 -17.34 10.29
CA VAL G 219 -9.52 -16.13 10.01
C VAL G 219 -9.93 -16.05 8.56
N GLU G 220 -9.30 -16.84 7.70
CA GLU G 220 -9.62 -16.99 6.30
C GLU G 220 -10.17 -18.40 6.08
N GLY G 221 -10.28 -18.79 4.81
CA GLY G 221 -10.88 -20.06 4.45
C GLY G 221 -10.42 -21.27 5.26
N GLU G 222 -9.18 -21.70 5.08
CA GLU G 222 -8.69 -22.94 5.71
C GLU G 222 -7.26 -22.76 6.22
N ASP G 223 -7.14 -22.26 7.45
CA ASP G 223 -5.90 -22.38 8.24
C ASP G 223 -4.68 -21.83 7.48
N ARG G 224 -4.68 -20.52 7.27
CA ARG G 224 -3.57 -19.86 6.59
C ARG G 224 -3.13 -18.63 7.36
N TYR G 225 -1.83 -18.33 7.28
CA TYR G 225 -1.28 -17.17 7.96
C TYR G 225 -1.78 -15.88 7.30
N VAL G 226 -1.71 -14.79 8.06
CA VAL G 226 -2.02 -13.46 7.54
C VAL G 226 -0.81 -12.57 7.76
N CYS G 227 -0.49 -11.77 6.74
CA CYS G 227 0.68 -10.90 6.78
C CYS G 227 0.24 -9.48 6.47
N VAL G 228 0.59 -8.55 7.35
CA VAL G 228 0.22 -7.16 7.23
C VAL G 228 1.47 -6.35 6.91
N MET G 229 1.41 -5.56 5.85
CA MET G 229 2.56 -4.78 5.41
C MET G 229 2.13 -3.36 5.10
N SER G 230 3.02 -2.41 5.37
CA SER G 230 2.74 -1.02 5.07
C SER G 230 2.66 -0.82 3.56
N PRO G 231 1.80 0.10 3.10
CA PRO G 231 1.61 0.27 1.65
C PRO G 231 2.88 0.63 0.90
N PHE G 232 3.90 1.17 1.58
CA PHE G 232 5.18 1.33 0.91
C PHE G 232 5.78 -0.03 0.53
N GLN G 233 5.70 -1.00 1.45
CA GLN G 233 6.12 -2.35 1.11
C GLN G 233 5.22 -2.95 0.05
N GLU G 234 3.93 -2.63 0.07
CA GLU G 234 3.02 -3.13 -0.97
C GLU G 234 3.44 -2.61 -2.34
N HIS G 235 3.76 -1.33 -2.44
CA HIS G 235 4.21 -0.76 -3.71
C HIS G 235 5.54 -1.38 -4.13
N SER G 236 6.47 -1.55 -3.19
CA SER G 236 7.74 -2.18 -3.52
C SER G 236 7.53 -3.62 -3.98
N LEU G 237 6.47 -4.28 -3.50
CA LEU G 237 6.17 -5.63 -3.96
C LEU G 237 5.57 -5.61 -5.35
N ARG G 238 4.69 -4.66 -5.63
CA ARG G 238 3.89 -4.76 -6.84
C ARG G 238 4.58 -4.13 -8.05
N THR G 239 5.47 -3.17 -7.82
CA THR G 239 6.08 -2.46 -8.94
C THR G 239 7.59 -2.57 -9.03
N SER G 240 8.29 -2.55 -7.96
CA SER G 240 9.71 -2.54 -8.10
C SER G 240 10.33 -3.67 -8.79
N ASP G 241 9.90 -4.86 -8.52
CA ASP G 241 10.59 -6.04 -9.01
C ASP G 241 9.86 -6.63 -10.21
N ALA G 242 10.59 -6.80 -11.31
CA ALA G 242 10.11 -7.62 -12.40
C ALA G 242 10.16 -9.08 -11.99
N ALA G 243 9.30 -9.89 -12.61
CA ALA G 243 9.07 -11.27 -12.17
C ALA G 243 8.66 -11.20 -10.69
N GLY G 244 9.01 -12.21 -9.91
CA GLY G 244 8.61 -12.20 -8.52
C GLY G 244 7.10 -12.25 -8.42
N TRP G 245 6.50 -11.18 -7.90
CA TRP G 245 5.05 -11.12 -7.78
C TRP G 245 4.39 -10.88 -9.13
N LEU G 246 4.95 -9.97 -9.92
CA LEU G 246 4.26 -9.51 -11.13
C LEU G 246 4.12 -10.63 -12.15
N GLU G 247 5.14 -11.46 -12.32
CA GLU G 247 5.03 -12.55 -13.30
C GLU G 247 3.95 -13.55 -12.91
N ILE G 248 3.91 -13.92 -11.63
CA ILE G 248 2.90 -14.87 -11.17
C ILE G 248 1.51 -14.30 -11.36
N GLN G 249 1.33 -13.02 -11.02
CA GLN G 249 -0.01 -12.45 -11.17
C GLN G 249 -0.35 -12.20 -12.63
N LYS G 250 0.65 -12.01 -13.49
CA LYS G 250 0.38 -11.94 -14.92
C LYS G 250 -0.13 -13.29 -15.44
N ALA G 251 0.47 -14.39 -14.98
CA ALA G 251 -0.07 -15.70 -15.33
C ALA G 251 -1.50 -15.86 -14.83
N ALA G 252 -1.75 -15.47 -13.57
CA ALA G 252 -3.10 -15.57 -13.03
C ALA G 252 -4.09 -14.78 -13.86
N ALA G 253 -3.71 -13.56 -14.26
CA ALA G 253 -4.56 -12.76 -15.14
C ALA G 253 -4.79 -13.48 -16.46
N ALA G 254 -3.74 -14.10 -17.01
CA ALA G 254 -3.89 -14.89 -18.22
C ALA G 254 -4.88 -16.02 -18.04
N ALA G 255 -5.14 -16.43 -16.80
CA ALA G 255 -6.21 -17.39 -16.59
C ALA G 255 -7.57 -16.74 -16.33
N GLU G 256 -7.58 -15.59 -15.64
CA GLU G 256 -8.84 -14.99 -15.21
C GLU G 256 -9.26 -13.81 -16.08
N GLY G 257 -8.40 -12.79 -16.20
CA GLY G 257 -8.75 -11.62 -16.97
C GLY G 257 -8.76 -10.35 -16.15
N ARG G 258 -9.84 -9.59 -16.23
CA ARG G 258 -9.94 -8.32 -15.51
C ARG G 258 -10.33 -8.50 -14.04
N ASN G 259 -10.24 -9.71 -13.51
CA ASN G 259 -10.49 -9.97 -12.09
C ASN G 259 -9.22 -10.20 -11.31
N ASN G 260 -8.06 -9.99 -11.92
CA ASN G 260 -6.81 -10.28 -11.25
C ASN G 260 -6.50 -9.20 -10.21
N PRO G 261 -5.70 -9.53 -9.20
CA PRO G 261 -5.27 -8.50 -8.25
C PRO G 261 -4.46 -7.38 -8.87
N ILE G 262 -3.89 -7.59 -10.07
CA ILE G 262 -3.18 -6.51 -10.74
C ILE G 262 -4.12 -5.34 -11.01
N PHE G 263 -5.33 -5.65 -11.49
CA PHE G 263 -6.30 -4.60 -11.75
C PHE G 263 -7.06 -4.20 -10.48
N LYS G 264 -7.70 -5.16 -9.83
CA LYS G 264 -8.67 -4.87 -8.77
C LYS G 264 -8.01 -5.04 -7.40
N GLY G 265 -7.26 -4.03 -6.98
CA GLY G 265 -6.98 -3.86 -5.57
C GLY G 265 -5.83 -4.69 -5.06
N GLY G 266 -6.15 -5.65 -4.20
CA GLY G 266 -5.20 -6.25 -3.28
C GLY G 266 -4.08 -7.07 -3.86
N LEU G 267 -3.42 -7.86 -3.01
CA LEU G 267 -2.23 -8.62 -3.39
C LEU G 267 -2.51 -10.11 -3.55
N GLY G 268 -3.76 -10.53 -3.42
CA GLY G 268 -4.07 -11.93 -3.59
C GLY G 268 -3.42 -12.77 -2.53
N MET G 269 -2.69 -13.81 -2.95
CA MET G 269 -2.07 -14.75 -2.04
C MET G 269 -0.70 -15.12 -2.58
N ILE G 270 0.24 -15.36 -1.67
CA ILE G 270 1.58 -15.84 -2.01
C ILE G 270 1.89 -17.02 -1.11
N GLY G 271 2.36 -18.12 -1.71
CA GLY G 271 2.55 -19.33 -0.95
C GLY G 271 1.22 -19.87 -0.47
N ASN G 272 0.95 -19.72 0.82
CA ASN G 272 -0.39 -19.90 1.36
C ASN G 272 -0.69 -18.79 2.36
N THR G 273 -0.10 -17.63 2.12
CA THR G 273 -0.14 -16.51 3.06
C THR G 273 -1.00 -15.39 2.50
N VAL G 274 -1.99 -14.95 3.27
CA VAL G 274 -2.76 -13.79 2.88
C VAL G 274 -1.92 -12.54 3.07
N LEU G 275 -1.95 -11.64 2.08
CA LEU G 275 -1.13 -10.43 2.10
C LEU G 275 -2.06 -9.22 2.11
N HIS G 276 -2.50 -8.82 3.30
CA HIS G 276 -3.24 -7.58 3.41
C HIS G 276 -2.28 -6.38 3.39
N SER G 277 -2.85 -5.19 3.50
CA SER G 277 -2.07 -3.97 3.57
C SER G 277 -2.85 -2.93 4.37
N HIS G 278 -2.23 -2.40 5.42
CA HIS G 278 -2.87 -1.38 6.23
C HIS G 278 -1.93 -0.20 6.37
N ARG G 279 -2.52 0.98 6.56
CA ARG G 279 -1.76 2.22 6.45
C ARG G 279 -0.74 2.37 7.58
N ASN G 280 -1.07 1.92 8.78
CA ASN G 280 -0.32 2.28 9.97
C ASN G 280 0.50 1.11 10.51
N VAL G 281 1.15 0.37 9.62
CA VAL G 281 2.21 -0.54 10.04
C VAL G 281 3.37 0.29 10.59
N VAL G 282 3.95 -0.17 11.69
CA VAL G 282 5.07 0.55 12.29
C VAL G 282 6.17 0.73 11.25
N ARG G 283 6.74 1.93 11.19
CA ARG G 283 7.71 2.30 10.17
C ARG G 283 8.86 3.04 10.82
N PHE G 284 10.05 2.47 10.76
CA PHE G 284 11.22 3.10 11.35
C PHE G 284 11.96 3.94 10.31
N SER G 285 12.89 4.75 10.79
CA SER G 285 13.63 5.66 9.92
C SER G 285 15.11 5.73 10.24
N ASP G 286 15.62 4.88 11.14
CA ASP G 286 17.03 4.90 11.50
C ASP G 286 17.76 3.62 11.12
N TYR G 287 17.15 2.77 10.29
CA TYR G 287 17.79 1.54 9.87
C TYR G 287 18.78 1.80 8.75
N GLY G 288 19.86 1.03 8.73
CA GLY G 288 20.86 1.13 7.69
C GLY G 288 22.24 1.39 8.27
N ALA G 289 23.23 1.25 7.39
CA ALA G 289 24.62 1.51 7.79
C ALA G 289 24.81 2.95 8.21
N GLY G 290 24.23 3.89 7.46
CA GLY G 290 24.27 5.28 7.82
C GLY G 290 23.19 5.73 8.78
N SER G 291 22.36 4.81 9.25
CA SER G 291 21.27 5.11 10.18
C SER G 291 20.31 6.16 9.61
N ASP G 292 20.07 6.11 8.30
CA ASP G 292 19.16 7.04 7.65
C ASP G 292 18.17 6.38 6.71
N GLN G 293 18.40 5.16 6.26
CA GLN G 293 17.49 4.54 5.31
C GLN G 293 16.15 4.25 5.96
N PRO G 294 15.05 4.46 5.25
CA PRO G 294 13.74 4.10 5.79
C PRO G 294 13.59 2.59 5.89
N ALA G 295 12.68 2.16 6.74
CA ALA G 295 12.40 0.74 6.91
C ALA G 295 11.04 0.57 7.54
N ALA G 296 10.52 -0.65 7.48
CA ALA G 296 9.23 -0.96 8.05
C ALA G 296 9.27 -2.37 8.60
N ARG G 297 8.35 -2.65 9.52
CA ARG G 297 8.29 -3.96 10.17
C ARG G 297 6.95 -4.58 9.80
N ALA G 298 6.91 -5.25 8.66
CA ALA G 298 5.68 -5.90 8.20
C ALA G 298 5.41 -7.13 9.05
N LEU G 299 4.24 -7.17 9.66
CA LEU G 299 3.90 -8.28 10.55
C LEU G 299 3.50 -9.51 9.76
N PHE G 300 3.79 -10.68 10.32
CA PHE G 300 3.41 -11.98 9.76
C PHE G 300 2.78 -12.76 10.91
N MET G 301 1.49 -12.52 11.13
CA MET G 301 0.85 -12.99 12.35
C MET G 301 0.57 -14.50 12.30
N GLY G 302 0.30 -15.06 13.47
CA GLY G 302 0.11 -16.49 13.59
C GLY G 302 -1.17 -16.88 14.28
N ARG G 303 -1.07 -17.67 15.35
CA ARG G 303 -2.26 -18.18 16.01
C ARG G 303 -2.70 -17.31 17.19
N GLN G 304 -1.78 -17.00 18.09
CA GLN G 304 -2.08 -16.34 19.35
C GLN G 304 -1.14 -15.16 19.56
N ALA G 305 -1.03 -14.32 18.53
CA ALA G 305 0.02 -13.31 18.49
C ALA G 305 -0.08 -12.34 19.66
N ALA G 306 -1.28 -11.87 19.96
CA ALA G 306 -1.48 -10.87 21.00
C ALA G 306 -2.61 -11.27 21.92
N VAL G 307 -2.59 -10.72 23.13
CA VAL G 307 -3.58 -11.03 24.15
C VAL G 307 -4.13 -9.72 24.69
N VAL G 308 -5.45 -9.68 24.89
CA VAL G 308 -6.15 -8.47 25.34
C VAL G 308 -6.92 -8.79 26.61
N ALA G 309 -6.86 -7.90 27.58
CA ALA G 309 -7.62 -8.03 28.81
C ALA G 309 -8.60 -6.87 28.87
N TYR G 310 -9.85 -7.14 28.50
CA TYR G 310 -10.88 -6.10 28.52
C TYR G 310 -11.45 -5.96 29.92
N GLY G 311 -11.47 -4.73 30.43
CA GLY G 311 -12.18 -4.44 31.65
C GLY G 311 -13.67 -4.35 31.39
N THR G 312 -14.42 -4.15 32.48
CA THR G 312 -15.87 -4.10 32.44
C THR G 312 -16.44 -5.36 31.80
N LYS G 313 -17.71 -5.32 31.40
CA LYS G 313 -18.34 -6.49 30.81
C LYS G 313 -17.73 -6.76 29.43
N GLY G 314 -17.86 -8.01 28.99
CA GLY G 314 -17.29 -8.48 27.74
C GLY G 314 -17.47 -7.53 26.57
N GLY G 315 -16.46 -7.47 25.71
CA GLY G 315 -16.42 -6.45 24.68
C GLY G 315 -15.82 -5.17 25.20
N LEU G 316 -15.64 -4.22 24.28
CA LEU G 316 -15.09 -2.92 24.61
C LEU G 316 -16.25 -1.94 24.77
N ARG G 317 -16.55 -1.56 26.00
CA ARG G 317 -17.65 -0.65 26.29
C ARG G 317 -17.08 0.70 26.69
N TYR G 318 -17.31 1.71 25.85
CA TYR G 318 -16.93 3.07 26.17
C TYR G 318 -17.98 3.68 27.09
N ASP G 319 -17.52 4.30 28.18
CA ASP G 319 -18.42 4.89 29.18
C ASP G 319 -18.49 6.40 28.95
N TRP G 320 -19.49 6.82 28.19
CA TRP G 320 -19.65 8.24 27.88
C TRP G 320 -20.07 8.99 29.14
N GLN G 321 -19.20 9.88 29.62
CA GLN G 321 -19.48 10.72 30.78
C GLN G 321 -19.54 12.17 30.34
N GLU G 322 -20.65 12.84 30.65
CA GLU G 322 -20.84 14.23 30.31
C GLU G 322 -20.75 15.09 31.56
N GLU G 323 -20.21 16.29 31.40
CA GLU G 323 -19.98 17.20 32.51
C GLU G 323 -20.04 18.63 32.00
N THR G 324 -20.34 19.55 32.91
CA THR G 324 -20.49 20.96 32.57
C THR G 324 -19.62 21.80 33.48
N LYS G 325 -19.27 22.99 33.01
CA LYS G 325 -18.38 23.88 33.74
C LYS G 325 -18.92 25.31 33.72
N ASP G 326 -18.55 26.08 34.74
CA ASP G 326 -18.82 27.52 34.81
C ASP G 326 -20.30 27.82 34.63
N TYR G 327 -21.11 27.26 35.52
CA TYR G 327 -22.56 27.48 35.53
C TYR G 327 -23.20 27.10 34.21
N GLY G 328 -22.69 26.02 33.60
CA GLY G 328 -23.36 25.44 32.45
C GLY G 328 -23.11 26.10 31.12
N ASN G 329 -21.97 26.76 30.93
CA ASN G 329 -21.61 27.31 29.63
C ASN G 329 -20.28 26.71 29.13
N GLU G 330 -20.11 25.41 29.29
CA GLU G 330 -18.96 24.72 28.73
C GLU G 330 -19.20 23.21 28.68
N PRO G 331 -20.16 22.74 27.87
CA PRO G 331 -20.42 21.29 27.84
C PRO G 331 -19.21 20.54 27.28
N THR G 332 -18.80 19.49 28.00
CA THR G 332 -17.68 18.67 27.59
C THR G 332 -18.06 17.20 27.70
N VAL G 333 -17.51 16.39 26.80
CA VAL G 333 -17.78 14.97 26.72
C VAL G 333 -16.49 14.21 26.94
N ALA G 334 -16.52 13.22 27.84
CA ALA G 334 -15.35 12.43 28.16
C ALA G 334 -15.73 10.97 28.25
N SER G 335 -14.88 10.09 27.73
CA SER G 335 -15.13 8.67 27.75
C SER G 335 -13.79 7.94 27.71
N GLY G 336 -13.82 6.65 28.04
CA GLY G 336 -12.60 5.88 28.02
C GLY G 336 -12.74 4.41 28.31
N PHE G 337 -11.97 3.59 27.61
CA PHE G 337 -11.99 2.15 27.80
C PHE G 337 -11.06 1.74 28.94
N ILE G 338 -11.25 0.53 29.43
CA ILE G 338 -10.40 -0.07 30.44
C ILE G 338 -9.87 -1.36 29.84
N ALA G 339 -8.69 -1.31 29.23
CA ALA G 339 -8.17 -2.47 28.54
C ALA G 339 -6.65 -2.50 28.64
N GLY G 340 -6.09 -3.69 28.51
CA GLY G 340 -4.66 -3.89 28.54
C GLY G 340 -4.21 -4.81 27.44
N ILE G 341 -3.29 -4.35 26.60
CA ILE G 341 -2.85 -5.09 25.43
C ILE G 341 -1.37 -5.38 25.58
N LYS G 342 -0.97 -6.60 25.21
CA LYS G 342 0.44 -6.97 25.25
C LYS G 342 0.68 -8.11 24.28
N LYS G 343 1.76 -8.02 23.51
CA LYS G 343 2.17 -9.15 22.70
C LYS G 343 2.62 -10.29 23.61
N THR G 344 2.17 -11.51 23.28
CA THR G 344 2.53 -12.65 24.11
C THR G 344 4.01 -12.96 23.95
N ARG G 345 4.70 -13.15 25.07
CA ARG G 345 6.14 -13.39 25.05
C ARG G 345 6.46 -14.40 26.15
N PHE G 346 6.50 -15.67 25.78
CA PHE G 346 6.94 -16.72 26.68
C PHE G 346 8.44 -16.89 26.55
N ASN G 347 9.11 -17.08 27.68
CA ASN G 347 10.58 -17.08 27.73
C ASN G 347 11.03 -15.72 27.19
N ASP G 348 12.10 -15.66 26.40
CA ASP G 348 12.55 -14.41 25.80
C ASP G 348 12.20 -14.33 24.32
N ARG G 349 11.39 -15.24 23.82
CA ARG G 349 11.15 -15.37 22.39
C ARG G 349 9.67 -15.22 22.08
N ASP G 350 9.37 -14.47 21.03
CA ASP G 350 8.00 -14.16 20.67
C ASP G 350 7.24 -15.45 20.33
N PHE G 351 5.92 -15.30 20.21
CA PHE G 351 5.01 -16.43 20.02
C PHE G 351 3.90 -16.00 19.08
N GLY G 352 4.09 -16.22 17.78
CA GLY G 352 3.04 -16.00 16.81
C GLY G 352 3.28 -14.91 15.78
N VAL G 353 4.39 -14.20 15.83
CA VAL G 353 4.68 -13.18 14.81
C VAL G 353 6.11 -13.36 14.32
N ILE G 354 6.28 -13.34 12.99
CA ILE G 354 7.59 -13.23 12.37
C ILE G 354 7.67 -11.83 11.81
N SER G 355 8.31 -10.93 12.54
CA SER G 355 8.37 -9.53 12.13
C SER G 355 9.27 -9.41 10.91
N ILE G 356 8.67 -9.34 9.73
CA ILE G 356 9.42 -9.12 8.51
C ILE G 356 9.83 -7.66 8.45
N ASP G 357 11.14 -7.41 8.40
CA ASP G 357 11.70 -6.08 8.58
C ASP G 357 12.42 -5.68 7.31
N THR G 358 11.68 -5.12 6.36
CA THR G 358 12.20 -4.81 5.04
C THR G 358 12.51 -3.33 4.93
N TYR G 359 12.86 -2.90 3.72
CA TYR G 359 13.18 -1.52 3.40
C TYR G 359 12.03 -0.93 2.61
N ALA G 360 11.44 0.15 3.13
CA ALA G 360 10.25 0.75 2.53
C ALA G 360 10.50 2.24 2.32
N LYS G 361 11.11 2.59 1.20
CA LYS G 361 11.38 3.98 0.87
C LYS G 361 10.11 4.64 0.37
N ASP G 362 9.97 5.92 0.67
CA ASP G 362 8.77 6.65 0.29
C ASP G 362 8.66 6.74 -1.22
N PRO G 363 7.56 6.28 -1.83
CA PRO G 363 7.45 6.37 -3.30
C PRO G 363 7.49 7.80 -3.80
N ASN G 364 6.97 8.74 -3.03
CA ASN G 364 7.00 10.14 -3.42
C ASN G 364 8.19 10.80 -2.75
N PRO G 365 9.23 11.19 -3.50
CA PRO G 365 10.40 11.79 -2.85
C PRO G 365 10.14 13.17 -2.30
N ASN G 366 9.40 14.01 -3.03
CA ASN G 366 9.14 15.39 -2.61
C ASN G 366 7.98 15.41 -1.62
N ASN G 367 8.18 14.69 -0.52
CA ASN G 367 7.20 14.51 0.53
C ASN G 367 7.86 14.84 1.86
N PRO G 368 7.44 15.93 2.52
CA PRO G 368 8.23 16.45 3.64
C PRO G 368 8.25 15.50 4.83
N ALA G 369 9.37 15.51 5.55
CA ALA G 369 9.63 14.61 6.66
C ALA G 369 9.51 13.15 6.22
N SER H 2 -35.55 42.54 98.94
CA SER H 2 -35.50 43.65 97.99
C SER H 2 -36.65 43.57 97.01
N SER H 3 -36.34 43.73 95.73
CA SER H 3 -37.33 43.60 94.66
C SER H 3 -36.65 42.99 93.44
N THR H 4 -37.40 42.16 92.72
CA THR H 4 -36.88 41.51 91.53
C THR H 4 -36.60 42.54 90.44
N VAL H 5 -35.45 42.42 89.79
CA VAL H 5 -35.05 43.32 88.72
C VAL H 5 -34.42 42.50 87.59
N ILE H 6 -34.77 42.83 86.36
CA ILE H 6 -34.07 42.30 85.20
C ILE H 6 -33.46 43.48 84.46
N ALA H 7 -32.22 43.81 84.78
CA ALA H 7 -31.61 45.00 84.24
C ALA H 7 -31.36 44.86 82.75
N PHE H 8 -31.11 46.00 82.10
CA PHE H 8 -30.78 45.98 80.68
C PHE H 8 -29.44 45.29 80.48
N GLY H 9 -29.38 44.42 79.47
CA GLY H 9 -28.21 43.61 79.24
C GLY H 9 -28.17 42.31 80.00
N ASP H 10 -29.16 42.04 80.83
CA ASP H 10 -29.24 40.75 81.51
C ASP H 10 -29.53 39.65 80.49
N PRO H 11 -28.92 38.47 80.64
CA PRO H 11 -29.15 37.40 79.67
C PRO H 11 -30.59 36.93 79.57
N LYS H 12 -31.43 37.26 80.56
CA LYS H 12 -32.83 36.88 80.53
C LYS H 12 -33.70 37.86 79.75
N ALA H 13 -33.15 38.99 79.33
CA ALA H 13 -33.92 40.01 78.62
C ALA H 13 -34.00 39.64 77.15
N GLN H 14 -35.03 38.87 76.80
CA GLN H 14 -35.11 38.34 75.45
C GLN H 14 -35.38 39.45 74.44
N LYS H 15 -35.10 39.15 73.18
CA LYS H 15 -35.09 40.12 72.09
C LYS H 15 -35.85 39.54 70.92
N LYS H 16 -36.50 40.41 70.14
CA LYS H 16 -37.32 39.99 69.02
C LYS H 16 -36.75 40.55 67.72
N TRP H 17 -36.64 39.71 66.71
CA TRP H 17 -36.15 40.11 65.39
C TRP H 17 -37.32 40.20 64.43
N SER H 18 -37.46 41.34 63.76
CA SER H 18 -38.51 41.51 62.78
C SER H 18 -38.27 40.61 61.58
N SER H 19 -39.36 40.11 61.00
CA SER H 19 -39.29 39.17 59.89
C SER H 19 -39.27 39.84 58.53
N GLU H 20 -39.36 41.17 58.47
CA GLU H 20 -39.40 41.90 57.22
C GLU H 20 -38.13 42.72 57.04
N LEU H 21 -37.69 42.86 55.78
CA LEU H 21 -36.48 43.58 55.46
C LEU H 21 -36.80 44.97 54.95
N ALA H 22 -35.96 45.93 55.31
CA ALA H 22 -36.02 47.28 54.75
C ALA H 22 -35.04 47.33 53.58
N VAL H 23 -35.56 47.23 52.37
CA VAL H 23 -34.75 47.12 51.18
C VAL H 23 -34.45 48.52 50.63
N ASP H 24 -33.43 48.61 49.79
CA ASP H 24 -33.20 49.81 49.01
C ASP H 24 -34.02 49.76 47.73
N ILE H 25 -34.61 50.90 47.37
CA ILE H 25 -35.38 50.99 46.14
C ILE H 25 -34.41 51.20 44.98
N ARG H 26 -34.47 50.29 44.00
CA ARG H 26 -33.63 50.41 42.82
C ARG H 26 -33.98 51.68 42.05
N LYS H 27 -32.97 52.35 41.52
CA LYS H 27 -33.20 53.55 40.73
C LYS H 27 -34.01 53.20 39.47
N LYS H 28 -35.12 53.90 39.29
CA LYS H 28 -36.01 53.60 38.17
C LYS H 28 -35.32 53.92 36.86
N SER H 29 -35.06 52.88 36.06
CA SER H 29 -34.32 53.06 34.82
C SER H 29 -35.06 54.01 33.88
N TYR H 30 -34.29 54.86 33.19
CA TYR H 30 -34.89 55.87 32.35
C TYR H 30 -35.42 55.31 31.04
N PHE H 31 -34.71 54.36 30.44
CA PHE H 31 -35.05 53.95 29.09
C PHE H 31 -36.30 53.09 29.03
N GLU H 32 -36.44 52.14 29.95
CA GLU H 32 -37.66 51.34 30.12
C GLU H 32 -38.05 50.75 28.76
N SER H 33 -39.32 50.82 28.36
CA SER H 33 -39.79 50.25 27.10
C SER H 33 -40.31 51.27 26.11
N ARG H 34 -40.54 52.51 26.55
CA ARG H 34 -40.98 53.55 25.60
C ARG H 34 -39.89 53.87 24.60
N PHE H 35 -38.63 53.83 25.03
CA PHE H 35 -37.52 54.25 24.20
C PHE H 35 -36.91 53.12 23.38
N ILE H 36 -37.07 51.88 23.82
CA ILE H 36 -36.53 50.73 23.09
C ILE H 36 -37.62 50.18 22.20
N GLY H 37 -37.32 50.05 20.90
CA GLY H 37 -38.28 49.52 19.97
C GLY H 37 -37.60 49.00 18.73
N THR H 38 -38.27 48.06 18.07
CA THR H 38 -37.76 47.45 16.83
C THR H 38 -38.33 48.16 15.60
N SER H 39 -38.15 49.47 15.57
CA SER H 39 -38.71 50.29 14.50
C SER H 39 -37.69 51.35 14.12
N GLU H 40 -38.12 52.29 13.29
CA GLU H 40 -37.28 53.42 12.90
C GLU H 40 -37.53 54.65 13.76
N ASN H 41 -38.45 54.59 14.71
CA ASN H 41 -38.82 55.77 15.48
C ASN H 41 -38.63 55.56 16.97
N ALA H 42 -37.50 54.99 17.36
CA ALA H 42 -37.13 54.85 18.75
C ALA H 42 -35.66 55.18 18.90
N VAL H 43 -35.28 55.69 20.08
CA VAL H 43 -33.89 56.06 20.28
C VAL H 43 -32.99 54.84 20.38
N ILE H 44 -33.55 53.67 20.65
CA ILE H 44 -32.81 52.42 20.70
C ILE H 44 -33.50 51.42 19.79
N GLN H 45 -32.82 50.99 18.75
CA GLN H 45 -33.39 50.11 17.73
C GLN H 45 -32.86 48.70 17.94
N ARG H 46 -33.77 47.76 18.23
CA ARG H 46 -33.37 46.37 18.40
C ARG H 46 -33.14 45.72 17.05
N LYS H 47 -31.97 45.10 16.87
CA LYS H 47 -31.67 44.36 15.65
C LYS H 47 -31.99 42.89 15.92
N THR H 48 -33.12 42.43 15.40
CA THR H 48 -33.59 41.07 15.65
C THR H 48 -33.05 40.07 14.65
N GLU H 49 -31.90 40.35 14.05
CA GLU H 49 -31.35 39.45 13.04
C GLU H 49 -30.49 38.34 13.64
N VAL H 50 -30.21 38.38 14.93
CA VAL H 50 -29.35 37.40 15.59
C VAL H 50 -30.04 36.69 16.74
N GLU H 51 -31.29 37.04 17.04
CA GLU H 51 -31.97 36.38 18.16
C GLU H 51 -32.19 34.90 17.90
N SER H 52 -32.54 34.54 16.67
CA SER H 52 -32.83 33.14 16.34
C SER H 52 -31.72 32.47 15.56
N ASP H 53 -31.07 33.17 14.63
CA ASP H 53 -30.03 32.58 13.81
C ASP H 53 -28.71 32.56 14.60
N ALA H 54 -27.61 32.28 13.91
CA ALA H 54 -26.30 32.18 14.52
C ALA H 54 -25.41 33.28 13.98
N GLY H 55 -24.80 34.04 14.89
CA GLY H 55 -23.88 35.09 14.50
C GLY H 55 -23.70 36.12 15.59
N ASP H 56 -22.47 36.57 15.81
CA ASP H 56 -22.17 37.47 16.91
C ASP H 56 -22.12 38.94 16.51
N ARG H 57 -22.40 39.27 15.26
CA ARG H 57 -22.39 40.65 14.81
C ARG H 57 -23.62 40.93 13.95
N VAL H 58 -24.02 42.20 13.92
CA VAL H 58 -25.08 42.67 13.04
C VAL H 58 -24.56 43.88 12.29
N SER H 59 -24.83 43.93 10.99
CA SER H 59 -24.44 45.06 10.16
C SER H 59 -25.68 45.71 9.58
N PHE H 60 -25.77 47.03 9.73
CA PHE H 60 -26.84 47.82 9.17
C PHE H 60 -26.28 48.97 8.36
N ASP H 61 -27.06 49.42 7.39
CA ASP H 61 -26.57 50.27 6.31
C ASP H 61 -27.27 51.62 6.31
N LEU H 62 -26.51 52.65 5.95
CA LEU H 62 -27.02 54.00 5.78
C LEU H 62 -26.85 54.41 4.33
N SER H 63 -27.90 54.96 3.73
CA SER H 63 -27.87 55.42 2.34
C SER H 63 -27.84 56.94 2.35
N VAL H 64 -26.68 57.52 2.08
CA VAL H 64 -26.54 58.96 2.09
C VAL H 64 -27.15 59.54 0.81
N ARG H 65 -27.37 60.86 0.83
CA ARG H 65 -27.98 61.56 -0.29
C ARG H 65 -27.00 61.72 -1.44
N LEU H 66 -27.49 62.34 -2.51
CA LEU H 66 -26.69 62.58 -3.71
C LEU H 66 -26.06 63.97 -3.66
N ARG H 67 -24.84 64.08 -4.20
CA ARG H 67 -24.10 65.34 -4.10
C ARG H 67 -23.47 65.75 -5.43
N GLY H 68 -24.03 65.33 -6.56
CA GLY H 68 -23.45 65.64 -7.84
C GLY H 68 -24.13 66.81 -8.54
N GLN H 69 -23.32 67.58 -9.26
CA GLN H 69 -23.84 68.74 -9.97
C GLN H 69 -24.69 68.29 -11.16
N PRO H 70 -25.92 68.76 -11.28
CA PRO H 70 -26.72 68.44 -12.46
C PRO H 70 -26.15 69.11 -13.69
N THR H 71 -26.39 68.50 -14.84
CA THR H 71 -25.86 68.99 -16.11
C THR H 71 -26.93 69.85 -16.79
N PHE H 72 -26.73 71.16 -16.77
CA PHE H 72 -27.68 72.07 -17.39
C PHE H 72 -27.60 72.01 -18.91
N GLY H 73 -28.48 72.75 -19.55
CA GLY H 73 -28.46 72.85 -20.99
C GLY H 73 -28.90 71.58 -21.68
N ASP H 74 -28.42 71.42 -22.91
CA ASP H 74 -28.68 70.23 -23.70
C ASP H 74 -27.48 69.28 -23.69
N ASP H 75 -26.49 69.56 -22.84
CA ASP H 75 -25.33 68.68 -22.71
C ASP H 75 -25.77 67.26 -22.36
N ARG H 76 -25.19 66.29 -23.07
CA ARG H 76 -25.57 64.90 -22.88
C ARG H 76 -25.10 64.42 -21.51
N VAL H 77 -25.90 63.54 -20.89
CA VAL H 77 -25.66 63.15 -19.51
C VAL H 77 -25.70 61.63 -19.40
N GLU H 78 -25.64 60.93 -20.53
CA GLU H 78 -25.65 59.46 -20.46
C GLU H 78 -24.39 58.94 -19.79
N GLY H 79 -23.30 59.68 -19.84
CA GLY H 79 -22.05 59.23 -19.27
C GLY H 79 -21.88 59.56 -17.80
N LYS H 80 -22.05 60.83 -17.44
CA LYS H 80 -21.83 61.29 -16.07
C LYS H 80 -23.00 60.82 -15.22
N GLU H 81 -22.73 59.91 -14.29
CA GLU H 81 -23.77 59.29 -13.48
C GLU H 81 -23.35 59.24 -12.03
N GLU H 82 -24.35 59.17 -11.13
CA GLU H 82 -24.09 59.10 -9.71
C GLU H 82 -23.55 57.73 -9.31
N ASN H 83 -22.87 57.70 -8.16
CA ASN H 83 -22.54 56.46 -7.47
C ASN H 83 -23.10 56.57 -6.06
N LEU H 84 -24.22 55.88 -5.81
CA LEU H 84 -24.80 55.83 -4.49
C LEU H 84 -23.78 55.36 -3.46
N LYS H 85 -23.68 56.10 -2.36
CA LYS H 85 -22.74 55.79 -1.31
C LYS H 85 -23.47 55.20 -0.12
N PHE H 86 -22.88 54.15 0.47
CA PHE H 86 -23.46 53.47 1.62
C PHE H 86 -22.49 53.53 2.79
N TYR H 87 -23.05 53.46 3.99
CA TYR H 87 -22.25 53.47 5.22
C TYR H 87 -22.72 52.33 6.11
N THR H 88 -21.78 51.79 6.90
CA THR H 88 -22.02 50.59 7.68
C THR H 88 -21.50 50.75 9.10
N ASP H 89 -22.07 49.97 10.01
CA ASP H 89 -21.61 49.91 11.39
C ASP H 89 -21.94 48.55 11.96
N GLU H 90 -21.14 48.11 12.94
CA GLU H 90 -21.21 46.75 13.46
C GLU H 90 -21.53 46.75 14.95
N VAL H 91 -22.45 45.89 15.35
CA VAL H 91 -22.81 45.69 16.74
C VAL H 91 -22.42 44.27 17.13
N ILE H 92 -21.47 44.14 18.06
CA ILE H 92 -20.94 42.85 18.45
C ILE H 92 -21.60 42.40 19.74
N ILE H 93 -22.08 41.17 19.77
CA ILE H 93 -22.77 40.62 20.93
C ILE H 93 -21.75 40.05 21.90
N ASP H 94 -22.18 39.87 23.14
CA ASP H 94 -21.36 39.20 24.15
C ASP H 94 -22.29 38.72 25.26
N GLN H 95 -21.72 37.94 26.18
CA GLN H 95 -22.45 37.39 27.30
C GLN H 95 -21.99 38.07 28.59
N VAL H 96 -22.94 38.50 29.41
CA VAL H 96 -22.68 39.11 30.70
C VAL H 96 -23.45 38.35 31.77
N ARG H 97 -22.73 37.78 32.73
CA ARG H 97 -23.34 37.02 33.81
C ARG H 97 -22.76 37.45 35.14
N HIS H 98 -23.55 37.25 36.20
CA HIS H 98 -23.10 37.51 37.56
C HIS H 98 -23.68 36.45 38.46
N SER H 99 -23.11 36.33 39.66
CA SER H 99 -23.50 35.29 40.60
C SER H 99 -23.65 35.85 42.01
N VAL H 100 -24.76 35.53 42.64
CA VAL H 100 -25.01 35.86 44.03
C VAL H 100 -24.94 34.58 44.84
N SER H 101 -24.41 34.67 46.05
CA SER H 101 -24.12 33.50 46.87
C SER H 101 -24.88 33.59 48.19
N ALA H 102 -26.05 32.96 48.25
CA ALA H 102 -26.80 32.83 49.50
C ALA H 102 -26.13 31.74 50.33
N GLY H 103 -24.88 31.99 50.68
CA GLY H 103 -23.99 30.93 51.10
C GLY H 103 -24.18 30.38 52.50
N GLY H 104 -23.46 29.31 52.80
CA GLY H 104 -23.44 28.72 54.12
C GLY H 104 -24.67 27.89 54.41
N ARG H 105 -24.45 26.76 55.08
CA ARG H 105 -25.54 26.04 55.73
C ARG H 105 -25.80 26.58 57.12
N MET H 106 -24.74 26.95 57.84
CA MET H 106 -24.92 27.62 59.12
C MET H 106 -25.34 29.07 58.93
N SER H 107 -24.75 29.75 57.94
CA SER H 107 -25.10 31.15 57.70
C SER H 107 -26.55 31.33 57.29
N ARG H 108 -27.20 30.28 56.81
CA ARG H 108 -28.63 30.33 56.51
C ARG H 108 -29.48 29.90 57.69
N LYS H 109 -28.87 29.56 58.82
CA LYS H 109 -29.62 29.22 60.02
C LYS H 109 -29.49 30.25 61.12
N ARG H 110 -28.38 30.99 61.17
CA ARG H 110 -28.25 32.10 62.10
C ARG H 110 -28.99 33.36 61.62
N THR H 111 -29.82 33.23 60.60
CA THR H 111 -30.62 34.33 60.08
C THR H 111 -32.05 33.86 59.90
N ALA H 112 -33.01 34.67 60.34
CA ALA H 112 -34.41 34.30 60.21
C ALA H 112 -34.86 34.31 58.76
N HIS H 113 -34.28 35.17 57.93
CA HIS H 113 -34.73 35.34 56.56
C HIS H 113 -34.05 34.31 55.66
N ASP H 114 -34.82 33.68 54.78
CA ASP H 114 -34.22 32.85 53.75
C ASP H 114 -33.42 33.74 52.81
N LEU H 115 -32.23 33.29 52.43
CA LEU H 115 -31.32 34.14 51.67
C LEU H 115 -31.40 33.90 50.18
N ARG H 116 -31.90 32.75 49.73
CA ARG H 116 -31.96 32.48 48.30
C ARG H 116 -32.91 33.43 47.58
N LYS H 117 -34.09 33.67 48.15
CA LYS H 117 -35.06 34.56 47.51
C LYS H 117 -34.53 35.98 47.47
N THR H 118 -33.89 36.44 48.54
CA THR H 118 -33.29 37.77 48.54
C THR H 118 -32.18 37.86 47.49
N GLY H 119 -31.37 36.82 47.37
CA GLY H 119 -30.34 36.82 46.35
C GLY H 119 -30.91 36.92 44.95
N ARG H 120 -31.99 36.17 44.69
CA ARG H 120 -32.64 36.23 43.38
C ARG H 120 -33.17 37.62 43.09
N ASP H 121 -33.84 38.24 44.07
CA ASP H 121 -34.36 39.58 43.85
C ASP H 121 -33.25 40.59 43.64
N ARG H 122 -32.16 40.48 44.40
CA ARG H 122 -31.03 41.38 44.23
C ARG H 122 -30.42 41.22 42.84
N LEU H 123 -30.34 39.99 42.34
CA LEU H 123 -29.83 39.79 40.99
C LEU H 123 -30.73 40.45 39.96
N GLY H 124 -32.05 40.32 40.13
CA GLY H 124 -32.95 40.98 39.19
C GLY H 124 -32.76 42.48 39.17
N ASP H 125 -32.72 43.09 40.35
CA ASP H 125 -32.51 44.54 40.42
C ASP H 125 -31.16 44.93 39.84
N TYR H 126 -30.13 44.12 40.11
CA TYR H 126 -28.80 44.42 39.63
C TYR H 126 -28.74 44.42 38.12
N PHE H 127 -29.39 43.45 37.48
CA PHE H 127 -29.37 43.44 36.02
C PHE H 127 -30.18 44.59 35.45
N TYR H 128 -31.30 44.94 36.10
CA TYR H 128 -32.03 46.14 35.72
C TYR H 128 -31.11 47.35 35.64
N GLN H 129 -30.47 47.70 36.77
CA GLN H 129 -29.66 48.90 36.78
C GLN H 129 -28.43 48.76 35.89
N LEU H 130 -27.91 47.54 35.71
CA LEU H 130 -26.74 47.38 34.85
C LEU H 130 -27.08 47.68 33.40
N THR H 131 -28.20 47.16 32.90
CA THR H 131 -28.54 47.45 31.51
C THR H 131 -28.85 48.94 31.34
N ASP H 132 -29.51 49.56 32.32
CA ASP H 132 -29.79 50.99 32.21
C ASP H 132 -28.50 51.82 32.14
N GLU H 133 -27.56 51.52 33.03
CA GLU H 133 -26.34 52.32 33.04
C GLU H 133 -25.46 52.01 31.84
N LEU H 134 -25.55 50.80 31.28
CA LEU H 134 -24.85 50.52 30.03
C LEU H 134 -25.40 51.39 28.91
N PHE H 135 -26.73 51.53 28.84
CA PHE H 135 -27.32 52.41 27.84
C PHE H 135 -26.80 53.83 27.98
N PHE H 136 -26.87 54.39 29.18
CA PHE H 136 -26.34 55.75 29.34
C PHE H 136 -24.83 55.84 29.16
N MET H 137 -24.11 54.74 29.33
CA MET H 137 -22.66 54.81 29.17
C MET H 137 -22.27 54.83 27.71
N TYR H 138 -22.95 54.06 26.87
CA TYR H 138 -22.68 54.14 25.43
C TYR H 138 -23.27 55.38 24.78
N LEU H 139 -24.47 55.79 25.16
CA LEU H 139 -25.00 57.01 24.55
C LEU H 139 -24.18 58.23 24.91
N SER H 140 -23.37 58.16 25.97
CA SER H 140 -22.51 59.26 26.35
C SER H 140 -21.08 59.09 25.85
N GLY H 141 -20.66 57.87 25.56
CA GLY H 141 -19.39 57.62 24.90
C GLY H 141 -18.20 57.46 25.81
N ALA H 142 -18.34 57.67 27.11
CA ALA H 142 -17.20 57.50 28.01
C ALA H 142 -17.69 57.25 29.42
N ARG H 143 -16.79 56.72 30.25
CA ARG H 143 -17.03 56.52 31.66
C ARG H 143 -16.24 57.56 32.45
N GLY H 144 -16.90 58.24 33.37
CA GLY H 144 -16.25 59.29 34.12
C GLY H 144 -15.82 58.88 35.51
N ILE H 145 -16.43 59.48 36.53
CA ILE H 145 -16.21 59.07 37.91
C ILE H 145 -17.48 58.63 38.59
N ASN H 146 -18.58 58.46 37.85
CA ASN H 146 -19.86 58.14 38.46
C ASN H 146 -19.71 56.91 39.36
N LYS H 147 -19.98 57.11 40.65
CA LYS H 147 -19.61 56.11 41.64
C LYS H 147 -20.68 55.05 41.84
N ASP H 148 -21.95 55.40 41.68
CA ASP H 148 -23.01 54.41 41.83
C ASP H 148 -23.02 53.40 40.70
N PHE H 149 -22.30 53.67 39.60
CA PHE H 149 -22.23 52.71 38.51
C PHE H 149 -21.59 51.41 38.99
N ILE H 150 -22.12 50.30 38.52
CA ILE H 150 -21.57 49.00 38.90
C ILE H 150 -20.16 48.83 38.35
N LEU H 151 -19.98 49.15 37.08
CA LEU H 151 -18.73 48.83 36.40
C LEU H 151 -17.58 49.68 36.97
N PRO H 152 -16.36 49.13 36.97
CA PRO H 152 -15.23 49.85 37.55
C PRO H 152 -14.88 51.08 36.73
N THR H 153 -14.18 52.02 37.39
CA THR H 153 -13.83 53.27 36.74
C THR H 153 -12.90 53.07 35.54
N SER H 154 -12.22 51.93 35.46
CA SER H 154 -11.38 51.61 34.31
C SER H 154 -12.15 50.68 33.39
N PHE H 155 -13.06 51.28 32.62
CA PHE H 155 -13.92 50.55 31.70
C PHE H 155 -13.64 51.03 30.28
N THR H 156 -13.53 50.08 29.35
CA THR H 156 -13.18 50.42 27.98
C THR H 156 -14.08 49.78 26.93
N GLY H 157 -14.72 48.66 27.20
CA GLY H 157 -15.53 48.04 26.16
C GLY H 157 -16.39 46.93 26.72
N TYR H 158 -17.17 46.34 25.80
CA TYR H 158 -18.11 45.27 26.11
C TYR H 158 -17.77 43.99 25.36
N ALA H 159 -17.68 44.07 24.04
CA ALA H 159 -17.37 42.93 23.18
C ALA H 159 -16.47 43.39 22.05
N LYS H 160 -15.47 44.19 22.37
CA LYS H 160 -14.58 44.84 21.40
C LYS H 160 -15.32 45.84 20.52
N ASN H 161 -16.52 46.27 20.92
CA ASN H 161 -17.14 47.45 20.35
C ASN H 161 -16.82 48.63 21.24
N PRO H 162 -15.76 49.37 21.00
CA PRO H 162 -15.16 50.21 22.03
C PRO H 162 -15.94 51.51 22.22
N PHE H 163 -15.54 52.25 23.24
CA PHE H 163 -16.06 53.59 23.49
C PHE H 163 -15.62 54.51 22.37
N ASN H 164 -16.53 55.33 21.90
CA ASN H 164 -16.27 56.27 20.82
C ASN H 164 -16.57 57.70 21.28
N THR H 165 -15.52 58.49 21.42
CA THR H 165 -15.69 59.87 21.83
C THR H 165 -16.37 60.67 20.71
N PRO H 166 -17.38 61.47 21.04
CA PRO H 166 -18.05 62.26 19.99
C PRO H 166 -17.08 63.20 19.31
N ASP H 167 -17.30 63.42 18.02
CA ASP H 167 -16.46 64.29 17.22
C ASP H 167 -16.63 65.75 17.63
N ALA H 168 -15.95 66.63 16.92
CA ALA H 168 -16.12 68.05 17.17
C ALA H 168 -17.51 68.54 16.79
N ALA H 169 -18.18 67.83 15.86
CA ALA H 169 -19.48 68.30 15.38
C ALA H 169 -20.60 68.04 16.37
N HIS H 170 -20.54 66.94 17.12
CA HIS H 170 -21.60 66.55 18.03
C HIS H 170 -21.25 66.82 19.49
N LEU H 171 -20.21 67.60 19.74
CA LEU H 171 -19.75 67.91 21.09
C LEU H 171 -19.98 69.40 21.34
N LEU H 172 -20.97 69.71 22.16
CA LEU H 172 -21.36 71.09 22.44
C LEU H 172 -20.97 71.44 23.87
N TYR H 173 -20.19 72.50 24.02
CA TYR H 173 -19.77 72.94 25.34
C TYR H 173 -20.69 74.03 25.86
N GLY H 174 -20.75 74.15 27.17
CA GLY H 174 -21.56 75.17 27.80
C GLY H 174 -20.87 76.53 27.79
N GLY H 175 -21.68 77.58 27.82
CA GLY H 175 -21.14 78.93 27.79
C GLY H 175 -20.31 79.16 26.55
N VAL H 176 -19.16 79.78 26.74
CA VAL H 176 -18.19 79.97 25.67
C VAL H 176 -16.99 79.08 25.96
N ALA H 177 -16.74 78.13 25.06
CA ALA H 177 -15.65 77.18 25.23
C ALA H 177 -15.40 76.49 23.90
N THR H 178 -14.20 75.94 23.76
CA THR H 178 -13.83 75.23 22.53
C THR H 178 -13.21 73.87 22.76
N SER H 179 -12.81 73.53 23.99
CA SER H 179 -12.17 72.25 24.26
C SER H 179 -12.46 71.86 25.70
N LYS H 180 -12.16 70.59 26.01
CA LYS H 180 -12.36 70.11 27.37
C LYS H 180 -11.46 70.80 28.38
N ALA H 181 -10.42 71.50 27.93
CA ALA H 181 -9.50 72.19 28.81
C ALA H 181 -9.73 73.69 28.86
N SER H 182 -10.99 74.12 28.74
CA SER H 182 -11.33 75.54 28.80
C SER H 182 -12.58 75.81 29.61
N LEU H 183 -13.15 74.81 30.27
CA LEU H 183 -14.32 75.02 31.10
C LEU H 183 -13.98 75.88 32.31
N ALA H 184 -14.98 76.61 32.80
CA ALA H 184 -14.81 77.47 33.96
C ALA H 184 -16.11 77.47 34.75
N ASN H 185 -16.22 78.39 35.70
CA ASN H 185 -17.44 78.47 36.51
C ASN H 185 -18.60 79.10 35.76
N THR H 186 -18.33 79.78 34.65
CA THR H 186 -19.40 80.40 33.86
C THR H 186 -19.93 79.48 32.77
N ASP H 187 -19.31 78.33 32.54
CA ASP H 187 -19.80 77.38 31.55
C ASP H 187 -20.79 76.39 32.14
N THR H 188 -21.78 76.92 32.86
CA THR H 188 -22.82 76.08 33.41
C THR H 188 -23.93 75.89 32.39
N MET H 189 -24.71 74.84 32.58
CA MET H 189 -25.75 74.55 31.59
C MET H 189 -26.88 75.55 31.76
N SER H 190 -27.35 76.08 30.64
CA SER H 190 -28.29 77.19 30.68
C SER H 190 -29.28 77.03 29.54
N ARG H 191 -30.33 77.85 29.58
CA ARG H 191 -31.31 77.82 28.49
C ARG H 191 -30.67 78.15 27.15
N VAL H 192 -29.64 79.00 27.16
CA VAL H 192 -28.92 79.31 25.92
C VAL H 192 -28.31 78.06 25.33
N VAL H 193 -27.80 77.17 26.20
CA VAL H 193 -27.07 76.00 25.71
C VAL H 193 -27.99 75.02 25.00
N ILE H 194 -29.18 74.77 25.53
CA ILE H 194 -30.05 73.83 24.84
C ILE H 194 -30.62 74.45 23.56
N GLU H 195 -30.76 75.77 23.52
CA GLU H 195 -31.14 76.40 22.26
C GLU H 195 -30.03 76.26 21.23
N ARG H 196 -28.77 76.39 21.64
CA ARG H 196 -27.67 76.09 20.74
C ARG H 196 -27.71 74.64 20.29
N ALA H 197 -28.14 73.74 21.18
CA ALA H 197 -28.29 72.34 20.81
C ALA H 197 -29.36 72.17 19.74
N ASN H 198 -30.48 72.89 19.87
CA ASN H 198 -31.50 72.85 18.82
C ASN H 198 -30.97 73.37 17.50
N VAL H 199 -30.22 74.47 17.54
CA VAL H 199 -29.68 75.04 16.31
C VAL H 199 -28.69 74.08 15.66
N GLN H 200 -27.89 73.39 16.47
CA GLN H 200 -26.99 72.37 15.93
C GLN H 200 -27.78 71.21 15.32
N ALA H 201 -28.81 70.73 16.03
CA ALA H 201 -29.62 69.64 15.51
C ALA H 201 -30.30 70.03 14.21
N THR H 202 -30.56 71.31 14.01
CA THR H 202 -31.14 71.74 12.74
C THR H 202 -30.08 71.87 11.65
N MET H 203 -29.14 72.79 11.81
CA MET H 203 -28.12 73.01 10.79
C MET H 203 -26.81 72.30 11.14
N MET H 204 -26.90 70.99 11.38
CA MET H 204 -25.67 70.22 11.41
C MET H 204 -25.13 69.97 10.01
N GLN H 205 -26.00 69.70 9.04
CA GLN H 205 -25.53 69.52 7.68
C GLN H 205 -25.02 70.81 7.05
N ALA H 206 -25.65 71.95 7.37
CA ALA H 206 -25.24 73.20 6.76
C ALA H 206 -23.84 73.62 7.16
N GLN H 207 -23.26 72.99 8.17
CA GLN H 207 -21.87 73.22 8.54
C GLN H 207 -20.96 72.07 8.14
N ASP H 208 -21.37 70.83 8.40
CA ASP H 208 -20.66 69.65 7.91
C ASP H 208 -21.48 68.99 6.81
N PRO H 209 -20.99 68.94 5.57
CA PRO H 209 -21.75 68.34 4.48
C PRO H 209 -21.72 66.81 4.45
N GLU H 210 -21.20 66.16 5.48
CA GLU H 210 -21.03 64.71 5.47
C GLU H 210 -21.86 63.98 6.52
N THR H 211 -22.38 64.67 7.52
CA THR H 211 -23.17 64.04 8.55
C THR H 211 -24.59 63.76 8.05
N ALA H 212 -25.47 63.36 8.96
CA ALA H 212 -26.86 63.08 8.63
C ALA H 212 -27.78 63.82 9.59
N ASN H 213 -28.97 64.17 9.08
CA ASN H 213 -29.91 64.95 9.87
C ASN H 213 -30.39 64.17 11.08
N MET H 214 -30.34 64.79 12.24
CA MET H 214 -31.03 64.24 13.41
C MET H 214 -32.48 64.66 13.36
N VAL H 215 -33.37 63.72 13.67
CA VAL H 215 -34.80 63.97 13.54
C VAL H 215 -35.51 63.54 14.82
N PRO H 216 -36.66 64.13 15.15
CA PRO H 216 -37.22 63.96 16.49
C PRO H 216 -37.81 62.59 16.77
N VAL H 217 -38.18 62.37 18.02
CA VAL H 217 -38.74 61.11 18.50
C VAL H 217 -40.13 61.39 19.05
N SER H 218 -41.02 60.41 18.94
CA SER H 218 -42.40 60.54 19.41
C SER H 218 -42.43 60.44 20.93
N VAL H 219 -42.05 61.55 21.57
CA VAL H 219 -42.10 61.69 23.03
C VAL H 219 -43.21 62.66 23.38
N GLU H 220 -43.86 62.40 24.52
CA GLU H 220 -45.07 63.11 24.90
C GLU H 220 -46.05 63.13 23.73
N GLY H 221 -46.36 64.32 23.22
CA GLY H 221 -47.27 64.39 22.10
C GLY H 221 -46.65 63.90 20.79
N GLU H 222 -45.76 64.71 20.20
CA GLU H 222 -45.21 64.39 18.90
C GLU H 222 -43.89 65.14 18.68
N ASP H 223 -42.91 64.43 18.15
CA ASP H 223 -41.76 65.01 17.46
C ASP H 223 -41.04 66.07 18.29
N ARG H 224 -40.45 65.62 19.39
CA ARG H 224 -39.64 66.49 20.23
C ARG H 224 -38.33 65.80 20.58
N TYR H 225 -37.24 66.54 20.50
CA TYR H 225 -35.93 66.03 20.90
C TYR H 225 -35.91 65.85 22.41
N VAL H 226 -35.47 64.69 22.86
CA VAL H 226 -35.35 64.42 24.29
C VAL H 226 -33.94 64.78 24.74
N CYS H 227 -33.83 65.49 25.86
CA CYS H 227 -32.54 65.94 26.37
C CYS H 227 -32.37 65.48 27.81
N VAL H 228 -31.72 64.32 27.99
CA VAL H 228 -31.46 63.83 29.34
C VAL H 228 -30.41 64.73 29.99
N MET H 229 -30.50 64.87 31.30
CA MET H 229 -29.77 65.90 32.03
C MET H 229 -29.25 65.29 33.33
N SER H 230 -27.99 65.55 33.65
CA SER H 230 -27.49 65.14 34.95
C SER H 230 -28.20 65.93 36.05
N PRO H 231 -28.57 65.30 37.17
CA PRO H 231 -29.36 66.01 38.18
C PRO H 231 -28.60 67.11 38.91
N PHE H 232 -27.35 67.38 38.54
CA PHE H 232 -26.68 68.60 38.96
C PHE H 232 -26.90 69.74 37.99
N GLN H 233 -27.01 69.43 36.70
CA GLN H 233 -27.33 70.46 35.73
C GLN H 233 -28.74 71.01 35.92
N GLU H 234 -29.70 70.15 36.28
CA GLU H 234 -31.04 70.67 36.54
C GLU H 234 -31.02 71.62 37.72
N HIS H 235 -30.23 71.32 38.75
CA HIS H 235 -30.09 72.24 39.87
C HIS H 235 -29.44 73.54 39.41
N SER H 236 -28.44 73.44 38.54
CA SER H 236 -27.79 74.64 38.03
C SER H 236 -28.78 75.52 37.27
N LEU H 237 -29.71 74.91 36.54
CA LEU H 237 -30.76 75.69 35.89
C LEU H 237 -31.72 76.28 36.92
N ARG H 238 -32.44 75.43 37.65
CA ARG H 238 -33.54 75.88 38.49
C ARG H 238 -33.09 76.49 39.81
N THR H 239 -31.79 76.76 39.97
CA THR H 239 -31.31 77.48 41.15
C THR H 239 -30.24 78.49 40.73
N SER H 240 -30.50 79.22 39.66
CA SER H 240 -29.60 80.28 39.23
C SER H 240 -30.34 81.18 38.26
N ASP H 241 -30.06 82.48 38.33
CA ASP H 241 -30.67 83.44 37.44
C ASP H 241 -29.92 83.60 36.12
N ALA H 242 -28.61 83.34 36.11
CA ALA H 242 -27.86 83.40 34.87
C ALA H 242 -28.19 82.24 33.94
N ALA H 243 -28.73 81.14 34.47
CA ALA H 243 -29.12 80.03 33.62
C ALA H 243 -30.26 80.41 32.69
N GLY H 244 -31.09 81.37 33.09
CA GLY H 244 -32.12 81.90 32.23
C GLY H 244 -33.43 81.13 32.27
N TRP H 245 -33.49 80.01 32.98
CA TRP H 245 -34.75 79.27 33.08
C TRP H 245 -35.72 79.93 34.04
N LEU H 246 -35.20 80.52 35.12
CA LEU H 246 -36.07 81.06 36.17
C LEU H 246 -36.95 82.19 35.64
N GLU H 247 -36.41 83.07 34.81
CA GLU H 247 -37.20 84.21 34.36
C GLU H 247 -38.40 83.76 33.53
N ILE H 248 -38.17 82.90 32.54
CA ILE H 248 -39.27 82.48 31.69
C ILE H 248 -40.27 81.63 32.47
N GLN H 249 -39.78 80.80 33.39
CA GLN H 249 -40.76 80.03 34.15
C GLN H 249 -41.47 80.86 35.20
N LYS H 250 -40.89 81.97 35.66
CA LYS H 250 -41.63 82.89 36.52
C LYS H 250 -42.72 83.59 35.73
N ALA H 251 -42.45 83.93 34.46
CA ALA H 251 -43.52 84.43 33.61
C ALA H 251 -44.63 83.39 33.45
N ALA H 252 -44.25 82.14 33.18
CA ALA H 252 -45.24 81.08 33.05
C ALA H 252 -46.04 80.93 34.35
N ALA H 253 -45.38 81.05 35.49
CA ALA H 253 -46.09 81.02 36.77
C ALA H 253 -47.06 82.18 36.89
N ALA H 254 -46.66 83.35 36.40
CA ALA H 254 -47.60 84.47 36.34
C ALA H 254 -48.80 84.11 35.47
N ALA H 255 -48.64 83.16 34.55
CA ALA H 255 -49.78 82.71 33.77
C ALA H 255 -50.57 81.63 34.50
N GLU H 256 -49.88 80.64 35.07
CA GLU H 256 -50.52 79.53 35.77
C GLU H 256 -50.04 79.51 37.20
N GLY H 257 -50.98 79.49 38.15
CA GLY H 257 -50.65 79.78 39.54
C GLY H 257 -49.68 78.81 40.20
N ARG H 258 -50.14 77.59 40.46
CA ARG H 258 -49.36 76.63 41.22
C ARG H 258 -48.94 75.41 40.41
N ASN H 259 -49.29 75.35 39.14
CA ASN H 259 -48.92 74.25 38.28
C ASN H 259 -47.62 74.50 37.54
N ASN H 260 -46.94 75.60 37.84
CA ASN H 260 -45.67 75.90 37.19
C ASN H 260 -44.61 74.87 37.58
N PRO H 261 -43.67 74.59 36.69
CA PRO H 261 -42.59 73.64 37.04
C PRO H 261 -41.73 74.08 38.22
N ILE H 262 -41.75 75.36 38.58
CA ILE H 262 -40.97 75.79 39.74
C ILE H 262 -41.47 75.11 41.01
N PHE H 263 -42.78 75.02 41.17
CA PHE H 263 -43.38 74.47 42.38
C PHE H 263 -43.64 72.97 42.31
N LYS H 264 -44.18 72.48 41.20
CA LYS H 264 -44.84 71.19 41.17
C LYS H 264 -44.21 70.27 40.13
N GLY H 265 -42.90 70.16 40.14
CA GLY H 265 -42.27 69.15 39.31
C GLY H 265 -40.88 69.58 38.87
N GLY H 266 -40.41 68.93 37.82
CA GLY H 266 -39.11 69.18 37.27
C GLY H 266 -39.14 70.16 36.12
N LEU H 267 -38.18 70.00 35.20
CA LEU H 267 -38.04 70.94 34.09
C LEU H 267 -39.12 70.71 33.04
N GLY H 268 -39.44 71.77 32.31
CA GLY H 268 -40.40 71.70 31.23
C GLY H 268 -39.73 71.90 29.88
N MET H 269 -40.53 71.74 28.84
CA MET H 269 -40.00 71.85 27.48
C MET H 269 -39.50 73.26 27.20
N ILE H 270 -38.44 73.36 26.42
CA ILE H 270 -37.85 74.64 26.01
C ILE H 270 -37.55 74.54 24.52
N GLY H 271 -38.37 75.20 23.71
CA GLY H 271 -38.20 75.11 22.27
C GLY H 271 -38.44 73.73 21.71
N ASN H 272 -39.51 73.07 22.15
CA ASN H 272 -39.82 71.69 21.75
C ASN H 272 -38.63 70.76 22.04
N THR H 273 -38.13 70.83 23.27
CA THR H 273 -37.04 69.98 23.73
C THR H 273 -37.40 69.48 25.12
N VAL H 274 -38.04 68.32 25.18
CA VAL H 274 -38.50 67.76 26.45
C VAL H 274 -37.29 67.43 27.29
N LEU H 275 -37.08 68.18 28.37
CA LEU H 275 -35.94 67.97 29.25
C LEU H 275 -36.30 66.98 30.34
N HIS H 276 -35.45 65.99 30.55
CA HIS H 276 -35.58 65.04 31.63
C HIS H 276 -34.27 65.00 32.42
N SER H 277 -34.36 64.59 33.68
CA SER H 277 -33.18 64.46 34.52
C SER H 277 -33.14 63.05 35.11
N HIS H 278 -31.95 62.46 35.12
CA HIS H 278 -31.80 61.11 35.61
C HIS H 278 -30.40 60.95 36.19
N ARG H 279 -30.30 60.08 37.21
CA ARG H 279 -29.04 59.91 37.92
C ARG H 279 -27.92 59.47 36.99
N ASN H 280 -28.20 58.47 36.16
CA ASN H 280 -27.16 57.78 35.39
C ASN H 280 -26.81 58.60 34.15
N VAL H 281 -26.17 59.74 34.39
CA VAL H 281 -25.55 60.53 33.34
C VAL H 281 -24.07 60.67 33.69
N VAL H 282 -23.20 60.35 32.74
CA VAL H 282 -21.78 60.32 33.02
C VAL H 282 -21.34 61.69 33.51
N ARG H 283 -20.46 61.69 34.51
CA ARG H 283 -19.99 62.91 35.15
C ARG H 283 -18.48 62.82 35.29
N PHE H 284 -17.77 63.64 34.53
CA PHE H 284 -16.32 63.62 34.50
C PHE H 284 -15.75 64.44 35.66
N SER H 285 -14.44 64.33 35.84
CA SER H 285 -13.77 65.11 36.89
C SER H 285 -12.43 65.66 36.46
N ASP H 286 -12.04 65.52 35.19
CA ASP H 286 -10.75 66.00 34.73
C ASP H 286 -10.86 67.20 33.80
N TYR H 287 -12.06 67.71 33.55
CA TYR H 287 -12.22 68.91 32.75
C TYR H 287 -11.59 70.10 33.45
N GLY H 288 -11.38 71.16 32.69
CA GLY H 288 -10.86 72.41 33.23
C GLY H 288 -9.50 72.74 32.68
N ALA H 289 -9.10 73.99 32.91
CA ALA H 289 -7.79 74.44 32.45
C ALA H 289 -6.66 73.70 33.15
N GLY H 290 -6.82 73.44 34.45
CA GLY H 290 -5.82 72.69 35.19
C GLY H 290 -6.40 71.46 35.83
N SER H 291 -7.39 70.85 35.16
CA SER H 291 -8.08 69.66 35.65
C SER H 291 -8.76 69.92 37.00
N ASP H 292 -9.35 68.87 37.58
CA ASP H 292 -10.05 68.96 38.85
C ASP H 292 -11.17 70.01 38.78
N GLN H 293 -12.00 69.89 37.75
CA GLN H 293 -13.22 70.68 37.63
C GLN H 293 -14.29 69.70 37.16
N PRO H 294 -15.44 69.65 37.81
CA PRO H 294 -16.47 68.68 37.43
C PRO H 294 -17.06 69.02 36.08
N ALA H 295 -17.80 68.06 35.53
CA ALA H 295 -18.45 68.24 34.24
C ALA H 295 -19.62 67.28 34.16
N ALA H 296 -20.22 67.17 32.99
CA ALA H 296 -21.33 66.26 32.75
C ALA H 296 -21.48 66.08 31.25
N ARG H 297 -22.45 65.26 30.86
CA ARG H 297 -22.76 65.07 29.44
C ARG H 297 -24.28 64.90 29.30
N ALA H 298 -24.97 66.01 29.07
CA ALA H 298 -26.36 65.91 28.67
C ALA H 298 -26.45 65.23 27.31
N LEU H 299 -27.49 64.43 27.12
CA LEU H 299 -27.68 63.68 25.89
C LEU H 299 -28.85 64.27 25.12
N PHE H 300 -28.62 64.64 23.87
CA PHE H 300 -29.63 65.23 23.00
C PHE H 300 -30.00 64.18 21.96
N MET H 301 -31.00 63.35 22.28
CA MET H 301 -31.26 62.14 21.51
C MET H 301 -32.22 62.41 20.35
N GLY H 302 -32.05 61.65 19.28
CA GLY H 302 -32.97 61.68 18.16
C GLY H 302 -32.89 60.42 17.31
N ARG H 303 -34.03 59.77 17.11
CA ARG H 303 -34.15 58.48 16.43
C ARG H 303 -32.97 57.55 16.71
N GLN H 304 -32.39 56.95 15.67
CA GLN H 304 -31.54 55.79 15.89
C GLN H 304 -30.23 56.19 16.57
N ALA H 305 -30.31 56.52 17.86
CA ALA H 305 -29.13 56.91 18.60
C ALA H 305 -28.19 55.74 18.85
N ALA H 306 -28.74 54.58 19.20
CA ALA H 306 -27.92 53.41 19.48
C ALA H 306 -28.71 52.16 19.12
N VAL H 307 -27.97 51.07 18.91
CA VAL H 307 -28.54 49.81 18.45
C VAL H 307 -28.27 48.74 19.49
N VAL H 308 -29.27 47.90 19.74
CA VAL H 308 -29.17 46.79 20.69
C VAL H 308 -29.45 45.50 19.94
N ALA H 309 -28.55 44.53 20.09
CA ALA H 309 -28.67 43.24 19.44
C ALA H 309 -28.75 42.17 20.52
N TYR H 310 -29.96 41.86 20.96
CA TYR H 310 -30.15 40.79 21.93
C TYR H 310 -29.80 39.46 21.30
N GLY H 311 -29.05 38.64 22.01
CA GLY H 311 -28.56 37.37 21.50
C GLY H 311 -29.44 36.18 21.77
N THR H 312 -30.65 36.38 22.27
CA THR H 312 -31.55 35.27 22.56
C THR H 312 -32.96 35.61 22.06
N LYS H 313 -33.75 34.56 21.85
CA LYS H 313 -35.02 34.69 21.16
C LYS H 313 -35.98 35.59 21.93
N GLY H 314 -36.72 36.41 21.19
CA GLY H 314 -37.78 37.23 21.76
C GLY H 314 -37.32 38.24 22.79
N GLY H 315 -36.27 38.98 22.47
CA GLY H 315 -35.73 39.94 23.41
C GLY H 315 -34.82 39.26 24.42
N LEU H 316 -34.26 40.07 25.31
CA LEU H 316 -33.33 39.53 26.29
C LEU H 316 -34.06 38.59 27.24
N ARG H 317 -33.41 37.46 27.53
CA ARG H 317 -33.99 36.44 28.41
C ARG H 317 -33.00 36.15 29.52
N TYR H 318 -33.39 36.46 30.75
CA TYR H 318 -32.56 36.18 31.92
C TYR H 318 -32.74 34.71 32.27
N ASP H 319 -31.72 33.91 32.00
CA ASP H 319 -31.74 32.48 32.34
C ASP H 319 -30.94 32.27 33.62
N TRP H 320 -31.62 31.87 34.69
CA TRP H 320 -30.95 31.65 35.95
C TRP H 320 -30.39 30.23 36.00
N GLN H 321 -29.12 30.12 36.35
CA GLN H 321 -28.46 28.83 36.53
C GLN H 321 -28.17 28.63 38.00
N GLU H 322 -28.40 27.41 38.49
CA GLU H 322 -28.25 27.09 39.90
C GLU H 322 -27.20 26.01 40.07
N GLU H 323 -26.24 26.27 40.96
CA GLU H 323 -25.22 25.27 41.29
C GLU H 323 -24.87 25.42 42.76
N THR H 324 -24.49 24.31 43.39
CA THR H 324 -24.16 24.26 44.80
C THR H 324 -22.73 23.81 44.98
N LYS H 325 -22.04 24.38 45.96
CA LYS H 325 -20.66 24.02 46.25
C LYS H 325 -20.58 23.20 47.53
N ASP H 326 -19.41 22.57 47.71
CA ASP H 326 -19.00 21.99 48.98
C ASP H 326 -20.07 21.05 49.55
N TYR H 327 -20.36 20.00 48.80
CA TYR H 327 -21.23 18.91 49.24
C TYR H 327 -22.61 19.40 49.67
N GLY H 328 -23.07 20.51 49.11
CA GLY H 328 -24.39 21.02 49.42
C GLY H 328 -24.43 22.28 50.25
N ASN H 329 -23.29 22.93 50.50
CA ASN H 329 -23.32 24.24 51.10
C ASN H 329 -23.38 25.32 50.03
N GLU H 330 -23.41 26.57 50.48
CA GLU H 330 -23.32 27.77 49.65
C GLU H 330 -24.09 27.63 48.31
N PRO H 331 -25.41 27.45 48.36
CA PRO H 331 -26.17 27.47 47.10
C PRO H 331 -26.04 28.82 46.42
N THR H 332 -25.72 28.79 45.14
CA THR H 332 -25.45 30.00 44.38
C THR H 332 -26.36 30.08 43.17
N VAL H 333 -26.81 31.30 42.87
CA VAL H 333 -27.64 31.58 41.71
C VAL H 333 -26.88 32.51 40.80
N ALA H 334 -26.81 32.17 39.52
CA ALA H 334 -26.11 32.98 38.55
C ALA H 334 -26.95 33.05 37.27
N SER H 335 -27.06 34.25 36.72
CA SER H 335 -27.84 34.46 35.50
C SER H 335 -27.16 35.52 34.67
N GLY H 336 -27.64 35.67 33.43
CA GLY H 336 -27.06 36.66 32.55
C GLY H 336 -27.66 36.70 31.16
N PHE H 337 -27.77 37.90 30.62
CA PHE H 337 -28.30 38.10 29.28
C PHE H 337 -27.18 38.07 28.25
N ILE H 338 -27.58 37.94 26.98
CA ILE H 338 -26.66 37.95 25.85
C ILE H 338 -27.06 39.13 24.99
N ALA H 339 -26.30 40.21 25.06
CA ALA H 339 -26.65 41.42 24.31
C ALA H 339 -25.39 42.21 24.04
N GLY H 340 -25.52 43.19 23.15
CA GLY H 340 -24.43 44.10 22.85
C GLY H 340 -25.00 45.41 22.36
N ILE H 341 -24.36 46.50 22.75
CA ILE H 341 -24.87 47.84 22.51
C ILE H 341 -23.77 48.68 21.88
N LYS H 342 -24.13 49.46 20.87
CA LYS H 342 -23.20 50.40 20.24
C LYS H 342 -23.93 51.69 19.92
N LYS H 343 -23.19 52.79 19.98
CA LYS H 343 -23.69 54.08 19.51
C LYS H 343 -23.50 54.16 18.01
N THR H 344 -24.60 54.34 17.27
CA THR H 344 -24.55 54.35 15.82
C THR H 344 -23.54 55.37 15.32
N ARG H 345 -22.49 54.89 14.66
CA ARG H 345 -21.43 55.75 14.13
C ARG H 345 -21.25 55.42 12.65
N PHE H 346 -22.06 56.04 11.81
CA PHE H 346 -21.86 55.98 10.37
C PHE H 346 -20.72 56.89 9.99
N ASN H 347 -19.93 56.45 9.00
CA ASN H 347 -18.71 57.15 8.59
C ASN H 347 -17.87 57.31 9.87
N ASP H 348 -17.44 58.52 10.24
CA ASP H 348 -16.80 58.74 11.52
C ASP H 348 -17.57 59.75 12.36
N ARG H 349 -18.84 59.99 12.02
CA ARG H 349 -19.66 61.00 12.67
C ARG H 349 -20.93 60.34 13.18
N ASP H 350 -21.13 60.37 14.50
CA ASP H 350 -22.25 59.65 15.09
C ASP H 350 -23.58 60.23 14.64
N PHE H 351 -24.64 59.45 14.82
CA PHE H 351 -25.86 59.59 14.05
C PHE H 351 -27.05 60.14 14.81
N GLY H 352 -27.08 60.00 16.14
CA GLY H 352 -28.32 60.33 16.84
C GLY H 352 -28.25 61.28 18.01
N VAL H 353 -27.09 61.47 18.62
CA VAL H 353 -27.00 62.19 19.88
C VAL H 353 -26.01 63.33 19.77
N ILE H 354 -26.35 64.46 20.37
CA ILE H 354 -25.43 65.58 20.56
C ILE H 354 -25.10 65.63 22.04
N SER H 355 -23.82 65.55 22.37
CA SER H 355 -23.39 65.43 23.76
C SER H 355 -23.08 66.83 24.29
N ILE H 356 -24.08 67.45 24.92
CA ILE H 356 -23.85 68.70 25.62
C ILE H 356 -22.98 68.43 26.84
N ASP H 357 -21.91 69.21 27.00
CA ASP H 357 -20.80 68.83 27.88
C ASP H 357 -20.56 69.99 28.87
N THR H 358 -21.60 70.38 29.58
CA THR H 358 -21.55 71.52 30.46
C THR H 358 -20.72 71.23 31.72
N TYR H 359 -20.65 72.23 32.60
CA TYR H 359 -19.95 72.13 33.87
C TYR H 359 -20.97 72.10 35.00
N ALA H 360 -20.95 71.04 35.79
CA ALA H 360 -21.92 70.85 36.87
C ALA H 360 -21.19 70.41 38.13
N LYS H 361 -21.28 71.20 39.18
CA LYS H 361 -20.59 70.95 40.44
C LYS H 361 -21.57 70.40 41.46
N ASP H 362 -21.05 69.62 42.40
CA ASP H 362 -21.86 69.14 43.51
C ASP H 362 -22.44 70.35 44.23
N PRO H 363 -23.77 70.45 44.37
CA PRO H 363 -24.32 71.63 45.04
C PRO H 363 -23.93 71.71 46.50
N ASN H 364 -24.07 70.60 47.23
CA ASN H 364 -23.74 70.56 48.65
C ASN H 364 -22.36 69.97 48.86
N PRO H 365 -21.38 70.75 49.33
CA PRO H 365 -20.00 70.25 49.42
C PRO H 365 -19.77 69.28 50.57
N ASN H 366 -20.77 69.00 51.40
CA ASN H 366 -20.56 68.10 52.53
C ASN H 366 -20.41 66.64 52.11
N ASN H 367 -20.64 66.32 50.84
CA ASN H 367 -20.52 64.95 50.38
C ASN H 367 -19.08 64.47 50.50
N PRO H 368 -18.87 63.17 50.71
CA PRO H 368 -17.50 62.67 50.88
C PRO H 368 -16.73 62.64 49.56
N ALA H 369 -16.17 63.79 49.18
CA ALA H 369 -15.41 63.92 47.94
C ALA H 369 -16.24 63.52 46.73
N SER I 2 -7.24 22.33 26.85
CA SER I 2 -7.77 23.68 26.68
C SER I 2 -9.28 23.65 26.59
N SER I 3 -9.82 24.44 25.67
CA SER I 3 -11.24 24.47 25.37
C SER I 3 -11.43 25.27 24.09
N THR I 4 -12.36 24.84 23.25
CA THR I 4 -12.56 25.49 21.96
C THR I 4 -13.03 26.91 22.18
N VAL I 5 -12.41 27.85 21.48
CA VAL I 5 -12.87 29.23 21.40
C VAL I 5 -12.91 29.61 19.93
N ILE I 6 -14.09 29.95 19.44
CA ILE I 6 -14.20 30.41 18.06
C ILE I 6 -13.56 31.78 17.92
N ALA I 7 -13.43 32.51 19.03
CA ALA I 7 -12.72 33.78 19.08
C ALA I 7 -13.38 34.83 18.21
N PHE I 8 -12.74 35.99 18.07
CA PHE I 8 -13.26 37.08 17.27
C PHE I 8 -12.45 37.21 15.99
N GLY I 9 -13.14 37.38 14.87
CA GLY I 9 -12.48 37.52 13.59
C GLY I 9 -12.07 36.22 12.94
N ASP I 10 -12.52 35.10 13.45
CA ASP I 10 -12.22 33.80 12.86
C ASP I 10 -13.20 33.52 11.72
N PRO I 11 -12.72 33.14 10.53
CA PRO I 11 -13.63 32.95 9.38
C PRO I 11 -14.82 32.04 9.65
N LYS I 12 -14.82 31.34 10.79
CA LYS I 12 -16.00 30.61 11.21
C LYS I 12 -17.06 31.51 11.83
N ALA I 13 -16.68 32.68 12.33
CA ALA I 13 -17.62 33.54 13.03
C ALA I 13 -18.65 34.09 12.05
N GLN I 14 -19.87 33.58 12.10
CA GLN I 14 -20.93 34.02 11.22
C GLN I 14 -21.34 35.44 11.54
N LYS I 15 -21.73 36.19 10.51
CA LYS I 15 -22.25 37.53 10.65
C LYS I 15 -23.54 37.64 9.87
N LYS I 16 -24.55 38.27 10.48
CA LYS I 16 -25.85 38.44 9.85
C LYS I 16 -26.02 39.88 9.41
N TRP I 17 -26.33 40.10 8.14
CA TRP I 17 -26.58 41.42 7.62
C TRP I 17 -28.08 41.73 7.68
N SER I 18 -28.41 42.91 8.18
CA SER I 18 -29.79 43.34 8.34
C SER I 18 -30.29 43.95 7.05
N SER I 19 -31.57 43.72 6.75
CA SER I 19 -32.13 44.17 5.48
C SER I 19 -32.67 45.59 5.57
N GLU I 20 -32.99 46.08 6.76
CA GLU I 20 -33.59 47.40 6.88
C GLU I 20 -32.57 48.49 6.55
N LEU I 21 -33.02 49.48 5.78
CA LEU I 21 -32.17 50.59 5.36
C LEU I 21 -32.38 51.78 6.29
N ALA I 22 -31.29 52.35 6.76
CA ALA I 22 -31.34 53.66 7.40
C ALA I 22 -31.15 54.72 6.33
N VAL I 23 -32.04 55.69 6.28
CA VAL I 23 -32.05 56.70 5.21
C VAL I 23 -31.88 58.08 5.84
N ASP I 24 -30.94 58.85 5.31
CA ASP I 24 -30.81 60.25 5.68
C ASP I 24 -31.95 61.01 5.02
N ILE I 25 -33.00 61.31 5.80
CA ILE I 25 -34.25 61.76 5.20
C ILE I 25 -34.07 63.13 4.57
N ARG I 26 -34.91 63.41 3.58
CA ARG I 26 -34.80 64.65 2.82
C ARG I 26 -35.11 65.86 3.69
N LYS I 27 -34.35 66.93 3.47
CA LYS I 27 -34.64 68.19 4.13
C LYS I 27 -36.02 68.68 3.75
N LYS I 28 -36.81 69.08 4.75
CA LYS I 28 -38.17 69.53 4.49
C LYS I 28 -38.13 70.83 3.70
N SER I 29 -38.80 70.83 2.54
CA SER I 29 -38.78 71.98 1.67
C SER I 29 -39.68 73.08 2.20
N TYR I 30 -39.28 74.33 1.95
CA TYR I 30 -40.09 75.45 2.40
C TYR I 30 -41.07 75.88 1.32
N PHE I 31 -40.57 76.20 0.13
CA PHE I 31 -41.40 76.71 -0.96
C PHE I 31 -42.25 75.57 -1.51
N GLU I 32 -43.24 75.18 -0.73
CA GLU I 32 -44.15 74.10 -1.08
C GLU I 32 -45.28 74.66 -1.94
N SER I 33 -46.34 73.89 -2.12
CA SER I 33 -47.46 74.31 -2.96
C SER I 33 -48.19 75.54 -2.42
N ARG I 34 -47.98 75.90 -1.14
CA ARG I 34 -48.64 77.09 -0.61
C ARG I 34 -48.18 78.34 -1.34
N PHE I 35 -46.87 78.54 -1.43
CA PHE I 35 -46.33 79.79 -1.95
C PHE I 35 -46.46 79.86 -3.47
N ILE I 36 -46.16 78.77 -4.18
CA ILE I 36 -46.19 78.79 -5.64
C ILE I 36 -47.65 78.72 -6.09
N GLY I 37 -48.08 79.72 -6.87
CA GLY I 37 -49.43 79.76 -7.38
C GLY I 37 -49.47 80.41 -8.74
N THR I 38 -50.61 80.22 -9.41
CA THR I 38 -50.82 80.81 -10.72
C THR I 38 -51.43 82.20 -10.66
N SER I 39 -52.03 82.57 -9.53
CA SER I 39 -52.69 83.86 -9.39
C SER I 39 -51.66 84.96 -9.10
N GLU I 40 -52.15 86.18 -8.97
CA GLU I 40 -51.27 87.29 -8.60
C GLU I 40 -50.82 87.16 -7.15
N ASN I 41 -51.70 86.68 -6.28
CA ASN I 41 -51.43 86.62 -4.83
C ASN I 41 -50.66 85.34 -4.52
N ALA I 42 -49.37 85.36 -4.84
CA ALA I 42 -48.50 84.25 -4.53
C ALA I 42 -47.07 84.75 -4.49
N VAL I 43 -46.29 84.24 -3.53
CA VAL I 43 -44.90 84.67 -3.42
C VAL I 43 -44.10 84.26 -4.64
N ILE I 44 -44.41 83.10 -5.23
CA ILE I 44 -43.73 82.60 -6.41
C ILE I 44 -44.80 82.37 -7.46
N GLN I 45 -44.83 83.22 -8.49
CA GLN I 45 -45.81 83.08 -9.55
C GLN I 45 -45.28 82.14 -10.62
N ARG I 46 -46.19 81.37 -11.22
CA ARG I 46 -45.83 80.48 -12.32
C ARG I 46 -46.56 80.93 -13.58
N LYS I 47 -45.84 81.01 -14.68
CA LYS I 47 -46.36 81.54 -15.93
C LYS I 47 -46.57 80.41 -16.92
N THR I 48 -47.83 80.16 -17.25
CA THR I 48 -48.21 79.09 -18.15
C THR I 48 -48.23 79.54 -19.61
N GLU I 49 -47.49 80.59 -19.95
CA GLU I 49 -47.50 81.10 -21.32
C GLU I 49 -46.61 80.28 -22.24
N VAL I 50 -45.82 79.36 -21.71
CA VAL I 50 -44.93 78.52 -22.52
C VAL I 50 -45.03 77.05 -22.15
N GLU I 51 -46.04 76.66 -21.38
CA GLU I 51 -46.17 75.25 -21.03
C GLU I 51 -46.68 74.42 -22.20
N SER I 52 -47.46 75.02 -23.11
CA SER I 52 -47.98 74.31 -24.27
C SER I 52 -47.55 74.91 -25.60
N ASP I 53 -47.18 76.18 -25.64
CA ASP I 53 -46.67 76.79 -26.85
C ASP I 53 -45.18 76.49 -26.95
N ALA I 54 -44.50 77.15 -27.89
CA ALA I 54 -43.06 76.97 -28.07
C ALA I 54 -42.35 78.28 -27.82
N GLY I 55 -41.44 78.28 -26.86
CA GLY I 55 -40.63 79.45 -26.57
C GLY I 55 -39.83 79.28 -25.31
N ASP I 56 -38.56 79.67 -25.35
CA ASP I 56 -37.69 79.53 -24.19
C ASP I 56 -37.68 80.78 -23.32
N ARG I 57 -38.46 81.79 -23.64
CA ARG I 57 -38.49 83.01 -22.87
C ARG I 57 -39.93 83.42 -22.60
N VAL I 58 -40.14 84.04 -21.44
CA VAL I 58 -41.42 84.65 -21.10
C VAL I 58 -41.13 86.08 -20.68
N SER I 59 -41.87 87.02 -21.26
CA SER I 59 -41.70 88.44 -20.96
C SER I 59 -43.02 89.00 -20.48
N PHE I 60 -42.97 89.83 -19.44
CA PHE I 60 -44.15 90.39 -18.84
C PHE I 60 -43.84 91.80 -18.35
N ASP I 61 -44.89 92.59 -18.15
CA ASP I 61 -44.75 94.03 -18.02
C ASP I 61 -45.43 94.53 -16.76
N LEU I 62 -44.94 95.67 -16.26
CA LEU I 62 -45.51 96.36 -15.13
C LEU I 62 -46.05 97.71 -15.59
N SER I 63 -47.27 98.04 -15.17
CA SER I 63 -47.88 99.34 -15.43
C SER I 63 -47.64 100.22 -14.21
N VAL I 64 -46.71 101.16 -14.33
CA VAL I 64 -46.38 102.02 -13.21
C VAL I 64 -47.45 103.10 -13.07
N ARG I 65 -47.50 103.70 -11.87
CA ARG I 65 -48.52 104.69 -11.56
C ARG I 65 -48.28 105.97 -12.35
N LEU I 66 -49.18 106.94 -12.16
CA LEU I 66 -49.10 108.23 -12.81
C LEU I 66 -48.59 109.27 -11.82
N ARG I 67 -47.71 110.16 -12.30
CA ARG I 67 -47.07 111.15 -11.44
C ARG I 67 -46.88 112.42 -12.24
N GLY I 68 -47.67 113.45 -11.95
CA GLY I 68 -47.52 114.72 -12.63
C GLY I 68 -48.35 115.79 -11.97
N GLN I 69 -47.92 117.03 -12.17
CA GLN I 69 -48.64 118.17 -11.61
C GLN I 69 -49.95 118.37 -12.32
N PRO I 70 -51.09 118.31 -11.64
CA PRO I 70 -52.35 118.68 -12.29
C PRO I 70 -52.37 120.15 -12.65
N THR I 71 -53.09 120.47 -13.71
CA THR I 71 -53.20 121.86 -14.16
C THR I 71 -54.45 122.46 -13.51
N PHE I 72 -54.24 123.29 -12.49
CA PHE I 72 -55.34 123.89 -11.76
C PHE I 72 -55.88 125.12 -12.48
N GLY I 73 -57.19 125.28 -12.47
CA GLY I 73 -57.81 126.48 -12.98
C GLY I 73 -58.20 126.40 -14.44
N ASP I 74 -58.09 127.53 -15.14
CA ASP I 74 -58.44 127.62 -16.55
C ASP I 74 -57.23 127.53 -17.47
N ASP I 75 -56.06 127.19 -16.93
CA ASP I 75 -54.89 127.00 -17.77
C ASP I 75 -55.10 125.83 -18.72
N ARG I 76 -54.55 125.95 -19.92
CA ARG I 76 -54.75 124.93 -20.93
C ARG I 76 -54.04 123.64 -20.53
N VAL I 77 -54.71 122.51 -20.79
CA VAL I 77 -54.16 121.21 -20.45
C VAL I 77 -53.85 120.37 -21.69
N GLU I 78 -54.56 120.58 -22.80
CA GLU I 78 -54.29 119.81 -24.00
C GLU I 78 -52.86 120.06 -24.47
N GLY I 79 -52.13 118.98 -24.71
CA GLY I 79 -50.73 119.03 -25.07
C GLY I 79 -49.80 118.67 -23.94
N LYS I 80 -50.16 118.99 -22.70
CA LYS I 80 -49.40 118.56 -21.52
C LYS I 80 -50.11 117.35 -20.92
N GLU I 81 -49.98 116.21 -21.59
CA GLU I 81 -50.57 114.97 -21.11
C GLU I 81 -49.47 113.99 -20.76
N GLU I 82 -49.64 113.32 -19.63
CA GLU I 82 -48.60 112.47 -19.06
C GLU I 82 -48.53 111.16 -19.81
N ASN I 83 -47.31 110.65 -20.01
CA ASN I 83 -47.09 109.44 -20.79
C ASN I 83 -47.18 108.21 -19.90
N LEU I 84 -47.78 107.16 -20.46
CA LEU I 84 -47.81 105.86 -19.80
C LEU I 84 -46.44 105.22 -19.88
N LYS I 85 -45.96 104.70 -18.77
CA LYS I 85 -44.65 104.06 -18.70
C LYS I 85 -44.81 102.58 -18.37
N PHE I 86 -43.97 101.76 -18.98
CA PHE I 86 -43.98 100.32 -18.76
C PHE I 86 -42.56 99.86 -18.47
N TYR I 87 -42.46 98.74 -17.76
CA TYR I 87 -41.18 98.10 -17.48
C TYR I 87 -41.26 96.62 -17.82
N THR I 88 -40.12 96.02 -18.11
CA THR I 88 -40.11 94.68 -18.69
C THR I 88 -38.94 93.88 -18.16
N ASP I 89 -39.18 92.59 -17.91
CA ASP I 89 -38.15 91.63 -17.57
C ASP I 89 -38.49 90.31 -18.25
N GLU I 90 -37.47 89.48 -18.45
CA GLU I 90 -37.65 88.22 -19.17
C GLU I 90 -37.14 87.05 -18.33
N VAL I 91 -37.82 85.92 -18.47
CA VAL I 91 -37.49 84.68 -17.77
C VAL I 91 -37.15 83.63 -18.81
N ILE I 92 -35.95 83.06 -18.71
CA ILE I 92 -35.46 82.12 -19.69
C ILE I 92 -35.54 80.70 -19.13
N ILE I 93 -35.88 79.75 -19.99
CA ILE I 93 -36.03 78.35 -19.61
C ILE I 93 -34.81 77.57 -20.08
N ASP I 94 -34.32 76.68 -19.21
CA ASP I 94 -33.28 75.74 -19.59
C ASP I 94 -33.56 74.42 -18.89
N GLN I 95 -32.91 73.36 -19.38
CA GLN I 95 -33.17 72.02 -18.90
C GLN I 95 -32.15 71.61 -17.84
N VAL I 96 -32.64 71.11 -16.71
CA VAL I 96 -31.82 70.54 -15.66
C VAL I 96 -32.12 69.05 -15.61
N ARG I 97 -31.09 68.23 -15.77
CA ARG I 97 -31.26 66.79 -15.88
C ARG I 97 -30.09 66.11 -15.19
N HIS I 98 -30.34 64.91 -14.65
CA HIS I 98 -29.30 64.22 -13.90
C HIS I 98 -29.63 62.74 -13.86
N SER I 99 -28.62 61.93 -13.56
CA SER I 99 -28.73 60.48 -13.71
C SER I 99 -28.06 59.76 -12.54
N VAL I 100 -28.47 58.52 -12.33
CA VAL I 100 -27.88 57.65 -11.31
C VAL I 100 -27.60 56.29 -11.93
N SER I 101 -26.55 55.64 -11.46
CA SER I 101 -26.20 54.29 -11.91
C SER I 101 -26.53 53.32 -10.80
N ALA I 102 -27.65 52.61 -10.95
CA ALA I 102 -28.15 51.74 -9.89
C ALA I 102 -27.55 50.35 -10.06
N GLY I 103 -26.31 50.21 -9.60
CA GLY I 103 -25.71 48.89 -9.55
C GLY I 103 -25.23 48.38 -10.89
N GLY I 104 -24.87 47.10 -10.87
CA GLY I 104 -24.56 46.31 -12.05
C GLY I 104 -25.25 44.97 -11.93
N ARG I 105 -24.55 43.93 -12.37
CA ARG I 105 -25.02 42.57 -12.16
C ARG I 105 -24.24 41.84 -11.08
N MET I 106 -22.94 42.10 -10.97
CA MET I 106 -22.14 41.60 -9.87
C MET I 106 -21.87 42.68 -8.82
N SER I 107 -22.70 43.72 -8.79
CA SER I 107 -22.62 44.76 -7.78
C SER I 107 -23.94 44.97 -7.05
N ARG I 108 -24.93 44.24 -7.45
CA ARG I 108 -26.20 44.34 -6.80
C ARG I 108 -26.56 43.00 -6.30
N LYS I 109 -25.80 41.98 -6.62
CA LYS I 109 -25.94 40.67 -5.98
C LYS I 109 -25.12 40.56 -4.72
N ARG I 110 -24.10 41.39 -4.55
CA ARG I 110 -23.33 41.48 -3.32
C ARG I 110 -24.05 42.27 -2.26
N THR I 111 -25.34 42.53 -2.42
CA THR I 111 -26.10 43.34 -1.48
C THR I 111 -27.56 42.92 -1.56
N ALA I 112 -28.18 42.73 -0.39
CA ALA I 112 -29.59 42.39 -0.36
C ALA I 112 -30.51 43.57 -0.62
N HIS I 113 -29.99 44.80 -0.55
CA HIS I 113 -30.79 46.00 -0.77
C HIS I 113 -30.79 46.31 -2.26
N ASP I 114 -31.95 46.20 -2.90
CA ASP I 114 -32.03 46.51 -4.32
C ASP I 114 -31.66 47.97 -4.55
N LEU I 115 -30.79 48.20 -5.53
CA LEU I 115 -30.26 49.54 -5.75
C LEU I 115 -31.11 50.36 -6.71
N ARG I 116 -31.99 49.73 -7.49
CA ARG I 116 -32.82 50.48 -8.43
C ARG I 116 -33.85 51.32 -7.70
N LYS I 117 -34.57 50.72 -6.75
CA LYS I 117 -35.60 51.46 -6.01
C LYS I 117 -34.98 52.57 -5.17
N THR I 118 -33.86 52.28 -4.52
CA THR I 118 -33.17 53.33 -3.76
C THR I 118 -32.67 54.43 -4.67
N GLY I 119 -32.19 54.07 -5.86
CA GLY I 119 -31.79 55.10 -6.81
C GLY I 119 -32.93 56.01 -7.20
N ARG I 120 -34.10 55.43 -7.48
CA ARG I 120 -35.25 56.25 -7.83
C ARG I 120 -35.64 57.18 -6.68
N ASP I 121 -35.66 56.65 -5.46
CA ASP I 121 -36.02 57.48 -4.31
C ASP I 121 -35.01 58.60 -4.09
N ARG I 122 -33.72 58.29 -4.27
CA ARG I 122 -32.69 59.31 -4.08
C ARG I 122 -32.79 60.40 -5.14
N LEU I 123 -33.10 60.04 -6.38
CA LEU I 123 -33.35 61.08 -7.38
C LEU I 123 -34.55 61.94 -7.02
N GLY I 124 -35.62 61.31 -6.53
CA GLY I 124 -36.77 62.10 -6.12
C GLY I 124 -36.41 63.13 -5.08
N ASP I 125 -35.76 62.70 -4.00
CA ASP I 125 -35.44 63.66 -2.94
C ASP I 125 -34.38 64.65 -3.39
N TYR I 126 -33.46 64.22 -4.25
CA TYR I 126 -32.42 65.11 -4.74
C TYR I 126 -33.01 66.24 -5.57
N PHE I 127 -33.98 65.94 -6.43
CA PHE I 127 -34.58 67.01 -7.22
C PHE I 127 -35.47 67.91 -6.36
N TYR I 128 -36.15 67.32 -5.38
CA TYR I 128 -36.88 68.14 -4.40
C TYR I 128 -35.96 69.16 -3.74
N GLN I 129 -34.84 68.67 -3.21
CA GLN I 129 -33.88 69.54 -2.54
C GLN I 129 -33.30 70.56 -3.51
N LEU I 130 -32.99 70.14 -4.74
CA LEU I 130 -32.38 71.06 -5.70
C LEU I 130 -33.33 72.18 -6.08
N THR I 131 -34.61 71.88 -6.30
CA THR I 131 -35.53 72.94 -6.69
C THR I 131 -35.73 73.93 -5.53
N ASP I 132 -35.85 73.43 -4.29
CA ASP I 132 -35.94 74.39 -3.18
C ASP I 132 -34.69 75.23 -3.07
N GLU I 133 -33.53 74.60 -3.21
CA GLU I 133 -32.27 75.34 -3.10
C GLU I 133 -32.17 76.41 -4.16
N LEU I 134 -32.59 76.08 -5.39
CA LEU I 134 -32.53 77.03 -6.48
C LEU I 134 -33.45 78.21 -6.21
N PHE I 135 -34.64 77.95 -5.68
CA PHE I 135 -35.54 79.03 -5.29
C PHE I 135 -34.87 79.96 -4.29
N PHE I 136 -34.28 79.40 -3.25
CA PHE I 136 -33.68 80.26 -2.22
C PHE I 136 -32.44 80.99 -2.74
N MET I 137 -31.73 80.39 -3.70
CA MET I 137 -30.61 81.06 -4.32
C MET I 137 -31.06 82.30 -5.10
N TYR I 138 -32.11 82.15 -5.92
CA TYR I 138 -32.54 83.29 -6.72
C TYR I 138 -33.25 84.36 -5.89
N LEU I 139 -34.08 83.98 -4.92
CA LEU I 139 -34.74 85.01 -4.13
C LEU I 139 -33.80 85.80 -3.24
N SER I 140 -32.67 85.22 -2.83
CA SER I 140 -31.70 85.96 -2.03
C SER I 140 -30.70 86.72 -2.89
N GLY I 141 -30.57 86.38 -4.16
CA GLY I 141 -29.72 87.14 -5.05
C GLY I 141 -28.26 86.75 -5.06
N ALA I 142 -27.86 85.72 -4.32
CA ALA I 142 -26.46 85.31 -4.36
C ALA I 142 -26.31 83.91 -3.80
N ARG I 143 -25.33 83.19 -4.33
CA ARG I 143 -24.87 81.94 -3.75
C ARG I 143 -23.78 82.25 -2.73
N GLY I 144 -24.07 82.01 -1.46
CA GLY I 144 -23.13 82.38 -0.42
C GLY I 144 -22.01 81.38 -0.24
N ILE I 145 -21.60 81.18 1.00
CA ILE I 145 -20.55 80.20 1.31
C ILE I 145 -21.27 79.07 2.04
N ASN I 146 -22.54 78.88 1.68
CA ASN I 146 -23.37 77.89 2.34
C ASN I 146 -23.13 76.53 1.70
N LYS I 147 -22.69 75.56 2.51
CA LYS I 147 -22.54 74.18 2.05
C LYS I 147 -23.94 73.56 2.02
N ASP I 148 -23.99 72.23 1.90
CA ASP I 148 -25.26 71.51 1.84
C ASP I 148 -26.02 71.86 0.56
N PHE I 149 -25.39 72.63 -0.32
CA PHE I 149 -25.98 73.01 -1.60
C PHE I 149 -25.38 72.15 -2.69
N ILE I 150 -26.24 71.59 -3.54
CA ILE I 150 -25.76 70.78 -4.64
C ILE I 150 -24.89 71.60 -5.57
N LEU I 151 -25.34 72.80 -5.90
CA LEU I 151 -24.60 73.65 -6.82
C LEU I 151 -23.36 74.23 -6.12
N PRO I 152 -22.29 74.51 -6.87
CA PRO I 152 -21.01 74.84 -6.24
C PRO I 152 -21.00 76.21 -5.58
N THR I 153 -19.84 76.59 -5.03
CA THR I 153 -19.70 77.91 -4.43
C THR I 153 -19.76 79.00 -5.47
N SER I 154 -19.02 78.84 -6.57
CA SER I 154 -18.99 79.82 -7.66
C SER I 154 -20.07 79.42 -8.66
N PHE I 155 -21.22 80.07 -8.56
CA PHE I 155 -22.36 79.80 -9.42
C PHE I 155 -23.01 81.11 -9.81
N THR I 156 -23.42 81.24 -11.07
CA THR I 156 -24.07 82.46 -11.55
C THR I 156 -25.13 82.05 -12.59
N GLY I 157 -26.35 81.84 -12.11
CA GLY I 157 -27.46 81.50 -12.98
C GLY I 157 -27.30 80.15 -13.67
N TYR I 158 -28.45 79.74 -14.22
CA TYR I 158 -28.54 78.48 -14.88
C TYR I 158 -29.34 78.47 -16.14
N ALA I 159 -29.66 79.60 -16.71
CA ALA I 159 -30.32 79.73 -18.00
C ALA I 159 -30.02 81.08 -18.62
N LYS I 160 -28.82 81.62 -18.40
CA LYS I 160 -28.39 82.94 -18.84
C LYS I 160 -29.16 84.06 -18.15
N ASN I 161 -29.90 83.76 -17.09
CA ASN I 161 -30.50 84.79 -16.24
C ASN I 161 -29.74 84.84 -14.92
N PRO I 162 -28.92 85.85 -14.69
CA PRO I 162 -27.91 85.78 -13.65
C PRO I 162 -28.48 86.13 -12.27
N PHE I 163 -27.60 86.08 -11.28
CA PHE I 163 -27.92 86.57 -9.94
C PHE I 163 -27.79 88.08 -9.95
N ASN I 164 -28.80 88.76 -9.46
CA ASN I 164 -28.82 90.22 -9.42
C ASN I 164 -28.84 90.68 -7.97
N THR I 165 -27.81 91.40 -7.56
CA THR I 165 -27.72 91.88 -6.19
C THR I 165 -28.83 92.90 -5.93
N PRO I 166 -29.51 92.83 -4.79
CA PRO I 166 -30.60 93.76 -4.52
C PRO I 166 -30.10 95.19 -4.49
N ASP I 167 -30.97 96.10 -4.93
CA ASP I 167 -30.62 97.51 -4.97
C ASP I 167 -30.68 98.10 -3.56
N ALA I 168 -30.17 99.33 -3.45
CA ALA I 168 -30.06 99.96 -2.14
C ALA I 168 -31.42 100.13 -1.47
N ALA I 169 -32.50 100.15 -2.25
CA ALA I 169 -33.82 100.36 -1.69
C ALA I 169 -34.37 99.14 -0.97
N HIS I 170 -33.87 97.95 -1.27
CA HIS I 170 -34.41 96.71 -0.71
C HIS I 170 -33.37 95.93 0.08
N LEU I 171 -32.36 96.59 0.62
CA LEU I 171 -31.26 95.91 1.31
C LEU I 171 -31.09 96.55 2.68
N LEU I 172 -31.76 95.98 3.68
CA LEU I 172 -31.66 96.45 5.05
C LEU I 172 -30.54 95.71 5.77
N TYR I 173 -29.56 96.45 6.25
CA TYR I 173 -28.36 95.86 6.82
C TYR I 173 -28.47 95.55 8.30
N GLY I 174 -29.57 95.91 8.95
CA GLY I 174 -29.77 95.55 10.34
C GLY I 174 -28.87 96.30 11.31
N GLY I 175 -29.33 96.45 12.53
CA GLY I 175 -28.53 97.16 13.52
C GLY I 175 -28.36 98.61 13.13
N VAL I 176 -27.11 99.03 12.97
CA VAL I 176 -26.79 100.42 12.63
C VAL I 176 -25.94 100.53 11.38
N ALA I 177 -25.31 99.44 10.93
CA ALA I 177 -24.41 99.50 9.79
C ALA I 177 -25.14 99.95 8.54
N THR I 178 -24.47 100.75 7.73
CA THR I 178 -25.04 101.32 6.51
C THR I 178 -24.56 100.63 5.24
N SER I 179 -23.47 99.89 5.30
CA SER I 179 -22.93 99.22 4.13
C SER I 179 -22.21 97.96 4.57
N LYS I 180 -21.98 97.07 3.62
CA LYS I 180 -21.12 95.93 3.90
C LYS I 180 -19.73 96.43 4.29
N ALA I 181 -18.92 95.51 4.81
CA ALA I 181 -17.62 95.84 5.38
C ALA I 181 -17.73 96.78 6.58
N SER I 182 -18.95 96.84 7.11
CA SER I 182 -19.17 97.64 8.29
C SER I 182 -20.07 96.98 9.33
N LEU I 183 -20.38 95.71 9.17
CA LEU I 183 -21.14 94.97 10.15
C LEU I 183 -20.32 94.76 11.41
N ALA I 184 -21.01 94.74 12.55
CA ALA I 184 -20.35 94.62 13.85
C ALA I 184 -20.99 93.47 14.61
N ASN I 185 -20.41 93.15 15.77
CA ASN I 185 -20.90 92.06 16.59
C ASN I 185 -22.29 92.35 17.14
N THR I 186 -22.68 93.62 17.27
CA THR I 186 -23.98 93.99 17.79
C THR I 186 -25.02 94.22 16.71
N ASP I 187 -24.66 94.08 15.44
CA ASP I 187 -25.58 94.31 14.34
C ASP I 187 -26.25 92.98 13.94
N THR I 188 -26.81 92.33 14.95
CA THR I 188 -27.47 91.05 14.76
C THR I 188 -28.96 91.26 14.51
N MET I 189 -29.62 90.20 14.06
CA MET I 189 -31.05 90.29 13.78
C MET I 189 -31.79 90.47 15.09
N SER I 190 -32.67 91.46 15.15
CA SER I 190 -33.36 91.82 16.38
C SER I 190 -34.77 92.27 16.05
N ARG I 191 -35.54 92.59 17.09
CA ARG I 191 -36.91 93.04 16.87
C ARG I 191 -36.97 94.35 16.12
N VAL I 192 -36.04 95.27 16.38
CA VAL I 192 -36.08 96.54 15.66
C VAL I 192 -35.87 96.33 14.18
N VAL I 193 -35.18 95.26 13.79
CA VAL I 193 -34.94 95.01 12.36
C VAL I 193 -36.25 94.61 11.67
N ILE I 194 -37.05 93.77 12.31
CA ILE I 194 -38.36 93.44 11.73
C ILE I 194 -39.25 94.67 11.64
N GLU I 195 -39.20 95.52 12.66
CA GLU I 195 -40.05 96.71 12.63
C GLU I 195 -39.60 97.68 11.55
N ARG I 196 -38.29 97.86 11.37
CA ARG I 196 -37.84 98.72 10.29
C ARG I 196 -38.06 98.08 8.92
N ALA I 197 -38.09 96.75 8.84
CA ALA I 197 -38.50 96.11 7.59
C ALA I 197 -39.96 96.39 7.28
N ASN I 198 -40.82 96.37 8.30
CA ASN I 198 -42.21 96.74 8.10
C ASN I 198 -42.32 98.20 7.64
N VAL I 199 -41.57 99.08 8.28
CA VAL I 199 -41.58 100.49 7.89
C VAL I 199 -41.16 100.65 6.44
N GLN I 200 -40.08 99.97 6.05
CA GLN I 200 -39.62 100.03 4.67
C GLN I 200 -40.62 99.45 3.69
N ALA I 201 -41.24 98.32 3.99
CA ALA I 201 -42.25 97.76 3.11
C ALA I 201 -43.45 98.66 2.94
N THR I 202 -43.85 99.37 4.00
CA THR I 202 -44.94 100.31 3.86
C THR I 202 -44.52 101.60 3.15
N MET I 203 -43.25 101.99 3.27
CA MET I 203 -42.85 103.33 2.87
C MET I 203 -41.63 103.28 1.96
N MET I 204 -41.65 102.42 0.94
CA MET I 204 -40.60 102.48 -0.07
C MET I 204 -40.78 103.66 -1.01
N GLN I 205 -42.02 103.90 -1.44
CA GLN I 205 -42.26 104.96 -2.42
C GLN I 205 -41.91 106.33 -1.86
N ALA I 206 -42.29 106.60 -0.62
CA ALA I 206 -42.08 107.93 -0.05
C ALA I 206 -40.61 108.28 0.06
N GLN I 207 -39.74 107.27 0.05
CA GLN I 207 -38.30 107.54 0.06
C GLN I 207 -37.69 107.42 -1.33
N ASP I 208 -38.06 106.38 -2.07
CA ASP I 208 -37.65 106.23 -3.47
C ASP I 208 -38.89 106.21 -4.35
N PRO I 209 -39.23 107.33 -5.00
CA PRO I 209 -40.52 107.41 -5.71
C PRO I 209 -40.66 106.43 -6.85
N GLU I 210 -39.56 105.91 -7.39
CA GLU I 210 -39.60 105.10 -8.59
C GLU I 210 -39.86 103.62 -8.32
N THR I 211 -39.99 103.22 -7.07
CA THR I 211 -40.18 101.83 -6.69
C THR I 211 -41.66 101.50 -6.62
N ALA I 212 -41.98 100.23 -6.85
CA ALA I 212 -43.34 99.72 -6.70
C ALA I 212 -43.52 99.17 -5.30
N ASN I 213 -44.55 99.63 -4.60
CA ASN I 213 -44.75 99.25 -3.21
C ASN I 213 -45.15 97.78 -3.10
N MET I 214 -44.68 97.14 -2.04
CA MET I 214 -44.99 95.73 -1.81
C MET I 214 -46.43 95.56 -1.36
N VAL I 215 -46.93 94.34 -1.53
CA VAL I 215 -48.29 93.99 -1.10
C VAL I 215 -48.23 92.71 -0.29
N PRO I 216 -48.94 92.62 0.83
CA PRO I 216 -48.94 91.38 1.60
C PRO I 216 -49.52 90.22 0.80
N VAL I 217 -49.01 89.02 1.08
CA VAL I 217 -49.44 87.79 0.42
C VAL I 217 -50.32 87.00 1.37
N SER I 218 -51.29 86.29 0.81
CA SER I 218 -52.30 85.58 1.60
C SER I 218 -51.97 84.10 1.76
N VAL I 219 -50.69 83.74 1.88
CA VAL I 219 -50.32 82.34 2.10
C VAL I 219 -50.41 81.94 3.56
N GLU I 220 -50.43 82.91 4.48
CA GLU I 220 -50.59 82.62 5.91
C GLU I 220 -51.53 83.64 6.51
N GLY I 221 -52.58 83.16 7.18
CA GLY I 221 -53.54 84.07 7.78
C GLY I 221 -54.26 84.87 6.72
N GLU I 222 -54.17 86.19 6.81
CA GLU I 222 -54.77 87.08 5.83
C GLU I 222 -53.91 88.34 5.71
N ASP I 223 -53.21 88.46 4.58
CA ASP I 223 -52.48 89.68 4.23
C ASP I 223 -51.40 90.01 5.26
N ARG I 224 -50.41 89.13 5.35
CA ARG I 224 -49.25 89.34 6.20
C ARG I 224 -47.98 89.14 5.38
N TYR I 225 -46.99 89.98 5.59
CA TYR I 225 -45.69 89.75 4.99
C TYR I 225 -45.04 88.52 5.63
N VAL I 226 -44.44 87.68 4.79
CA VAL I 226 -43.79 86.47 5.24
C VAL I 226 -42.28 86.69 5.23
N CYS I 227 -41.64 86.49 6.37
CA CYS I 227 -40.21 86.74 6.53
C CYS I 227 -39.52 85.41 6.82
N VAL I 228 -38.35 85.22 6.20
CA VAL I 228 -37.63 83.95 6.24
C VAL I 228 -36.27 84.19 6.87
N MET I 229 -35.83 83.28 7.72
CA MET I 229 -34.64 83.47 8.53
C MET I 229 -33.74 82.25 8.47
N SER I 230 -32.44 82.48 8.54
CA SER I 230 -31.53 81.38 8.78
C SER I 230 -31.45 81.09 10.27
N PRO I 231 -31.54 79.84 10.70
CA PRO I 231 -31.70 79.56 12.14
C PRO I 231 -30.58 80.10 13.00
N PHE I 232 -29.46 80.56 12.42
CA PHE I 232 -28.51 81.33 13.20
C PHE I 232 -29.13 82.63 13.68
N GLN I 233 -29.83 83.34 12.79
CA GLN I 233 -30.56 84.54 13.19
C GLN I 233 -31.71 84.21 14.13
N GLU I 234 -32.36 83.06 13.93
CA GLU I 234 -33.38 82.62 14.86
C GLU I 234 -32.81 82.47 16.26
N HIS I 235 -31.64 81.84 16.37
CA HIS I 235 -30.99 81.73 17.67
C HIS I 235 -30.60 83.09 18.23
N SER I 236 -30.14 84.00 17.37
CA SER I 236 -29.76 85.33 17.83
C SER I 236 -30.96 86.05 18.44
N LEU I 237 -32.14 85.90 17.84
CA LEU I 237 -33.34 86.44 18.47
C LEU I 237 -33.70 85.71 19.75
N ARG I 238 -33.65 84.38 19.75
CA ARG I 238 -34.24 83.63 20.85
C ARG I 238 -33.35 83.61 22.08
N THR I 239 -32.07 83.92 21.96
CA THR I 239 -31.13 83.79 23.07
C THR I 239 -30.29 85.05 23.23
N SER I 240 -30.95 86.21 23.24
CA SER I 240 -30.22 87.44 23.53
C SER I 240 -31.19 88.47 24.07
N ASP I 241 -30.71 89.29 24.99
CA ASP I 241 -31.46 90.42 25.52
C ASP I 241 -30.81 91.67 24.92
N ALA I 242 -31.35 92.11 23.79
CA ALA I 242 -30.79 93.10 22.89
C ALA I 242 -31.52 92.91 21.56
N ALA I 243 -32.00 91.69 21.37
CA ALA I 243 -32.98 91.37 20.34
C ALA I 243 -34.32 91.24 21.08
N GLY I 244 -35.13 92.30 20.99
CA GLY I 244 -36.25 92.48 21.88
C GLY I 244 -37.25 91.36 21.98
N TRP I 245 -37.16 90.35 21.10
CA TRP I 245 -38.17 89.31 21.05
C TRP I 245 -38.38 88.64 22.40
N LEU I 246 -37.32 88.51 23.19
CA LEU I 246 -37.43 87.79 24.46
C LEU I 246 -38.36 88.51 25.43
N GLU I 247 -38.31 89.84 25.50
CA GLU I 247 -39.13 90.58 26.44
C GLU I 247 -40.62 90.45 26.10
N ILE I 248 -40.96 90.72 24.84
CA ILE I 248 -42.35 90.62 24.42
C ILE I 248 -42.87 89.20 24.59
N GLN I 249 -42.05 88.21 24.27
CA GLN I 249 -42.57 86.85 24.42
C GLN I 249 -42.62 86.40 25.87
N LYS I 250 -41.78 86.95 26.75
CA LYS I 250 -41.98 86.69 28.17
C LYS I 250 -43.29 87.29 28.66
N ALA I 251 -43.62 88.49 28.20
CA ALA I 251 -44.91 89.07 28.55
C ALA I 251 -46.06 88.21 28.03
N ALA I 252 -45.96 87.77 26.78
CA ALA I 252 -47.02 86.94 26.21
C ALA I 252 -47.13 85.61 26.94
N ALA I 253 -46.00 85.04 27.36
CA ALA I 253 -46.03 83.83 28.18
C ALA I 253 -46.74 84.10 29.50
N ALA I 254 -46.49 85.26 30.10
CA ALA I 254 -47.24 85.63 31.30
C ALA I 254 -48.73 85.69 31.01
N ALA I 255 -49.10 86.09 29.80
CA ALA I 255 -50.52 86.10 29.44
C ALA I 255 -51.03 84.70 29.15
N GLU I 256 -50.16 83.83 28.62
CA GLU I 256 -50.54 82.46 28.26
C GLU I 256 -49.30 81.58 28.41
N GLY I 257 -49.27 80.78 29.47
CA GLY I 257 -48.10 79.98 29.80
C GLY I 257 -48.14 78.59 29.20
N ARG I 258 -46.96 78.00 29.02
CA ARG I 258 -46.80 76.67 28.44
C ARG I 258 -47.45 76.55 27.08
N ASN I 259 -47.71 77.68 26.42
CA ASN I 259 -48.14 77.71 25.04
C ASN I 259 -47.41 78.82 24.27
N ASN I 260 -46.55 79.58 24.95
CA ASN I 260 -45.81 80.63 24.30
C ASN I 260 -44.74 80.05 23.38
N PRO I 261 -44.32 80.80 22.36
CA PRO I 261 -43.23 80.32 21.50
C PRO I 261 -41.91 80.11 22.22
N ILE I 262 -41.74 80.64 23.44
CA ILE I 262 -40.53 80.34 24.19
C ILE I 262 -40.43 78.84 24.47
N PHE I 263 -41.54 78.22 24.85
CA PHE I 263 -41.54 76.81 25.21
C PHE I 263 -41.90 75.89 24.06
N LYS I 264 -42.75 76.32 23.13
CA LYS I 264 -43.40 75.39 22.21
C LYS I 264 -43.14 75.79 20.76
N GLY I 265 -41.88 76.00 20.42
CA GLY I 265 -41.53 76.06 19.01
C GLY I 265 -40.86 77.33 18.53
N GLY I 266 -41.13 77.67 17.27
CA GLY I 266 -40.49 78.79 16.62
C GLY I 266 -41.14 80.11 16.95
N LEU I 267 -40.71 81.14 16.24
CA LEU I 267 -41.10 82.50 16.56
C LEU I 267 -42.56 82.76 16.21
N GLY I 268 -43.20 83.61 17.01
CA GLY I 268 -44.49 84.14 16.68
C GLY I 268 -44.36 85.35 15.77
N MET I 269 -45.49 86.00 15.53
CA MET I 269 -45.47 87.21 14.72
C MET I 269 -44.84 88.35 15.51
N ILE I 270 -43.94 89.08 14.86
CA ILE I 270 -43.44 90.35 15.37
C ILE I 270 -43.98 91.42 14.43
N GLY I 271 -44.76 92.34 14.96
CA GLY I 271 -45.52 93.13 14.02
C GLY I 271 -46.51 92.20 13.34
N ASN I 272 -46.97 92.62 12.17
CA ASN I 272 -47.81 91.76 11.34
C ASN I 272 -46.98 91.08 10.26
N THR I 273 -45.93 90.37 10.67
CA THR I 273 -45.07 89.64 9.74
C THR I 273 -44.78 88.26 10.31
N VAL I 274 -45.36 87.23 9.70
CA VAL I 274 -45.12 85.86 10.15
C VAL I 274 -43.65 85.53 9.95
N LEU I 275 -43.02 85.03 11.00
CA LEU I 275 -41.59 84.74 10.98
C LEU I 275 -41.38 83.23 10.87
N HIS I 276 -40.51 82.83 9.95
CA HIS I 276 -40.18 81.43 9.74
C HIS I 276 -38.66 81.27 9.73
N SER I 277 -38.22 80.02 9.79
CA SER I 277 -36.80 79.71 9.72
C SER I 277 -36.62 78.47 8.87
N HIS I 278 -35.59 78.48 8.02
CA HIS I 278 -35.29 77.35 7.17
C HIS I 278 -33.78 77.28 6.96
N ARG I 279 -33.28 76.04 6.84
CA ARG I 279 -31.83 75.86 6.82
C ARG I 279 -31.19 76.53 5.60
N ASN I 280 -31.78 76.36 4.43
CA ASN I 280 -31.14 76.77 3.19
C ASN I 280 -31.46 78.25 2.90
N VAL I 281 -31.00 79.09 3.81
CA VAL I 281 -31.00 80.53 3.61
C VAL I 281 -29.55 80.97 3.42
N VAL I 282 -29.31 81.76 2.38
CA VAL I 282 -27.94 82.11 2.00
C VAL I 282 -27.21 82.74 3.16
N ARG I 283 -25.99 82.28 3.42
CA ARG I 283 -25.13 82.82 4.45
C ARG I 283 -23.79 83.20 3.85
N PHE I 284 -23.39 84.44 4.03
CA PHE I 284 -22.13 84.94 3.50
C PHE I 284 -21.06 84.91 4.60
N SER I 285 -19.81 84.75 4.18
CA SER I 285 -18.68 84.69 5.10
C SER I 285 -17.61 85.71 4.76
N ASP I 286 -17.95 86.75 4.00
CA ASP I 286 -17.00 87.80 3.64
C ASP I 286 -17.42 89.19 4.11
N TYR I 287 -18.60 89.34 4.68
CA TYR I 287 -19.03 90.64 5.19
C TYR I 287 -18.19 91.05 6.39
N GLY I 288 -18.04 92.35 6.59
CA GLY I 288 -17.29 92.85 7.73
C GLY I 288 -16.06 93.62 7.31
N ALA I 289 -15.53 94.45 8.21
CA ALA I 289 -14.40 95.30 7.87
C ALA I 289 -13.18 94.46 7.47
N GLY I 290 -12.91 93.40 8.22
CA GLY I 290 -11.83 92.50 7.91
C GLY I 290 -12.18 91.37 6.97
N SER I 291 -13.38 91.38 6.39
CA SER I 291 -13.87 90.31 5.52
C SER I 291 -13.84 88.95 6.21
N ASP I 292 -14.19 88.93 7.50
CA ASP I 292 -14.22 87.70 8.27
C ASP I 292 -15.52 87.46 9.01
N GLN I 293 -16.31 88.49 9.26
CA GLN I 293 -17.52 88.32 10.05
C GLN I 293 -18.57 87.54 9.26
N PRO I 294 -19.08 86.43 9.79
CA PRO I 294 -20.17 85.72 9.10
C PRO I 294 -21.43 86.56 9.10
N ALA I 295 -22.27 86.31 8.10
CA ALA I 295 -23.50 87.06 7.95
C ALA I 295 -24.50 86.21 7.17
N ALA I 296 -25.74 86.65 7.15
CA ALA I 296 -26.80 85.94 6.44
C ALA I 296 -27.66 86.97 5.72
N ARG I 297 -28.66 86.48 4.99
CA ARG I 297 -29.53 87.35 4.21
C ARG I 297 -30.97 86.87 4.36
N ALA I 298 -31.66 87.38 5.37
CA ALA I 298 -33.04 87.01 5.63
C ALA I 298 -33.95 87.67 4.61
N LEU I 299 -34.90 86.91 4.07
CA LEU I 299 -35.82 87.44 3.09
C LEU I 299 -37.05 88.05 3.75
N PHE I 300 -37.71 88.93 3.03
CA PHE I 300 -38.95 89.58 3.47
C PHE I 300 -39.86 89.64 2.24
N MET I 301 -40.65 88.59 2.04
CA MET I 301 -41.31 88.38 0.77
C MET I 301 -42.75 88.87 0.79
N GLY I 302 -43.30 89.11 -0.40
CA GLY I 302 -44.66 89.54 -0.58
C GLY I 302 -45.05 89.67 -2.04
N ARG I 303 -46.25 89.20 -2.39
CA ARG I 303 -46.73 89.15 -3.76
C ARG I 303 -45.68 88.56 -4.70
N GLN I 304 -45.57 89.07 -5.92
CA GLN I 304 -44.77 88.43 -6.96
C GLN I 304 -43.29 88.66 -6.66
N ALA I 305 -42.79 87.93 -5.68
CA ALA I 305 -41.37 88.00 -5.34
C ALA I 305 -40.52 87.50 -6.50
N ALA I 306 -40.91 86.38 -7.10
CA ALA I 306 -40.20 85.83 -8.24
C ALA I 306 -41.18 84.99 -9.04
N VAL I 307 -40.86 84.76 -10.31
CA VAL I 307 -41.72 83.98 -11.17
C VAL I 307 -40.92 82.84 -11.78
N VAL I 308 -41.64 81.79 -12.15
CA VAL I 308 -41.06 80.59 -12.75
C VAL I 308 -41.86 80.23 -13.99
N ALA I 309 -41.15 79.83 -15.05
CA ALA I 309 -41.76 79.40 -16.29
C ALA I 309 -41.53 77.90 -16.40
N TYR I 310 -42.55 77.11 -16.11
CA TYR I 310 -42.36 75.66 -16.04
C TYR I 310 -42.26 75.02 -17.41
N GLY I 311 -42.95 75.54 -18.42
CA GLY I 311 -42.68 75.19 -19.81
C GLY I 311 -42.73 73.73 -20.18
N THR I 312 -43.35 72.88 -19.36
CA THR I 312 -43.52 71.48 -19.70
C THR I 312 -45.00 71.09 -19.82
N LYS I 313 -45.81 71.37 -18.81
CA LYS I 313 -47.24 71.09 -18.79
C LYS I 313 -47.73 71.66 -17.46
N GLY I 314 -49.04 71.57 -17.22
CA GLY I 314 -49.59 72.05 -15.97
C GLY I 314 -48.87 71.48 -14.77
N GLY I 315 -48.12 72.32 -14.07
CA GLY I 315 -47.33 71.90 -12.93
C GLY I 315 -45.96 71.39 -13.33
N LEU I 316 -45.15 71.14 -12.30
CA LEU I 316 -43.81 70.61 -12.49
C LEU I 316 -43.90 69.10 -12.71
N ARG I 317 -43.38 68.64 -13.84
CA ARG I 317 -43.44 67.23 -14.22
C ARG I 317 -42.03 66.75 -14.50
N TYR I 318 -41.46 66.00 -13.55
CA TYR I 318 -40.19 65.36 -13.79
C TYR I 318 -40.36 64.29 -14.86
N ASP I 319 -39.37 64.19 -15.74
CA ASP I 319 -39.44 63.26 -16.87
C ASP I 319 -38.52 62.08 -16.55
N TRP I 320 -39.08 61.07 -15.91
CA TRP I 320 -38.31 59.88 -15.58
C TRP I 320 -37.97 59.09 -16.83
N GLN I 321 -36.71 58.68 -16.95
CA GLN I 321 -36.27 57.81 -18.03
C GLN I 321 -35.34 56.75 -17.49
N GLU I 322 -35.45 55.54 -18.03
CA GLU I 322 -34.63 54.42 -17.62
C GLU I 322 -33.89 53.86 -18.83
N GLU I 323 -32.58 53.68 -18.68
CA GLU I 323 -31.76 53.18 -19.77
C GLU I 323 -30.79 52.13 -19.23
N THR I 324 -30.68 51.01 -19.94
CA THR I 324 -29.79 49.93 -19.55
C THR I 324 -28.49 50.08 -20.34
N LYS I 325 -27.38 50.19 -19.61
CA LYS I 325 -26.13 50.58 -20.26
C LYS I 325 -25.52 49.45 -21.08
N ASP I 326 -25.53 48.23 -20.53
CA ASP I 326 -24.75 47.14 -21.13
C ASP I 326 -25.48 45.82 -20.99
N TYR I 327 -26.21 45.43 -22.05
CA TYR I 327 -26.83 44.12 -22.16
C TYR I 327 -27.70 43.75 -20.95
N GLY I 328 -28.15 44.75 -20.20
CA GLY I 328 -28.87 44.53 -18.97
C GLY I 328 -28.05 44.80 -17.71
N ASN I 329 -26.72 44.87 -17.84
CA ASN I 329 -25.90 45.29 -16.72
C ASN I 329 -26.05 46.79 -16.49
N GLU I 330 -25.92 47.20 -15.24
CA GLU I 330 -25.97 48.60 -14.85
C GLU I 330 -27.23 49.30 -15.36
N PRO I 331 -28.40 49.00 -14.79
CA PRO I 331 -29.57 49.84 -15.07
C PRO I 331 -29.33 51.26 -14.60
N THR I 332 -29.85 52.21 -15.38
CA THR I 332 -29.71 53.63 -15.09
C THR I 332 -31.08 54.27 -15.02
N VAL I 333 -31.28 55.09 -13.99
CA VAL I 333 -32.48 55.91 -13.86
C VAL I 333 -32.03 57.36 -13.93
N ALA I 334 -32.58 58.10 -14.90
CA ALA I 334 -32.24 59.49 -15.10
C ALA I 334 -33.51 60.30 -15.28
N SER I 335 -33.54 61.48 -14.66
CA SER I 335 -34.72 62.33 -14.77
C SER I 335 -34.26 63.78 -14.70
N GLY I 336 -35.17 64.67 -15.10
CA GLY I 336 -34.88 66.08 -15.06
C GLY I 336 -36.10 66.91 -15.38
N PHE I 337 -36.11 68.13 -14.86
CA PHE I 337 -37.16 69.09 -15.14
C PHE I 337 -36.61 70.16 -16.08
N ILE I 338 -37.50 70.77 -16.85
CA ILE I 338 -37.15 71.86 -17.75
C ILE I 338 -37.92 73.10 -17.29
N ALA I 339 -37.29 73.92 -16.46
CA ALA I 339 -37.95 75.09 -15.91
C ALA I 339 -36.92 76.17 -15.64
N GLY I 340 -37.41 77.40 -15.55
CA GLY I 340 -36.56 78.54 -15.32
C GLY I 340 -37.11 79.43 -14.24
N ILE I 341 -36.21 80.09 -13.51
CA ILE I 341 -36.56 80.92 -12.37
C ILE I 341 -35.85 82.26 -12.51
N LYS I 342 -36.47 83.31 -11.96
CA LYS I 342 -35.86 84.63 -11.87
C LYS I 342 -36.60 85.44 -10.83
N LYS I 343 -35.86 86.22 -10.05
CA LYS I 343 -36.45 87.18 -9.13
C LYS I 343 -36.88 88.41 -9.92
N THR I 344 -38.16 88.77 -9.81
CA THR I 344 -38.69 89.84 -10.64
C THR I 344 -37.96 91.15 -10.39
N ARG I 345 -37.40 91.71 -11.44
CA ARG I 345 -36.68 92.98 -11.37
C ARG I 345 -37.22 93.90 -12.46
N PHE I 346 -38.08 94.84 -12.06
CA PHE I 346 -38.57 95.88 -12.95
C PHE I 346 -37.74 97.13 -12.76
N ASN I 347 -37.42 97.80 -13.87
CA ASN I 347 -36.42 98.87 -13.89
C ASN I 347 -35.13 98.24 -13.39
N ASP I 348 -34.48 98.79 -12.37
CA ASP I 348 -33.30 98.16 -11.77
C ASP I 348 -33.51 97.88 -10.29
N ARG I 349 -34.76 97.76 -9.85
CA ARG I 349 -35.08 97.60 -8.43
C ARG I 349 -35.97 96.38 -8.25
N ASP I 350 -35.79 95.70 -7.13
CA ASP I 350 -36.55 94.50 -6.82
C ASP I 350 -38.02 94.84 -6.62
N PHE I 351 -38.87 93.83 -6.81
CA PHE I 351 -40.32 93.99 -6.73
C PHE I 351 -40.87 92.90 -5.81
N GLY I 352 -40.87 93.14 -4.52
CA GLY I 352 -41.54 92.27 -3.57
C GLY I 352 -40.66 91.55 -2.58
N VAL I 353 -39.34 91.74 -2.61
CA VAL I 353 -38.44 91.14 -1.63
C VAL I 353 -37.57 92.21 -1.00
N ILE I 354 -37.43 92.13 0.31
CA ILE I 354 -36.52 92.99 1.06
C ILE I 354 -35.48 92.09 1.71
N SER I 355 -34.22 92.22 1.28
CA SER I 355 -33.17 91.33 1.75
C SER I 355 -32.60 91.89 3.04
N ILE I 356 -33.18 91.45 4.17
CA ILE I 356 -32.62 91.76 5.47
C ILE I 356 -31.30 91.02 5.62
N ASP I 357 -30.24 91.75 5.94
CA ASP I 357 -28.87 91.25 5.82
C ASP I 357 -28.16 91.57 7.14
N THR I 358 -28.18 90.61 8.06
CA THR I 358 -27.67 90.79 9.41
C THR I 358 -26.36 90.03 9.61
N TYR I 359 -25.93 89.97 10.87
CA TYR I 359 -24.73 89.25 11.28
C TYR I 359 -25.15 88.03 12.08
N ALA I 360 -24.85 86.84 11.56
CA ALA I 360 -25.29 85.58 12.16
C ALA I 360 -24.09 84.68 12.37
N LYS I 361 -23.57 84.67 13.58
CA LYS I 361 -22.38 83.88 13.92
C LYS I 361 -22.78 82.45 14.25
N ASP I 362 -21.86 81.52 14.00
CA ASP I 362 -22.06 80.13 14.39
C ASP I 362 -22.13 80.05 15.91
N PRO I 363 -23.31 79.75 16.48
CA PRO I 363 -23.39 79.67 17.94
C PRO I 363 -22.56 78.55 18.53
N ASN I 364 -22.17 77.57 17.73
CA ASN I 364 -21.38 76.43 18.21
C ASN I 364 -20.02 76.48 17.53
N PRO I 365 -19.00 77.06 18.16
CA PRO I 365 -17.70 77.21 17.51
C PRO I 365 -16.98 75.90 17.25
N ASN I 366 -17.52 74.76 17.71
CA ASN I 366 -16.86 73.49 17.49
C ASN I 366 -17.07 72.95 16.08
N ASN I 367 -18.02 73.51 15.33
CA ASN I 367 -18.29 73.01 13.98
C ASN I 367 -17.07 73.24 13.10
N PRO I 368 -16.66 72.25 12.29
CA PRO I 368 -15.47 72.43 11.46
C PRO I 368 -15.56 73.59 10.50
N ALA I 369 -16.75 73.84 9.94
CA ALA I 369 -16.97 74.92 8.99
C ALA I 369 -16.03 74.81 7.79
N ALA J 2 47.34 -66.61 36.58
CA ALA J 2 46.94 -67.30 37.79
C ALA J 2 45.87 -66.52 38.54
N LEU J 3 44.63 -66.61 38.07
CA LEU J 3 43.55 -65.87 38.69
C LEU J 3 43.28 -66.36 40.10
N ILE J 4 43.10 -65.43 41.03
CA ILE J 4 42.59 -65.71 42.35
C ILE J 4 41.15 -65.20 42.34
N GLN J 5 40.21 -66.07 42.00
CA GLN J 5 38.83 -65.67 41.75
C GLN J 5 38.11 -65.47 43.08
N SER J 6 37.49 -64.31 43.24
CA SER J 6 36.89 -63.94 44.50
C SER J 6 35.56 -64.66 44.71
N ASP J 7 34.86 -64.27 45.77
CA ASP J 7 33.52 -64.78 46.01
C ASP J 7 32.53 -64.14 45.05
N PHE J 8 32.67 -62.84 44.79
CA PHE J 8 31.67 -62.14 43.99
C PHE J 8 31.71 -62.57 42.53
N ALA J 9 32.88 -62.95 42.02
CA ALA J 9 32.96 -63.36 40.62
C ALA J 9 32.36 -64.73 40.40
N GLN J 10 32.61 -65.67 41.31
CA GLN J 10 32.07 -67.01 41.17
C GLN J 10 30.55 -67.06 41.26
N GLY J 11 29.92 -65.98 41.71
CA GLY J 11 28.49 -65.97 41.91
C GLY J 11 28.05 -66.36 43.30
N ILE J 12 28.97 -66.77 44.18
CA ILE J 12 28.61 -67.18 45.53
C ILE J 12 28.22 -66.00 46.42
N ARG J 13 28.25 -64.78 45.88
CA ARG J 13 27.83 -63.61 46.64
C ARG J 13 27.46 -62.52 45.64
N MET J 14 26.17 -62.25 45.52
CA MET J 14 25.65 -61.40 44.45
C MET J 14 25.88 -59.92 44.75
N THR J 15 25.91 -59.13 43.67
CA THR J 15 26.16 -57.71 43.73
C THR J 15 24.87 -56.94 43.56
N PRO J 16 24.66 -55.88 44.33
CA PRO J 16 23.38 -55.15 44.27
C PRO J 16 23.23 -54.36 42.98
N VAL J 17 21.97 -54.14 42.62
CA VAL J 17 21.61 -53.25 41.52
C VAL J 17 20.59 -52.25 42.03
N PRO J 18 20.74 -50.96 41.71
CA PRO J 18 19.71 -49.99 42.10
C PRO J 18 18.41 -50.28 41.36
N ASP J 19 17.29 -50.09 42.08
CA ASP J 19 15.99 -50.23 41.43
C ASP J 19 15.57 -49.00 40.66
N CYS J 20 16.35 -47.92 40.76
CA CYS J 20 16.07 -46.67 40.07
C CYS J 20 17.34 -46.15 39.43
N ALA J 21 17.19 -45.22 38.51
CA ALA J 21 18.34 -44.54 37.92
C ALA J 21 18.79 -43.42 38.83
N GLY J 22 20.11 -43.31 38.98
CA GLY J 22 20.67 -42.29 39.85
C GLY J 22 20.94 -42.70 41.26
N ASP J 23 20.38 -43.83 41.72
CA ASP J 23 20.69 -44.35 43.05
C ASP J 23 22.11 -44.88 43.05
N VAL J 24 22.89 -44.48 44.05
CA VAL J 24 24.27 -44.94 44.17
C VAL J 24 24.27 -46.20 45.02
N THR J 25 24.70 -47.32 44.45
CA THR J 25 24.71 -48.61 45.12
C THR J 25 26.15 -49.05 45.33
N ALA J 26 26.48 -49.41 46.57
CA ALA J 26 27.85 -49.77 46.92
C ALA J 26 27.86 -51.10 47.65
N CYS J 27 28.84 -51.94 47.32
CA CYS J 27 29.04 -53.19 48.02
C CYS J 27 30.53 -53.43 48.22
N ARG J 28 30.87 -54.17 49.26
CA ARG J 28 32.26 -54.40 49.66
C ARG J 28 32.81 -55.60 48.89
N PHE J 29 33.52 -55.33 47.80
CA PHE J 29 34.17 -56.40 47.07
C PHE J 29 35.46 -56.80 47.76
N ASP J 30 35.44 -57.87 48.55
CA ASP J 30 36.58 -58.23 49.38
C ASP J 30 36.97 -59.69 49.19
N ILE J 31 38.23 -59.99 49.50
CA ILE J 31 38.75 -61.35 49.52
C ILE J 31 39.54 -61.55 50.81
N THR J 32 39.65 -62.80 51.23
CA THR J 32 40.65 -63.23 52.21
C THR J 32 41.54 -64.23 51.48
N LEU J 33 42.52 -63.71 50.74
CA LEU J 33 43.42 -64.56 49.96
C LEU J 33 44.46 -65.16 50.88
N LYS J 34 44.70 -66.46 50.74
CA LYS J 34 45.54 -67.20 51.67
C LYS J 34 46.83 -67.71 51.05
N ASN J 35 47.02 -67.58 49.73
CA ASN J 35 48.24 -68.02 49.08
C ASN J 35 49.24 -66.89 48.87
N ALA J 36 48.92 -65.69 49.37
CA ALA J 36 49.76 -64.49 49.30
C ALA J 36 49.89 -64.00 47.86
N PRO J 37 49.94 -62.68 47.66
CA PRO J 37 50.03 -62.15 46.28
C PRO J 37 51.40 -62.41 45.67
N ALA J 38 51.41 -62.39 44.33
CA ALA J 38 52.64 -62.54 43.58
C ALA J 38 52.53 -61.71 42.30
N ALA J 39 53.62 -61.66 41.56
CA ALA J 39 53.63 -60.91 40.30
C ALA J 39 52.63 -61.51 39.32
N GLY J 40 51.84 -60.64 38.71
CA GLY J 40 50.91 -61.07 37.67
C GLY J 40 49.79 -61.97 38.13
N ASP J 41 49.25 -61.73 39.32
CA ASP J 41 48.06 -62.42 39.79
C ASP J 41 46.85 -61.52 39.54
N ILE J 42 46.01 -61.92 38.60
CA ILE J 42 44.83 -61.15 38.23
C ILE J 42 43.74 -61.49 39.24
N ILE J 43 43.58 -60.64 40.25
CA ILE J 43 42.64 -60.86 41.34
C ILE J 43 41.32 -60.23 40.96
N GLU J 44 40.32 -61.08 40.69
CA GLU J 44 39.01 -60.62 40.22
C GLU J 44 38.10 -60.40 41.42
N LEU J 45 38.08 -59.17 41.94
CA LEU J 45 37.34 -58.90 43.17
C LEU J 45 35.83 -58.94 42.95
N GLY J 46 35.32 -58.02 42.13
CA GLY J 46 33.89 -57.84 42.01
C GLY J 46 33.52 -57.43 40.60
N VAL J 47 32.22 -57.25 40.39
CA VAL J 47 31.66 -57.08 39.04
C VAL J 47 30.74 -55.87 39.01
N LEU J 48 30.88 -55.06 37.98
CA LEU J 48 29.90 -54.04 37.68
C LEU J 48 28.64 -54.74 37.21
N PRO J 49 27.49 -54.46 37.80
CA PRO J 49 26.34 -55.35 37.62
C PRO J 49 25.58 -55.15 36.32
N GLY J 50 26.18 -54.46 35.35
CA GLY J 50 25.50 -54.28 34.08
C GLY J 50 25.67 -52.90 33.50
N ASN J 51 24.56 -52.22 33.21
CA ASN J 51 24.61 -50.87 32.65
C ASN J 51 24.94 -49.86 33.74
N ALA J 52 26.09 -50.08 34.38
CA ALA J 52 26.49 -49.31 35.54
C ALA J 52 27.86 -48.69 35.31
N VAL J 53 28.01 -47.45 35.76
CA VAL J 53 29.23 -46.69 35.61
C VAL J 53 29.76 -46.38 37.01
N PRO J 54 30.98 -46.81 37.36
CA PRO J 54 31.51 -46.49 38.68
C PRO J 54 31.61 -45.00 38.88
N VAL J 55 31.29 -44.53 40.08
CA VAL J 55 31.25 -43.12 40.38
C VAL J 55 32.12 -42.74 41.58
N GLU J 56 32.55 -43.72 42.38
CA GLU J 56 33.54 -43.50 43.43
C GLU J 56 34.16 -44.82 43.84
N ALA J 57 35.48 -44.93 43.77
CA ALA J 57 36.17 -46.18 44.05
C ALA J 57 37.03 -46.02 45.29
N ILE J 58 36.95 -47.00 46.18
CA ILE J 58 37.66 -46.98 47.45
C ILE J 58 38.33 -48.33 47.67
N LEU J 59 39.62 -48.32 47.97
CA LEU J 59 40.33 -49.51 48.39
C LEU J 59 40.47 -49.54 49.90
N ASP J 60 40.54 -50.74 50.46
CA ASP J 60 40.69 -50.92 51.90
C ASP J 60 41.68 -52.03 52.19
N VAL J 61 42.81 -52.02 51.50
CA VAL J 61 43.78 -53.10 51.65
C VAL J 61 44.42 -53.03 53.04
N ASP J 62 44.87 -54.19 53.50
CA ASP J 62 45.66 -54.28 54.72
C ASP J 62 47.14 -54.10 54.37
N ASP J 63 48.00 -54.25 55.37
CA ASP J 63 49.44 -54.18 55.12
C ASP J 63 49.82 -55.44 54.35
N LEU J 64 49.80 -55.34 53.02
CA LEU J 64 49.92 -56.50 52.16
C LEU J 64 51.36 -56.79 51.77
N ASP J 65 52.30 -55.93 52.17
CA ASP J 65 53.72 -56.17 51.94
C ASP J 65 54.48 -55.66 53.15
N THR J 66 54.99 -56.57 53.97
CA THR J 66 55.72 -56.22 55.17
C THR J 66 57.21 -56.32 54.91
N GLY J 67 57.91 -55.22 55.11
CA GLY J 67 59.34 -55.17 54.87
C GLY J 67 59.78 -53.76 54.53
N GLY J 68 61.09 -53.62 54.34
CA GLY J 68 61.64 -52.32 54.02
C GLY J 68 61.50 -52.00 52.53
N ALA J 69 61.08 -50.77 52.25
CA ALA J 69 60.89 -50.28 50.90
C ALA J 69 60.08 -51.24 50.03
N PRO J 70 58.81 -51.49 50.37
CA PRO J 70 58.00 -52.39 49.56
C PRO J 70 57.79 -51.82 48.16
N THR J 71 57.73 -52.71 47.17
CA THR J 71 57.53 -52.32 45.78
C THR J 71 56.19 -52.77 45.23
N ILE J 72 55.26 -53.16 46.10
CA ILE J 72 53.98 -53.69 45.64
C ILE J 72 53.17 -52.58 44.97
N THR J 73 52.42 -52.94 43.94
CA THR J 73 51.50 -52.03 43.28
C THR J 73 50.21 -52.78 42.96
N LEU J 74 49.10 -52.04 42.96
CA LEU J 74 47.78 -52.60 42.68
C LEU J 74 47.03 -51.65 41.77
N ASP J 75 46.70 -52.09 40.56
CA ASP J 75 45.96 -51.28 39.61
C ASP J 75 44.68 -52.03 39.23
N VAL J 76 43.57 -51.65 39.86
CA VAL J 76 42.29 -52.24 39.51
C VAL J 76 41.91 -51.86 38.09
N GLY J 77 40.94 -52.57 37.54
CA GLY J 77 40.51 -52.29 36.18
C GLY J 77 39.34 -53.16 35.80
N ILE J 78 38.82 -52.91 34.61
CA ILE J 78 37.68 -53.65 34.07
C ILE J 78 38.22 -54.77 33.19
N MET J 79 37.96 -56.00 33.58
CA MET J 79 38.49 -57.15 32.87
C MET J 79 37.74 -57.35 31.54
N SER J 80 38.34 -58.16 30.67
CA SER J 80 37.84 -58.26 29.30
C SER J 80 36.65 -59.19 29.18
N GLY J 81 36.83 -60.47 29.51
CA GLY J 81 35.84 -61.48 29.24
C GLY J 81 34.67 -61.43 30.19
N PRO J 82 33.80 -62.44 30.10
CA PRO J 82 32.59 -62.45 30.94
C PRO J 82 32.94 -62.66 32.41
N VAL J 83 31.89 -62.61 33.24
CA VAL J 83 32.04 -62.83 34.66
C VAL J 83 32.17 -64.31 34.96
N GLY J 84 33.02 -64.65 35.93
CA GLY J 84 33.09 -66.00 36.45
C GLY J 84 33.56 -67.04 35.46
N LYS J 85 34.48 -66.66 34.57
CA LYS J 85 35.07 -67.59 33.61
C LYS J 85 36.55 -67.68 33.91
N ASN J 86 36.98 -68.79 34.51
CA ASN J 86 38.35 -68.95 34.96
C ASN J 86 39.25 -69.18 33.75
N ASP J 87 39.58 -68.09 33.07
CA ASP J 87 40.47 -68.11 31.93
C ASP J 87 41.72 -67.31 32.26
N PRO J 88 42.90 -67.93 32.34
CA PRO J 88 44.12 -67.15 32.58
C PRO J 88 44.43 -66.16 31.46
N ALA J 89 43.88 -66.37 30.26
CA ALA J 89 44.14 -65.46 29.16
C ALA J 89 43.44 -64.12 29.33
N ARG J 90 42.50 -64.01 30.26
CA ARG J 90 41.79 -62.76 30.47
C ARG J 90 42.76 -61.67 30.94
N THR J 91 42.54 -60.45 30.46
CA THR J 91 43.41 -59.33 30.75
C THR J 91 42.66 -58.28 31.56
N CYS J 92 43.41 -57.48 32.30
CA CYS J 92 42.87 -56.40 33.11
C CYS J 92 43.59 -55.10 32.82
N GLY J 93 42.83 -54.07 32.48
CA GLY J 93 43.40 -52.75 32.24
C GLY J 93 43.64 -51.99 33.52
N ASN J 94 44.10 -50.75 33.37
CA ASN J 94 44.40 -49.87 34.49
C ASN J 94 43.52 -48.64 34.43
N GLU J 95 42.24 -48.82 34.11
CA GLU J 95 41.34 -47.68 33.97
C GLU J 95 41.04 -47.02 35.30
N LEU J 96 40.48 -47.79 36.25
CA LEU J 96 39.96 -47.20 37.47
C LEU J 96 41.07 -46.69 38.37
N PHE J 97 42.09 -47.50 38.62
CA PHE J 97 43.27 -47.10 39.38
C PHE J 97 44.52 -47.26 38.55
N ALA J 98 45.52 -46.43 38.87
CA ALA J 98 46.80 -46.44 38.16
C ALA J 98 47.90 -46.61 39.18
N ALA J 99 48.21 -47.86 39.52
CA ALA J 99 49.35 -48.21 40.36
C ALA J 99 49.29 -47.54 41.73
N SER J 100 48.26 -47.88 42.50
CA SER J 100 48.20 -47.42 43.87
C SER J 100 49.30 -48.07 44.70
N THR J 101 49.85 -47.32 45.65
CA THR J 101 50.91 -47.81 46.52
C THR J 101 50.40 -48.13 47.93
N VAL J 102 49.08 -48.25 48.10
CA VAL J 102 48.53 -48.45 49.44
C VAL J 102 48.80 -49.85 49.95
N GLY J 103 49.09 -50.79 49.07
CA GLY J 103 49.48 -52.12 49.52
C GLY J 103 50.78 -52.13 50.31
N GLN J 104 51.60 -51.10 50.15
CA GLN J 104 52.88 -51.03 50.85
C GLN J 104 52.67 -50.95 52.36
N ALA J 105 51.71 -50.15 52.80
CA ALA J 105 51.46 -49.95 54.22
C ALA J 105 50.03 -50.28 54.64
N GLY J 106 49.06 -50.01 53.78
CA GLY J 106 47.67 -50.23 54.13
C GLY J 106 46.81 -49.02 53.85
N GLY J 107 45.91 -48.70 54.76
CA GLY J 107 45.12 -47.49 54.62
C GLY J 107 44.07 -47.61 53.53
N VAL J 108 43.54 -46.44 53.16
CA VAL J 108 42.44 -46.34 52.21
C VAL J 108 42.81 -45.30 51.17
N VAL J 109 42.59 -45.63 49.89
CA VAL J 109 42.84 -44.70 48.80
C VAL J 109 41.54 -44.49 48.03
N ARG J 110 41.31 -43.26 47.60
CA ARG J 110 40.15 -42.90 46.82
C ARG J 110 40.57 -42.65 45.38
N ALA J 111 39.61 -42.78 44.46
CA ALA J 111 39.90 -42.67 43.04
C ALA J 111 40.50 -41.32 42.72
N THR J 112 41.58 -41.33 41.94
CA THR J 112 42.26 -40.11 41.53
C THR J 112 42.51 -40.01 40.03
N ALA J 113 42.49 -41.12 39.29
CA ALA J 113 42.68 -41.05 37.86
C ALA J 113 41.48 -40.41 37.18
N SER J 114 41.75 -39.66 36.11
CA SER J 114 40.67 -39.01 35.37
C SER J 114 39.80 -39.99 34.61
N SER J 115 40.23 -41.24 34.46
CA SER J 115 39.45 -42.27 33.80
C SER J 115 38.58 -43.05 34.76
N ALA J 116 38.61 -42.71 36.05
CA ALA J 116 37.80 -43.42 37.03
C ALA J 116 36.32 -43.26 36.75
N PHE J 117 35.89 -42.04 36.43
CA PHE J 117 34.48 -41.73 36.26
C PHE J 117 34.02 -41.71 34.81
N ARG J 118 34.90 -42.03 33.88
CA ARG J 118 34.56 -42.02 32.45
C ARG J 118 34.37 -43.41 31.88
N ILE J 119 34.12 -44.41 32.73
CA ILE J 119 33.88 -45.76 32.24
C ILE J 119 32.58 -45.80 31.46
N GLN J 120 32.61 -46.41 30.29
CA GLN J 120 31.44 -46.54 29.45
C GLN J 120 30.70 -47.82 29.78
N LYS J 121 29.37 -47.75 29.82
CA LYS J 121 28.56 -48.89 30.20
C LYS J 121 28.49 -49.91 29.07
N ALA J 122 28.17 -51.14 29.44
CA ALA J 122 27.92 -52.21 28.48
C ALA J 122 26.75 -53.05 28.98
N GLU J 123 26.14 -53.80 28.07
CA GLU J 123 24.89 -54.47 28.37
C GLU J 123 25.05 -55.75 29.17
N ASP J 124 26.27 -56.28 29.30
CA ASP J 124 26.47 -57.52 30.05
C ASP J 124 27.50 -57.26 31.14
N HIS J 125 27.41 -58.04 32.21
CA HIS J 125 28.25 -57.84 33.39
C HIS J 125 29.73 -57.89 33.05
N ARG J 126 30.48 -56.90 33.52
CA ARG J 126 31.93 -56.90 33.47
C ARG J 126 32.47 -57.04 34.88
N SER J 127 33.69 -57.54 35.00
CA SER J 127 34.29 -57.85 36.28
C SER J 127 35.45 -56.91 36.56
N VAL J 128 35.50 -56.37 37.77
CA VAL J 128 36.56 -55.45 38.19
C VAL J 128 37.64 -56.27 38.87
N GLY J 129 38.87 -56.21 38.35
CA GLY J 129 39.92 -57.06 38.85
C GLY J 129 41.19 -56.34 39.27
N VAL J 130 41.81 -56.80 40.36
CA VAL J 130 43.09 -56.27 40.80
C VAL J 130 44.21 -57.08 40.17
N LYS J 131 45.20 -56.40 39.61
CA LYS J 131 46.42 -57.04 39.14
C LYS J 131 47.58 -56.49 39.96
N VAL J 132 48.34 -57.39 40.57
CA VAL J 132 49.54 -56.99 41.33
C VAL J 132 50.66 -56.92 40.30
N ALA J 133 50.82 -55.75 39.67
CA ALA J 133 51.70 -55.61 38.53
C ALA J 133 53.17 -55.69 38.91
N ALA J 134 53.52 -55.50 40.18
CA ALA J 134 54.89 -55.58 40.63
C ALA J 134 54.98 -56.59 41.77
N GLY J 135 55.79 -57.63 41.58
CA GLY J 135 55.98 -58.64 42.58
C GLY J 135 56.60 -58.08 43.84
N PRO J 136 55.83 -58.07 44.92
CA PRO J 136 56.32 -57.46 46.17
C PRO J 136 57.35 -58.34 46.86
N ALA J 137 57.89 -57.81 47.95
CA ALA J 137 58.66 -58.63 48.87
C ALA J 137 57.74 -59.68 49.49
N THR J 138 58.35 -60.57 50.28
CA THR J 138 57.59 -61.63 50.93
C THR J 138 56.36 -61.06 51.65
N GLY J 139 55.19 -61.44 51.17
CA GLY J 139 53.93 -60.86 51.61
C GLY J 139 53.18 -61.84 52.50
N ALA J 140 52.58 -61.31 53.55
CA ALA J 140 51.87 -62.16 54.51
C ALA J 140 50.68 -62.83 53.85
N ALA J 141 50.51 -64.12 54.14
CA ALA J 141 49.36 -64.86 53.66
C ALA J 141 48.16 -64.60 54.56
N GLY J 142 46.98 -64.93 54.05
CA GLY J 142 45.75 -64.67 54.79
C GLY J 142 45.46 -63.19 54.98
N LYS J 143 45.81 -62.37 54.00
CA LYS J 143 45.57 -60.93 54.06
C LYS J 143 44.40 -60.56 53.18
N THR J 144 43.65 -59.56 53.63
CA THR J 144 42.40 -59.16 53.00
C THR J 144 42.61 -57.98 52.06
N ILE J 145 41.85 -57.94 50.98
CA ILE J 145 41.83 -56.84 50.04
C ILE J 145 40.37 -56.49 49.76
N ALA J 146 40.05 -55.20 49.76
CA ALA J 146 38.67 -54.76 49.59
C ALA J 146 38.63 -53.56 48.66
N LEU J 147 37.74 -53.60 47.67
CA LEU J 147 37.49 -52.49 46.76
C LEU J 147 36.02 -52.13 46.85
N ILE J 148 35.72 -51.01 47.51
CA ILE J 148 34.34 -50.57 47.71
C ILE J 148 34.02 -49.66 46.53
N LEU J 149 33.18 -50.16 45.62
CA LEU J 149 32.77 -49.37 44.47
C LEU J 149 31.43 -48.70 44.69
N PHE J 150 31.32 -47.48 44.22
CA PHE J 150 30.05 -46.77 44.11
C PHE J 150 29.73 -46.73 42.62
N TYR J 151 28.70 -47.47 42.21
CA TYR J 151 28.29 -47.45 40.82
C TYR J 151 26.84 -47.04 40.71
N VAL J 152 26.54 -46.24 39.69
CA VAL J 152 25.20 -45.72 39.44
C VAL J 152 24.72 -46.27 38.11
N GLN J 153 23.49 -46.77 38.09
CA GLN J 153 22.94 -47.39 36.90
C GLN J 153 22.07 -46.40 36.13
N GLY J 154 21.82 -46.74 34.87
CA GLY J 154 20.94 -45.93 34.04
C GLY J 154 21.47 -44.55 33.76
N THR J 155 22.78 -44.41 33.58
CA THR J 155 23.35 -43.13 33.24
C THR J 155 22.96 -42.73 31.81
N SER J 156 23.31 -41.51 31.43
CA SER J 156 23.00 -41.02 30.10
C SER J 156 24.21 -41.09 29.17
N ALA K 2 28.33 -15.19 27.60
CA ALA K 2 29.32 -15.71 28.54
C ALA K 2 28.75 -16.89 29.32
N LEU K 3 27.59 -17.38 28.89
CA LEU K 3 26.95 -18.54 29.50
C LEU K 3 27.18 -19.76 28.62
N ILE K 4 27.68 -20.83 29.21
CA ILE K 4 27.87 -22.10 28.53
C ILE K 4 26.85 -23.06 29.11
N GLN K 5 25.72 -23.22 28.41
CA GLN K 5 24.64 -24.06 28.89
C GLN K 5 24.91 -25.50 28.49
N SER K 6 25.25 -26.33 29.46
CA SER K 6 25.45 -27.75 29.20
C SER K 6 24.11 -28.41 28.90
N ASP K 7 24.19 -29.65 28.42
CA ASP K 7 22.97 -30.38 28.08
C ASP K 7 22.10 -30.63 29.30
N PHE K 8 22.67 -30.57 30.51
CA PHE K 8 21.90 -30.85 31.71
C PHE K 8 21.10 -29.66 32.21
N ALA K 9 21.26 -28.49 31.59
CA ALA K 9 20.52 -27.30 31.99
C ALA K 9 19.45 -26.90 31.00
N GLN K 10 19.70 -27.06 29.69
CA GLN K 10 18.70 -26.73 28.69
C GLN K 10 17.50 -27.68 28.74
N GLY K 11 17.60 -28.78 29.47
CA GLY K 11 16.57 -29.79 29.48
C GLY K 11 16.79 -30.94 28.52
N ILE K 12 17.87 -30.90 27.73
CA ILE K 12 18.13 -31.99 26.79
C ILE K 12 18.37 -33.29 27.54
N ARG K 13 19.14 -33.24 28.62
CA ARG K 13 19.37 -34.39 29.48
C ARG K 13 18.86 -34.09 30.88
N MET K 14 17.95 -34.92 31.38
CA MET K 14 17.37 -34.71 32.69
C MET K 14 18.25 -35.34 33.77
N THR K 15 18.01 -34.92 35.00
CA THR K 15 18.79 -35.33 36.16
C THR K 15 17.99 -36.25 37.07
N PRO K 16 18.64 -37.21 37.69
CA PRO K 16 17.91 -38.15 38.56
C PRO K 16 17.57 -37.54 39.90
N VAL K 17 16.37 -37.81 40.39
CA VAL K 17 15.91 -37.35 41.70
C VAL K 17 15.47 -38.57 42.49
N PRO K 18 15.92 -38.75 43.73
CA PRO K 18 15.57 -39.98 44.47
C PRO K 18 14.08 -40.04 44.80
N ASP K 19 13.60 -41.28 44.92
CA ASP K 19 12.20 -41.53 45.23
C ASP K 19 12.01 -41.92 46.70
N CYS K 20 12.90 -41.45 47.56
CA CYS K 20 12.85 -41.81 48.97
C CYS K 20 13.53 -40.69 49.75
N ALA K 21 13.75 -40.92 51.04
CA ALA K 21 14.41 -39.96 51.91
C ALA K 21 15.70 -40.59 52.42
N GLY K 22 16.80 -39.86 52.32
CA GLY K 22 18.09 -40.37 52.69
C GLY K 22 18.79 -41.15 51.60
N ASP K 23 18.12 -41.43 50.48
CA ASP K 23 18.72 -42.19 49.40
C ASP K 23 19.58 -41.26 48.56
N VAL K 24 20.90 -41.44 48.63
CA VAL K 24 21.80 -40.56 47.90
C VAL K 24 21.59 -40.74 46.41
N THR K 25 21.99 -39.73 45.64
CA THR K 25 21.82 -39.74 44.20
C THR K 25 22.99 -38.98 43.58
N ALA K 26 23.51 -39.52 42.48
CA ALA K 26 24.65 -38.88 41.83
C ALA K 26 24.49 -38.99 40.33
N CYS K 27 24.89 -37.94 39.62
CA CYS K 27 24.87 -37.95 38.16
C CYS K 27 26.05 -37.13 37.67
N ARG K 28 26.72 -37.64 36.64
CA ARG K 28 27.93 -37.01 36.11
C ARG K 28 27.53 -35.84 35.22
N PHE K 29 27.48 -34.65 35.79
CA PHE K 29 27.22 -33.44 35.03
C PHE K 29 28.50 -33.07 34.27
N ASP K 30 28.42 -33.02 32.94
CA ASP K 30 29.61 -32.83 32.12
C ASP K 30 29.32 -31.89 30.96
N ILE K 31 30.39 -31.35 30.39
CA ILE K 31 30.31 -30.48 29.22
C ILE K 31 31.34 -30.96 28.22
N THR K 32 31.13 -30.59 26.96
CA THR K 32 32.16 -30.69 25.93
C THR K 32 32.39 -29.26 25.44
N LEU K 33 33.35 -28.58 26.06
CA LEU K 33 33.60 -27.16 25.77
C LEU K 33 34.07 -27.02 24.33
N LYS K 34 33.18 -26.54 23.46
CA LYS K 34 33.55 -26.33 22.07
C LYS K 34 34.63 -25.26 21.96
N ASN K 35 34.50 -24.20 22.73
CA ASN K 35 35.48 -23.12 22.75
C ASN K 35 36.53 -23.41 23.83
N ALA K 36 37.38 -22.43 24.10
CA ALA K 36 38.36 -22.57 25.18
C ALA K 36 37.97 -21.68 26.35
N PRO K 37 38.18 -22.16 27.58
CA PRO K 37 37.79 -21.36 28.76
C PRO K 37 38.53 -20.03 28.80
N ALA K 38 37.81 -18.98 29.19
CA ALA K 38 38.38 -17.65 29.34
C ALA K 38 37.73 -16.99 30.55
N ALA K 39 38.46 -16.04 31.13
CA ALA K 39 38.03 -15.43 32.39
C ALA K 39 36.64 -14.82 32.27
N GLY K 40 35.82 -15.05 33.29
CA GLY K 40 34.46 -14.56 33.32
C GLY K 40 33.40 -15.53 32.87
N ASP K 41 33.79 -16.64 32.23
CA ASP K 41 32.81 -17.61 31.77
C ASP K 41 32.14 -18.31 32.94
N ILE K 42 30.83 -18.47 32.85
CA ILE K 42 30.04 -19.14 33.88
C ILE K 42 29.45 -20.39 33.23
N ILE K 43 30.13 -21.53 33.41
CA ILE K 43 29.75 -22.77 32.75
C ILE K 43 28.63 -23.41 33.56
N GLU K 44 27.39 -23.15 33.15
CA GLU K 44 26.23 -23.81 33.74
C GLU K 44 26.25 -25.28 33.34
N LEU K 45 26.66 -26.15 34.25
CA LEU K 45 26.80 -27.56 33.92
C LEU K 45 25.71 -28.45 34.47
N GLY K 46 25.28 -28.26 35.71
CA GLY K 46 24.36 -29.20 36.31
C GLY K 46 23.30 -28.48 37.12
N VAL K 47 22.20 -29.19 37.37
CA VAL K 47 21.11 -28.67 38.15
C VAL K 47 20.92 -29.56 39.37
N LEU K 48 20.68 -28.92 40.51
CA LEU K 48 20.44 -29.61 41.76
C LEU K 48 18.95 -29.58 42.05
N PRO K 49 18.26 -30.71 42.09
CA PRO K 49 16.81 -30.68 42.19
C PRO K 49 16.34 -30.14 43.54
N GLY K 50 15.09 -29.70 43.56
CA GLY K 50 14.57 -29.06 44.75
C GLY K 50 14.48 -30.00 45.92
N ASN K 51 14.54 -29.43 47.13
CA ASN K 51 14.50 -30.16 48.38
C ASN K 51 15.68 -31.12 48.53
N ALA K 52 16.75 -30.90 47.79
CA ALA K 52 17.94 -31.71 47.88
C ALA K 52 19.11 -30.87 48.34
N VAL K 53 20.03 -31.49 49.07
CA VAL K 53 21.22 -30.80 49.56
C VAL K 53 22.45 -31.60 49.15
N PRO K 54 23.54 -30.94 48.77
CA PRO K 54 24.76 -31.68 48.44
C PRO K 54 25.29 -32.40 49.66
N VAL K 55 25.86 -33.58 49.43
CA VAL K 55 26.46 -34.37 50.50
C VAL K 55 27.92 -34.72 50.21
N GLU K 56 28.33 -34.76 48.95
CA GLU K 56 29.70 -34.99 48.58
C GLU K 56 29.81 -34.75 47.09
N ALA K 57 30.93 -34.17 46.65
CA ALA K 57 31.01 -33.70 45.28
C ALA K 57 32.45 -33.85 44.77
N ILE K 58 32.65 -34.81 43.86
CA ILE K 58 33.90 -34.88 43.11
C ILE K 58 33.79 -33.98 41.88
N LEU K 59 34.75 -33.09 41.72
CA LEU K 59 34.88 -32.27 40.53
C LEU K 59 36.03 -32.83 39.69
N ASP K 60 35.71 -33.32 38.49
CA ASP K 60 36.68 -33.98 37.63
C ASP K 60 36.76 -33.23 36.31
N VAL K 61 37.93 -32.70 36.01
CA VAL K 61 38.15 -31.94 34.78
C VAL K 61 39.36 -32.49 34.05
N ASP K 62 39.40 -32.26 32.75
CA ASP K 62 40.55 -32.63 31.94
C ASP K 62 41.66 -31.61 32.12
N ASP K 63 42.71 -31.73 31.32
CA ASP K 63 43.86 -30.82 31.39
C ASP K 63 43.48 -29.53 30.68
N LEU K 64 43.19 -28.48 31.45
CA LEU K 64 42.71 -27.24 30.89
C LEU K 64 43.83 -26.24 30.58
N ASP K 65 45.07 -26.53 30.96
CA ASP K 65 46.17 -25.63 30.63
C ASP K 65 46.95 -26.17 29.44
N THR K 66 47.83 -25.34 28.92
CA THR K 66 48.72 -25.78 27.86
C THR K 66 50.18 -25.48 28.15
N GLY K 67 50.48 -24.34 28.77
CA GLY K 67 51.83 -23.93 29.04
C GLY K 67 52.22 -24.10 30.51
N GLY K 68 53.47 -23.74 30.77
CA GLY K 68 53.98 -23.82 32.13
C GLY K 68 53.40 -22.76 33.03
N ALA K 69 53.57 -22.97 34.33
CA ALA K 69 53.03 -22.09 35.37
C ALA K 69 51.55 -21.79 35.15
N PRO K 70 50.70 -22.82 35.16
CA PRO K 70 49.27 -22.59 34.93
C PRO K 70 48.62 -21.91 36.12
N THR K 71 47.55 -21.17 35.84
CA THR K 71 46.89 -20.37 36.88
C THR K 71 45.36 -20.44 36.79
N ILE K 72 44.80 -21.37 36.02
CA ILE K 72 43.34 -21.47 35.94
C ILE K 72 42.78 -21.96 37.26
N THR K 73 41.72 -21.31 37.73
CA THR K 73 41.07 -21.68 38.98
C THR K 73 39.56 -21.76 38.74
N LEU K 74 38.94 -22.81 39.26
CA LEU K 74 37.50 -23.02 39.13
C LEU K 74 36.86 -22.95 40.50
N ASP K 75 35.73 -22.25 40.58
CA ASP K 75 34.90 -22.26 41.78
C ASP K 75 33.48 -22.66 41.41
N VAL K 76 32.86 -23.43 42.28
CA VAL K 76 31.55 -24.03 42.03
C VAL K 76 30.58 -23.50 43.08
N GLY K 77 29.40 -23.08 42.63
CA GLY K 77 28.42 -22.54 43.54
C GLY K 77 27.01 -22.83 43.07
N ILE K 78 26.05 -22.45 43.92
CA ILE K 78 24.63 -22.59 43.61
C ILE K 78 24.19 -21.32 42.90
N MET K 79 23.95 -21.41 41.59
CA MET K 79 23.63 -20.23 40.81
C MET K 79 22.20 -19.77 41.11
N SER K 80 22.02 -18.45 41.16
CA SER K 80 20.81 -17.88 41.72
C SER K 80 19.59 -18.07 40.82
N GLY K 81 19.74 -17.82 39.52
CA GLY K 81 18.61 -17.72 38.63
C GLY K 81 17.87 -19.03 38.41
N PRO K 82 16.71 -18.94 37.75
CA PRO K 82 15.98 -20.17 37.37
C PRO K 82 16.78 -20.97 36.35
N VAL K 83 16.41 -22.25 36.25
CA VAL K 83 17.16 -23.16 35.39
C VAL K 83 17.03 -22.76 33.93
N GLY K 84 18.16 -22.73 33.23
CA GLY K 84 18.17 -22.46 31.81
C GLY K 84 17.65 -21.10 31.41
N LYS K 85 18.01 -20.05 32.17
CA LYS K 85 17.52 -18.72 31.84
C LYS K 85 18.26 -18.11 30.66
N ASN K 86 19.56 -18.44 30.51
CA ASN K 86 20.41 -17.85 29.47
C ASN K 86 20.43 -16.32 29.59
N ASP K 87 20.89 -15.87 30.75
CA ASP K 87 20.97 -14.45 31.03
C ASP K 87 22.31 -14.13 31.68
N PRO K 88 23.08 -13.19 31.13
CA PRO K 88 24.39 -12.87 31.72
C PRO K 88 24.32 -12.32 33.14
N ALA K 89 23.15 -11.89 33.60
CA ALA K 89 23.02 -11.29 34.92
C ALA K 89 23.20 -12.29 36.06
N ARG K 90 23.33 -13.58 35.72
CA ARG K 90 23.46 -14.63 36.74
C ARG K 90 24.70 -14.44 37.55
N THR K 91 24.68 -14.82 38.82
CA THR K 91 25.77 -14.46 39.73
C THR K 91 26.76 -15.58 39.99
N CYS K 92 26.28 -16.81 40.17
CA CYS K 92 27.10 -17.95 40.59
C CYS K 92 27.66 -17.73 41.99
N GLY K 93 28.70 -18.47 42.33
CA GLY K 93 29.26 -18.38 43.66
C GLY K 93 30.31 -19.46 43.87
N ASN K 94 30.72 -19.62 45.13
CA ASN K 94 31.74 -20.59 45.50
C ASN K 94 31.33 -21.37 46.75
N GLU K 95 30.08 -21.79 46.81
CA GLU K 95 29.62 -22.56 47.97
C GLU K 95 30.23 -23.96 47.98
N LEU K 96 30.42 -24.56 46.81
CA LEU K 96 30.93 -25.92 46.73
C LEU K 96 32.46 -25.97 46.74
N PHE K 97 33.10 -25.25 45.82
CA PHE K 97 34.55 -25.26 45.70
C PHE K 97 35.08 -23.84 45.80
N ALA K 98 36.12 -23.65 46.61
CA ALA K 98 36.70 -22.34 46.88
C ALA K 98 37.94 -22.19 45.99
N ALA K 99 37.70 -21.81 44.73
CA ALA K 99 38.76 -21.56 43.77
C ALA K 99 39.73 -22.74 43.69
N SER K 100 39.18 -23.88 43.26
CA SER K 100 39.97 -25.10 43.19
C SER K 100 41.12 -24.95 42.20
N THR K 101 42.26 -25.51 42.56
CA THR K 101 43.44 -25.46 41.71
C THR K 101 43.46 -26.55 40.64
N VAL K 102 42.41 -27.37 40.57
CA VAL K 102 42.34 -28.37 39.51
C VAL K 102 41.99 -27.71 38.20
N GLY K 103 42.53 -28.25 37.10
CA GLY K 103 42.53 -27.62 35.81
C GLY K 103 43.92 -27.31 35.32
N GLN K 104 44.85 -27.02 36.24
CA GLN K 104 46.26 -26.97 35.90
C GLN K 104 46.79 -28.32 35.46
N ALA K 105 46.16 -29.41 35.91
CA ALA K 105 46.47 -30.75 35.45
C ALA K 105 45.22 -31.60 35.60
N GLY K 106 44.91 -32.38 34.58
CA GLY K 106 43.70 -33.19 34.59
C GLY K 106 43.67 -34.14 35.78
N GLY K 107 42.81 -33.84 36.75
CA GLY K 107 42.82 -34.60 37.97
C GLY K 107 41.45 -34.63 38.63
N VAL K 108 41.42 -35.18 39.83
CA VAL K 108 40.19 -35.40 40.58
C VAL K 108 40.32 -34.72 41.93
N VAL K 109 39.34 -33.90 42.28
CA VAL K 109 39.29 -33.22 43.56
C VAL K 109 37.94 -33.49 44.21
N ARG K 110 37.95 -33.69 45.51
CA ARG K 110 36.73 -33.86 46.28
C ARG K 110 36.44 -32.60 47.09
N ALA K 111 35.22 -32.53 47.61
CA ALA K 111 34.80 -31.34 48.34
C ALA K 111 35.58 -31.26 49.65
N THR K 112 36.60 -30.39 49.68
CA THR K 112 37.42 -30.22 50.86
C THR K 112 36.99 -29.04 51.72
N ALA K 113 35.92 -28.35 51.34
CA ALA K 113 35.44 -27.20 52.09
C ALA K 113 34.37 -27.62 53.08
N SER K 114 34.26 -26.86 54.16
CA SER K 114 33.26 -27.10 55.18
C SER K 114 31.92 -26.44 54.86
N SER K 115 31.84 -25.71 53.75
CA SER K 115 30.59 -25.09 53.33
C SER K 115 29.88 -25.87 52.24
N ALA K 116 30.60 -26.74 51.51
CA ALA K 116 29.97 -27.56 50.49
C ALA K 116 28.95 -28.52 51.11
N PHE K 117 29.27 -29.05 52.29
CA PHE K 117 28.42 -30.05 52.92
C PHE K 117 27.27 -29.43 53.70
N ARG K 118 27.31 -28.12 53.97
CA ARG K 118 26.24 -27.43 54.67
C ARG K 118 25.62 -26.40 53.71
N ILE K 119 24.63 -26.85 52.95
CA ILE K 119 23.90 -26.01 52.02
C ILE K 119 22.41 -26.15 52.30
N GLN K 120 21.72 -25.02 52.42
CA GLN K 120 20.28 -25.06 52.66
C GLN K 120 19.55 -25.53 51.41
N LYS K 121 18.27 -25.85 51.58
CA LYS K 121 17.45 -26.37 50.51
C LYS K 121 16.34 -25.39 50.16
N ALA K 122 15.96 -25.38 48.88
CA ALA K 122 14.85 -24.58 48.40
C ALA K 122 13.95 -25.43 47.52
N GLU K 123 12.65 -25.15 47.56
CA GLU K 123 11.69 -25.99 46.85
C GLU K 123 11.76 -25.83 45.35
N ASP K 124 12.67 -25.04 44.78
CA ASP K 124 12.74 -24.86 43.33
C ASP K 124 14.11 -25.30 42.84
N HIS K 125 14.16 -25.75 41.59
CA HIS K 125 15.41 -26.22 41.01
C HIS K 125 16.45 -25.11 40.98
N ARG K 126 17.69 -25.47 41.29
CA ARG K 126 18.82 -24.57 41.18
C ARG K 126 19.90 -25.20 40.32
N SER K 127 20.67 -24.37 39.63
CA SER K 127 21.68 -24.83 38.70
C SER K 127 23.05 -24.72 39.34
N VAL K 128 23.82 -25.81 39.27
CA VAL K 128 25.18 -25.87 39.78
C VAL K 128 26.13 -25.58 38.62
N GLY K 129 26.91 -24.51 38.74
CA GLY K 129 27.76 -24.12 37.63
C GLY K 129 29.14 -23.67 38.03
N VAL K 130 30.17 -24.25 37.40
CA VAL K 130 31.54 -23.82 37.65
C VAL K 130 31.77 -22.47 37.00
N LYS K 131 32.64 -21.67 37.60
CA LYS K 131 33.06 -20.40 37.03
C LYS K 131 34.58 -20.36 37.01
N VAL K 132 35.13 -19.87 35.89
CA VAL K 132 36.56 -19.68 35.80
C VAL K 132 36.93 -18.35 36.45
N ALA K 133 37.23 -18.38 37.75
CA ALA K 133 37.52 -17.16 38.48
C ALA K 133 38.75 -16.45 37.91
N ALA K 134 39.90 -17.10 37.99
CA ALA K 134 41.13 -16.57 37.41
C ALA K 134 41.29 -17.10 35.99
N GLY K 135 41.68 -16.21 35.09
CA GLY K 135 41.87 -16.57 33.70
C GLY K 135 42.93 -17.63 33.54
N PRO K 136 42.72 -18.56 32.60
CA PRO K 136 43.71 -19.61 32.37
C PRO K 136 44.98 -19.04 31.76
N ALA K 137 46.08 -19.76 31.97
CA ALA K 137 47.30 -19.42 31.28
C ALA K 137 47.12 -19.61 29.77
N THR K 138 47.93 -18.89 29.00
CA THR K 138 47.79 -18.88 27.56
C THR K 138 47.77 -20.31 27.00
N GLY K 139 46.64 -20.68 26.40
CA GLY K 139 46.50 -22.00 25.83
C GLY K 139 45.38 -22.81 26.45
N ALA K 140 44.48 -23.32 25.62
CA ALA K 140 43.40 -24.20 26.03
C ALA K 140 42.81 -24.83 24.78
N ALA K 141 41.93 -25.80 24.97
CA ALA K 141 41.32 -26.52 23.87
C ALA K 141 40.04 -27.17 24.35
N GLY K 142 39.37 -27.88 23.45
CA GLY K 142 38.13 -28.56 23.79
C GLY K 142 38.34 -29.69 24.78
N LYS K 143 37.86 -29.49 26.01
CA LYS K 143 38.03 -30.47 27.07
C LYS K 143 36.71 -30.61 27.83
N THR K 144 36.59 -31.69 28.59
CA THR K 144 35.36 -32.04 29.28
C THR K 144 35.50 -31.71 30.76
N ILE K 145 34.73 -30.73 31.22
CA ILE K 145 34.61 -30.47 32.64
C ILE K 145 33.44 -31.28 33.18
N ALA K 146 33.70 -32.04 34.25
CA ALA K 146 32.67 -32.90 34.83
C ALA K 146 32.57 -32.61 36.33
N LEU K 147 31.39 -32.86 36.88
CA LEU K 147 31.16 -32.62 38.31
C LEU K 147 30.04 -33.55 38.76
N ILE K 148 30.41 -34.64 39.43
CA ILE K 148 29.42 -35.52 40.03
C ILE K 148 29.02 -34.94 41.38
N LEU K 149 27.74 -35.05 41.72
CA LEU K 149 27.16 -34.31 42.84
C LEU K 149 26.27 -35.25 43.65
N PHE K 150 26.84 -35.84 44.71
CA PHE K 150 26.09 -36.74 45.56
C PHE K 150 25.13 -35.91 46.42
N TYR K 151 23.90 -35.74 45.95
CA TYR K 151 22.90 -35.01 46.70
C TYR K 151 21.83 -35.97 47.21
N VAL K 152 21.19 -35.58 48.31
CA VAL K 152 20.14 -36.38 48.92
C VAL K 152 18.91 -35.50 49.11
N GLN K 153 17.73 -36.07 48.91
CA GLN K 153 16.49 -35.35 49.10
C GLN K 153 15.89 -35.65 50.46
N GLY K 154 15.01 -34.75 50.90
CA GLY K 154 14.26 -34.97 52.13
C GLY K 154 15.05 -34.98 53.42
N THR K 155 15.97 -34.04 53.58
CA THR K 155 16.68 -33.88 54.84
C THR K 155 15.83 -33.06 55.80
N SER K 156 16.42 -32.60 56.89
CA SER K 156 15.70 -31.81 57.88
C SER K 156 16.64 -30.83 58.58
N ALA L 2 27.26 -34.89 80.46
CA ALA L 2 27.80 -36.21 80.12
C ALA L 2 27.25 -36.67 78.77
N LEU L 3 25.95 -36.53 78.59
CA LEU L 3 25.25 -36.97 77.40
C LEU L 3 24.78 -35.74 76.63
N ILE L 4 25.55 -35.34 75.63
CA ILE L 4 25.12 -34.28 74.70
C ILE L 4 24.39 -35.00 73.57
N GLN L 5 23.11 -35.28 73.80
CA GLN L 5 22.32 -36.01 72.84
C GLN L 5 21.81 -35.08 71.74
N SER L 6 21.84 -35.58 70.51
CA SER L 6 21.26 -34.85 69.39
C SER L 6 19.76 -35.11 69.33
N ASP L 7 19.11 -34.53 68.33
CA ASP L 7 17.71 -34.85 68.09
C ASP L 7 17.57 -36.25 67.52
N PHE L 8 18.59 -36.74 66.82
CA PHE L 8 18.55 -38.09 66.26
C PHE L 8 18.55 -39.15 67.36
N ALA L 9 19.35 -38.94 68.40
CA ALA L 9 19.44 -39.93 69.48
C ALA L 9 18.14 -40.00 70.26
N GLN L 10 17.47 -38.86 70.48
CA GLN L 10 16.27 -38.83 71.30
C GLN L 10 15.03 -39.32 70.57
N GLY L 11 15.11 -39.55 69.27
CA GLY L 11 13.95 -39.93 68.49
C GLY L 11 13.18 -38.78 67.89
N ILE L 12 13.62 -37.53 68.11
CA ILE L 12 12.93 -36.38 67.53
C ILE L 12 13.14 -36.34 66.02
N ARG L 13 14.38 -36.57 65.57
CA ARG L 13 14.70 -36.62 64.15
C ARG L 13 14.97 -38.07 63.77
N MET L 14 14.24 -38.57 62.79
CA MET L 14 14.34 -39.97 62.38
C MET L 14 15.45 -40.13 61.36
N THR L 15 16.24 -41.19 61.53
CA THR L 15 17.33 -41.49 60.60
C THR L 15 16.81 -42.34 59.46
N PRO L 16 17.10 -41.97 58.22
CA PRO L 16 16.58 -42.73 57.08
C PRO L 16 17.10 -44.16 57.08
N VAL L 17 16.25 -45.08 56.62
CA VAL L 17 16.65 -46.47 56.46
C VAL L 17 16.46 -46.83 54.99
N PRO L 18 17.41 -47.53 54.37
CA PRO L 18 17.23 -47.90 52.96
C PRO L 18 16.03 -48.83 52.79
N ASP L 19 15.40 -48.75 51.63
CA ASP L 19 14.35 -49.68 51.25
C ASP L 19 14.84 -50.72 50.25
N CYS L 20 16.14 -50.80 50.03
CA CYS L 20 16.72 -51.77 49.11
C CYS L 20 18.06 -52.23 49.64
N ALA L 21 18.44 -53.45 49.25
CA ALA L 21 19.76 -53.95 49.62
C ALA L 21 20.84 -53.24 48.83
N GLY L 22 21.97 -53.03 49.48
CA GLY L 22 23.12 -52.44 48.80
C GLY L 22 22.88 -51.05 48.27
N ASP L 23 22.07 -50.25 48.96
CA ASP L 23 21.77 -48.88 48.54
C ASP L 23 22.34 -47.92 49.57
N VAL L 24 23.17 -46.98 49.11
CA VAL L 24 23.81 -46.04 50.01
C VAL L 24 22.80 -45.05 50.54
N THR L 25 22.76 -44.87 51.86
CA THR L 25 21.84 -43.95 52.51
C THR L 25 22.62 -43.05 53.45
N ALA L 26 22.48 -41.74 53.29
CA ALA L 26 23.25 -40.78 54.07
C ALA L 26 22.32 -39.75 54.70
N CYS L 27 22.61 -39.40 55.94
CA CYS L 27 21.97 -38.29 56.61
C CYS L 27 23.01 -37.50 57.38
N ARG L 28 22.80 -36.19 57.47
CA ARG L 28 23.72 -35.32 58.20
C ARG L 28 23.36 -35.37 59.67
N PHE L 29 24.14 -36.11 60.45
CA PHE L 29 23.96 -36.17 61.90
C PHE L 29 24.59 -34.91 62.48
N ASP L 30 23.76 -33.93 62.83
CA ASP L 30 24.23 -32.62 63.25
C ASP L 30 23.93 -32.38 64.72
N ILE L 31 24.92 -31.85 65.42
CA ILE L 31 24.77 -31.44 66.82
C ILE L 31 25.18 -29.98 66.95
N THR L 32 24.36 -29.21 67.66
CA THR L 32 24.67 -27.83 68.01
C THR L 32 24.81 -27.80 69.53
N LEU L 33 26.03 -28.06 70.00
CA LEU L 33 26.27 -28.24 71.43
C LEU L 33 26.50 -26.90 72.10
N LYS L 34 25.77 -26.66 73.19
CA LYS L 34 25.94 -25.46 73.99
C LYS L 34 27.11 -25.66 74.95
N ASN L 35 27.43 -24.59 75.69
CA ASN L 35 28.59 -24.57 76.59
C ASN L 35 29.83 -24.80 75.74
N ALA L 36 30.59 -25.86 75.94
CA ALA L 36 31.77 -26.12 75.14
C ALA L 36 32.04 -27.61 75.15
N PRO L 37 32.80 -28.11 74.18
CA PRO L 37 33.28 -29.49 74.27
C PRO L 37 34.08 -29.71 75.54
N ALA L 38 33.90 -30.86 76.15
CA ALA L 38 34.60 -31.19 77.38
C ALA L 38 35.18 -32.60 77.29
N ALA L 39 36.34 -32.79 77.91
CA ALA L 39 37.00 -34.08 77.87
C ALA L 39 36.16 -35.15 78.55
N GLY L 40 36.13 -36.34 77.96
CA GLY L 40 35.39 -37.45 78.54
C GLY L 40 33.89 -37.24 78.59
N ASP L 41 33.31 -36.68 77.52
CA ASP L 41 31.89 -36.43 77.44
C ASP L 41 31.34 -37.03 76.15
N ILE L 42 30.13 -37.56 76.24
CA ILE L 42 29.50 -38.30 75.15
C ILE L 42 28.77 -37.32 74.25
N ILE L 43 29.00 -37.41 72.95
CA ILE L 43 28.23 -36.68 71.95
C ILE L 43 27.62 -37.73 71.04
N GLU L 44 26.38 -38.11 71.29
CA GLU L 44 25.69 -39.12 70.49
C GLU L 44 25.11 -38.44 69.27
N LEU L 45 25.92 -38.33 68.21
CA LEU L 45 25.51 -37.58 67.03
C LEU L 45 24.30 -38.20 66.35
N GLY L 46 24.30 -39.51 66.18
CA GLY L 46 23.23 -40.16 65.47
C GLY L 46 23.16 -41.63 65.79
N VAL L 47 22.39 -42.36 64.99
CA VAL L 47 22.21 -43.80 65.16
C VAL L 47 22.52 -44.50 63.85
N LEU L 48 23.14 -45.68 63.95
CA LEU L 48 23.40 -46.56 62.82
C LEU L 48 22.25 -47.55 62.72
N PRO L 49 21.25 -47.29 61.89
CA PRO L 49 19.99 -48.01 62.01
C PRO L 49 20.02 -49.40 61.42
N GLY L 50 19.28 -50.29 62.06
CA GLY L 50 19.10 -51.65 61.55
C GLY L 50 20.42 -52.36 61.38
N ASN L 51 20.52 -53.12 60.29
CA ASN L 51 21.74 -53.86 59.97
C ASN L 51 22.53 -53.03 58.96
N ALA L 52 23.22 -52.01 59.47
CA ALA L 52 23.88 -51.04 58.61
C ALA L 52 25.40 -51.13 58.77
N VAL L 53 26.08 -50.96 57.65
CA VAL L 53 27.54 -50.98 57.60
C VAL L 53 28.00 -49.67 56.99
N PRO L 54 28.71 -48.81 57.72
CA PRO L 54 29.08 -47.51 57.16
C PRO L 54 30.09 -47.64 56.03
N VAL L 55 29.62 -47.39 54.80
CA VAL L 55 30.50 -47.50 53.64
C VAL L 55 31.50 -46.36 53.61
N GLU L 56 31.05 -45.14 53.88
CA GLU L 56 31.93 -43.98 53.86
C GLU L 56 31.46 -43.01 54.93
N ALA L 57 32.40 -42.34 55.59
CA ALA L 57 32.08 -41.38 56.62
C ALA L 57 32.80 -40.07 56.33
N ILE L 58 32.08 -38.96 56.51
CA ILE L 58 32.64 -37.62 56.37
C ILE L 58 32.33 -36.85 57.64
N LEU L 59 33.36 -36.41 58.33
CA LEU L 59 33.22 -35.67 59.58
C LEU L 59 33.64 -34.23 59.31
N ASP L 60 32.66 -33.34 59.23
CA ASP L 60 32.91 -31.91 59.03
C ASP L 60 32.67 -31.16 60.34
N VAL L 61 33.64 -30.33 60.71
CA VAL L 61 33.55 -29.49 61.89
C VAL L 61 34.15 -28.13 61.53
N ASP L 62 33.53 -27.08 62.03
CA ASP L 62 34.05 -25.73 61.84
C ASP L 62 35.34 -25.55 62.63
N ASP L 63 35.89 -24.34 62.61
CA ASP L 63 37.13 -24.06 63.31
C ASP L 63 36.88 -24.11 64.81
N LEU L 64 37.28 -25.21 65.43
CA LEU L 64 37.18 -25.38 66.87
C LEU L 64 38.47 -25.00 67.58
N ASP L 65 39.46 -24.50 66.83
CA ASP L 65 40.76 -24.11 67.39
C ASP L 65 40.65 -22.69 67.93
N THR L 66 39.94 -22.56 69.05
CA THR L 66 39.81 -21.25 69.68
C THR L 66 41.15 -20.72 70.16
N GLY L 67 42.08 -21.61 70.50
CA GLY L 67 43.43 -21.21 70.83
C GLY L 67 44.43 -21.68 69.79
N GLY L 68 45.72 -21.45 70.04
CA GLY L 68 46.75 -21.84 69.10
C GLY L 68 47.15 -23.30 69.20
N ALA L 69 46.86 -24.07 68.16
CA ALA L 69 47.12 -25.51 68.11
C ALA L 69 46.59 -26.22 69.35
N PRO L 70 45.28 -26.22 69.57
CA PRO L 70 44.72 -26.84 70.79
C PRO L 70 44.86 -28.35 70.76
N THR L 71 44.78 -28.93 71.95
CA THR L 71 44.80 -30.38 72.10
C THR L 71 43.46 -31.03 71.76
N ILE L 72 42.54 -30.29 71.13
CA ILE L 72 41.26 -30.87 70.74
C ILE L 72 41.49 -31.91 69.65
N THR L 73 40.80 -33.03 69.77
CA THR L 73 40.87 -34.10 68.77
C THR L 73 39.66 -35.00 68.96
N LEU L 74 38.91 -35.20 67.88
CA LEU L 74 37.68 -35.98 67.94
C LEU L 74 37.98 -37.46 67.71
N ASP L 75 37.22 -38.31 68.40
CA ASP L 75 37.22 -39.74 68.15
C ASP L 75 35.77 -40.20 68.07
N VAL L 76 35.44 -40.90 66.98
CA VAL L 76 34.06 -41.30 66.70
C VAL L 76 34.00 -42.82 66.59
N GLY L 77 32.91 -43.38 67.09
CA GLY L 77 32.70 -44.82 67.06
C GLY L 77 31.30 -45.14 67.48
N ILE L 78 31.04 -46.43 67.67
CA ILE L 78 29.72 -46.90 68.02
C ILE L 78 29.59 -47.01 69.53
N MET L 79 28.48 -46.48 70.07
CA MET L 79 28.20 -46.60 71.49
C MET L 79 27.85 -48.04 71.84
N SER L 80 28.19 -48.43 73.06
CA SER L 80 27.95 -49.79 73.52
C SER L 80 26.59 -49.97 74.18
N GLY L 81 25.83 -48.89 74.39
CA GLY L 81 24.55 -48.99 75.02
C GLY L 81 23.42 -49.10 74.02
N PRO L 82 22.18 -49.13 74.51
CA PRO L 82 21.02 -49.14 73.59
C PRO L 82 20.85 -47.80 72.89
N VAL L 83 19.80 -47.67 72.09
CA VAL L 83 19.57 -46.43 71.36
C VAL L 83 19.23 -45.32 72.35
N GLY L 84 19.92 -44.19 72.22
CA GLY L 84 19.66 -43.06 73.09
C GLY L 84 20.00 -43.39 74.54
N LYS L 85 18.97 -43.42 75.38
CA LYS L 85 19.06 -43.74 76.80
C LYS L 85 19.82 -42.65 77.57
N ASN L 86 19.60 -42.57 78.87
CA ASN L 86 20.23 -41.56 79.73
C ASN L 86 21.05 -42.27 80.79
N ASP L 87 22.32 -42.55 80.46
CA ASP L 87 23.28 -43.07 81.41
C ASP L 87 24.67 -42.84 80.86
N PRO L 88 25.64 -42.43 81.68
CA PRO L 88 27.02 -42.27 81.20
C PRO L 88 27.79 -43.58 81.06
N ALA L 89 27.12 -44.73 81.13
CA ALA L 89 27.79 -46.03 81.02
C ALA L 89 27.80 -46.44 79.55
N ARG L 90 28.70 -45.82 78.79
CA ARG L 90 28.89 -46.12 77.39
C ARG L 90 30.22 -45.55 76.93
N THR L 91 30.84 -46.21 75.96
CA THR L 91 32.17 -45.83 75.51
C THR L 91 32.22 -45.86 73.98
N CYS L 92 33.23 -45.17 73.45
CA CYS L 92 33.48 -45.11 72.03
C CYS L 92 34.65 -46.00 71.64
N GLY L 93 34.53 -46.64 70.48
CA GLY L 93 35.61 -47.40 69.89
C GLY L 93 36.20 -46.63 68.72
N ASN L 94 37.51 -46.77 68.54
CA ASN L 94 38.22 -46.06 67.48
C ASN L 94 38.02 -46.84 66.18
N GLU L 95 36.83 -46.70 65.59
CA GLU L 95 36.50 -47.43 64.38
C GLU L 95 36.43 -46.52 63.15
N LEU L 96 35.59 -45.49 63.19
CA LEU L 96 35.46 -44.63 62.02
C LEU L 96 36.62 -43.66 61.90
N PHE L 97 36.83 -42.84 62.92
CA PHE L 97 37.98 -41.92 62.97
C PHE L 97 38.72 -42.15 64.28
N ALA L 98 40.01 -42.44 64.17
CA ALA L 98 40.89 -42.55 65.33
C ALA L 98 41.92 -41.44 65.25
N ALA L 99 41.97 -40.59 66.27
CA ALA L 99 42.81 -39.39 66.27
C ALA L 99 42.52 -38.54 65.02
N SER L 100 41.29 -38.02 64.99
CA SER L 100 40.80 -37.32 63.81
C SER L 100 41.65 -36.11 63.43
N THR L 101 42.41 -35.57 64.38
CA THR L 101 43.29 -34.41 64.20
C THR L 101 42.66 -33.32 63.33
N VAL L 102 41.35 -33.12 63.49
CA VAL L 102 40.63 -32.07 62.80
C VAL L 102 40.25 -31.01 63.82
N GLY L 103 40.34 -29.75 63.42
CA GLY L 103 40.09 -28.65 64.33
C GLY L 103 41.10 -27.54 64.16
N GLN L 104 42.34 -27.90 63.81
CA GLN L 104 43.33 -26.87 63.51
C GLN L 104 42.89 -26.02 62.32
N ALA L 105 42.35 -26.67 61.29
CA ALA L 105 41.60 -26.01 60.24
C ALA L 105 40.22 -26.65 60.21
N GLY L 106 39.20 -25.86 59.86
CA GLY L 106 37.85 -26.37 59.85
C GLY L 106 37.72 -27.61 58.99
N GLY L 107 37.78 -27.43 57.68
CA GLY L 107 37.96 -28.51 56.74
C GLY L 107 36.98 -29.67 56.84
N VAL L 108 37.26 -30.74 56.11
CA VAL L 108 36.55 -32.00 56.22
C VAL L 108 37.58 -33.12 56.19
N VAL L 109 37.30 -34.20 56.89
CA VAL L 109 38.17 -35.36 56.93
C VAL L 109 37.41 -36.55 56.36
N ARG L 110 38.03 -37.24 55.41
CA ARG L 110 37.44 -38.46 54.86
C ARG L 110 37.78 -39.65 55.76
N ALA L 111 36.93 -40.67 55.70
CA ALA L 111 37.13 -41.87 56.51
C ALA L 111 38.29 -42.64 55.93
N THR L 112 39.50 -42.18 56.26
CA THR L 112 40.72 -42.79 55.78
C THR L 112 41.25 -43.85 56.73
N ALA L 113 40.54 -44.13 57.82
CA ALA L 113 40.92 -45.20 58.73
C ALA L 113 40.54 -46.54 58.13
N SER L 114 41.46 -47.51 58.21
CA SER L 114 41.19 -48.82 57.63
C SER L 114 40.02 -49.51 58.30
N SER L 115 39.90 -49.37 59.62
CA SER L 115 38.84 -50.03 60.36
C SER L 115 37.47 -49.41 60.12
N ALA L 116 37.40 -48.28 59.43
CA ALA L 116 36.11 -47.60 59.26
C ALA L 116 35.15 -48.39 58.40
N PHE L 117 35.67 -49.19 57.48
CA PHE L 117 34.84 -49.91 56.51
C PHE L 117 34.61 -51.36 56.87
N ARG L 118 35.10 -51.82 58.02
CA ARG L 118 34.99 -53.20 58.44
C ARG L 118 34.00 -53.40 59.58
N ILE L 119 33.17 -52.39 59.87
CA ILE L 119 32.19 -52.52 60.94
C ILE L 119 31.19 -53.62 60.60
N GLN L 120 30.90 -54.47 61.58
CA GLN L 120 29.99 -55.59 61.39
C GLN L 120 28.60 -55.22 61.90
N LYS L 121 27.58 -55.69 61.20
CA LYS L 121 26.21 -55.33 61.50
C LYS L 121 25.74 -55.98 62.81
N ALA L 122 24.73 -55.35 63.41
CA ALA L 122 24.08 -55.88 64.60
C ALA L 122 22.59 -55.61 64.48
N GLU L 123 21.78 -56.54 64.97
CA GLU L 123 20.33 -56.49 64.75
C GLU L 123 19.61 -55.59 65.76
N ASP L 124 20.03 -54.33 65.87
CA ASP L 124 19.32 -53.33 66.66
C ASP L 124 19.94 -51.98 66.36
N HIS L 125 19.21 -50.92 66.70
CA HIS L 125 19.65 -49.56 66.37
C HIS L 125 20.83 -49.16 67.24
N ARG L 126 22.04 -49.39 66.77
CA ARG L 126 23.24 -48.96 67.48
C ARG L 126 23.48 -47.48 67.26
N SER L 127 23.91 -46.80 68.33
CA SER L 127 24.12 -45.35 68.29
C SER L 127 25.59 -45.03 68.09
N VAL L 128 25.86 -44.06 67.23
CA VAL L 128 27.21 -43.58 66.97
C VAL L 128 27.48 -42.38 67.88
N GLY L 129 28.67 -42.35 68.47
CA GLY L 129 28.99 -41.32 69.44
C GLY L 129 30.39 -40.78 69.22
N VAL L 130 30.65 -39.64 69.87
CA VAL L 130 31.94 -38.96 69.79
C VAL L 130 32.34 -38.51 71.19
N LYS L 131 33.54 -38.89 71.62
CA LYS L 131 34.22 -38.19 72.70
C LYS L 131 35.51 -37.59 72.18
N VAL L 132 35.78 -36.36 72.62
CA VAL L 132 37.03 -35.69 72.26
C VAL L 132 38.20 -36.41 72.92
N ALA L 133 39.36 -36.34 72.27
CA ALA L 133 40.55 -36.95 72.85
C ALA L 133 40.93 -36.30 74.17
N ALA L 134 40.82 -34.97 74.24
CA ALA L 134 41.04 -34.23 75.47
C ALA L 134 40.19 -32.96 75.40
N GLY L 135 40.38 -32.08 76.37
CA GLY L 135 39.66 -30.84 76.41
C GLY L 135 40.04 -29.92 75.28
N PRO L 136 39.17 -28.97 74.93
CA PRO L 136 39.51 -28.00 73.89
C PRO L 136 40.69 -27.13 74.25
N ALA L 137 40.96 -26.97 75.55
CA ALA L 137 42.09 -26.22 76.10
C ALA L 137 41.92 -24.72 75.93
N THR L 138 40.90 -24.30 75.16
CA THR L 138 40.56 -22.88 75.08
C THR L 138 39.05 -22.61 75.19
N GLY L 139 38.19 -23.53 74.76
CA GLY L 139 36.76 -23.34 74.90
C GLY L 139 36.10 -22.59 73.76
N ALA L 140 35.00 -23.13 73.24
CA ALA L 140 34.20 -22.49 72.20
C ALA L 140 32.73 -22.61 72.58
N ALA L 141 32.02 -21.47 72.58
CA ALA L 141 30.67 -21.46 73.11
C ALA L 141 29.66 -22.07 72.14
N GLY L 142 29.49 -21.45 70.98
CA GLY L 142 28.52 -21.95 70.01
C GLY L 142 29.17 -22.55 68.79
N LYS L 143 29.12 -23.88 68.68
CA LYS L 143 29.77 -24.56 67.57
C LYS L 143 28.89 -25.72 67.13
N THR L 144 29.09 -26.17 65.89
CA THR L 144 28.31 -27.24 65.30
C THR L 144 29.23 -28.36 64.84
N ILE L 145 28.90 -29.59 65.21
CA ILE L 145 29.62 -30.78 64.80
C ILE L 145 28.65 -31.67 64.04
N ALA L 146 29.05 -32.11 62.85
CA ALA L 146 28.18 -32.96 62.03
C ALA L 146 28.99 -34.10 61.45
N LEU L 147 28.37 -35.29 61.42
CA LEU L 147 28.99 -36.49 60.86
C LEU L 147 28.11 -36.99 59.72
N ILE L 148 28.68 -37.00 58.52
CA ILE L 148 27.97 -37.52 57.35
C ILE L 148 28.35 -38.97 57.16
N LEU L 149 27.36 -39.86 57.20
CA LEU L 149 27.60 -41.29 57.26
C LEU L 149 26.90 -41.96 56.08
N PHE L 150 27.69 -42.53 55.17
CA PHE L 150 27.15 -43.30 54.05
C PHE L 150 27.01 -44.75 54.52
N TYR L 151 25.79 -45.04 54.94
CA TYR L 151 25.50 -46.34 55.44
C TYR L 151 24.65 -47.23 54.62
N VAL L 152 25.03 -48.48 54.43
CA VAL L 152 24.27 -49.38 53.58
C VAL L 152 23.71 -50.48 54.46
N GLN L 153 22.56 -51.04 54.07
CA GLN L 153 21.92 -52.04 54.92
C GLN L 153 22.00 -53.45 54.35
N GLY L 154 21.89 -53.61 53.03
CA GLY L 154 21.98 -54.94 52.46
C GLY L 154 23.42 -55.35 52.23
N THR L 155 23.95 -56.18 53.12
CA THR L 155 25.36 -56.54 53.04
C THR L 155 25.52 -57.99 53.49
N SER L 156 26.63 -58.59 53.09
CA SER L 156 26.93 -59.98 53.44
C SER L 156 27.96 -60.06 54.55
N ALA M 2 15.64 8.53 64.24
CA ALA M 2 14.33 8.52 64.89
C ALA M 2 13.26 9.12 63.98
N LEU M 3 12.03 8.65 64.14
CA LEU M 3 10.89 9.14 63.37
C LEU M 3 10.05 10.01 64.27
N ILE M 4 10.00 11.31 63.97
CA ILE M 4 9.08 12.24 64.62
C ILE M 4 7.94 12.46 63.66
N GLN M 5 6.79 11.88 63.96
CA GLN M 5 5.66 11.84 63.05
C GLN M 5 4.76 13.06 63.24
N SER M 6 4.28 13.62 62.13
CA SER M 6 3.38 14.75 62.18
C SER M 6 1.94 14.27 62.33
N ASP M 7 1.02 15.23 62.37
CA ASP M 7 -0.40 14.89 62.38
C ASP M 7 -0.81 14.23 61.07
N PHE M 8 -0.33 14.77 59.94
CA PHE M 8 -0.74 14.26 58.64
C PHE M 8 -0.21 12.85 58.40
N ALA M 9 1.02 12.57 58.86
CA ALA M 9 1.61 11.26 58.63
C ALA M 9 0.81 10.16 59.33
N GLN M 10 0.39 10.40 60.57
CA GLN M 10 -0.44 9.43 61.26
C GLN M 10 -1.80 9.28 60.57
N GLY M 11 -2.36 10.39 60.11
CA GLY M 11 -3.62 10.34 59.40
C GLY M 11 -4.77 11.01 60.11
N ILE M 12 -4.49 11.68 61.24
CA ILE M 12 -5.55 12.37 61.96
C ILE M 12 -6.05 13.57 61.16
N ARG M 13 -5.14 14.27 60.46
CA ARG M 13 -5.52 15.33 59.54
C ARG M 13 -5.39 14.80 58.12
N MET M 14 -6.49 14.80 57.39
CA MET M 14 -6.48 14.30 56.02
C MET M 14 -5.97 15.39 55.07
N THR M 15 -4.94 15.06 54.31
CA THR M 15 -4.36 16.03 53.40
C THR M 15 -5.28 16.27 52.20
N PRO M 16 -5.30 17.48 51.66
CA PRO M 16 -6.17 17.78 50.53
C PRO M 16 -5.60 17.25 49.23
N VAL M 17 -6.50 16.82 48.34
CA VAL M 17 -6.14 16.34 47.02
C VAL M 17 -7.03 17.04 46.01
N PRO M 18 -6.50 17.53 44.90
CA PRO M 18 -7.34 18.20 43.91
C PRO M 18 -8.28 17.22 43.21
N ASP M 19 -9.21 17.78 42.45
CA ASP M 19 -10.09 17.01 41.58
C ASP M 19 -9.88 17.32 40.11
N CYS M 20 -9.81 18.59 39.74
CA CYS M 20 -9.45 18.96 38.39
C CYS M 20 -7.99 18.66 38.12
N ALA M 21 -7.68 18.26 36.90
CA ALA M 21 -6.29 18.04 36.51
C ALA M 21 -5.59 19.36 36.32
N GLY M 22 -4.33 19.42 36.75
CA GLY M 22 -3.56 20.62 36.63
C GLY M 22 -3.86 21.67 37.68
N ASP M 23 -4.86 21.44 38.53
CA ASP M 23 -5.15 22.37 39.62
C ASP M 23 -4.03 22.34 40.64
N VAL M 24 -3.83 23.46 41.32
CA VAL M 24 -2.78 23.60 42.32
C VAL M 24 -3.44 23.61 43.69
N THR M 25 -3.00 22.72 44.56
CA THR M 25 -3.49 22.65 45.93
C THR M 25 -2.32 22.72 46.89
N ALA M 26 -2.60 23.16 48.11
CA ALA M 26 -1.53 23.35 49.08
C ALA M 26 -2.11 23.39 50.49
N CYS M 27 -1.58 22.56 51.37
CA CYS M 27 -1.85 22.62 52.80
C CYS M 27 -0.52 22.64 53.52
N ARG M 28 -0.38 23.57 54.47
CA ARG M 28 0.88 23.71 55.17
C ARG M 28 1.07 22.53 56.12
N PHE M 29 2.17 21.80 55.93
CA PHE M 29 2.51 20.66 56.76
C PHE M 29 3.39 21.13 57.89
N ASP M 30 2.93 20.98 59.13
CA ASP M 30 3.66 21.52 60.27
C ASP M 30 3.67 20.53 61.43
N ILE M 31 4.62 20.74 62.33
CA ILE M 31 4.74 19.98 63.58
C ILE M 31 5.02 20.94 64.71
N THR M 32 4.88 20.44 65.93
CA THR M 32 5.31 21.15 67.13
C THR M 32 6.35 20.27 67.82
N LEU M 33 7.63 20.58 67.60
CA LEU M 33 8.71 19.78 68.16
C LEU M 33 8.66 19.76 69.67
N LYS M 34 8.39 18.58 70.25
CA LYS M 34 8.37 18.46 71.71
C LYS M 34 9.77 18.61 72.28
N ASN M 35 10.77 18.04 71.62
CA ASN M 35 12.14 18.04 72.10
C ASN M 35 13.02 18.86 71.16
N ALA M 36 14.31 18.87 71.43
CA ALA M 36 15.28 19.58 70.59
C ALA M 36 15.73 18.68 69.45
N PRO M 37 15.69 19.16 68.20
CA PRO M 37 16.10 18.31 67.08
C PRO M 37 17.59 18.00 67.13
N ALA M 38 17.94 16.80 66.68
CA ALA M 38 19.33 16.37 66.63
C ALA M 38 19.50 15.47 65.41
N ALA M 39 20.75 15.33 64.98
CA ALA M 39 21.04 14.67 63.70
C ALA M 39 20.44 13.28 63.65
N GLY M 40 19.86 12.94 62.50
CA GLY M 40 19.24 11.65 62.30
C GLY M 40 17.73 11.62 62.43
N ASP M 41 17.12 12.70 62.90
CA ASP M 41 15.66 12.73 63.08
C ASP M 41 15.00 12.86 61.72
N ILE M 42 14.35 11.79 61.26
CA ILE M 42 13.64 11.80 59.98
C ILE M 42 12.22 12.25 60.28
N ILE M 43 12.04 13.57 60.33
CA ILE M 43 10.74 14.15 60.67
C ILE M 43 9.80 13.97 59.48
N GLU M 44 8.74 13.19 59.61
CA GLU M 44 7.80 12.99 58.53
C GLU M 44 6.81 14.09 58.51
N LEU M 45 7.15 15.27 58.00
CA LEU M 45 6.36 16.48 58.05
C LEU M 45 4.99 16.29 57.41
N GLY M 46 4.94 15.66 56.25
CA GLY M 46 3.67 15.55 55.56
C GLY M 46 3.73 14.55 54.43
N VAL M 47 2.61 14.44 53.72
CA VAL M 47 2.42 13.42 52.70
C VAL M 47 2.07 14.09 51.38
N LEU M 48 2.63 13.54 50.30
CA LEU M 48 2.27 13.93 48.96
C LEU M 48 1.28 12.92 48.41
N PRO M 49 0.08 13.33 48.01
CA PRO M 49 -0.95 12.34 47.64
C PRO M 49 -0.58 11.49 46.44
N GLY M 50 -1.50 10.61 46.04
CA GLY M 50 -1.22 9.58 45.07
C GLY M 50 -0.51 10.02 43.81
N ASN M 51 -1.19 10.75 42.94
CA ASN M 51 -0.62 11.16 41.66
C ASN M 51 -0.37 12.65 41.71
N ALA M 52 0.78 13.04 42.26
CA ALA M 52 1.07 14.46 42.42
C ALA M 52 2.56 14.67 42.26
N VAL M 53 2.91 15.88 41.82
CA VAL M 53 4.31 16.29 41.71
C VAL M 53 4.42 17.68 42.34
N PRO M 54 5.44 17.94 43.15
CA PRO M 54 5.61 19.28 43.68
C PRO M 54 5.84 20.28 42.56
N VAL M 55 5.29 21.48 42.72
CA VAL M 55 5.46 22.53 41.74
C VAL M 55 6.15 23.70 42.41
N GLU M 56 5.94 23.85 43.71
CA GLU M 56 6.65 24.84 44.50
C GLU M 56 6.59 24.44 45.96
N ALA M 57 7.73 24.50 46.64
CA ALA M 57 7.81 24.12 48.05
C ALA M 57 8.35 25.30 48.85
N ILE M 58 7.59 25.74 49.83
CA ILE M 58 7.96 26.86 50.69
C ILE M 58 8.19 26.31 52.08
N LEU M 59 9.44 26.39 52.55
CA LEU M 59 9.83 25.87 53.85
C LEU M 59 10.09 27.03 54.79
N ASP M 60 9.32 27.09 55.87
CA ASP M 60 9.53 28.09 56.92
C ASP M 60 9.67 27.41 58.28
N VAL M 61 10.62 27.91 59.08
CA VAL M 61 10.86 27.40 60.41
C VAL M 61 11.08 28.56 61.35
N ASP M 62 10.84 28.32 62.63
CA ASP M 62 11.24 29.28 63.64
C ASP M 62 12.75 29.14 63.87
N ASP M 63 13.32 30.03 64.68
CA ASP M 63 14.75 29.95 64.94
C ASP M 63 15.05 28.64 65.65
N LEU M 64 15.65 27.70 64.92
CA LEU M 64 15.88 26.35 65.42
C LEU M 64 17.25 26.17 66.04
N ASP M 65 18.10 27.21 66.02
CA ASP M 65 19.40 27.16 66.66
C ASP M 65 19.69 28.51 67.30
N THR M 66 20.20 28.46 68.54
CA THR M 66 20.48 29.65 69.33
C THR M 66 21.95 29.73 69.69
N GLY M 67 22.81 29.44 68.74
CA GLY M 67 24.25 29.47 68.98
C GLY M 67 24.97 30.20 67.85
N GLY M 68 26.05 30.87 68.23
CA GLY M 68 26.86 31.56 67.23
C GLY M 68 27.40 30.60 66.19
N ALA M 69 27.33 31.00 64.93
CA ALA M 69 27.67 30.15 63.80
C ALA M 69 26.92 28.82 63.85
N PRO M 70 25.59 28.86 63.77
CA PRO M 70 24.82 27.61 63.87
C PRO M 70 25.04 26.72 62.67
N THR M 71 24.91 25.42 62.88
CA THR M 71 25.21 24.43 61.86
C THR M 71 23.99 23.60 61.44
N ILE M 72 22.83 23.81 62.07
CA ILE M 72 21.67 22.99 61.75
C ILE M 72 21.26 23.24 60.30
N THR M 73 21.01 22.15 59.57
CA THR M 73 20.58 22.23 58.19
C THR M 73 19.49 21.19 57.94
N LEU M 74 18.51 21.55 57.13
CA LEU M 74 17.36 20.71 56.88
C LEU M 74 17.37 20.22 55.43
N ASP M 75 17.21 18.92 55.25
CA ASP M 75 17.08 18.30 53.94
C ASP M 75 15.65 17.80 53.79
N VAL M 76 14.98 18.24 52.73
CA VAL M 76 13.58 17.88 52.48
C VAL M 76 13.54 16.98 51.26
N GLY M 77 12.82 15.87 51.38
CA GLY M 77 12.74 14.94 50.26
C GLY M 77 11.60 13.97 50.43
N ILE M 78 11.51 13.06 49.49
CA ILE M 78 10.50 12.00 49.51
C ILE M 78 11.06 10.81 50.26
N MET M 79 10.19 10.07 50.92
CA MET M 79 10.60 8.91 51.70
C MET M 79 10.07 7.63 51.06
N SER M 80 10.68 6.51 51.45
CA SER M 80 10.55 5.27 50.68
C SER M 80 9.25 4.54 50.98
N GLY M 81 9.07 4.10 52.22
CA GLY M 81 7.99 3.21 52.56
C GLY M 81 6.63 3.87 52.58
N PRO M 82 5.60 3.08 52.90
CA PRO M 82 4.25 3.63 52.97
C PRO M 82 4.10 4.64 54.08
N VAL M 83 3.06 5.47 53.95
CA VAL M 83 2.79 6.50 54.95
C VAL M 83 2.38 5.85 56.27
N GLY M 84 2.89 6.40 57.37
CA GLY M 84 2.45 6.01 58.70
C GLY M 84 3.15 4.80 59.29
N LYS M 85 4.12 4.22 58.60
CA LYS M 85 4.83 3.05 59.10
C LYS M 85 5.95 3.50 60.01
N ASN M 86 5.82 3.18 61.30
CA ASN M 86 6.80 3.61 62.30
C ASN M 86 7.98 2.64 62.33
N ASP M 87 8.69 2.60 61.22
CA ASP M 87 9.87 1.76 61.08
C ASP M 87 11.10 2.62 60.86
N PRO M 88 12.14 2.48 61.68
CA PRO M 88 13.35 3.31 61.49
C PRO M 88 14.05 3.08 60.16
N ALA M 89 13.78 1.98 59.48
CA ALA M 89 14.40 1.68 58.20
C ALA M 89 13.68 2.40 57.05
N ARG M 90 13.69 3.73 57.14
CA ARG M 90 13.08 4.61 56.14
C ARG M 90 14.04 5.75 55.87
N THR M 91 14.31 6.01 54.60
CA THR M 91 15.31 7.00 54.20
C THR M 91 14.63 8.21 53.56
N CYS M 92 15.19 9.39 53.82
CA CYS M 92 14.67 10.64 53.30
C CYS M 92 15.25 10.89 51.91
N GLY M 93 15.08 12.11 51.42
CA GLY M 93 15.68 12.51 50.16
C GLY M 93 16.16 13.95 50.24
N ASN M 94 17.00 14.31 49.27
CA ASN M 94 17.52 15.66 49.14
C ASN M 94 16.98 16.33 47.88
N GLU M 95 15.73 16.05 47.53
CA GLU M 95 15.16 16.54 46.28
C GLU M 95 14.61 17.96 46.42
N LEU M 96 13.65 18.14 47.33
CA LEU M 96 13.03 19.45 47.50
C LEU M 96 14.05 20.49 47.97
N PHE M 97 14.91 20.10 48.91
CA PHE M 97 15.94 20.99 49.43
C PHE M 97 17.20 20.20 49.66
N ALA M 98 18.35 20.83 49.50
CA ALA M 98 19.64 20.17 49.65
C ALA M 98 20.51 21.02 50.59
N ALA M 99 20.68 20.54 51.82
CA ALA M 99 21.51 21.22 52.81
C ALA M 99 21.11 22.68 52.96
N SER M 100 19.80 22.92 53.01
CA SER M 100 19.30 24.27 53.20
C SER M 100 19.57 24.74 54.62
N THR M 101 19.71 26.05 54.78
CA THR M 101 20.07 26.67 56.04
C THR M 101 18.93 27.53 56.58
N VAL M 102 17.70 27.01 56.50
CA VAL M 102 16.57 27.76 57.01
C VAL M 102 16.64 27.92 58.52
N GLY M 103 17.04 26.86 59.22
CA GLY M 103 16.95 26.83 60.67
C GLY M 103 17.98 27.68 61.39
N GLN M 104 19.01 28.16 60.69
CA GLN M 104 20.03 28.96 61.37
C GLN M 104 19.45 30.26 61.90
N ALA M 105 18.61 30.93 61.10
CA ALA M 105 18.05 32.21 61.49
C ALA M 105 16.52 32.24 61.47
N GLY M 106 15.88 31.10 61.22
CA GLY M 106 14.43 31.07 61.24
C GLY M 106 13.77 31.78 60.09
N GLY M 107 14.46 31.93 58.96
CA GLY M 107 13.92 32.63 57.82
C GLY M 107 12.97 31.75 57.03
N VAL M 108 12.70 32.19 55.79
CA VAL M 108 11.87 31.43 54.85
C VAL M 108 12.59 31.40 53.51
N VAL M 109 12.75 30.21 52.95
CA VAL M 109 13.29 30.06 51.61
C VAL M 109 12.35 29.16 50.82
N ARG M 110 12.40 29.29 49.50
CA ARG M 110 11.56 28.51 48.61
C ARG M 110 12.41 27.47 47.90
N ALA M 111 11.75 26.59 47.15
CA ALA M 111 12.46 25.57 46.40
C ALA M 111 13.38 26.22 45.37
N THR M 112 14.69 26.12 45.61
CA THR M 112 15.68 26.74 44.74
C THR M 112 16.61 25.72 44.10
N ALA M 113 16.23 24.44 44.14
CA ALA M 113 17.01 23.37 43.55
C ALA M 113 16.34 22.90 42.27
N SER M 114 17.14 22.69 41.22
CA SER M 114 16.59 22.27 39.94
C SER M 114 15.88 20.94 40.04
N SER M 115 16.30 20.07 40.97
CA SER M 115 15.69 18.75 41.10
C SER M 115 14.33 18.79 41.77
N ALA M 116 13.92 19.94 42.32
CA ALA M 116 12.69 20.00 43.09
C ALA M 116 11.46 19.72 42.23
N PHE M 117 11.41 20.30 41.03
CA PHE M 117 10.22 20.22 40.19
C PHE M 117 10.28 19.06 39.20
N ARG M 118 11.33 18.24 39.25
CA ARG M 118 11.50 17.12 38.35
C ARG M 118 11.04 15.80 38.97
N ILE M 119 10.40 15.86 40.13
CA ILE M 119 9.96 14.65 40.82
C ILE M 119 8.91 13.94 39.97
N GLN M 120 9.12 12.64 39.75
CA GLN M 120 8.22 11.85 38.93
C GLN M 120 7.06 11.33 39.78
N LYS M 121 5.99 10.93 39.07
CA LYS M 121 4.79 10.47 39.75
C LYS M 121 4.97 9.08 40.32
N ALA M 122 4.07 8.74 41.25
CA ALA M 122 3.89 7.38 41.71
C ALA M 122 2.40 7.13 41.87
N GLU M 123 2.04 5.89 42.14
CA GLU M 123 0.63 5.54 42.28
C GLU M 123 0.17 5.52 43.73
N ASP M 124 1.09 5.44 44.69
CA ASP M 124 0.75 5.33 46.10
C ASP M 124 1.21 6.57 46.85
N HIS M 125 0.61 6.78 48.02
CA HIS M 125 0.87 7.97 48.82
C HIS M 125 2.28 7.96 49.38
N ARG M 126 3.15 8.81 48.85
CA ARG M 126 4.50 8.95 49.36
C ARG M 126 4.53 10.05 50.42
N SER M 127 5.49 9.95 51.33
CA SER M 127 5.57 10.84 52.48
C SER M 127 6.78 11.76 52.35
N VAL M 128 6.56 13.06 52.51
CA VAL M 128 7.62 14.06 52.45
C VAL M 128 8.14 14.28 53.85
N GLY M 129 9.43 14.01 54.05
CA GLY M 129 10.01 14.12 55.38
C GLY M 129 11.33 14.83 55.43
N VAL M 130 11.51 15.70 56.42
CA VAL M 130 12.74 16.47 56.55
C VAL M 130 13.71 15.73 57.47
N LYS M 131 14.99 15.81 57.12
CA LYS M 131 16.06 15.20 57.92
C LYS M 131 17.09 16.26 58.22
N VAL M 132 17.48 16.35 59.50
CA VAL M 132 18.50 17.31 59.92
C VAL M 132 19.86 16.69 59.61
N ALA M 133 20.48 17.13 58.52
CA ALA M 133 21.76 16.56 58.11
C ALA M 133 22.85 16.84 59.13
N ALA M 134 22.89 18.05 59.67
CA ALA M 134 23.88 18.43 60.67
C ALA M 134 23.17 18.86 61.95
N GLY M 135 23.61 18.30 63.08
CA GLY M 135 23.02 18.60 64.35
C GLY M 135 23.29 20.03 64.79
N PRO M 136 22.29 20.65 65.42
CA PRO M 136 22.45 22.03 65.88
C PRO M 136 23.43 22.12 67.04
N ALA M 137 24.07 23.29 67.15
CA ALA M 137 24.96 23.52 68.29
C ALA M 137 24.18 23.58 69.59
N THR M 138 23.05 24.27 69.60
CA THR M 138 22.16 24.34 70.77
C THR M 138 20.74 24.17 70.26
N GLY M 139 20.16 22.98 70.46
CA GLY M 139 18.82 22.72 69.98
C GLY M 139 17.79 23.56 70.72
N ALA M 140 16.69 23.84 70.01
CA ALA M 140 15.60 24.63 70.56
C ALA M 140 14.49 23.72 71.06
N ALA M 141 13.80 24.16 72.11
CA ALA M 141 12.89 23.26 72.82
C ALA M 141 11.63 22.99 72.01
N GLY M 142 10.84 24.02 71.72
CA GLY M 142 9.53 23.80 71.16
C GLY M 142 9.19 24.61 69.92
N LYS M 143 10.16 24.81 69.03
CA LYS M 143 9.87 25.54 67.81
C LYS M 143 9.19 24.61 66.81
N THR M 144 8.72 25.20 65.70
CA THR M 144 7.90 24.52 64.72
C THR M 144 8.58 24.53 63.36
N ILE M 145 8.61 23.37 62.71
CA ILE M 145 9.05 23.24 61.32
C ILE M 145 7.82 23.04 60.46
N ALA M 146 7.72 23.78 59.36
CA ALA M 146 6.50 23.75 58.56
C ALA M 146 6.84 23.83 57.09
N LEU M 147 6.39 22.83 56.34
CA LEU M 147 6.47 22.85 54.88
C LEU M 147 5.18 23.36 54.28
N ILE M 148 5.25 23.75 53.01
CA ILE M 148 4.08 24.11 52.22
C ILE M 148 4.32 23.56 50.83
N LEU M 149 3.57 22.53 50.45
CA LEU M 149 3.71 21.89 49.15
C LEU M 149 2.66 22.39 48.18
N PHE M 150 3.08 22.74 46.97
CA PHE M 150 2.17 23.09 45.88
C PHE M 150 2.25 21.94 44.88
N TYR M 151 1.32 20.99 44.99
CA TYR M 151 1.33 19.83 44.12
C TYR M 151 0.11 19.82 43.22
N VAL M 152 0.28 19.27 42.02
CA VAL M 152 -0.78 19.22 41.01
C VAL M 152 -1.04 17.77 40.66
N GLN M 153 -2.31 17.42 40.45
CA GLN M 153 -2.69 16.07 40.10
C GLN M 153 -2.92 15.94 38.61
N GLY M 154 -2.67 14.75 38.08
CA GLY M 154 -2.94 14.47 36.69
C GLY M 154 -1.97 15.06 35.71
N THR M 155 -0.78 15.44 36.15
CA THR M 155 0.21 15.96 35.22
C THR M 155 0.68 14.86 34.27
N SER M 156 1.14 15.27 33.09
CA SER M 156 1.60 14.33 32.08
C SER M 156 3.10 14.45 31.85
N ALA N 2 12.86 29.34 12.98
CA ALA N 2 13.63 28.29 13.60
C ALA N 2 12.95 27.79 14.88
N LEU N 3 11.63 27.63 14.82
CA LEU N 3 10.87 27.22 15.98
C LEU N 3 11.19 25.78 16.35
N ILE N 4 11.44 25.54 17.64
CA ILE N 4 11.56 24.20 18.19
C ILE N 4 10.30 23.96 18.99
N GLN N 5 9.29 23.35 18.36
CA GLN N 5 7.96 23.23 18.94
C GLN N 5 7.91 22.10 19.94
N SER N 6 7.31 22.38 21.10
CA SER N 6 7.14 21.38 22.13
C SER N 6 5.94 20.49 21.82
N ASP N 7 5.76 19.46 22.65
CA ASP N 7 4.56 18.65 22.55
C ASP N 7 3.31 19.43 22.95
N PHE N 8 3.47 20.50 23.73
CA PHE N 8 2.32 21.30 24.12
C PHE N 8 1.83 22.17 22.98
N ALA N 9 2.77 22.77 22.23
CA ALA N 9 2.37 23.68 21.16
C ALA N 9 1.73 22.94 19.99
N GLN N 10 2.29 21.80 19.60
CA GLN N 10 1.76 21.07 18.45
C GLN N 10 0.34 20.60 18.70
N GLY N 11 0.02 20.28 19.95
CA GLY N 11 -1.27 19.71 20.28
C GLY N 11 -1.21 18.28 20.78
N ILE N 12 -0.02 17.70 20.98
CA ILE N 12 0.05 16.34 21.48
C ILE N 12 -0.26 16.29 22.96
N ARG N 13 0.54 17.00 23.77
CA ARG N 13 0.29 17.13 25.20
C ARG N 13 -0.53 18.38 25.45
N MET N 14 -1.58 18.24 26.25
CA MET N 14 -2.54 19.32 26.46
C MET N 14 -2.19 20.14 27.69
N THR N 15 -2.94 21.23 27.86
CA THR N 15 -2.77 22.15 28.96
C THR N 15 -4.07 22.25 29.75
N PRO N 16 -4.00 22.24 31.07
CA PRO N 16 -5.23 22.33 31.86
C PRO N 16 -5.82 23.74 31.83
N VAL N 17 -7.12 23.80 32.05
CA VAL N 17 -7.83 25.08 32.18
C VAL N 17 -8.70 25.02 33.43
N PRO N 18 -8.62 26.01 34.32
CA PRO N 18 -9.48 26.00 35.51
C PRO N 18 -10.94 26.11 35.13
N ASP N 19 -11.78 25.47 35.93
CA ASP N 19 -13.23 25.54 35.76
C ASP N 19 -13.88 26.55 36.69
N CYS N 20 -13.08 27.28 37.47
CA CYS N 20 -13.58 28.30 38.36
C CYS N 20 -12.66 29.52 38.29
N ALA N 21 -13.25 30.70 38.28
CA ALA N 21 -12.45 31.92 38.28
C ALA N 21 -11.67 32.02 39.59
N GLY N 22 -10.46 32.53 39.49
CA GLY N 22 -9.58 32.58 40.65
C GLY N 22 -9.24 31.18 41.14
N ASP N 23 -8.49 30.43 40.34
CA ASP N 23 -8.08 29.08 40.70
C ASP N 23 -6.75 28.81 40.01
N VAL N 24 -5.65 28.95 40.75
CA VAL N 24 -4.34 28.79 40.15
C VAL N 24 -4.19 27.38 39.63
N THR N 25 -3.88 27.25 38.35
CA THR N 25 -3.61 25.97 37.71
C THR N 25 -2.23 26.01 37.07
N ALA N 26 -1.49 24.93 37.21
CA ALA N 26 -0.12 24.90 36.72
C ALA N 26 0.12 23.62 35.95
N CYS N 27 0.93 23.72 34.90
CA CYS N 27 1.42 22.57 34.17
C CYS N 27 2.81 22.92 33.66
N ARG N 28 3.81 22.16 34.11
CA ARG N 28 5.18 22.50 33.75
C ARG N 28 5.41 22.24 32.27
N PHE N 29 5.61 23.32 31.53
CA PHE N 29 5.88 23.23 30.10
C PHE N 29 7.36 22.92 29.92
N ASP N 30 7.67 21.79 29.27
CA ASP N 30 9.05 21.37 29.13
C ASP N 30 9.31 20.90 27.70
N ILE N 31 10.57 21.03 27.29
CA ILE N 31 11.05 20.48 26.03
C ILE N 31 12.32 19.70 26.34
N THR N 32 12.76 18.93 25.35
CA THR N 32 14.09 18.31 25.36
C THR N 32 14.71 18.63 24.01
N LEU N 33 15.33 19.80 23.91
CA LEU N 33 15.93 20.21 22.65
C LEU N 33 17.22 19.44 22.43
N LYS N 34 17.35 18.84 21.25
CA LYS N 34 18.44 17.94 20.95
C LYS N 34 19.62 18.61 20.26
N ASN N 35 19.58 19.93 20.12
CA ASN N 35 20.67 20.69 19.53
C ASN N 35 21.08 21.80 20.49
N ALA N 36 22.35 22.17 20.42
CA ALA N 36 22.83 23.27 21.25
C ALA N 36 22.14 24.56 20.80
N PRO N 37 21.51 25.29 21.71
CA PRO N 37 20.83 26.53 21.31
C PRO N 37 21.79 27.52 20.68
N ALA N 38 21.31 28.23 19.67
CA ALA N 38 22.10 29.22 18.97
C ALA N 38 21.35 30.54 18.95
N ALA N 39 22.09 31.64 18.82
CA ALA N 39 21.49 32.97 18.89
C ALA N 39 20.39 33.11 17.85
N GLY N 40 19.27 33.69 18.29
CA GLY N 40 18.11 33.86 17.44
C GLY N 40 17.10 32.73 17.49
N ASP N 41 17.43 31.62 18.13
CA ASP N 41 16.48 30.52 18.23
C ASP N 41 15.30 30.90 19.11
N ILE N 42 14.11 30.52 18.69
CA ILE N 42 12.88 30.77 19.43
C ILE N 42 12.25 29.42 19.77
N ILE N 43 12.04 29.18 21.06
CA ILE N 43 11.54 27.90 21.56
C ILE N 43 10.12 28.13 22.09
N GLU N 44 9.18 27.36 21.57
CA GLU N 44 7.76 27.49 21.95
C GLU N 44 7.46 26.45 23.02
N LEU N 45 7.66 26.83 24.29
CA LEU N 45 7.49 25.87 25.37
C LEU N 45 6.05 25.42 25.50
N GLY N 46 5.13 26.37 25.62
CA GLY N 46 3.76 25.99 25.95
C GLY N 46 2.77 27.07 25.58
N VAL N 47 1.51 26.75 25.77
CA VAL N 47 0.39 27.60 25.38
C VAL N 47 -0.30 28.12 26.63
N LEU N 48 -0.61 29.42 26.63
CA LEU N 48 -1.29 30.09 27.72
C LEU N 48 -2.77 30.15 27.38
N PRO N 49 -3.58 29.23 27.87
CA PRO N 49 -4.91 29.03 27.27
C PRO N 49 -5.91 30.11 27.65
N GLY N 50 -6.72 30.50 26.67
CA GLY N 50 -7.91 31.30 26.85
C GLY N 50 -7.67 32.58 27.61
N ASN N 51 -8.68 32.94 28.41
CA ASN N 51 -8.65 34.20 29.17
C ASN N 51 -7.90 33.99 30.48
N ALA N 52 -6.59 33.82 30.35
CA ALA N 52 -5.74 33.57 31.50
C ALA N 52 -4.57 34.54 31.51
N VAL N 53 -4.03 34.79 32.70
CA VAL N 53 -2.88 35.66 32.86
C VAL N 53 -1.86 34.97 33.76
N PRO N 54 -0.57 35.09 33.49
CA PRO N 54 0.42 34.51 34.40
C PRO N 54 0.36 35.18 35.76
N VAL N 55 0.65 34.40 36.80
CA VAL N 55 0.76 34.91 38.15
C VAL N 55 2.14 34.67 38.73
N GLU N 56 2.74 33.53 38.43
CA GLU N 56 4.11 33.25 38.85
C GLU N 56 4.76 32.34 37.83
N ALA N 57 5.95 32.73 37.36
CA ALA N 57 6.69 31.97 36.35
C ALA N 57 7.95 31.43 37.00
N ILE N 58 8.17 30.12 36.86
CA ILE N 58 9.27 29.44 37.54
C ILE N 58 10.08 28.72 36.46
N LEU N 59 11.12 29.38 35.97
CA LEU N 59 11.98 28.78 34.95
C LEU N 59 12.83 27.68 35.56
N ASP N 60 13.05 26.61 34.80
CA ASP N 60 13.73 25.41 35.29
C ASP N 60 14.76 24.92 34.27
N VAL N 61 15.53 25.84 33.73
CA VAL N 61 16.52 25.50 32.71
C VAL N 61 17.74 24.86 33.36
N ASP N 62 18.30 23.86 32.69
CA ASP N 62 19.51 23.20 33.14
C ASP N 62 20.73 23.98 32.63
N ASP N 63 21.93 23.41 32.80
CA ASP N 63 23.16 24.04 32.34
C ASP N 63 23.19 23.98 30.81
N LEU N 64 23.04 25.14 30.18
CA LEU N 64 23.07 25.21 28.73
C LEU N 64 24.44 25.56 28.16
N ASP N 65 25.31 26.16 28.97
CA ASP N 65 26.67 26.49 28.55
C ASP N 65 27.65 25.70 29.39
N THR N 66 28.48 24.89 28.72
CA THR N 66 29.46 24.05 29.39
C THR N 66 30.89 24.46 29.06
N GLY N 67 31.12 25.72 28.71
CA GLY N 67 32.45 26.17 28.34
C GLY N 67 33.14 26.99 29.40
N GLY N 68 33.61 28.18 29.03
CA GLY N 68 34.31 29.04 29.96
C GLY N 68 33.39 30.06 30.60
N ALA N 69 33.56 31.33 30.24
CA ALA N 69 32.68 32.38 30.75
C ALA N 69 31.33 32.27 30.07
N PRO N 70 30.28 31.85 30.79
CA PRO N 70 28.99 31.64 30.14
C PRO N 70 28.41 32.95 29.63
N THR N 71 27.68 32.87 28.53
CA THR N 71 27.10 34.05 27.89
C THR N 71 25.61 33.96 27.64
N ILE N 72 24.99 32.78 27.78
CA ILE N 72 23.60 32.63 27.36
C ILE N 72 22.69 33.45 28.26
N THR N 73 21.70 34.10 27.66
CA THR N 73 20.73 34.92 28.39
C THR N 73 19.36 34.63 27.78
N LEU N 74 18.61 33.73 28.42
CA LEU N 74 17.25 33.45 27.98
C LEU N 74 16.33 34.62 28.30
N ASP N 75 15.26 34.74 27.53
CA ASP N 75 14.14 35.59 27.89
C ASP N 75 12.88 34.99 27.29
N VAL N 76 11.75 35.18 27.96
CA VAL N 76 10.51 34.56 27.56
C VAL N 76 9.48 35.65 27.28
N GLY N 77 8.37 35.26 26.66
CA GLY N 77 7.34 36.23 26.33
C GLY N 77 6.15 35.51 25.73
N ILE N 78 5.25 36.32 25.17
CA ILE N 78 4.04 35.81 24.55
C ILE N 78 4.20 35.97 23.04
N MET N 79 4.24 34.86 22.33
CA MET N 79 4.37 34.89 20.88
C MET N 79 3.07 35.35 20.24
N SER N 80 3.19 35.92 19.04
CA SER N 80 2.06 36.64 18.44
C SER N 80 1.07 35.70 17.78
N GLY N 81 1.53 34.92 16.80
CA GLY N 81 0.63 34.18 15.95
C GLY N 81 -0.07 33.06 16.69
N PRO N 82 -0.89 32.31 15.97
CA PRO N 82 -1.60 31.17 16.57
C PRO N 82 -0.65 30.16 17.18
N VAL N 83 -1.23 29.24 17.94
CA VAL N 83 -0.41 28.32 18.72
C VAL N 83 0.31 27.33 17.83
N GLY N 84 -0.36 26.82 16.79
CA GLY N 84 0.18 25.69 16.06
C GLY N 84 0.94 25.99 14.79
N LYS N 85 0.81 27.19 14.25
CA LYS N 85 1.46 27.50 12.99
C LYS N 85 2.98 27.47 13.14
N ASN N 86 3.65 26.85 12.18
CA ASN N 86 5.10 26.64 12.23
C ASN N 86 5.84 27.67 11.38
N ASP N 87 5.37 28.91 11.40
CA ASP N 87 6.06 29.97 10.67
C ASP N 87 7.30 30.42 11.43
N PRO N 88 8.47 30.42 10.80
CA PRO N 88 9.67 30.91 11.49
C PRO N 88 9.57 32.37 11.92
N ALA N 89 8.81 33.19 11.20
CA ALA N 89 8.75 34.63 11.45
C ALA N 89 7.61 34.92 12.42
N ARG N 90 7.82 34.54 13.68
CA ARG N 90 6.90 34.88 14.77
C ARG N 90 7.70 35.45 15.91
N THR N 91 7.31 36.63 16.38
CA THR N 91 8.10 37.39 17.35
C THR N 91 7.85 36.89 18.77
N CYS N 92 8.81 37.16 19.64
CA CYS N 92 8.74 36.79 21.04
C CYS N 92 8.98 38.02 21.91
N GLY N 93 8.10 38.23 22.88
CA GLY N 93 8.22 39.35 23.79
C GLY N 93 9.16 39.05 24.94
N ASN N 94 9.29 40.04 25.82
CA ASN N 94 10.14 39.95 27.00
C ASN N 94 9.35 40.25 28.27
N GLU N 95 8.19 39.63 28.41
CA GLU N 95 7.31 39.97 29.52
C GLU N 95 7.68 39.25 30.81
N LEU N 96 7.58 37.92 30.82
CA LEU N 96 7.78 37.18 32.06
C LEU N 96 9.24 37.23 32.51
N PHE N 97 10.17 37.07 31.58
CA PHE N 97 11.59 37.19 31.88
C PHE N 97 12.24 38.07 30.82
N ALA N 98 13.26 38.82 31.22
CA ALA N 98 13.98 39.70 30.32
C ALA N 98 15.47 39.53 30.57
N ALA N 99 16.18 38.97 29.58
CA ALA N 99 17.61 38.70 29.69
C ALA N 99 17.90 37.88 30.95
N SER N 100 17.05 36.89 31.21
CA SER N 100 17.24 36.04 32.39
C SER N 100 18.57 35.30 32.29
N THR N 101 19.33 35.34 33.38
CA THR N 101 20.68 34.79 33.39
C THR N 101 20.72 33.34 33.85
N VAL N 102 19.59 32.71 34.09
CA VAL N 102 19.60 31.31 34.49
C VAL N 102 19.83 30.46 33.24
N GLY N 103 20.61 29.39 33.40
CA GLY N 103 21.09 28.58 32.30
C GLY N 103 22.59 28.69 32.09
N GLN N 104 23.18 29.80 32.54
CA GLN N 104 24.64 29.90 32.56
C GLN N 104 25.22 28.88 33.52
N ALA N 105 24.61 28.72 34.69
CA ALA N 105 25.02 27.74 35.68
C ALA N 105 24.02 26.60 35.83
N GLY N 106 22.73 26.90 35.72
CA GLY N 106 21.70 25.90 35.87
C GLY N 106 21.00 26.02 37.20
N GLY N 107 19.68 26.03 37.18
CA GLY N 107 18.94 26.16 38.42
C GLY N 107 17.55 26.69 38.14
N VAL N 108 17.00 27.39 39.14
CA VAL N 108 15.64 27.88 39.12
C VAL N 108 15.66 29.37 39.41
N VAL N 109 14.96 30.13 38.58
CA VAL N 109 14.78 31.57 38.78
C VAL N 109 13.32 31.90 38.60
N ARG N 110 12.74 32.60 39.56
CA ARG N 110 11.34 33.00 39.52
C ARG N 110 11.20 34.40 38.95
N ALA N 111 9.97 34.79 38.69
CA ALA N 111 9.70 36.08 38.06
C ALA N 111 10.18 37.21 38.95
N THR N 112 10.93 38.14 38.36
CA THR N 112 11.45 39.30 39.08
C THR N 112 11.25 40.59 38.31
N ALA N 113 10.40 40.59 37.28
CA ALA N 113 10.08 41.79 36.52
C ALA N 113 8.61 42.10 36.67
N SER N 114 8.29 43.39 36.84
CA SER N 114 6.91 43.80 37.05
C SER N 114 6.01 43.44 35.87
N SER N 115 6.58 43.28 34.68
CA SER N 115 5.77 42.94 33.52
C SER N 115 5.22 41.52 33.59
N ALA N 116 5.79 40.67 34.44
CA ALA N 116 5.39 39.27 34.46
C ALA N 116 3.98 39.08 35.02
N PHE N 117 3.49 40.04 35.80
CA PHE N 117 2.20 39.89 36.45
C PHE N 117 1.11 40.75 35.83
N ARG N 118 1.45 41.72 34.98
CA ARG N 118 0.49 42.63 34.38
C ARG N 118 0.13 42.24 32.94
N ILE N 119 0.10 40.94 32.65
CA ILE N 119 -0.25 40.49 31.31
C ILE N 119 -1.74 40.72 31.08
N GLN N 120 -2.10 41.08 29.85
CA GLN N 120 -3.50 41.29 29.51
C GLN N 120 -4.09 40.01 28.92
N LYS N 121 -5.40 39.88 29.08
CA LYS N 121 -6.11 38.71 28.58
C LYS N 121 -6.22 38.77 27.05
N ALA N 122 -6.58 37.62 26.47
CA ALA N 122 -6.91 37.55 25.05
C ALA N 122 -7.82 36.35 24.83
N GLU N 123 -8.80 36.52 23.95
CA GLU N 123 -9.79 35.49 23.72
C GLU N 123 -9.23 34.27 22.99
N ASP N 124 -8.12 34.42 22.29
CA ASP N 124 -7.51 33.32 21.55
C ASP N 124 -6.59 32.53 22.48
N HIS N 125 -5.82 31.60 21.92
CA HIS N 125 -4.79 30.89 22.65
C HIS N 125 -3.43 31.48 22.28
N ARG N 126 -2.67 31.87 23.28
CA ARG N 126 -1.37 32.51 23.07
C ARG N 126 -0.28 31.59 23.60
N SER N 127 0.77 31.43 22.81
CA SER N 127 1.83 30.48 23.12
C SER N 127 3.04 31.18 23.70
N VAL N 128 3.52 30.69 24.84
CA VAL N 128 4.68 31.27 25.49
C VAL N 128 5.94 30.75 24.81
N GLY N 129 6.80 31.66 24.41
CA GLY N 129 8.00 31.31 23.66
C GLY N 129 9.27 31.71 24.40
N VAL N 130 10.34 30.98 24.13
CA VAL N 130 11.65 31.25 24.70
C VAL N 130 12.58 31.73 23.60
N LYS N 131 13.20 32.88 23.78
CA LYS N 131 14.18 33.41 22.85
C LYS N 131 15.52 33.51 23.55
N VAL N 132 16.57 32.99 22.92
CA VAL N 132 17.91 33.04 23.46
C VAL N 132 18.57 34.32 22.93
N ALA N 133 18.64 35.33 23.79
CA ALA N 133 19.13 36.64 23.36
C ALA N 133 20.60 36.59 22.95
N ALA N 134 21.42 35.91 23.74
CA ALA N 134 22.86 35.83 23.49
C ALA N 134 23.25 34.38 23.25
N GLY N 135 24.00 34.14 22.18
CA GLY N 135 24.45 32.81 21.84
C GLY N 135 25.34 32.22 22.90
N PRO N 136 25.15 30.94 23.20
CA PRO N 136 26.05 30.26 24.13
C PRO N 136 27.47 30.24 23.61
N ALA N 137 28.44 30.33 24.53
CA ALA N 137 29.83 30.16 24.15
C ALA N 137 30.08 28.75 23.62
N THR N 138 29.69 27.75 24.40
CA THR N 138 29.72 26.34 23.97
C THR N 138 28.39 25.72 24.39
N GLY N 139 27.45 25.63 23.46
CA GLY N 139 26.14 25.10 23.79
C GLY N 139 26.18 23.64 24.18
N ALA N 140 25.30 23.29 25.11
CA ALA N 140 25.14 21.92 25.56
C ALA N 140 23.99 21.27 24.80
N ALA N 141 24.15 19.99 24.45
CA ALA N 141 23.26 19.38 23.48
C ALA N 141 21.96 18.89 24.12
N GLY N 142 22.04 17.91 25.01
CA GLY N 142 20.88 17.16 25.42
C GLY N 142 20.12 17.68 26.62
N LYS N 143 20.41 18.88 27.11
CA LYS N 143 19.75 19.38 28.30
C LYS N 143 18.34 19.85 27.98
N THR N 144 17.56 20.07 29.03
CA THR N 144 16.15 20.41 28.91
C THR N 144 15.88 21.75 29.59
N ILE N 145 15.01 22.55 28.99
CA ILE N 145 14.51 23.76 29.62
C ILE N 145 13.05 23.52 29.95
N ALA N 146 12.56 24.23 30.96
CA ALA N 146 11.19 24.00 31.42
C ALA N 146 10.70 25.24 32.14
N LEU N 147 9.49 25.68 31.79
CA LEU N 147 8.86 26.82 32.43
C LEU N 147 7.53 26.38 33.01
N ILE N 148 7.16 26.96 34.16
CA ILE N 148 5.92 26.64 34.85
C ILE N 148 5.11 27.92 34.99
N LEU N 149 3.85 27.87 34.54
CA LEU N 149 2.96 29.03 34.61
C LEU N 149 1.86 28.77 35.62
N PHE N 150 1.64 29.74 36.50
CA PHE N 150 0.50 29.72 37.41
C PHE N 150 -0.58 30.62 36.82
N TYR N 151 -1.11 30.23 35.66
CA TYR N 151 -2.09 31.05 34.98
C TYR N 151 -3.47 30.83 35.59
N VAL N 152 -4.20 31.92 35.78
CA VAL N 152 -5.51 31.90 36.41
C VAL N 152 -6.53 32.53 35.46
N GLN N 153 -7.68 31.89 35.32
CA GLN N 153 -8.73 32.39 34.44
C GLN N 153 -9.66 33.34 35.20
N GLY N 154 -10.56 33.98 34.46
CA GLY N 154 -11.62 34.76 35.06
C GLY N 154 -11.14 35.94 35.89
N THR N 155 -10.03 36.56 35.51
CA THR N 155 -9.55 37.73 36.21
C THR N 155 -10.31 38.95 35.72
N SER N 156 -9.83 40.14 36.09
CA SER N 156 -10.46 41.38 35.65
C SER N 156 -9.55 42.19 34.75
N ALA O 2 -5.24 59.14 55.19
CA ALA O 2 -6.58 58.56 55.19
C ALA O 2 -6.61 57.27 54.39
N LEU O 3 -7.70 56.52 54.52
CA LEU O 3 -7.83 55.26 53.81
C LEU O 3 -8.09 55.51 52.33
N ILE O 4 -7.22 55.00 51.49
CA ILE O 4 -7.43 54.99 50.05
C ILE O 4 -7.88 53.59 49.69
N GLN O 5 -9.13 53.45 49.24
CA GLN O 5 -9.68 52.15 48.93
C GLN O 5 -9.48 51.81 47.47
N SER O 6 -9.10 50.57 47.20
CA SER O 6 -9.09 50.05 45.85
C SER O 6 -10.49 49.56 45.49
N ASP O 7 -10.65 49.10 44.24
CA ASP O 7 -11.96 48.64 43.80
C ASP O 7 -12.38 47.38 44.53
N PHE O 8 -11.42 46.58 45.02
CA PHE O 8 -11.76 45.30 45.62
C PHE O 8 -12.43 45.47 46.97
N ALA O 9 -11.99 46.46 47.75
CA ALA O 9 -12.54 46.64 49.08
C ALA O 9 -13.95 47.21 49.04
N GLN O 10 -14.18 48.21 48.18
CA GLN O 10 -15.49 48.85 48.13
C GLN O 10 -16.58 47.91 47.64
N GLY O 11 -16.21 46.77 47.07
CA GLY O 11 -17.15 45.81 46.55
C GLY O 11 -17.42 45.92 45.06
N ILE O 12 -16.81 46.90 44.39
CA ILE O 12 -17.04 47.05 42.96
C ILE O 12 -16.52 45.84 42.20
N ARG O 13 -15.32 45.37 42.57
CA ARG O 13 -14.69 44.25 41.91
C ARG O 13 -14.70 43.05 42.84
N MET O 14 -15.40 41.99 42.43
CA MET O 14 -15.58 40.83 43.29
C MET O 14 -14.26 40.11 43.52
N THR O 15 -14.18 39.40 44.64
CA THR O 15 -13.00 38.63 45.00
C THR O 15 -13.30 37.14 44.94
N PRO O 16 -12.33 36.32 44.53
CA PRO O 16 -12.61 34.90 44.33
C PRO O 16 -12.53 34.11 45.63
N VAL O 17 -13.38 33.10 45.73
CA VAL O 17 -13.32 32.15 46.83
C VAL O 17 -13.20 30.75 46.25
N PRO O 18 -12.38 29.87 46.82
CA PRO O 18 -12.31 28.49 46.32
C PRO O 18 -13.59 27.73 46.62
N ASP O 19 -13.90 26.79 45.75
CA ASP O 19 -15.03 25.89 45.96
C ASP O 19 -14.55 24.49 46.35
N CYS O 20 -13.32 24.36 46.83
CA CYS O 20 -12.75 23.08 47.22
C CYS O 20 -11.86 23.32 48.43
N ALA O 21 -11.54 22.22 49.12
CA ALA O 21 -10.70 22.31 50.31
C ALA O 21 -9.24 22.40 49.91
N GLY O 22 -8.56 23.42 50.41
CA GLY O 22 -7.15 23.59 50.11
C GLY O 22 -6.84 23.77 48.64
N ASP O 23 -7.69 24.51 47.93
CA ASP O 23 -7.47 24.80 46.52
C ASP O 23 -6.90 26.21 46.41
N VAL O 24 -5.66 26.34 45.94
CA VAL O 24 -5.00 27.63 45.92
C VAL O 24 -5.73 28.57 44.97
N THR O 25 -6.04 29.76 45.46
CA THR O 25 -6.78 30.76 44.71
C THR O 25 -5.99 32.06 44.72
N ALA O 26 -5.97 32.75 43.59
CA ALA O 26 -5.22 33.99 43.47
C ALA O 26 -6.10 35.07 42.86
N CYS O 27 -5.81 36.31 43.21
CA CYS O 27 -6.42 37.46 42.56
C CYS O 27 -5.46 38.63 42.61
N ARG O 28 -5.46 39.43 41.55
CA ARG O 28 -4.53 40.54 41.45
C ARG O 28 -5.11 41.73 42.18
N PHE O 29 -4.85 41.81 43.48
CA PHE O 29 -5.28 42.94 44.30
C PHE O 29 -4.44 44.13 43.91
N ASP O 30 -5.02 45.07 43.16
CA ASP O 30 -4.26 46.22 42.68
C ASP O 30 -5.07 47.49 42.87
N ILE O 31 -4.34 48.61 42.91
CA ILE O 31 -4.94 49.93 43.01
C ILE O 31 -4.08 50.90 42.21
N THR O 32 -4.73 51.87 41.58
CA THR O 32 -4.04 52.97 40.92
C THR O 32 -4.06 54.16 41.86
N LEU O 33 -2.87 54.67 42.21
CA LEU O 33 -2.77 55.69 43.24
C LEU O 33 -3.05 57.07 42.65
N LYS O 34 -4.19 57.65 43.00
CA LYS O 34 -4.49 59.04 42.70
C LYS O 34 -3.89 59.91 43.78
N ASN O 35 -3.12 60.92 43.36
CA ASN O 35 -2.14 61.82 43.98
C ASN O 35 -0.91 61.00 44.39
N ALA O 36 -0.18 61.46 45.39
CA ALA O 36 1.07 60.82 45.76
C ALA O 36 0.96 60.19 47.15
N PRO O 37 1.68 59.10 47.38
CA PRO O 37 1.67 58.49 48.73
C PRO O 37 2.39 59.37 49.74
N ALA O 38 2.04 59.18 51.00
CA ALA O 38 2.65 59.92 52.08
C ALA O 38 2.73 59.03 53.31
N ALA O 39 3.54 59.45 54.28
CA ALA O 39 3.70 58.69 55.50
C ALA O 39 2.38 58.56 56.24
N GLY O 40 2.12 57.36 56.76
CA GLY O 40 0.88 57.09 57.46
C GLY O 40 -0.29 56.72 56.58
N ASP O 41 -0.10 56.67 55.27
CA ASP O 41 -1.20 56.31 54.38
C ASP O 41 -1.52 54.83 54.50
N ILE O 42 -2.80 54.51 54.67
CA ILE O 42 -3.26 53.13 54.74
C ILE O 42 -4.06 52.86 53.48
N ILE O 43 -3.55 51.98 52.63
CA ILE O 43 -4.19 51.63 51.38
C ILE O 43 -4.84 50.27 51.56
N GLU O 44 -6.17 50.23 51.51
CA GLU O 44 -6.92 48.99 51.71
C GLU O 44 -6.99 48.29 50.35
N LEU O 45 -6.03 47.40 50.10
CA LEU O 45 -5.89 46.82 48.76
C LEU O 45 -7.04 45.89 48.44
N GLY O 46 -7.16 44.79 49.19
CA GLY O 46 -8.14 43.80 48.82
C GLY O 46 -8.62 43.05 50.05
N VAL O 47 -9.72 42.33 49.87
CA VAL O 47 -10.37 41.61 50.94
C VAL O 47 -9.95 40.15 50.88
N LEU O 48 -9.42 39.65 51.97
CA LEU O 48 -9.16 38.25 52.17
C LEU O 48 -10.46 37.54 52.50
N PRO O 49 -10.80 36.46 51.82
CA PRO O 49 -12.13 35.86 51.98
C PRO O 49 -12.33 35.23 53.35
N GLY O 50 -13.50 34.64 53.57
CA GLY O 50 -13.93 34.28 54.90
C GLY O 50 -12.97 33.43 55.72
N ASN O 51 -12.83 32.16 55.39
CA ASN O 51 -12.05 31.24 56.20
C ASN O 51 -10.64 31.03 55.66
N ALA O 52 -10.28 31.72 54.59
CA ALA O 52 -9.00 31.47 53.95
C ALA O 52 -7.86 32.09 54.76
N VAL O 53 -6.67 31.56 54.54
CA VAL O 53 -5.44 32.13 55.11
C VAL O 53 -4.43 32.27 53.98
N PRO O 54 -3.60 33.32 53.99
CA PRO O 54 -2.61 33.44 52.92
C PRO O 54 -1.62 32.28 52.95
N VAL O 55 -1.22 31.85 51.76
CA VAL O 55 -0.19 30.82 51.63
C VAL O 55 1.02 31.30 50.85
N GLU O 56 0.89 32.32 50.00
CA GLU O 56 2.03 33.04 49.45
C GLU O 56 1.53 34.36 48.88
N ALA O 57 2.23 35.44 49.19
CA ALA O 57 1.85 36.77 48.75
C ALA O 57 2.98 37.36 47.91
N ILE O 58 2.64 37.83 46.72
CA ILE O 58 3.60 38.44 45.81
C ILE O 58 3.24 39.91 45.66
N LEU O 59 4.16 40.78 46.05
CA LEU O 59 3.94 42.22 46.03
C LEU O 59 4.80 42.83 44.93
N ASP O 60 4.17 43.57 44.03
CA ASP O 60 4.87 44.27 42.96
C ASP O 60 4.38 45.70 42.91
N VAL O 61 5.33 46.64 42.88
CA VAL O 61 5.02 48.07 42.83
C VAL O 61 5.90 48.69 41.76
N ASP O 62 5.50 49.89 41.31
CA ASP O 62 6.17 50.56 40.20
C ASP O 62 6.82 51.85 40.70
N ASP O 63 8.02 51.71 41.27
CA ASP O 63 8.91 52.84 41.55
C ASP O 63 8.18 54.01 42.19
N LEU O 64 7.68 53.84 43.42
CA LEU O 64 6.78 54.83 44.00
C LEU O 64 7.41 56.21 44.14
N ASP O 65 8.61 56.19 44.68
CA ASP O 65 9.21 57.45 45.01
C ASP O 65 10.35 57.92 44.24
N THR O 66 11.07 57.03 43.58
CA THR O 66 12.12 57.52 42.72
C THR O 66 12.96 58.49 43.45
N GLY O 67 13.10 59.66 42.89
CA GLY O 67 13.90 60.65 43.52
C GLY O 67 15.30 60.18 43.70
N GLY O 68 15.79 60.34 44.90
CA GLY O 68 17.15 59.97 45.18
C GLY O 68 17.14 59.54 46.60
N ALA O 69 18.14 58.78 47.02
CA ALA O 69 18.19 58.27 48.36
C ALA O 69 16.81 57.87 48.78
N PRO O 70 16.13 57.03 47.99
CA PRO O 70 14.75 56.80 48.44
C PRO O 70 14.68 56.28 49.87
N THR O 71 13.60 56.66 50.55
CA THR O 71 13.36 56.23 51.92
C THR O 71 12.02 55.54 52.11
N ILE O 72 11.23 55.35 51.05
CA ILE O 72 9.92 54.72 51.20
C ILE O 72 10.09 53.29 51.65
N THR O 73 9.10 52.80 52.40
CA THR O 73 9.07 51.41 52.82
C THR O 73 7.61 51.01 53.03
N LEU O 74 7.17 49.97 52.32
CA LEU O 74 5.79 49.54 52.44
C LEU O 74 5.64 48.57 53.60
N ASP O 75 4.40 48.40 54.04
CA ASP O 75 4.09 47.53 55.17
C ASP O 75 2.64 47.09 55.02
N VAL O 76 2.43 45.82 54.67
CA VAL O 76 1.10 45.30 54.40
C VAL O 76 0.72 44.34 55.53
N GLY O 77 -0.58 44.16 55.71
CA GLY O 77 -1.07 43.29 56.76
C GLY O 77 -2.58 43.18 56.71
N ILE O 78 -3.14 42.66 57.80
CA ILE O 78 -4.57 42.40 57.92
C ILE O 78 -5.16 43.44 58.86
N MET O 79 -6.18 44.15 58.39
CA MET O 79 -6.80 45.18 59.21
C MET O 79 -7.94 44.59 60.05
N SER O 80 -8.12 45.17 61.24
CA SER O 80 -9.11 44.65 62.17
C SER O 80 -10.53 45.08 61.82
N GLY O 81 -10.69 46.10 60.98
CA GLY O 81 -11.97 46.67 60.72
C GLY O 81 -12.82 45.79 59.81
N PRO O 82 -14.03 46.26 59.53
CA PRO O 82 -14.92 45.53 58.62
C PRO O 82 -14.43 45.52 57.18
N VAL O 83 -15.26 44.99 56.28
CA VAL O 83 -14.82 44.76 54.91
C VAL O 83 -14.45 46.07 54.22
N GLY O 84 -15.33 47.05 54.27
CA GLY O 84 -15.13 48.28 53.51
C GLY O 84 -15.55 49.56 54.19
N LYS O 85 -15.56 49.58 55.51
CA LYS O 85 -15.98 50.76 56.25
C LYS O 85 -14.91 51.85 56.19
N ASN O 86 -15.34 53.08 55.93
CA ASN O 86 -14.42 54.22 55.83
C ASN O 86 -14.11 54.81 57.21
N ASP O 87 -13.68 53.97 58.14
CA ASP O 87 -13.28 54.42 59.45
C ASP O 87 -11.79 54.71 59.46
N PRO O 88 -11.35 55.93 59.75
CA PRO O 88 -9.92 56.21 59.77
C PRO O 88 -9.18 55.74 61.01
N ALA O 89 -9.82 54.93 61.86
CA ALA O 89 -9.20 54.39 63.06
C ALA O 89 -8.74 52.95 62.88
N ARG O 90 -8.82 52.40 61.66
CA ARG O 90 -8.37 51.05 61.41
C ARG O 90 -6.86 51.02 61.19
N THR O 91 -6.20 50.02 61.76
CA THR O 91 -4.75 49.93 61.74
C THR O 91 -4.28 48.73 60.92
N CYS O 92 -3.03 48.82 60.46
CA CYS O 92 -2.41 47.77 59.66
C CYS O 92 -1.22 47.21 60.43
N GLY O 93 -1.20 45.87 60.57
CA GLY O 93 -0.09 45.20 61.20
C GLY O 93 0.91 44.68 60.18
N ASN O 94 2.12 44.39 60.66
CA ASN O 94 3.17 43.88 59.79
C ASN O 94 3.21 42.36 59.85
N GLU O 95 2.16 41.75 59.29
CA GLU O 95 2.09 40.30 59.23
C GLU O 95 2.83 39.76 58.01
N LEU O 96 2.44 40.20 56.81
CA LEU O 96 3.02 39.64 55.60
C LEU O 96 4.40 40.23 55.32
N PHE O 97 4.49 41.54 55.14
CA PHE O 97 5.75 42.22 54.87
C PHE O 97 6.03 43.21 55.98
N ALA O 98 7.08 42.94 56.77
CA ALA O 98 7.44 43.85 57.84
C ALA O 98 7.95 45.18 57.29
N ALA O 99 8.90 45.12 56.36
CA ALA O 99 9.44 46.32 55.72
C ALA O 99 9.82 45.91 54.29
N SER O 100 8.91 46.16 53.35
CA SER O 100 9.10 45.65 51.99
C SER O 100 10.34 46.22 51.32
N THR O 101 10.69 47.46 51.64
CA THR O 101 11.76 48.23 51.01
C THR O 101 11.71 48.09 49.49
N VAL O 102 10.51 47.82 48.96
CA VAL O 102 10.25 47.83 47.53
C VAL O 102 9.46 49.09 47.22
N GLY O 103 9.63 49.62 46.02
CA GLY O 103 9.18 50.95 45.70
C GLY O 103 10.27 51.99 45.80
N GLN O 104 11.35 51.69 46.52
CA GLN O 104 12.56 52.49 46.39
C GLN O 104 13.06 52.43 44.96
N ALA O 105 13.06 51.24 44.37
CA ALA O 105 13.26 51.06 42.94
C ALA O 105 12.25 50.05 42.45
N GLY O 106 11.81 50.21 41.20
CA GLY O 106 10.80 49.32 40.65
C GLY O 106 11.22 47.87 40.67
N GLY O 107 10.36 47.01 41.20
CA GLY O 107 10.71 45.60 41.28
C GLY O 107 9.60 44.80 41.93
N VAL O 108 9.89 43.52 42.16
CA VAL O 108 8.94 42.59 42.73
C VAL O 108 9.59 41.91 43.93
N VAL O 109 8.86 41.83 45.04
CA VAL O 109 9.33 41.15 46.23
C VAL O 109 8.29 40.11 46.63
N ARG O 110 8.75 39.06 47.29
CA ARG O 110 7.89 37.98 47.73
C ARG O 110 7.89 37.90 49.24
N ALA O 111 6.83 37.30 49.79
CA ALA O 111 6.70 37.18 51.24
C ALA O 111 7.90 36.43 51.81
N THR O 112 8.52 37.00 52.82
CA THR O 112 9.72 36.43 53.40
C THR O 112 9.62 36.25 54.91
N ALA O 113 8.94 37.15 55.61
CA ALA O 113 8.79 37.00 57.06
C ALA O 113 7.99 35.73 57.38
N SER O 114 8.41 35.04 58.43
CA SER O 114 7.78 33.79 58.80
C SER O 114 6.32 33.97 59.18
N SER O 115 5.94 35.17 59.63
CA SER O 115 4.57 35.41 60.04
C SER O 115 3.59 35.42 58.86
N ALA O 116 4.09 35.42 57.63
CA ALA O 116 3.21 35.49 56.48
C ALA O 116 2.29 34.27 56.39
N PHE O 117 2.83 33.09 56.67
CA PHE O 117 2.08 31.85 56.50
C PHE O 117 1.41 31.38 57.79
N ARG O 118 1.52 32.13 58.88
CA ARG O 118 0.95 31.74 60.16
C ARG O 118 -0.34 32.46 60.50
N ILE O 119 -0.95 33.15 59.54
CA ILE O 119 -2.18 33.88 59.81
C ILE O 119 -3.30 32.90 60.16
N GLN O 120 -4.06 33.24 61.21
CA GLN O 120 -5.17 32.42 61.65
C GLN O 120 -6.45 32.85 60.96
N LYS O 121 -7.37 31.89 60.81
CA LYS O 121 -8.64 32.14 60.14
C LYS O 121 -9.61 32.85 61.07
N ALA O 122 -10.50 33.65 60.47
CA ALA O 122 -11.60 34.28 61.19
C ALA O 122 -12.84 34.22 60.32
N GLU O 123 -13.99 33.93 60.94
CA GLU O 123 -15.20 33.62 60.17
C GLU O 123 -15.70 34.79 59.34
N ASP O 124 -15.26 36.01 59.60
CA ASP O 124 -15.69 37.18 58.85
C ASP O 124 -14.64 37.56 57.83
N HIS O 125 -15.07 38.30 56.81
CA HIS O 125 -14.12 38.83 55.84
C HIS O 125 -13.20 39.84 56.50
N ARG O 126 -11.98 39.94 56.00
CA ARG O 126 -11.01 40.90 56.47
C ARG O 126 -10.32 41.54 55.27
N SER O 127 -9.82 42.75 55.46
CA SER O 127 -9.27 43.53 54.37
C SER O 127 -7.76 43.68 54.51
N VAL O 128 -7.05 43.28 53.47
CA VAL O 128 -5.59 43.36 53.45
C VAL O 128 -5.19 44.79 53.11
N GLY O 129 -4.38 45.41 53.97
CA GLY O 129 -4.08 46.81 53.80
C GLY O 129 -2.61 47.17 53.78
N VAL O 130 -2.19 47.90 52.74
CA VAL O 130 -0.82 48.39 52.66
C VAL O 130 -0.71 49.69 53.44
N LYS O 131 0.26 49.75 54.35
CA LYS O 131 0.55 50.94 55.14
C LYS O 131 1.95 51.41 54.78
N VAL O 132 2.06 52.67 54.34
CA VAL O 132 3.36 53.24 54.02
C VAL O 132 4.00 53.69 55.33
N ALA O 133 5.00 52.95 55.80
CA ALA O 133 5.57 53.21 57.11
C ALA O 133 6.33 54.53 57.13
N ALA O 134 7.20 54.75 56.15
CA ALA O 134 8.02 55.94 56.10
C ALA O 134 7.67 56.77 54.87
N GLY O 135 7.70 58.09 55.03
CA GLY O 135 7.38 59.00 53.95
C GLY O 135 8.34 58.86 52.80
N PRO O 136 7.84 59.07 51.58
CA PRO O 136 8.68 58.94 50.40
C PRO O 136 9.33 60.23 49.92
N ALA O 137 10.58 60.09 49.48
CA ALA O 137 11.30 61.21 48.91
C ALA O 137 10.71 61.56 47.56
N THR O 138 10.33 62.83 47.38
CA THR O 138 9.72 63.31 46.14
C THR O 138 8.37 62.62 45.89
N GLY O 139 8.41 61.34 45.56
CA GLY O 139 7.19 60.60 45.29
C GLY O 139 6.73 60.75 43.86
N ALA O 140 5.71 59.97 43.51
CA ALA O 140 5.13 60.02 42.18
C ALA O 140 3.64 59.71 42.27
N ALA O 141 2.90 60.21 41.28
CA ALA O 141 1.45 60.07 41.24
C ALA O 141 1.06 59.24 40.03
N GLY O 142 0.15 58.29 40.24
CA GLY O 142 -0.27 57.38 39.19
C GLY O 142 0.38 56.02 39.23
N LYS O 143 1.42 55.84 40.05
CA LYS O 143 2.05 54.54 40.17
C LYS O 143 1.15 53.60 40.96
N THR O 144 1.07 52.35 40.49
CA THR O 144 0.10 51.38 41.02
C THR O 144 0.74 50.46 42.04
N ILE O 145 -0.06 50.07 43.03
CA ILE O 145 0.32 49.07 44.02
C ILE O 145 -0.44 47.80 43.67
N ALA O 146 0.29 46.72 43.45
CA ALA O 146 -0.31 45.44 43.07
C ALA O 146 0.14 44.37 44.03
N LEU O 147 -0.82 43.73 44.68
CA LEU O 147 -0.56 42.61 45.57
C LEU O 147 -1.22 41.37 45.00
N ILE O 148 -0.47 40.29 44.88
CA ILE O 148 -0.98 39.01 44.42
C ILE O 148 -1.01 38.08 45.62
N LEU O 149 -2.21 37.63 45.98
CA LEU O 149 -2.42 36.88 47.22
C LEU O 149 -2.90 35.48 46.90
N PHE O 150 -2.20 34.48 47.45
CA PHE O 150 -2.63 33.10 47.37
C PHE O 150 -3.24 32.70 48.70
N TYR O 151 -4.46 32.19 48.69
CA TYR O 151 -5.06 31.71 49.92
C TYR O 151 -5.79 30.40 49.68
N VAL O 152 -5.83 29.57 50.71
CA VAL O 152 -6.57 28.31 50.69
C VAL O 152 -7.71 28.41 51.69
N GLN O 153 -8.88 27.92 51.30
CA GLN O 153 -10.13 28.23 52.00
C GLN O 153 -10.53 27.13 52.98
N GLY O 154 -9.73 26.09 53.15
CA GLY O 154 -10.14 25.00 54.02
C GLY O 154 -9.08 24.45 54.94
N THR O 155 -8.09 25.27 55.30
CA THR O 155 -7.01 24.80 56.14
C THR O 155 -7.52 24.49 57.55
N SER O 156 -6.78 23.65 58.25
CA SER O 156 -7.12 23.28 59.63
C SER O 156 -6.40 24.17 60.62
N ALA P 2 -0.02 67.79 2.94
CA ALA P 2 -1.46 68.02 3.03
C ALA P 2 -2.19 67.44 1.83
N LEU P 3 -3.28 66.74 2.08
CA LEU P 3 -4.12 66.17 1.03
C LEU P 3 -5.17 67.19 0.64
N ILE P 4 -5.10 67.67 -0.60
CA ILE P 4 -5.99 68.70 -1.11
C ILE P 4 -7.09 68.00 -1.91
N GLN P 5 -8.28 67.93 -1.34
CA GLN P 5 -9.43 67.40 -2.06
C GLN P 5 -9.85 68.41 -3.13
N SER P 6 -10.35 67.91 -4.26
CA SER P 6 -10.68 68.84 -5.34
C SER P 6 -11.84 68.26 -6.17
N ASP P 7 -13.06 68.65 -5.80
CA ASP P 7 -14.23 68.48 -6.65
C ASP P 7 -14.39 67.07 -7.20
N PHE P 8 -13.54 66.69 -8.16
CA PHE P 8 -13.68 65.40 -8.81
C PHE P 8 -13.49 64.25 -7.84
N ALA P 9 -12.50 64.37 -6.95
CA ALA P 9 -12.28 63.32 -5.95
C ALA P 9 -13.51 63.18 -5.05
N GLN P 10 -14.10 64.30 -4.66
CA GLN P 10 -15.33 64.29 -3.89
C GLN P 10 -16.49 63.92 -4.82
N GLY P 11 -17.70 63.98 -4.29
CA GLY P 11 -18.86 63.70 -5.11
C GLY P 11 -19.40 64.89 -5.86
N ILE P 12 -18.70 66.02 -5.84
CA ILE P 12 -19.24 67.24 -6.43
C ILE P 12 -19.31 67.11 -7.95
N ARG P 13 -18.16 67.00 -8.59
CA ARG P 13 -18.10 66.85 -10.04
C ARG P 13 -17.95 65.39 -10.38
N MET P 14 -18.52 64.97 -11.50
CA MET P 14 -18.61 63.56 -11.85
C MET P 14 -17.66 63.21 -12.98
N THR P 15 -17.05 62.04 -12.87
CA THR P 15 -16.25 61.46 -13.93
C THR P 15 -17.03 60.38 -14.65
N PRO P 16 -17.03 60.38 -15.98
CA PRO P 16 -17.93 59.50 -16.72
C PRO P 16 -17.33 58.12 -16.94
N VAL P 17 -18.20 57.12 -16.84
CA VAL P 17 -17.82 55.76 -17.18
C VAL P 17 -17.86 55.62 -18.70
N PRO P 18 -17.00 54.80 -19.29
CA PRO P 18 -16.99 54.72 -20.75
C PRO P 18 -18.25 54.14 -21.35
N ASP P 19 -18.71 53.00 -20.83
CA ASP P 19 -19.71 52.14 -21.48
C ASP P 19 -19.10 51.54 -22.74
N CYS P 20 -19.56 50.35 -23.12
CA CYS P 20 -18.96 49.58 -24.21
C CYS P 20 -17.51 49.24 -23.86
N ALA P 21 -16.82 48.55 -24.76
CA ALA P 21 -15.47 48.09 -24.49
C ALA P 21 -14.48 48.79 -25.42
N GLY P 22 -13.40 49.29 -24.86
CA GLY P 22 -12.39 49.97 -25.63
C GLY P 22 -12.72 51.40 -25.97
N ASP P 23 -13.93 51.87 -25.66
CA ASP P 23 -14.31 53.24 -25.97
C ASP P 23 -13.47 54.23 -25.18
N VAL P 24 -12.58 54.95 -25.87
CA VAL P 24 -11.73 55.91 -25.19
C VAL P 24 -12.58 56.99 -24.55
N THR P 25 -12.34 57.26 -23.28
CA THR P 25 -13.14 58.20 -22.51
C THR P 25 -12.21 59.15 -21.79
N ALA P 26 -12.50 60.44 -21.86
CA ALA P 26 -11.66 61.44 -21.23
C ALA P 26 -12.51 62.46 -20.48
N CYS P 27 -12.04 62.86 -19.31
CA CYS P 27 -12.59 64.00 -18.61
C CYS P 27 -11.43 64.84 -18.11
N ARG P 28 -11.68 66.14 -17.94
CA ARG P 28 -10.64 67.08 -17.56
C ARG P 28 -10.71 67.29 -16.06
N PHE P 29 -9.74 66.73 -15.33
CA PHE P 29 -9.67 66.90 -13.88
C PHE P 29 -8.81 68.12 -13.59
N ASP P 30 -9.45 69.21 -13.17
CA ASP P 30 -8.75 70.47 -12.94
C ASP P 30 -8.93 70.94 -11.51
N ILE P 31 -7.95 71.69 -11.01
CA ILE P 31 -7.97 72.24 -9.66
C ILE P 31 -7.52 73.70 -9.73
N THR P 32 -8.21 74.54 -8.96
CA THR P 32 -7.79 75.92 -8.75
C THR P 32 -7.11 75.96 -7.38
N LEU P 33 -5.78 75.86 -7.37
CA LEU P 33 -5.04 75.82 -6.13
C LEU P 33 -5.05 77.17 -5.44
N LYS P 34 -6.02 77.40 -4.54
CA LYS P 34 -6.08 78.65 -3.81
C LYS P 34 -5.12 78.62 -2.63
N ASN P 35 -3.87 78.27 -2.91
CA ASN P 35 -2.81 78.16 -1.91
C ASN P 35 -1.52 77.90 -2.66
N ALA P 36 -0.39 77.98 -1.96
CA ALA P 36 0.91 77.75 -2.56
C ALA P 36 1.38 76.33 -2.28
N PRO P 37 1.70 75.55 -3.30
CA PRO P 37 2.21 74.19 -3.06
C PRO P 37 3.45 74.21 -2.17
N ALA P 38 3.53 73.23 -1.28
CA ALA P 38 4.63 73.09 -0.34
C ALA P 38 5.59 72.02 -0.82
N ALA P 39 6.58 71.71 0.01
CA ALA P 39 7.56 70.69 -0.35
C ALA P 39 6.91 69.32 -0.51
N GLY P 40 6.00 68.98 0.39
CA GLY P 40 5.30 67.71 0.29
C GLY P 40 3.80 67.86 0.34
N ASP P 41 3.13 67.58 -0.77
CA ASP P 41 1.68 67.69 -0.86
C ASP P 41 1.16 66.50 -1.64
N ILE P 42 -0.12 66.20 -1.44
CA ILE P 42 -0.83 65.22 -2.26
C ILE P 42 -2.06 65.91 -2.80
N ILE P 43 -2.14 66.05 -4.12
CA ILE P 43 -3.19 66.81 -4.78
C ILE P 43 -4.06 65.82 -5.53
N GLU P 44 -5.16 65.42 -4.91
CA GLU P 44 -6.04 64.39 -5.48
C GLU P 44 -6.82 65.02 -6.64
N LEU P 45 -6.21 65.00 -7.82
CA LEU P 45 -6.84 65.60 -9.00
C LEU P 45 -8.16 64.93 -9.34
N GLY P 46 -8.11 63.67 -9.76
CA GLY P 46 -9.29 63.07 -10.36
C GLY P 46 -9.42 61.61 -10.00
N VAL P 47 -10.58 61.06 -10.35
CA VAL P 47 -10.95 59.70 -10.01
C VAL P 47 -10.85 58.84 -11.26
N LEU P 48 -9.92 57.90 -11.25
CA LEU P 48 -9.87 56.88 -12.28
C LEU P 48 -10.96 55.86 -11.99
N PRO P 49 -12.02 55.80 -12.79
CA PRO P 49 -13.19 55.00 -12.41
C PRO P 49 -12.83 53.53 -12.32
N GLY P 50 -13.61 52.82 -11.49
CA GLY P 50 -13.28 51.44 -11.20
C GLY P 50 -13.27 50.59 -12.45
N ASN P 51 -12.28 49.69 -12.53
CA ASN P 51 -12.15 48.74 -13.62
C ASN P 51 -11.94 49.47 -14.95
N ALA P 52 -10.88 50.28 -14.99
CA ALA P 52 -10.52 51.02 -16.18
C ALA P 52 -9.04 51.35 -16.10
N VAL P 53 -8.39 51.37 -17.26
CA VAL P 53 -6.94 51.54 -17.31
C VAL P 53 -6.60 52.79 -18.12
N PRO P 54 -5.61 53.58 -17.71
CA PRO P 54 -5.22 54.76 -18.49
C PRO P 54 -4.57 54.34 -19.80
N VAL P 55 -5.00 54.94 -20.89
CA VAL P 55 -4.41 54.67 -22.20
C VAL P 55 -3.47 55.78 -22.63
N GLU P 56 -3.88 57.02 -22.46
CA GLU P 56 -3.02 58.17 -22.75
C GLU P 56 -3.28 59.24 -21.69
N ALA P 57 -2.21 59.86 -21.22
CA ALA P 57 -2.30 60.85 -20.16
C ALA P 57 -1.64 62.14 -20.61
N ILE P 58 -2.38 63.24 -20.54
CA ILE P 58 -1.89 64.57 -20.91
C ILE P 58 -1.97 65.46 -19.68
N LEU P 59 -0.83 66.01 -19.28
CA LEU P 59 -0.77 66.88 -18.11
C LEU P 59 -0.74 68.33 -18.57
N ASP P 60 -1.79 69.07 -18.23
CA ASP P 60 -1.90 70.49 -18.54
C ASP P 60 -1.71 71.27 -17.26
N VAL P 61 -0.70 72.13 -17.23
CA VAL P 61 -0.31 72.82 -16.00
C VAL P 61 0.16 74.23 -16.35
N ASP P 62 -0.25 75.20 -15.54
CA ASP P 62 0.18 76.58 -15.72
C ASP P 62 1.52 76.75 -15.00
N ASP P 63 2.10 77.95 -15.06
CA ASP P 63 3.37 78.21 -14.42
C ASP P 63 3.21 78.15 -12.90
N LEU P 64 3.96 77.26 -12.27
CA LEU P 64 3.93 77.13 -10.81
C LEU P 64 5.09 77.82 -10.12
N ASP P 65 6.23 77.97 -10.78
CA ASP P 65 7.40 78.58 -10.18
C ASP P 65 7.81 79.81 -10.98
N THR P 66 8.14 80.88 -10.26
CA THR P 66 8.54 82.14 -10.88
C THR P 66 10.00 82.49 -10.65
N GLY P 67 10.63 81.96 -9.60
CA GLY P 67 12.00 82.30 -9.32
C GLY P 67 12.96 81.69 -10.33
N GLY P 68 14.18 82.24 -10.34
CA GLY P 68 15.19 81.73 -11.24
C GLY P 68 15.62 80.32 -10.87
N ALA P 69 16.07 79.58 -11.88
CA ALA P 69 16.44 78.18 -11.74
C ALA P 69 15.33 77.37 -11.04
N PRO P 70 14.18 77.21 -11.69
CA PRO P 70 13.08 76.50 -11.04
C PRO P 70 13.40 75.04 -10.82
N THR P 71 12.78 74.47 -9.77
CA THR P 71 13.02 73.07 -9.44
C THR P 71 11.74 72.29 -9.11
N ILE P 72 10.56 72.79 -9.46
CA ILE P 72 9.33 72.07 -9.13
C ILE P 72 9.22 70.83 -10.01
N THR P 73 8.90 69.71 -9.38
CA THR P 73 8.65 68.46 -10.10
C THR P 73 7.30 67.91 -9.66
N LEU P 74 6.46 67.56 -10.63
CA LEU P 74 5.15 66.97 -10.35
C LEU P 74 5.18 65.50 -10.71
N ASP P 75 4.73 64.66 -9.78
CA ASP P 75 4.65 63.22 -9.98
C ASP P 75 3.19 62.81 -9.99
N VAL P 76 2.71 62.34 -11.14
CA VAL P 76 1.32 61.93 -11.31
C VAL P 76 1.28 60.42 -11.20
N GLY P 77 0.47 59.91 -10.28
CA GLY P 77 0.38 58.46 -10.13
C GLY P 77 -0.90 58.08 -9.40
N ILE P 78 -1.21 56.79 -9.46
CA ILE P 78 -2.39 56.28 -8.78
C ILE P 78 -2.12 56.24 -7.28
N MET P 79 -3.03 56.82 -6.51
CA MET P 79 -2.95 56.80 -5.05
C MET P 79 -4.03 55.88 -4.51
N SER P 80 -3.62 54.87 -3.76
CA SER P 80 -4.49 53.78 -3.36
C SER P 80 -5.26 54.14 -2.09
N GLY P 81 -6.48 53.64 -2.00
CA GLY P 81 -7.34 53.91 -0.88
C GLY P 81 -8.79 53.98 -1.33
N PRO P 82 -9.62 54.62 -0.53
CA PRO P 82 -11.02 54.83 -0.94
C PRO P 82 -11.13 56.00 -1.91
N VAL P 83 -12.35 56.29 -2.36
CA VAL P 83 -12.54 57.27 -3.43
C VAL P 83 -12.12 58.66 -2.96
N GLY P 84 -12.63 59.09 -1.81
CA GLY P 84 -12.39 60.46 -1.37
C GLY P 84 -12.21 60.64 0.11
N LYS P 85 -11.76 59.60 0.81
CA LYS P 85 -11.53 59.71 2.25
C LYS P 85 -10.33 60.60 2.50
N ASN P 86 -10.52 61.65 3.30
CA ASN P 86 -9.48 62.66 3.52
C ASN P 86 -8.64 62.21 4.71
N ASP P 87 -7.50 61.58 4.41
CA ASP P 87 -6.52 61.20 5.40
C ASP P 87 -5.13 61.47 4.84
N PRO P 88 -4.16 61.79 5.69
CA PRO P 88 -2.78 61.95 5.24
C PRO P 88 -2.03 60.64 5.04
N ALA P 89 -2.67 59.50 5.36
CA ALA P 89 -2.01 58.22 5.20
C ALA P 89 -1.90 57.80 3.74
N ARG P 90 -2.84 58.23 2.91
CA ARG P 90 -2.81 57.87 1.49
C ARG P 90 -1.58 58.46 0.82
N THR P 91 -0.89 57.65 0.04
CA THR P 91 0.31 58.06 -0.67
C THR P 91 0.27 57.54 -2.10
N CYS P 92 0.63 58.40 -3.04
CA CYS P 92 0.61 58.07 -4.45
C CYS P 92 1.97 57.54 -4.90
N GLY P 93 2.07 57.20 -6.17
CA GLY P 93 3.31 56.75 -6.75
C GLY P 93 3.64 57.50 -8.03
N ASN P 94 4.53 56.94 -8.85
CA ASN P 94 4.92 57.53 -10.12
C ASN P 94 4.66 56.55 -11.27
N GLU P 95 3.42 56.55 -11.76
CA GLU P 95 3.00 55.66 -12.83
C GLU P 95 2.74 56.41 -14.12
N LEU P 96 1.83 57.39 -14.11
CA LEU P 96 1.57 58.15 -15.31
C LEU P 96 2.69 59.14 -15.61
N PHE P 97 3.42 59.57 -14.58
CA PHE P 97 4.57 60.45 -14.75
C PHE P 97 5.61 60.09 -13.71
N ALA P 98 6.87 60.10 -14.11
CA ALA P 98 7.97 59.77 -13.20
C ALA P 98 8.44 61.00 -12.44
N ALA P 99 8.94 62.00 -13.16
CA ALA P 99 9.37 63.26 -12.57
C ALA P 99 9.30 64.32 -13.65
N SER P 100 8.29 65.18 -13.58
CA SER P 100 7.93 66.06 -14.68
C SER P 100 8.66 67.39 -14.55
N THR P 101 9.11 67.91 -15.70
CA THR P 101 9.71 69.22 -15.82
C THR P 101 8.65 70.29 -16.03
N VAL P 102 7.38 69.92 -16.06
CA VAL P 102 6.30 70.85 -16.39
C VAL P 102 6.21 71.98 -15.37
N GLY P 103 6.73 71.76 -14.17
CA GLY P 103 6.60 72.77 -13.12
C GLY P 103 7.45 74.00 -13.33
N GLN P 104 8.54 73.89 -14.09
CA GLN P 104 9.44 75.03 -14.24
C GLN P 104 8.74 76.19 -14.95
N ALA P 105 8.00 75.90 -16.00
CA ALA P 105 7.27 76.92 -16.73
C ALA P 105 6.00 76.30 -17.30
N GLY P 106 5.01 77.15 -17.57
CA GLY P 106 3.75 76.68 -18.11
C GLY P 106 3.91 75.92 -19.40
N GLY P 107 3.31 74.74 -19.48
CA GLY P 107 3.42 73.92 -20.66
C GLY P 107 2.62 72.65 -20.49
N VAL P 108 2.71 71.79 -21.50
CA VAL P 108 2.03 70.51 -21.51
C VAL P 108 3.01 69.44 -21.95
N VAL P 109 3.16 68.40 -21.14
CA VAL P 109 3.95 67.22 -21.48
C VAL P 109 3.06 66.00 -21.33
N ARG P 110 3.02 65.17 -22.36
CA ARG P 110 2.19 63.99 -22.38
C ARG P 110 2.91 62.82 -21.71
N ALA P 111 2.16 61.75 -21.46
CA ALA P 111 2.73 60.58 -20.81
C ALA P 111 3.82 59.98 -21.67
N THR P 112 5.00 59.81 -21.08
CA THR P 112 6.13 59.23 -21.79
C THR P 112 6.83 58.13 -21.02
N ALA P 113 6.35 57.79 -19.83
CA ALA P 113 6.92 56.68 -19.07
C ALA P 113 6.49 55.36 -19.68
N SER P 114 7.40 54.37 -19.63
CA SER P 114 7.09 53.06 -20.16
C SER P 114 5.97 52.39 -19.37
N SER P 115 5.94 52.60 -18.06
CA SER P 115 4.96 51.94 -17.19
C SER P 115 3.63 52.68 -17.15
N ALA P 116 3.49 53.80 -17.86
CA ALA P 116 2.26 54.57 -17.77
C ALA P 116 1.08 53.80 -18.34
N PHE P 117 1.30 53.02 -19.39
CA PHE P 117 0.23 52.34 -20.09
C PHE P 117 -0.02 50.92 -19.58
N ARG P 118 0.67 50.50 -18.53
CA ARG P 118 0.54 49.15 -17.98
C ARG P 118 -0.19 49.12 -16.64
N ILE P 119 -1.00 50.14 -16.34
CA ILE P 119 -1.75 50.15 -15.10
C ILE P 119 -2.77 49.01 -15.12
N GLN P 120 -2.87 48.29 -14.01
CA GLN P 120 -3.77 47.15 -13.93
C GLN P 120 -5.12 47.58 -13.40
N LYS P 121 -6.12 46.71 -13.62
CA LYS P 121 -7.49 47.02 -13.24
C LYS P 121 -7.67 46.91 -11.74
N ALA P 122 -8.80 47.41 -11.27
CA ALA P 122 -9.24 47.24 -9.89
C ALA P 122 -10.74 47.48 -9.83
N GLU P 123 -11.44 46.69 -9.02
CA GLU P 123 -12.89 46.74 -9.01
C GLU P 123 -13.45 47.98 -8.32
N ASP P 124 -12.61 48.90 -7.85
CA ASP P 124 -13.08 50.04 -7.09
C ASP P 124 -12.46 51.32 -7.62
N HIS P 125 -13.06 52.45 -7.26
CA HIS P 125 -12.67 53.75 -7.80
C HIS P 125 -11.36 54.24 -7.19
N ARG P 126 -10.23 53.83 -7.76
CA ARG P 126 -8.96 54.43 -7.36
C ARG P 126 -8.92 55.90 -7.76
N SER P 127 -7.95 56.63 -7.21
CA SER P 127 -7.83 58.05 -7.46
C SER P 127 -6.43 58.39 -7.94
N VAL P 128 -6.34 59.45 -8.75
CA VAL P 128 -5.08 59.90 -9.33
C VAL P 128 -4.60 61.11 -8.56
N GLY P 129 -3.34 61.08 -8.12
CA GLY P 129 -2.84 62.14 -7.26
C GLY P 129 -1.49 62.69 -7.64
N VAL P 130 -1.37 64.02 -7.65
CA VAL P 130 -0.10 64.68 -7.91
C VAL P 130 0.62 64.92 -6.59
N LYS P 131 1.86 64.47 -6.51
CA LYS P 131 2.75 64.79 -5.40
C LYS P 131 3.88 65.67 -5.92
N VAL P 132 4.02 66.86 -5.36
CA VAL P 132 5.14 67.73 -5.67
C VAL P 132 6.37 67.15 -4.96
N ALA P 133 7.25 66.51 -5.74
CA ALA P 133 8.35 65.74 -5.20
C ALA P 133 9.63 66.56 -5.06
N ALA P 134 9.56 67.86 -5.30
CA ALA P 134 10.72 68.73 -5.15
C ALA P 134 10.24 70.09 -4.67
N GLY P 135 11.18 70.89 -4.19
CA GLY P 135 10.87 72.17 -3.60
C GLY P 135 10.18 73.12 -4.55
N PRO P 136 9.05 73.67 -4.11
CA PRO P 136 8.37 74.71 -4.91
C PRO P 136 9.28 75.88 -5.28
N ALA P 137 10.36 76.09 -4.54
CA ALA P 137 11.21 77.26 -4.69
C ALA P 137 10.40 78.53 -4.44
N THR P 138 10.89 79.67 -4.92
CA THR P 138 10.21 80.95 -4.69
C THR P 138 9.20 81.16 -5.81
N GLY P 139 7.93 81.00 -5.47
CA GLY P 139 6.86 81.19 -6.43
C GLY P 139 5.57 80.59 -5.91
N ALA P 140 4.59 80.54 -6.83
CA ALA P 140 3.30 79.87 -6.71
C ALA P 140 2.22 80.85 -6.25
N ALA P 141 0.99 80.61 -6.69
CA ALA P 141 -0.18 81.41 -6.37
C ALA P 141 -1.40 80.62 -6.82
N GLY P 142 -2.57 81.27 -6.83
CA GLY P 142 -3.74 80.63 -7.38
C GLY P 142 -3.54 80.27 -8.84
N LYS P 143 -3.34 78.98 -9.12
CA LYS P 143 -3.05 78.51 -10.47
C LYS P 143 -3.89 77.26 -10.73
N THR P 144 -3.58 76.57 -11.82
CA THR P 144 -4.33 75.39 -12.23
C THR P 144 -3.38 74.29 -12.66
N ILE P 145 -3.62 73.08 -12.15
CA ILE P 145 -3.03 71.86 -12.66
C ILE P 145 -4.17 70.96 -13.09
N ALA P 146 -4.06 70.39 -14.28
CA ALA P 146 -5.17 69.61 -14.83
C ALA P 146 -4.61 68.54 -15.77
N LEU P 147 -4.81 67.27 -15.42
CA LEU P 147 -4.39 66.21 -16.31
C LEU P 147 -5.60 65.74 -17.10
N ILE P 148 -5.35 65.28 -18.32
CA ILE P 148 -6.39 64.74 -19.18
C ILE P 148 -5.97 63.31 -19.50
N LEU P 149 -6.49 62.36 -18.73
CA LEU P 149 -6.16 60.96 -18.93
C LEU P 149 -7.31 60.25 -19.62
N PHE P 150 -6.98 59.44 -20.62
CA PHE P 150 -7.95 58.64 -21.35
C PHE P 150 -7.96 57.24 -20.74
N TYR P 151 -9.12 56.80 -20.26
CA TYR P 151 -9.27 55.48 -19.67
C TYR P 151 -10.30 54.70 -20.47
N VAL P 152 -10.06 53.41 -20.64
CA VAL P 152 -10.97 52.52 -21.36
C VAL P 152 -11.41 51.40 -20.43
N GLN P 153 -12.68 51.04 -20.49
CA GLN P 153 -13.19 49.91 -19.73
C GLN P 153 -13.28 48.69 -20.63
N GLY P 154 -13.40 47.52 -19.99
CA GLY P 154 -13.46 46.28 -20.72
C GLY P 154 -12.15 45.82 -21.29
N THR P 155 -11.04 46.35 -20.81
CA THR P 155 -9.74 45.90 -21.28
C THR P 155 -9.47 44.48 -20.81
N SER P 156 -8.44 43.87 -21.39
CA SER P 156 -8.08 42.50 -21.05
C SER P 156 -6.64 42.42 -20.56
N ALA Q 2 9.47 34.61 -39.27
CA ALA Q 2 9.16 33.87 -38.06
C ALA Q 2 7.67 33.86 -37.78
N LEU Q 3 7.03 35.02 -37.97
CA LEU Q 3 5.59 35.19 -37.77
C LEU Q 3 5.19 34.84 -36.34
N ILE Q 4 5.80 35.52 -35.37
CA ILE Q 4 5.42 35.38 -33.97
C ILE Q 4 4.12 36.14 -33.78
N GLN Q 5 3.00 35.42 -33.72
CA GLN Q 5 1.70 36.06 -33.67
C GLN Q 5 1.22 36.21 -32.24
N SER Q 6 0.54 37.32 -31.97
CA SER Q 6 0.04 37.60 -30.63
C SER Q 6 -1.27 36.86 -30.40
N ASP Q 7 -1.84 37.09 -29.22
CA ASP Q 7 -3.14 36.48 -28.90
C ASP Q 7 -4.24 37.07 -29.76
N PHE Q 8 -4.15 38.34 -30.11
CA PHE Q 8 -5.22 38.97 -30.87
C PHE Q 8 -5.33 38.37 -32.27
N ALA Q 9 -4.20 38.06 -32.90
CA ALA Q 9 -4.23 37.49 -34.23
C ALA Q 9 -4.91 36.13 -34.24
N GLN Q 10 -4.60 35.29 -33.26
CA GLN Q 10 -5.21 33.97 -33.19
C GLN Q 10 -6.68 34.03 -32.80
N GLY Q 11 -7.19 35.18 -32.42
CA GLY Q 11 -8.55 35.29 -31.94
C GLY Q 11 -8.74 34.90 -30.50
N ILE Q 12 -7.68 34.49 -29.80
CA ILE Q 12 -7.79 34.12 -28.39
C ILE Q 12 -8.31 35.30 -27.59
N ARG Q 13 -7.69 36.46 -27.74
CA ARG Q 13 -8.21 37.68 -27.18
C ARG Q 13 -9.13 38.35 -28.18
N MET Q 14 -9.59 39.55 -27.84
CA MET Q 14 -10.63 40.21 -28.60
C MET Q 14 -10.17 41.60 -29.03
N THR Q 15 -10.68 42.05 -30.17
CA THR Q 15 -10.45 43.41 -30.62
C THR Q 15 -11.76 44.17 -30.66
N PRO Q 16 -11.81 45.39 -30.13
CA PRO Q 16 -13.08 46.09 -30.00
C PRO Q 16 -13.49 46.78 -31.29
N VAL Q 17 -14.79 46.99 -31.44
CA VAL Q 17 -15.36 47.71 -32.57
C VAL Q 17 -16.30 48.79 -32.03
N PRO Q 18 -16.11 50.05 -32.39
CA PRO Q 18 -17.05 51.08 -31.94
C PRO Q 18 -18.43 50.87 -32.54
N ASP Q 19 -19.46 51.16 -31.74
CA ASP Q 19 -20.83 51.02 -32.23
C ASP Q 19 -21.19 52.15 -33.19
N CYS Q 20 -20.81 53.37 -32.88
CA CYS Q 20 -21.15 54.54 -33.68
C CYS Q 20 -19.92 55.07 -34.39
N ALA Q 21 -20.18 55.86 -35.43
CA ALA Q 21 -19.12 56.37 -36.30
C ALA Q 21 -18.46 57.56 -35.64
N GLY Q 22 -17.17 57.44 -35.34
CA GLY Q 22 -16.43 58.54 -34.75
C GLY Q 22 -15.89 58.23 -33.38
N ASP Q 23 -16.50 57.29 -32.67
CA ASP Q 23 -16.05 56.94 -31.33
C ASP Q 23 -14.64 56.39 -31.38
N VAL Q 24 -13.67 57.14 -30.85
CA VAL Q 24 -12.30 56.66 -30.83
C VAL Q 24 -12.21 55.47 -29.91
N THR Q 25 -11.75 54.33 -30.43
CA THR Q 25 -11.65 53.10 -29.68
C THR Q 25 -10.19 52.70 -29.60
N ALA Q 26 -9.78 52.13 -28.46
CA ALA Q 26 -8.40 51.73 -28.29
C ALA Q 26 -8.33 50.40 -27.54
N CYS Q 27 -7.45 49.52 -28.01
CA CYS Q 27 -7.13 48.29 -27.31
C CYS Q 27 -5.61 48.15 -27.28
N ARG Q 28 -5.11 47.61 -26.18
CA ARG Q 28 -3.67 47.49 -25.98
C ARG Q 28 -3.19 46.20 -26.62
N PHE Q 29 -2.64 46.30 -27.83
CA PHE Q 29 -2.09 45.15 -28.53
C PHE Q 29 -0.71 44.86 -27.94
N ASP Q 30 -0.60 43.77 -27.18
CA ASP Q 30 0.65 43.43 -26.51
C ASP Q 30 0.96 41.95 -26.69
N ILE Q 31 2.25 41.62 -26.74
CA ILE Q 31 2.71 40.24 -26.73
C ILE Q 31 3.90 40.14 -25.78
N THR Q 32 3.93 39.08 -24.99
CA THR Q 32 5.09 38.74 -24.18
C THR Q 32 5.91 37.73 -24.96
N LEU Q 33 6.58 38.22 -26.00
CA LEU Q 33 7.24 37.34 -26.96
C LEU Q 33 8.30 36.50 -26.28
N LYS Q 34 8.35 35.23 -26.64
CA LYS Q 34 9.34 34.29 -26.14
C LYS Q 34 10.43 34.13 -27.18
N ASN Q 35 11.67 33.92 -26.72
CA ASN Q 35 12.90 33.78 -27.49
C ASN Q 35 13.60 35.13 -27.56
N ALA Q 36 14.09 35.50 -28.73
CA ALA Q 36 14.75 36.79 -28.90
C ALA Q 36 14.30 37.41 -30.21
N PRO Q 37 14.25 38.73 -30.28
CA PRO Q 37 14.03 39.39 -31.57
C PRO Q 37 15.19 39.12 -32.51
N ALA Q 38 14.89 39.00 -33.79
CA ALA Q 38 15.90 38.70 -34.80
C ALA Q 38 15.61 39.52 -36.05
N ALA Q 39 16.61 39.64 -36.91
CA ALA Q 39 16.45 40.38 -38.14
C ALA Q 39 15.43 39.68 -39.04
N GLY Q 40 14.42 40.42 -39.48
CA GLY Q 40 13.47 39.93 -40.45
C GLY Q 40 12.23 39.28 -39.89
N ASP Q 41 12.15 39.05 -38.59
CA ASP Q 41 10.93 38.45 -38.05
C ASP Q 41 9.80 39.46 -38.04
N ILE Q 42 8.58 38.96 -38.16
CA ILE Q 42 7.38 39.79 -38.19
C ILE Q 42 6.50 39.41 -37.01
N ILE Q 43 6.23 40.36 -36.14
CA ILE Q 43 5.38 40.16 -34.98
C ILE Q 43 4.00 40.72 -35.30
N GLU Q 44 2.99 39.84 -35.32
CA GLU Q 44 1.62 40.25 -35.64
C GLU Q 44 0.92 40.62 -34.34
N LEU Q 45 1.07 41.88 -33.93
CA LEU Q 45 0.54 42.29 -32.63
C LEU Q 45 -0.98 42.21 -32.58
N GLY Q 46 -1.65 42.84 -33.54
CA GLY Q 46 -3.09 42.94 -33.41
C GLY Q 46 -3.76 43.23 -34.73
N VAL Q 47 -5.08 43.32 -34.68
CA VAL Q 47 -5.91 43.49 -35.86
C VAL Q 47 -6.84 44.68 -35.65
N LEU Q 48 -6.75 45.67 -36.52
CA LEU Q 48 -7.76 46.71 -36.54
C LEU Q 48 -8.98 46.23 -37.31
N PRO Q 49 -10.18 46.55 -36.86
CA PRO Q 49 -11.38 45.97 -37.48
C PRO Q 49 -11.58 46.46 -38.90
N GLY Q 50 -12.58 45.95 -39.60
CA GLY Q 50 -12.73 46.21 -41.01
C GLY Q 50 -12.79 47.68 -41.36
N ASN Q 51 -13.88 48.35 -41.05
CA ASN Q 51 -14.04 49.76 -41.33
C ASN Q 51 -13.39 50.51 -40.17
N ALA Q 52 -12.11 50.86 -40.34
CA ALA Q 52 -11.37 51.54 -39.29
C ALA Q 52 -10.08 52.09 -39.85
N VAL Q 53 -9.72 53.29 -39.42
CA VAL Q 53 -8.45 53.91 -39.78
C VAL Q 53 -7.75 54.34 -38.50
N PRO Q 54 -6.43 54.24 -38.43
CA PRO Q 54 -5.73 54.73 -37.24
C PRO Q 54 -6.00 56.21 -37.03
N VAL Q 55 -6.16 56.59 -35.76
CA VAL Q 55 -6.33 57.99 -35.38
C VAL Q 55 -5.17 58.49 -34.54
N GLU Q 56 -4.51 57.63 -33.77
CA GLU Q 56 -3.25 57.92 -33.12
C GLU Q 56 -2.62 56.60 -32.71
N ALA Q 57 -1.33 56.43 -32.97
CA ALA Q 57 -0.62 55.21 -32.64
C ALA Q 57 0.40 55.49 -31.56
N ILE Q 58 0.36 54.69 -30.49
CA ILE Q 58 1.30 54.80 -29.38
C ILE Q 58 2.02 53.47 -29.23
N LEU Q 59 3.34 53.49 -29.36
CA LEU Q 59 4.15 52.29 -29.25
C LEU Q 59 5.06 52.41 -28.03
N ASP Q 60 4.92 51.48 -27.09
CA ASP Q 60 5.79 51.41 -25.92
C ASP Q 60 6.43 50.03 -25.86
N VAL Q 61 7.74 50.00 -25.61
CA VAL Q 61 8.50 48.76 -25.57
C VAL Q 61 9.43 48.81 -24.37
N ASP Q 62 9.96 47.64 -24.02
CA ASP Q 62 11.03 47.55 -23.04
C ASP Q 62 12.37 47.67 -23.78
N ASP Q 63 13.45 47.35 -23.10
CA ASP Q 63 14.77 47.37 -23.74
C ASP Q 63 14.94 46.05 -24.49
N LEU Q 64 14.72 46.07 -25.80
CA LEU Q 64 14.86 44.88 -26.62
C LEU Q 64 16.29 44.57 -27.00
N ASP Q 65 17.28 45.25 -26.41
CA ASP Q 65 18.67 44.87 -26.59
C ASP Q 65 19.51 45.46 -25.47
N THR Q 66 20.32 44.60 -24.84
CA THR Q 66 21.20 45.00 -23.75
C THR Q 66 22.64 44.84 -24.23
N GLY Q 67 23.16 45.88 -24.87
CA GLY Q 67 24.52 45.84 -25.38
C GLY Q 67 25.14 47.19 -25.55
N GLY Q 68 26.29 47.23 -26.22
CA GLY Q 68 26.96 48.48 -26.56
C GLY Q 68 26.60 48.88 -27.98
N ALA Q 69 26.35 50.17 -28.17
CA ALA Q 69 25.89 50.71 -29.44
C ALA Q 69 24.66 49.96 -29.96
N PRO Q 70 23.53 50.04 -29.25
CA PRO Q 70 22.33 49.34 -29.72
C PRO Q 70 21.84 49.90 -31.05
N THR Q 71 21.28 49.01 -31.88
CA THR Q 71 20.92 49.41 -33.24
C THR Q 71 19.60 48.78 -33.70
N ILE Q 72 18.72 48.41 -32.79
CA ILE Q 72 17.44 47.82 -33.18
C ILE Q 72 16.51 48.91 -33.67
N THR Q 73 15.76 48.63 -34.73
CA THR Q 73 14.84 49.59 -35.34
C THR Q 73 13.54 48.87 -35.67
N LEU Q 74 12.51 49.09 -34.84
CA LEU Q 74 11.21 48.47 -35.10
C LEU Q 74 10.49 49.19 -36.23
N ASP Q 75 9.81 48.41 -37.07
CA ASP Q 75 8.92 48.94 -38.11
C ASP Q 75 7.58 48.25 -37.97
N VAL Q 76 6.52 49.05 -37.89
CA VAL Q 76 5.17 48.52 -37.77
C VAL Q 76 4.34 49.03 -38.93
N GLY Q 77 3.41 48.20 -39.39
CA GLY Q 77 2.56 48.56 -40.50
C GLY Q 77 1.47 47.55 -40.68
N ILE Q 78 0.69 47.75 -41.72
CA ILE Q 78 -0.41 46.85 -42.05
C ILE Q 78 0.14 45.64 -42.81
N MET Q 79 -0.44 44.47 -42.55
CA MET Q 79 -0.06 43.25 -43.24
C MET Q 79 -1.09 42.90 -44.30
N SER Q 80 -0.74 41.91 -45.12
CA SER Q 80 -1.49 41.62 -46.34
C SER Q 80 -2.57 40.56 -46.12
N GLY Q 81 -2.17 39.36 -45.70
CA GLY Q 81 -3.07 38.24 -45.64
C GLY Q 81 -4.06 38.33 -44.49
N PRO Q 82 -4.99 37.36 -44.44
CA PRO Q 82 -5.99 37.36 -43.37
C PRO Q 82 -5.36 37.23 -42.00
N VAL Q 83 -6.22 37.34 -40.98
CA VAL Q 83 -5.74 37.49 -39.60
C VAL Q 83 -5.04 36.23 -39.12
N GLY Q 84 -5.63 35.07 -39.35
CA GLY Q 84 -5.16 33.85 -38.71
C GLY Q 84 -4.24 32.97 -39.53
N LYS Q 85 -4.15 33.22 -40.84
CA LYS Q 85 -3.39 32.34 -41.71
C LYS Q 85 -1.90 32.44 -41.41
N ASN Q 86 -1.30 31.29 -41.09
CA ASN Q 86 0.11 31.20 -40.72
C ASN Q 86 0.93 30.94 -41.97
N ASP Q 87 1.37 32.02 -42.61
CA ASP Q 87 2.18 31.91 -43.82
C ASP Q 87 3.37 32.87 -43.67
N PRO Q 88 4.60 32.38 -43.75
CA PRO Q 88 5.75 33.29 -43.79
C PRO Q 88 5.73 34.22 -44.99
N ALA Q 89 4.97 33.89 -46.04
CA ALA Q 89 4.85 34.76 -47.20
C ALA Q 89 3.84 35.86 -46.94
N ARG Q 90 3.99 36.57 -45.82
CA ARG Q 90 3.17 37.71 -45.48
C ARG Q 90 4.09 38.86 -45.08
N THR Q 91 3.89 40.01 -45.69
CA THR Q 91 4.78 41.16 -45.49
C THR Q 91 4.03 42.31 -44.85
N CYS Q 92 4.75 43.09 -44.05
CA CYS Q 92 4.24 44.31 -43.47
C CYS Q 92 4.70 45.49 -44.31
N GLY Q 93 4.48 46.70 -43.79
CA GLY Q 93 4.98 47.91 -44.41
C GLY Q 93 5.72 48.79 -43.42
N ASN Q 94 5.85 50.06 -43.74
CA ASN Q 94 6.42 51.06 -42.85
C ASN Q 94 5.48 52.24 -42.71
N GLU Q 95 4.20 51.96 -42.48
CA GLU Q 95 3.17 53.00 -42.52
C GLU Q 95 3.06 53.74 -41.20
N LEU Q 96 2.77 53.01 -40.11
CA LEU Q 96 2.59 53.67 -38.82
C LEU Q 96 3.92 54.15 -38.24
N PHE Q 97 4.98 53.38 -38.39
CA PHE Q 97 6.30 53.73 -37.85
C PHE Q 97 7.35 53.22 -38.81
N ALA Q 98 8.19 54.12 -39.32
CA ALA Q 98 9.32 53.75 -40.16
C ALA Q 98 10.61 54.04 -39.41
N ALA Q 99 11.42 53.00 -39.21
CA ALA Q 99 12.68 53.10 -38.46
C ALA Q 99 12.46 53.82 -37.13
N SER Q 100 11.60 53.22 -36.32
CA SER Q 100 11.12 53.87 -35.10
C SER Q 100 12.24 54.11 -34.09
N THR Q 101 13.37 53.42 -34.26
CA THR Q 101 14.56 53.50 -33.41
C THR Q 101 14.23 53.47 -31.92
N VAL Q 102 13.11 52.86 -31.55
CA VAL Q 102 12.76 52.64 -30.16
C VAL Q 102 13.04 51.18 -29.83
N GLY Q 103 13.53 50.94 -28.62
CA GLY Q 103 14.00 49.65 -28.21
C GLY Q 103 15.43 49.64 -27.69
N GLN Q 104 16.23 50.64 -28.07
CA GLN Q 104 17.53 50.81 -27.44
C GLN Q 104 17.38 51.28 -26.00
N ALA Q 105 16.35 52.08 -25.73
CA ALA Q 105 15.96 52.46 -24.38
C ALA Q 105 14.52 52.02 -24.16
N GLY Q 106 14.02 52.22 -22.95
CA GLY Q 106 12.64 51.85 -22.69
C GLY Q 106 11.69 52.65 -23.55
N GLY Q 107 11.55 53.94 -23.26
CA GLY Q 107 10.91 54.88 -24.15
C GLY Q 107 9.44 54.67 -24.45
N VAL Q 108 8.79 55.73 -24.93
CA VAL Q 108 7.47 55.66 -25.52
C VAL Q 108 7.47 56.57 -26.73
N VAL Q 109 6.99 56.06 -27.86
CA VAL Q 109 7.00 56.81 -29.10
C VAL Q 109 5.57 56.88 -29.63
N ARG Q 110 5.29 57.96 -30.35
CA ARG Q 110 3.99 58.17 -30.97
C ARG Q 110 4.18 58.38 -32.47
N ALA Q 111 3.07 58.30 -33.20
CA ALA Q 111 3.12 58.42 -34.65
C ALA Q 111 3.76 59.74 -35.05
N THR Q 112 4.69 59.68 -35.99
CA THR Q 112 5.42 60.87 -36.42
C THR Q 112 5.30 61.06 -37.92
N ALA Q 113 5.32 59.97 -38.67
CA ALA Q 113 5.21 60.03 -40.12
C ALA Q 113 3.79 60.41 -40.52
N SER Q 114 3.69 61.20 -41.59
CA SER Q 114 2.39 61.64 -42.06
C SER Q 114 1.55 60.50 -42.60
N SER Q 115 2.18 59.40 -43.01
CA SER Q 115 1.43 58.26 -43.53
C SER Q 115 0.70 57.50 -42.45
N ALA Q 116 1.01 57.77 -41.18
CA ALA Q 116 0.36 57.04 -40.09
C ALA Q 116 -1.13 57.35 -40.05
N PHE Q 117 -1.52 58.58 -40.39
CA PHE Q 117 -2.88 59.04 -40.21
C PHE Q 117 -3.68 58.97 -41.50
N ARG Q 118 -3.03 58.63 -42.61
CA ARG Q 118 -3.62 58.66 -43.94
C ARG Q 118 -4.04 57.25 -44.40
N ILE Q 119 -3.97 56.26 -43.53
CA ILE Q 119 -4.28 54.88 -43.90
C ILE Q 119 -5.68 54.81 -44.51
N GLN Q 120 -5.81 54.04 -45.57
CA GLN Q 120 -7.09 53.85 -46.23
C GLN Q 120 -7.81 52.63 -45.68
N LYS Q 121 -9.13 52.71 -45.65
CA LYS Q 121 -9.95 51.65 -45.09
C LYS Q 121 -10.21 50.55 -46.10
N ALA Q 122 -10.48 49.36 -45.59
CA ALA Q 122 -10.88 48.22 -46.41
C ALA Q 122 -11.84 47.36 -45.60
N GLU Q 123 -12.73 46.67 -46.30
CA GLU Q 123 -13.86 45.99 -45.65
C GLU Q 123 -13.44 44.85 -44.74
N ASP Q 124 -12.25 44.26 -44.92
CA ASP Q 124 -11.87 43.06 -44.19
C ASP Q 124 -10.89 43.41 -43.07
N HIS Q 125 -10.73 42.48 -42.13
CA HIS Q 125 -9.92 42.68 -40.94
C HIS Q 125 -8.44 42.66 -41.26
N ARG Q 126 -7.85 43.81 -41.59
CA ARG Q 126 -6.41 43.86 -41.82
C ARG Q 126 -5.68 43.69 -40.48
N SER Q 127 -4.46 43.18 -40.56
CA SER Q 127 -3.68 42.84 -39.37
C SER Q 127 -2.46 43.73 -39.26
N VAL Q 128 -2.28 44.34 -38.08
CA VAL Q 128 -1.15 45.23 -37.83
C VAL Q 128 0.02 44.40 -37.30
N GLY Q 129 1.14 44.47 -38.01
CA GLY Q 129 2.30 43.67 -37.64
C GLY Q 129 3.55 44.53 -37.51
N VAL Q 130 4.47 44.05 -36.67
CA VAL Q 130 5.73 44.72 -36.40
C VAL Q 130 6.86 43.88 -36.96
N LYS Q 131 7.74 44.50 -37.75
CA LYS Q 131 8.91 43.84 -38.29
C LYS Q 131 10.16 44.52 -37.76
N VAL Q 132 11.04 43.74 -37.16
CA VAL Q 132 12.32 44.26 -36.71
C VAL Q 132 13.22 44.43 -37.92
N ALA Q 133 13.46 45.68 -38.33
CA ALA Q 133 14.17 45.95 -39.57
C ALA Q 133 15.66 45.67 -39.43
N ALA Q 134 16.34 46.42 -38.57
CA ALA Q 134 17.77 46.23 -38.38
C ALA Q 134 17.99 45.06 -37.41
N GLY Q 135 19.25 44.77 -37.11
CA GLY Q 135 19.59 43.69 -36.21
C GLY Q 135 19.18 44.01 -34.79
N PRO Q 136 18.99 42.96 -33.98
CA PRO Q 136 18.64 43.15 -32.57
C PRO Q 136 19.81 43.45 -31.66
N ALA Q 137 20.95 43.89 -32.21
CA ALA Q 137 22.17 44.12 -31.44
C ALA Q 137 22.61 42.83 -30.77
N THR Q 138 22.39 42.72 -29.45
CA THR Q 138 22.75 41.52 -28.71
C THR Q 138 21.85 41.35 -27.47
N GLY Q 139 20.94 40.38 -27.54
CA GLY Q 139 20.29 39.86 -26.36
C GLY Q 139 19.00 40.53 -25.92
N ALA Q 140 17.92 39.74 -25.87
CA ALA Q 140 16.67 40.12 -25.25
C ALA Q 140 15.81 38.87 -25.16
N ALA Q 141 15.31 38.57 -23.95
CA ALA Q 141 14.68 37.29 -23.71
C ALA Q 141 13.18 37.40 -23.47
N GLY Q 142 12.75 38.16 -22.46
CA GLY Q 142 11.35 38.18 -22.10
C GLY Q 142 10.71 39.54 -22.19
N LYS Q 143 11.46 40.52 -22.69
CA LYS Q 143 10.95 41.87 -22.81
C LYS Q 143 9.75 41.89 -23.75
N THR Q 144 8.75 42.70 -23.41
CA THR Q 144 7.49 42.74 -24.12
C THR Q 144 7.42 43.95 -25.04
N ILE Q 145 6.70 43.78 -26.15
CA ILE Q 145 6.41 44.83 -27.11
C ILE Q 145 4.91 45.05 -27.13
N ALA Q 146 4.49 46.31 -27.02
CA ALA Q 146 3.08 46.64 -26.96
C ALA Q 146 2.81 47.87 -27.81
N LEU Q 147 1.71 47.83 -28.55
CA LEU Q 147 1.30 48.93 -29.41
C LEU Q 147 -0.16 49.23 -29.14
N ILE Q 148 -0.47 50.51 -28.94
CA ILE Q 148 -1.83 50.96 -28.65
C ILE Q 148 -2.33 51.74 -29.86
N LEU Q 149 -3.45 51.31 -30.42
CA LEU Q 149 -4.05 51.96 -31.57
C LEU Q 149 -5.34 52.66 -31.18
N PHE Q 150 -5.54 53.84 -31.74
CA PHE Q 150 -6.82 54.54 -31.69
C PHE Q 150 -7.41 54.50 -33.10
N TYR Q 151 -8.61 53.95 -33.25
CA TYR Q 151 -9.22 53.91 -34.56
C TYR Q 151 -10.70 54.26 -34.48
N VAL Q 152 -11.17 55.00 -35.48
CA VAL Q 152 -12.58 55.32 -35.64
C VAL Q 152 -13.13 54.48 -36.78
N GLN Q 153 -14.44 54.25 -36.77
CA GLN Q 153 -15.05 53.32 -37.70
C GLN Q 153 -15.76 53.99 -38.87
N GLY Q 154 -16.31 55.18 -38.71
CA GLY Q 154 -17.10 55.77 -39.77
C GLY Q 154 -16.44 56.92 -40.50
N THR Q 155 -15.14 56.81 -40.76
CA THR Q 155 -14.41 57.87 -41.41
C THR Q 155 -14.89 58.05 -42.86
N SER Q 156 -14.45 59.13 -43.49
CA SER Q 156 -14.77 59.39 -44.88
C SER Q 156 -13.50 59.66 -45.69
N ALA R 2 -9.31 85.43 -47.30
CA ALA R 2 -9.73 84.50 -48.35
C ALA R 2 -10.07 83.15 -47.76
N LEU R 3 -11.31 82.99 -47.29
CA LEU R 3 -11.74 81.74 -46.67
C LEU R 3 -11.77 80.64 -47.71
N ILE R 4 -10.80 79.72 -47.63
CA ILE R 4 -10.80 78.52 -48.46
C ILE R 4 -11.63 77.50 -47.70
N GLN R 5 -12.93 77.50 -47.95
CA GLN R 5 -13.84 76.62 -47.23
C GLN R 5 -13.54 75.16 -47.55
N SER R 6 -13.84 74.29 -46.59
CA SER R 6 -13.43 72.89 -46.63
C SER R 6 -14.57 71.99 -47.08
N ASP R 7 -14.31 70.69 -46.97
CA ASP R 7 -15.35 69.70 -47.17
C ASP R 7 -16.28 69.63 -45.97
N PHE R 8 -15.77 69.94 -44.77
CA PHE R 8 -16.60 69.87 -43.58
C PHE R 8 -17.30 71.20 -43.28
N ALA R 9 -16.69 72.31 -43.69
CA ALA R 9 -17.27 73.61 -43.38
C ALA R 9 -18.61 73.80 -44.08
N GLN R 10 -18.66 73.55 -45.39
CA GLN R 10 -19.90 73.74 -46.13
C GLN R 10 -20.98 72.79 -45.63
N GLY R 11 -20.63 71.54 -45.35
CA GLY R 11 -21.57 70.66 -44.70
C GLY R 11 -21.91 69.39 -45.47
N ILE R 12 -21.35 69.22 -46.67
CA ILE R 12 -21.66 68.02 -47.44
C ILE R 12 -21.08 66.79 -46.78
N ARG R 13 -20.07 66.96 -45.94
CA ARG R 13 -19.61 65.90 -45.04
C ARG R 13 -20.00 66.25 -43.62
N MET R 14 -20.61 65.30 -42.92
CA MET R 14 -21.15 65.53 -41.59
C MET R 14 -20.09 65.18 -40.55
N THR R 15 -19.92 66.04 -39.56
CA THR R 15 -18.99 65.78 -38.47
C THR R 15 -19.66 64.96 -37.37
N PRO R 16 -18.91 64.07 -36.72
CA PRO R 16 -19.52 63.20 -35.71
C PRO R 16 -19.73 63.89 -34.38
N VAL R 17 -20.75 63.43 -33.67
CA VAL R 17 -21.02 63.90 -32.31
C VAL R 17 -21.24 62.69 -31.41
N PRO R 18 -20.64 62.62 -30.24
CA PRO R 18 -20.83 61.47 -29.37
C PRO R 18 -22.24 61.40 -28.81
N ASP R 19 -22.69 60.18 -28.57
CA ASP R 19 -24.00 59.92 -27.97
C ASP R 19 -23.93 59.76 -26.47
N CYS R 20 -22.74 59.87 -25.88
CA CYS R 20 -22.57 59.79 -24.44
C CYS R 20 -21.83 61.03 -23.98
N ALA R 21 -21.63 61.13 -22.68
CA ALA R 21 -20.89 62.23 -22.08
C ALA R 21 -19.47 61.77 -21.74
N GLY R 22 -18.52 62.65 -21.95
CA GLY R 22 -17.13 62.32 -21.68
C GLY R 22 -16.58 61.26 -22.61
N ASP R 23 -17.20 61.09 -23.77
CA ASP R 23 -16.74 60.11 -24.76
C ASP R 23 -15.92 60.83 -25.80
N VAL R 24 -14.70 60.36 -26.03
CA VAL R 24 -13.80 61.00 -26.99
C VAL R 24 -14.26 60.64 -28.39
N THR R 25 -14.50 61.65 -29.22
CA THR R 25 -14.85 61.47 -30.62
C THR R 25 -13.92 62.33 -31.46
N ALA R 26 -13.31 61.72 -32.48
CA ALA R 26 -12.38 62.44 -33.33
C ALA R 26 -12.65 62.08 -34.79
N CYS R 27 -12.61 63.09 -35.65
CA CYS R 27 -12.72 62.90 -37.08
C CYS R 27 -11.61 63.69 -37.76
N ARG R 28 -11.13 63.17 -38.88
CA ARG R 28 -10.01 63.78 -39.59
C ARG R 28 -10.53 64.93 -40.43
N PHE R 29 -10.11 66.15 -40.09
CA PHE R 29 -10.47 67.35 -40.86
C PHE R 29 -9.42 67.54 -41.94
N ASP R 30 -9.81 67.42 -43.21
CA ASP R 30 -8.86 67.41 -44.31
C ASP R 30 -9.29 68.35 -45.42
N ILE R 31 -8.30 68.90 -46.11
CA ILE R 31 -8.51 69.78 -47.26
C ILE R 31 -7.49 69.43 -48.33
N THR R 32 -7.96 69.34 -49.58
CA THR R 32 -7.08 69.25 -50.74
C THR R 32 -6.87 70.68 -51.23
N LEU R 33 -5.77 71.28 -50.79
CA LEU R 33 -5.50 72.69 -51.05
C LEU R 33 -5.12 72.88 -52.51
N LYS R 34 -6.07 73.35 -53.32
CA LYS R 34 -5.84 73.52 -54.76
C LYS R 34 -5.36 74.94 -55.09
N ASN R 35 -4.34 75.39 -54.37
CA ASN R 35 -3.74 76.70 -54.59
C ASN R 35 -2.41 76.74 -53.84
N ALA R 36 -1.81 77.93 -53.77
CA ALA R 36 -0.60 78.16 -52.99
C ALA R 36 -0.96 78.99 -51.76
N PRO R 37 -0.70 78.51 -50.55
CA PRO R 37 -1.03 79.30 -49.36
C PRO R 37 -0.31 80.64 -49.38
N ALA R 38 -1.04 81.67 -48.94
CA ALA R 38 -0.52 83.02 -48.87
C ALA R 38 -0.86 83.63 -47.51
N ALA R 39 -0.14 84.69 -47.16
CA ALA R 39 -0.36 85.33 -45.87
C ALA R 39 -1.78 85.86 -45.77
N GLY R 40 -2.40 85.63 -44.62
CA GLY R 40 -3.76 86.06 -44.36
C GLY R 40 -4.83 85.06 -44.74
N ASP R 41 -4.47 83.95 -45.38
CA ASP R 41 -5.45 82.95 -45.74
C ASP R 41 -6.02 82.29 -44.49
N ILE R 42 -7.35 82.14 -44.46
CA ILE R 42 -8.02 81.51 -43.33
C ILE R 42 -8.59 80.18 -43.78
N ILE R 43 -7.81 79.12 -43.62
CA ILE R 43 -8.19 77.79 -44.11
C ILE R 43 -9.17 77.20 -43.11
N GLU R 44 -10.45 77.24 -43.44
CA GLU R 44 -11.53 76.75 -42.58
C GLU R 44 -11.56 75.23 -42.63
N LEU R 45 -10.70 74.60 -41.83
CA LEU R 45 -10.58 73.14 -41.89
C LEU R 45 -11.88 72.45 -41.47
N GLY R 46 -12.28 72.61 -40.22
CA GLY R 46 -13.37 71.78 -39.72
C GLY R 46 -14.27 72.52 -38.76
N VAL R 47 -15.39 71.87 -38.46
CA VAL R 47 -16.40 72.41 -37.55
C VAL R 47 -16.31 71.65 -36.24
N LEU R 48 -16.20 72.38 -35.15
CA LEU R 48 -16.25 71.79 -33.82
C LEU R 48 -17.71 71.60 -33.41
N PRO R 49 -18.07 70.42 -32.93
CA PRO R 49 -19.48 70.12 -32.66
C PRO R 49 -20.15 71.05 -31.67
N GLY R 50 -21.43 70.81 -31.42
CA GLY R 50 -22.25 71.65 -30.57
C GLY R 50 -21.61 72.07 -29.27
N ASN R 51 -21.39 71.14 -28.35
CA ASN R 51 -20.84 71.44 -27.04
C ASN R 51 -19.62 70.56 -26.84
N ALA R 52 -18.45 71.02 -27.27
CA ALA R 52 -17.27 70.17 -27.24
C ALA R 52 -16.04 70.97 -26.87
N VAL R 53 -15.10 70.29 -26.22
CA VAL R 53 -13.82 70.87 -25.81
C VAL R 53 -12.71 70.08 -26.51
N PRO R 54 -11.88 70.70 -27.33
CA PRO R 54 -10.81 69.96 -28.00
C PRO R 54 -9.86 69.34 -26.98
N VAL R 55 -9.42 68.13 -27.29
CA VAL R 55 -8.40 67.43 -26.49
C VAL R 55 -7.37 66.85 -27.45
N GLU R 56 -6.10 67.17 -27.20
CA GLU R 56 -4.96 66.71 -27.99
C GLU R 56 -5.22 66.75 -29.50
N ALA R 57 -5.44 67.97 -29.99
CA ALA R 57 -5.59 68.16 -31.42
C ALA R 57 -4.28 67.82 -32.13
N ILE R 58 -4.36 66.97 -33.15
CA ILE R 58 -3.20 66.50 -33.90
C ILE R 58 -3.25 67.11 -35.29
N LEU R 59 -2.16 67.76 -35.69
CA LEU R 59 -2.07 68.44 -36.97
C LEU R 59 -0.98 67.77 -37.80
N ASP R 60 -1.35 67.32 -39.00
CA ASP R 60 -0.40 66.72 -39.93
C ASP R 60 -0.55 67.35 -41.30
N VAL R 61 0.57 67.82 -41.85
CA VAL R 61 0.58 68.49 -43.15
C VAL R 61 1.77 67.98 -43.94
N ASP R 62 1.69 68.15 -45.26
CA ASP R 62 2.77 67.81 -46.15
C ASP R 62 3.71 69.00 -46.29
N ASP R 63 4.71 68.87 -47.16
CA ASP R 63 5.59 70.00 -47.43
C ASP R 63 4.81 71.09 -48.17
N LEU R 64 4.84 72.30 -47.63
CA LEU R 64 4.09 73.42 -48.18
C LEU R 64 4.96 74.58 -48.61
N ASP R 65 6.27 74.54 -48.35
CA ASP R 65 7.13 75.69 -48.56
C ASP R 65 8.42 75.27 -49.27
N THR R 66 8.29 74.52 -50.35
CA THR R 66 9.46 74.02 -51.07
C THR R 66 10.40 75.16 -51.41
N GLY R 67 11.56 75.21 -50.75
CA GLY R 67 12.47 76.32 -50.90
C GLY R 67 13.55 76.26 -49.85
N GLY R 68 14.37 77.32 -49.83
CA GLY R 68 15.52 77.38 -48.96
C GLY R 68 15.23 78.15 -47.69
N ALA R 69 15.12 77.42 -46.57
CA ALA R 69 14.80 77.98 -45.22
C ALA R 69 13.48 78.57 -45.22
N PRO R 70 12.49 77.73 -45.07
CA PRO R 70 11.23 78.40 -45.23
C PRO R 70 10.38 78.64 -44.05
N THR R 71 9.89 79.85 -43.94
CA THR R 71 9.17 80.19 -42.74
C THR R 71 7.66 80.18 -42.73
N ILE R 72 7.03 79.16 -43.24
CA ILE R 72 5.58 79.05 -43.15
C ILE R 72 5.21 78.71 -41.70
N THR R 73 4.22 79.42 -41.17
CA THR R 73 3.78 79.24 -39.79
C THR R 73 2.26 79.15 -39.79
N LEU R 74 1.73 78.01 -39.31
CA LEU R 74 0.30 77.79 -39.28
C LEU R 74 -0.24 78.07 -37.88
N ASP R 75 -1.29 78.88 -37.81
CA ASP R 75 -2.02 79.13 -36.58
C ASP R 75 -3.44 78.61 -36.75
N VAL R 76 -3.90 77.81 -35.79
CA VAL R 76 -5.24 77.24 -35.84
C VAL R 76 -5.94 77.58 -34.53
N GLY R 77 -7.21 77.97 -34.63
CA GLY R 77 -7.98 78.33 -33.46
C GLY R 77 -9.44 78.37 -33.77
N ILE R 78 -10.24 78.49 -32.72
CA ILE R 78 -11.69 78.55 -32.89
C ILE R 78 -12.07 79.93 -33.41
N MET R 79 -12.88 79.96 -34.47
CA MET R 79 -13.25 81.21 -35.10
C MET R 79 -14.55 81.74 -34.51
N SER R 80 -15.15 82.74 -35.15
CA SER R 80 -16.25 83.49 -34.56
C SER R 80 -17.58 83.24 -35.26
N GLY R 81 -17.65 83.42 -36.58
CA GLY R 81 -18.91 83.38 -37.28
C GLY R 81 -19.50 81.98 -37.36
N PRO R 82 -20.69 81.86 -37.94
CA PRO R 82 -21.31 80.54 -38.12
C PRO R 82 -20.46 79.64 -38.99
N VAL R 83 -20.94 78.40 -39.15
CA VAL R 83 -20.14 77.37 -39.80
C VAL R 83 -19.91 77.67 -41.27
N GLY R 84 -20.94 78.12 -41.99
CA GLY R 84 -20.82 78.29 -43.43
C GLY R 84 -21.19 79.66 -43.94
N LYS R 85 -20.83 80.71 -43.22
CA LYS R 85 -21.23 82.06 -43.59
C LYS R 85 -20.48 82.60 -44.78
N ASN R 86 -19.28 82.06 -45.08
CA ASN R 86 -18.51 82.41 -46.26
C ASN R 86 -18.09 83.88 -46.20
N ASP R 87 -18.39 84.54 -45.08
CA ASP R 87 -18.03 85.94 -44.93
C ASP R 87 -16.53 86.09 -44.77
N PRO R 88 -15.95 87.09 -45.41
CA PRO R 88 -14.51 87.35 -45.20
C PRO R 88 -14.27 87.99 -43.85
N ALA R 89 -13.00 88.13 -43.48
CA ALA R 89 -12.61 88.75 -42.22
C ALA R 89 -13.25 88.05 -41.02
N ARG R 90 -13.29 86.72 -41.05
CA ARG R 90 -13.69 85.94 -39.89
C ARG R 90 -12.49 85.84 -38.95
N THR R 91 -12.67 86.31 -37.71
CA THR R 91 -11.56 86.38 -36.78
C THR R 91 -11.11 84.97 -36.40
N CYS R 92 -9.85 84.67 -36.67
CA CYS R 92 -9.24 83.41 -36.29
C CYS R 92 -8.60 83.57 -34.90
N GLY R 93 -7.78 82.60 -34.52
CA GLY R 93 -7.08 82.67 -33.25
C GLY R 93 -5.85 81.81 -33.27
N ASN R 94 -5.19 81.74 -32.12
CA ASN R 94 -4.03 80.89 -31.93
C ASN R 94 -4.18 80.06 -30.67
N GLU R 95 -5.37 79.46 -30.50
CA GLU R 95 -5.64 78.70 -29.28
C GLU R 95 -5.06 77.29 -29.37
N LEU R 96 -5.50 76.51 -30.36
CA LEU R 96 -5.04 75.13 -30.47
C LEU R 96 -3.54 75.08 -30.78
N PHE R 97 -3.07 75.92 -31.68
CA PHE R 97 -1.66 75.98 -32.05
C PHE R 97 -1.27 77.42 -32.27
N ALA R 98 0.03 77.70 -32.17
CA ALA R 98 0.55 79.05 -32.36
C ALA R 98 1.93 78.97 -32.99
N ALA R 99 2.06 79.42 -34.22
CA ALA R 99 3.31 79.36 -34.98
C ALA R 99 3.87 77.94 -34.96
N SER R 100 3.08 77.02 -35.52
CA SER R 100 3.37 75.60 -35.39
C SER R 100 4.67 75.20 -36.09
N THR R 101 5.18 76.04 -36.98
CA THR R 101 6.37 75.78 -37.81
C THR R 101 6.35 74.37 -38.38
N VAL R 102 5.17 73.83 -38.62
CA VAL R 102 4.98 72.57 -39.33
C VAL R 102 4.54 72.92 -40.75
N GLY R 103 4.97 72.13 -41.72
CA GLY R 103 5.05 72.55 -43.09
C GLY R 103 6.40 73.09 -43.44
N GLN R 104 7.18 73.49 -42.43
CA GLN R 104 8.61 73.65 -42.57
C GLN R 104 9.23 72.40 -43.18
N ALA R 105 8.76 71.23 -42.75
CA ALA R 105 9.05 69.96 -43.38
C ALA R 105 7.91 69.01 -43.04
N GLY R 106 7.79 67.93 -43.82
CA GLY R 106 6.72 66.98 -43.57
C GLY R 106 6.84 66.35 -42.20
N GLY R 107 5.69 66.19 -41.55
CA GLY R 107 5.65 65.60 -40.23
C GLY R 107 4.38 66.00 -39.52
N VAL R 108 4.34 65.68 -38.23
CA VAL R 108 3.19 65.98 -37.37
C VAL R 108 3.66 66.76 -36.16
N VAL R 109 2.80 67.64 -35.68
CA VAL R 109 2.99 68.34 -34.41
C VAL R 109 1.69 68.25 -33.63
N ARG R 110 1.80 67.89 -32.35
CA ARG R 110 0.66 67.77 -31.47
C ARG R 110 0.53 69.02 -30.60
N ALA R 111 -0.63 69.16 -29.97
CA ALA R 111 -0.92 70.33 -29.16
C ALA R 111 0.09 70.50 -28.05
N THR R 112 0.89 71.56 -28.11
CA THR R 112 1.89 71.85 -27.09
C THR R 112 1.52 73.07 -26.27
N ALA R 113 0.67 73.95 -26.79
CA ALA R 113 0.27 75.16 -26.10
C ALA R 113 -0.73 74.82 -25.01
N SER R 114 -0.61 75.51 -23.87
CA SER R 114 -1.48 75.21 -22.74
C SER R 114 -2.94 75.51 -23.07
N SER R 115 -3.20 76.52 -23.90
CA SER R 115 -4.56 76.93 -24.17
C SER R 115 -5.33 75.93 -25.02
N ALA R 116 -4.67 74.90 -25.55
CA ALA R 116 -5.37 73.93 -26.40
C ALA R 116 -6.45 73.19 -25.62
N PHE R 117 -6.22 72.95 -24.33
CA PHE R 117 -7.15 72.18 -23.51
C PHE R 117 -8.06 73.04 -22.66
N ARG R 118 -7.95 74.37 -22.75
CA ARG R 118 -8.74 75.28 -21.94
C ARG R 118 -9.87 75.92 -22.71
N ILE R 119 -10.25 75.37 -23.87
CA ILE R 119 -11.33 75.95 -24.66
C ILE R 119 -12.64 75.78 -23.91
N GLN R 120 -13.41 76.86 -23.81
CA GLN R 120 -14.70 76.83 -23.15
C GLN R 120 -15.80 76.48 -24.17
N LYS R 121 -16.78 75.73 -23.71
CA LYS R 121 -17.85 75.30 -24.62
C LYS R 121 -18.75 76.47 -25.00
N ALA R 122 -19.45 76.32 -26.11
CA ALA R 122 -20.43 77.29 -26.55
C ALA R 122 -21.57 76.52 -27.20
N GLU R 123 -22.80 77.00 -27.01
CA GLU R 123 -23.98 76.23 -27.39
C GLU R 123 -24.08 75.95 -28.88
N ASP R 124 -23.42 76.75 -29.70
CA ASP R 124 -23.56 76.65 -31.15
C ASP R 124 -22.28 76.13 -31.76
N HIS R 125 -22.41 75.50 -32.93
CA HIS R 125 -21.26 75.00 -33.67
C HIS R 125 -20.29 76.14 -33.98
N ARG R 126 -19.00 75.88 -33.79
CA ARG R 126 -17.97 76.86 -34.08
C ARG R 126 -16.91 76.23 -34.98
N SER R 127 -16.41 77.00 -35.92
CA SER R 127 -15.51 76.49 -36.95
C SER R 127 -14.06 76.59 -36.50
N VAL R 128 -13.29 75.55 -36.80
CA VAL R 128 -11.87 75.49 -36.47
C VAL R 128 -11.09 75.76 -37.75
N GLY R 129 -10.36 76.87 -37.79
CA GLY R 129 -9.73 77.29 -39.03
C GLY R 129 -8.25 77.60 -38.95
N VAL R 130 -7.45 76.92 -39.76
CA VAL R 130 -6.02 77.21 -39.83
C VAL R 130 -5.81 78.55 -40.53
N LYS R 131 -5.01 79.40 -39.92
CA LYS R 131 -4.63 80.69 -40.50
C LYS R 131 -3.14 80.70 -40.73
N VAL R 132 -2.72 80.96 -41.96
CA VAL R 132 -1.31 81.05 -42.29
C VAL R 132 -0.78 82.39 -41.82
N ALA R 133 0.06 82.37 -40.79
CA ALA R 133 0.54 83.61 -40.17
C ALA R 133 1.66 84.26 -40.97
N ALA R 134 2.78 83.57 -41.11
CA ALA R 134 3.91 84.08 -41.88
C ALA R 134 3.86 83.51 -43.28
N GLY R 135 3.90 84.37 -44.29
CA GLY R 135 3.84 83.96 -45.67
C GLY R 135 4.95 83.00 -46.05
N PRO R 136 4.58 81.90 -46.68
CA PRO R 136 5.60 80.92 -47.08
C PRO R 136 6.36 81.38 -48.31
N ALA R 137 7.57 80.84 -48.46
CA ALA R 137 8.34 81.09 -49.66
C ALA R 137 7.67 80.44 -50.86
N THR R 138 8.16 80.80 -52.05
CA THR R 138 7.56 80.28 -53.27
C THR R 138 7.58 78.76 -53.28
N GLY R 139 6.46 78.18 -53.72
CA GLY R 139 6.31 76.75 -53.76
C GLY R 139 4.87 76.35 -53.55
N ALA R 140 4.68 75.18 -52.95
CA ALA R 140 3.38 74.60 -52.63
C ALA R 140 2.66 74.13 -53.89
N ALA R 141 1.66 73.28 -53.71
CA ALA R 141 0.94 72.63 -54.80
C ALA R 141 -0.32 72.03 -54.20
N GLY R 142 -0.98 71.15 -54.95
CA GLY R 142 -2.19 70.52 -54.45
C GLY R 142 -1.93 69.55 -53.32
N LYS R 143 -1.28 70.02 -52.25
CA LYS R 143 -1.02 69.24 -51.07
C LYS R 143 -2.25 69.26 -50.16
N THR R 144 -2.11 68.70 -48.96
CA THR R 144 -3.20 68.61 -48.02
C THR R 144 -2.76 69.11 -46.64
N ILE R 145 -3.64 69.86 -46.00
CA ILE R 145 -3.53 70.20 -44.59
C ILE R 145 -4.65 69.47 -43.87
N ALA R 146 -4.29 68.54 -42.99
CA ALA R 146 -5.27 67.73 -42.30
C ALA R 146 -5.16 67.93 -40.80
N LEU R 147 -6.31 67.99 -40.13
CA LEU R 147 -6.38 68.22 -38.71
C LEU R 147 -7.18 67.10 -38.06
N ILE R 148 -6.66 66.56 -36.96
CA ILE R 148 -7.36 65.58 -36.15
C ILE R 148 -7.44 66.13 -34.75
N LEU R 149 -8.64 66.41 -34.27
CA LEU R 149 -8.84 66.93 -32.93
C LEU R 149 -9.87 66.10 -32.21
N PHE R 150 -9.52 65.63 -31.01
CA PHE R 150 -10.37 64.75 -30.22
C PHE R 150 -11.26 65.61 -29.34
N TYR R 151 -12.42 65.99 -29.85
CA TYR R 151 -13.34 66.73 -29.02
C TYR R 151 -14.12 65.78 -28.11
N VAL R 152 -14.80 66.35 -27.12
CA VAL R 152 -15.58 65.56 -26.17
C VAL R 152 -16.71 66.43 -25.65
N GLN R 153 -17.90 65.85 -25.57
CA GLN R 153 -19.10 66.57 -25.14
C GLN R 153 -19.29 66.42 -23.63
N GLY R 154 -20.33 67.07 -23.13
CA GLY R 154 -20.77 66.87 -21.76
C GLY R 154 -19.73 67.18 -20.70
N THR R 155 -18.75 68.01 -21.03
CA THR R 155 -17.74 68.36 -20.04
C THR R 155 -18.35 69.26 -18.96
N SER R 156 -17.62 69.37 -17.84
CA SER R 156 -18.08 70.18 -16.73
C SER R 156 -18.07 71.67 -17.09
#